data_6PKX
#
_entry.id   6PKX
#
_cell.length_a   1.00
_cell.length_b   1.00
_cell.length_c   1.00
_cell.angle_alpha   90.00
_cell.angle_beta   90.00
_cell.angle_gamma   90.00
#
_symmetry.space_group_name_H-M   'P 1'
#
loop_
_entity.id
_entity.type
_entity.pdbx_description
1 polymer 'Transient receptor potential cation channel subfamily M member 2'
2 non-polymer 'CALCIUM ION'
3 non-polymer '[(2R,3S,4R,5R)-5-(6-AMINOPURIN-9-YL)-3,4-DIHYDROXY-OXOLAN-2-YL]METHYL [HYDROXY-[[(2R,3S,4R,5S)-3,4,5-TRIHYDROXYOXOLAN-2-YL]METHOXY]PHOSPHORYL] HYDROGEN PHOSPHATE'
#
_entity_poly.entity_id   1
_entity_poly.type   'polypeptide(L)'
_entity_poly.pdbx_seq_one_letter_code
;MALGTSGVKIHPNGNSNQLGVQLENVKLTSLFKKLDKRCSLASWIKENIKKKECCFYVEDGREGICKCGYPKVQHCDEAI
KPEDYMGEQWDKHRHVRETPTDAFGDISFGGLGQKTGKYVRVSSDTSCENLYQLMTEQWKLRSPNLLISVTGGAKNFYIK
THLKDKFRRGLIKVAQTTGAWILTGGTHAGVMKHVGMAVRDYTLSSGSMEGQIVVIGVAPWGVIHNRSTLIHPEGRFPAY
YSLDEQGQGRLSCLDINHTHFLLVDDGTQGHYGVEIELRARLEKLISKLSLGNRESGVTIPVVCVVLDGGPGTLNTIYNS
MLNHTPCVVLEGSGRLADVIAHVASVPVSKVTMALINRLLKRFFMQEYKNFTELQIIEWTKKIQDILRMPHLLTVFRIDE
DKNYDVDVAILQALLKASRSDEHAGRHCWERQLELAVAWNRVDIAESEIFTEESQWTSSDLHPAMFSALVGDKPEFVRLL
LENGVCVREFLEREETLCELYSHLPSCFFLRKLAKRVQGGKMRRGQEPLPGSRKVCLSHVSEEVRHLLGSFTQPLYIASR
YKPTKDDVRLKVPSKGALDLPCSGEEWSADTVWDPGRDLFLWAVVQNNRELAEIGWEQCRDCIAAALAASKILRKLAQES
GEDDSEEATEMLELANHYEKQAIGVFSECHSWDAQRAQKLLIRISPSWGRSTCLWLALEAHDKSFIAHSGVQALLTQIWC
GELSVDNPHWKVLLCMIFFPLIYTGFLTFRRDEDIQRQAERTEQQKLAMESVFAGQSDGKIKRHLRGFSQKSELKPLNCS
SRLMSFLKSPQVKFYWNIASYFGFLWLFAVVLMIDFQTSPSWRELLLYVWLTSLVCEEIRQLYHDFDGSGFRRKAKMYIK
DLWNILDVLSIVLFIAGLICRLQASDTVFYIGKVILCIDFIIFCLRLMAIFSISRTLGPKIIIVRRMMLDLFFFMFLLSI
WVVAYGVAKQGILIENEERLNWIIRGAVYEPYITIFGNFPTNIDNTLFDISSCSVNASDPLKPKCPMLNADNTPVFPEWL
TIMMLCVYLLFANILLLNLLIAIFNYTFQEVQDNTDTIWKFQRYELIKEYHSRPALPPPFILLSHLILFIRGVFLRDLPQ
RHKNFRQELEQTEEEELLSWEAYMKDNYLASTRQDESQSVEHRIHDTAEKVGAMSELLEREQEMV(UNK)(UNK)(UNK)
(UNK)(UNK)(UNK)(UNK)(UNK)(UNK)(UNK)(UNK)(UNK)(UNK)(UNK)(UNK)(UNK)(UNK)(UNK)(UNK)
(UNK)(UNK)(UNK)DEEAPHMFARQLQYPDSTVRRFPVPEEKVSWEVNFSPYQPPVYNQQDSSESDTSALDKHRNPGGR
TGIRGKGALNTLGPNHILHPIFTRWRDAEHKVLEFLAVWEDAEKRWALLGGPAQPDEPLAQVLERILGKKLNEKTKTLLK
AGEEVYKGYVDDSRNTDNAWVETSIITLHCDKNTPLMADLNHMVESSLSSHQPLQWREVSSDACRCSYQREALRQIAHHH
NTYFSNSLEVLFQGPDYKDDDDKAHHHHHHHHHH
;
_entity_poly.pdbx_strand_id   A,B,C,D
#
# COMPACT_ATOMS: atom_id res chain seq x y z
N THR A 99 27.14 -45.26 62.58
CA THR A 99 25.76 -44.85 62.32
C THR A 99 25.42 -45.07 60.86
N PRO A 100 24.69 -46.15 60.55
CA PRO A 100 24.24 -46.38 59.18
C PRO A 100 23.07 -45.48 58.79
N THR A 101 22.65 -45.56 57.54
CA THR A 101 21.50 -44.79 57.07
C THR A 101 20.23 -45.37 57.69
N ASP A 102 19.60 -44.60 58.57
CA ASP A 102 18.38 -45.02 59.25
C ASP A 102 17.14 -44.39 58.65
N ALA A 103 17.25 -43.81 57.45
CA ALA A 103 16.12 -43.18 56.77
C ALA A 103 16.37 -43.30 55.26
N PHE A 104 15.77 -44.32 54.65
CA PHE A 104 15.96 -44.53 53.22
C PHE A 104 14.79 -45.31 52.64
N GLY A 105 14.36 -44.92 51.45
CA GLY A 105 13.24 -45.56 50.81
C GLY A 105 12.53 -44.56 49.89
N ASP A 106 11.20 -44.67 49.82
CA ASP A 106 10.39 -43.75 49.05
C ASP A 106 9.21 -43.25 49.88
N ILE A 107 8.61 -42.15 49.43
CA ILE A 107 7.48 -41.53 50.12
C ILE A 107 6.43 -41.13 49.10
N SER A 108 5.18 -41.12 49.55
CA SER A 108 4.06 -40.52 48.85
C SER A 108 3.42 -39.51 49.79
N PHE A 109 3.28 -38.28 49.33
CA PHE A 109 2.91 -37.16 50.18
C PHE A 109 1.42 -37.24 50.57
N GLY A 110 0.99 -36.25 51.37
CA GLY A 110 -0.39 -36.21 51.82
C GLY A 110 -1.38 -35.89 50.72
N GLY A 111 -0.92 -35.25 49.64
CA GLY A 111 -1.78 -35.05 48.49
C GLY A 111 -2.00 -36.35 47.74
N LEU A 112 -3.19 -36.51 47.19
CA LEU A 112 -3.57 -37.73 46.52
C LEU A 112 -3.08 -37.74 45.08
N GLY A 113 -2.52 -38.86 44.66
CA GLY A 113 -2.08 -39.04 43.29
C GLY A 113 -0.72 -38.47 42.94
N GLN A 114 0.02 -37.97 43.92
CA GLN A 114 1.36 -37.45 43.66
C GLN A 114 2.33 -38.61 43.52
N LYS A 115 3.24 -38.50 42.55
CA LYS A 115 4.18 -39.57 42.26
C LYS A 115 5.19 -39.74 43.39
N THR A 116 5.64 -40.97 43.56
CA THR A 116 6.48 -41.32 44.69
C THR A 116 7.89 -40.77 44.53
N GLY A 117 8.46 -40.28 45.64
CA GLY A 117 9.78 -39.68 45.63
C GLY A 117 10.73 -40.47 46.50
N LYS A 118 11.96 -40.65 46.02
CA LYS A 118 12.93 -41.54 46.65
C LYS A 118 13.93 -40.73 47.46
N TYR A 119 14.07 -41.08 48.75
CA TYR A 119 14.91 -40.37 49.69
C TYR A 119 15.99 -41.29 50.24
N VAL A 120 17.21 -40.74 50.34
CA VAL A 120 18.35 -41.43 50.94
C VAL A 120 19.03 -40.43 51.88
N ARG A 121 19.31 -40.86 53.11
CA ARG A 121 19.94 -40.03 54.12
C ARG A 121 21.43 -40.38 54.23
N VAL A 122 22.29 -39.40 53.98
CA VAL A 122 23.73 -39.56 54.13
C VAL A 122 24.23 -38.60 55.20
N SER A 123 25.52 -38.67 55.50
CA SER A 123 26.12 -37.87 56.56
C SER A 123 26.71 -36.59 55.97
N SER A 124 27.47 -35.87 56.77
CA SER A 124 28.06 -34.61 56.34
C SER A 124 29.47 -34.77 55.80
N ASP A 125 30.19 -35.82 56.21
CA ASP A 125 31.56 -36.08 55.77
C ASP A 125 31.64 -37.51 55.27
N THR A 126 31.40 -37.71 53.98
CA THR A 126 31.49 -39.01 53.34
C THR A 126 32.48 -38.96 52.19
N SER A 127 32.87 -40.14 51.72
CA SER A 127 33.70 -40.26 50.53
C SER A 127 32.84 -40.10 49.28
N CYS A 128 33.49 -39.82 48.16
CA CYS A 128 32.79 -39.40 46.96
C CYS A 128 32.53 -40.53 45.96
N GLU A 129 33.40 -41.55 45.91
CA GLU A 129 33.28 -42.60 44.89
C GLU A 129 32.09 -43.51 45.15
N ASN A 130 31.95 -44.01 46.39
CA ASN A 130 30.78 -44.80 46.74
C ASN A 130 29.52 -43.93 46.78
N LEU A 131 29.66 -42.62 47.00
CA LEU A 131 28.53 -41.72 46.88
C LEU A 131 28.01 -41.68 45.44
N TYR A 132 28.92 -41.60 44.47
CA TYR A 132 28.52 -41.65 43.06
C TYR A 132 27.96 -43.02 42.69
N GLN A 133 28.55 -44.09 43.23
CA GLN A 133 28.08 -45.43 42.92
C GLN A 133 26.67 -45.68 43.47
N LEU A 134 26.45 -45.30 44.74
CA LEU A 134 25.12 -45.44 45.33
C LEU A 134 24.12 -44.46 44.74
N MET A 135 24.58 -43.35 44.17
CA MET A 135 23.66 -42.44 43.50
C MET A 135 23.22 -42.99 42.15
N THR A 136 24.17 -43.49 41.35
CA THR A 136 23.80 -44.02 40.05
C THR A 136 23.18 -45.41 40.12
N GLU A 137 23.28 -46.10 41.26
CA GLU A 137 22.65 -47.40 41.40
C GLU A 137 21.40 -47.38 42.27
N GLN A 138 21.23 -46.36 43.11
CA GLN A 138 20.04 -46.27 43.96
C GLN A 138 18.87 -45.73 43.17
N TRP A 139 19.01 -44.52 42.63
CA TRP A 139 17.96 -43.94 41.83
C TRP A 139 18.00 -44.37 40.38
N LYS A 140 19.11 -44.97 39.94
CA LYS A 140 19.32 -45.54 38.60
C LYS A 140 19.14 -44.48 37.51
N LEU A 141 19.99 -43.45 37.57
CA LEU A 141 20.02 -42.41 36.56
C LEU A 141 21.36 -42.39 35.84
N ARG A 142 21.31 -42.23 34.52
CA ARG A 142 22.49 -42.20 33.66
C ARG A 142 23.07 -40.78 33.64
N SER A 143 23.99 -40.52 32.72
CA SER A 143 24.63 -39.20 32.65
C SER A 143 23.65 -38.15 32.14
N PRO A 144 23.39 -37.09 32.90
CA PRO A 144 22.46 -36.07 32.43
C PRO A 144 23.07 -35.19 31.34
N ASN A 145 22.21 -34.41 30.71
CA ASN A 145 22.65 -33.48 29.69
C ASN A 145 23.08 -32.13 30.27
N LEU A 146 22.49 -31.74 31.40
CA LEU A 146 22.73 -30.43 31.99
C LEU A 146 22.26 -30.47 33.44
N LEU A 147 22.98 -29.77 34.31
CA LEU A 147 22.57 -29.59 35.70
C LEU A 147 22.57 -28.11 36.03
N ILE A 148 21.41 -27.61 36.48
CA ILE A 148 21.27 -26.23 36.90
C ILE A 148 20.84 -26.23 38.37
N SER A 149 21.60 -25.52 39.21
CA SER A 149 21.28 -25.44 40.62
C SER A 149 20.75 -24.06 40.97
N VAL A 150 19.99 -23.99 42.06
CA VAL A 150 19.33 -22.74 42.44
C VAL A 150 19.82 -22.33 43.84
N THR A 151 20.10 -21.04 44.03
CA THR A 151 20.59 -20.52 45.31
C THR A 151 19.65 -19.39 45.74
N GLY A 152 18.69 -19.72 46.59
CA GLY A 152 17.74 -18.74 47.07
C GLY A 152 17.49 -18.86 48.56
N GLY A 153 18.56 -19.19 49.30
CA GLY A 153 18.46 -19.46 50.72
C GLY A 153 18.19 -18.26 51.59
N ALA A 154 16.98 -17.70 51.47
CA ALA A 154 16.46 -16.77 52.45
C ALA A 154 15.36 -17.38 53.30
N LYS A 155 14.66 -18.39 52.77
CA LYS A 155 13.47 -19.09 53.28
C LYS A 155 12.22 -18.22 53.31
N ASN A 156 12.35 -16.91 53.06
CA ASN A 156 11.24 -15.95 53.01
C ASN A 156 11.69 -14.84 52.08
N PHE A 157 10.95 -14.62 51.00
CA PHE A 157 11.36 -13.61 50.02
C PHE A 157 10.12 -13.11 49.28
N TYR A 158 10.33 -12.12 48.42
CA TYR A 158 9.26 -11.50 47.66
C TYR A 158 9.85 -10.77 46.46
N ILE A 159 9.21 -10.91 45.30
CA ILE A 159 9.59 -10.25 44.06
C ILE A 159 8.34 -9.80 43.33
N LYS A 160 8.54 -9.13 42.20
CA LYS A 160 7.44 -8.71 41.36
C LYS A 160 6.85 -9.91 40.63
N THR A 161 5.64 -9.73 40.11
CA THR A 161 4.92 -10.84 39.47
C THR A 161 5.40 -11.09 38.05
N HIS A 162 5.71 -10.03 37.29
CA HIS A 162 6.09 -10.19 35.89
C HIS A 162 7.45 -10.86 35.77
N LEU A 163 8.41 -10.46 36.59
CA LEU A 163 9.70 -11.14 36.60
C LEU A 163 9.60 -12.55 37.17
N LYS A 164 8.63 -12.78 38.05
CA LYS A 164 8.36 -14.14 38.52
C LYS A 164 7.88 -15.04 37.40
N ASP A 165 6.96 -14.52 36.57
CA ASP A 165 6.47 -15.27 35.43
C ASP A 165 7.55 -15.46 34.36
N LYS A 166 8.41 -14.46 34.19
CA LYS A 166 9.50 -14.58 33.22
C LYS A 166 10.54 -15.60 33.66
N PHE A 167 10.88 -15.61 34.96
CA PHE A 167 11.78 -16.61 35.51
C PHE A 167 11.18 -18.02 35.42
N ARG A 168 9.86 -18.11 35.63
CA ARG A 168 9.17 -19.39 35.52
C ARG A 168 9.20 -19.92 34.09
N ARG A 169 8.94 -19.06 33.10
CA ARG A 169 8.98 -19.48 31.70
C ARG A 169 10.40 -19.78 31.24
N GLY A 170 11.40 -19.06 31.77
CA GLY A 170 12.78 -19.39 31.45
C GLY A 170 13.21 -20.72 32.03
N LEU A 171 12.69 -21.08 33.21
CA LEU A 171 12.98 -22.41 33.76
C LEU A 171 12.19 -23.49 33.03
N ILE A 172 11.00 -23.16 32.52
CA ILE A 172 10.29 -24.03 31.58
C ILE A 172 11.17 -24.31 30.35
N LYS A 173 11.81 -23.27 29.82
CA LYS A 173 12.66 -23.45 28.64
C LYS A 173 13.90 -24.28 28.94
N VAL A 174 14.62 -23.95 30.02
CA VAL A 174 15.89 -24.63 30.28
C VAL A 174 15.71 -25.99 30.92
N ALA A 175 14.51 -26.34 31.39
CA ALA A 175 14.25 -27.70 31.84
C ALA A 175 13.56 -28.55 30.79
N GLN A 176 12.78 -27.94 29.91
CA GLN A 176 12.00 -28.67 28.92
C GLN A 176 12.86 -29.18 27.77
N THR A 177 13.97 -28.51 27.46
CA THR A 177 14.74 -28.79 26.26
C THR A 177 15.79 -29.87 26.48
N THR A 178 16.70 -29.65 27.42
CA THR A 178 17.82 -30.56 27.62
C THR A 178 17.43 -31.82 28.39
N GLY A 179 16.26 -31.84 29.01
CA GLY A 179 15.96 -32.87 29.98
C GLY A 179 16.85 -32.71 31.19
N ALA A 180 17.07 -31.47 31.61
CA ALA A 180 18.17 -31.14 32.51
C ALA A 180 17.84 -31.48 33.96
N TRP A 181 18.87 -31.92 34.69
CA TRP A 181 18.73 -32.09 36.13
C TRP A 181 18.70 -30.73 36.81
N ILE A 182 17.88 -30.64 37.86
CA ILE A 182 17.64 -29.40 38.59
C ILE A 182 17.99 -29.64 40.06
N LEU A 183 18.97 -28.89 40.56
CA LEU A 183 19.45 -29.05 41.93
C LEU A 183 18.87 -27.95 42.81
N THR A 184 18.26 -28.38 43.91
CA THR A 184 17.44 -27.56 44.78
C THR A 184 17.77 -27.92 46.23
N GLY A 185 17.37 -27.08 47.18
CA GLY A 185 17.25 -27.51 48.55
C GLY A 185 16.01 -28.38 48.74
N GLY A 186 15.87 -28.92 49.94
CA GLY A 186 14.74 -29.78 50.23
C GLY A 186 13.69 -29.11 51.09
N THR A 187 14.07 -28.04 51.78
CA THR A 187 13.18 -27.37 52.72
C THR A 187 12.15 -26.54 51.95
N HIS A 188 10.86 -26.82 52.21
CA HIS A 188 9.76 -26.22 51.48
C HIS A 188 9.65 -24.70 51.67
N ALA A 189 10.23 -24.16 52.74
CA ALA A 189 10.20 -22.71 53.00
C ALA A 189 11.11 -21.98 52.01
N GLY A 190 10.53 -21.08 51.22
CA GLY A 190 11.33 -20.27 50.32
C GLY A 190 11.26 -20.66 48.86
N VAL A 191 12.39 -20.56 48.16
CA VAL A 191 12.43 -20.72 46.71
C VAL A 191 12.21 -22.16 46.29
N MET A 192 12.44 -23.13 47.19
CA MET A 192 12.24 -24.54 46.87
C MET A 192 10.78 -24.88 46.71
N LYS A 193 9.88 -24.07 47.26
CA LYS A 193 8.47 -24.14 46.95
C LYS A 193 8.20 -23.69 45.51
N HIS A 194 8.73 -22.53 45.12
CA HIS A 194 8.36 -21.91 43.86
C HIS A 194 8.92 -22.66 42.66
N VAL A 195 10.19 -23.08 42.71
CA VAL A 195 10.74 -23.86 41.60
C VAL A 195 10.09 -25.24 41.54
N GLY A 196 9.63 -25.76 42.68
CA GLY A 196 8.82 -26.96 42.67
C GLY A 196 7.48 -26.75 41.99
N MET A 197 6.86 -25.59 42.22
CA MET A 197 5.64 -25.25 41.49
C MET A 197 5.89 -25.07 40.00
N ALA A 198 7.08 -24.57 39.63
CA ALA A 198 7.46 -24.45 38.23
C ALA A 198 7.54 -25.81 37.55
N VAL A 199 8.24 -26.75 38.20
CA VAL A 199 8.30 -28.09 37.61
C VAL A 199 6.98 -28.84 37.77
N ARG A 200 6.11 -28.41 38.70
CA ARG A 200 4.75 -28.93 38.78
C ARG A 200 3.95 -28.54 37.55
N ASP A 201 4.03 -27.26 37.18
CA ASP A 201 3.36 -26.79 35.96
C ASP A 201 3.96 -27.42 34.72
N TYR A 202 5.25 -27.80 34.78
CA TYR A 202 5.82 -28.60 33.69
C TYR A 202 5.21 -29.98 33.62
N THR A 203 5.36 -30.77 34.69
CA THR A 203 4.95 -32.18 34.68
C THR A 203 3.44 -32.37 34.80
N LEU A 204 2.65 -31.30 34.88
CA LEU A 204 1.20 -31.42 34.78
C LEU A 204 0.71 -31.25 33.35
N SER A 205 1.18 -30.21 32.64
CA SER A 205 0.74 -29.99 31.27
C SER A 205 1.46 -30.90 30.29
N SER A 206 2.77 -31.09 30.46
CA SER A 206 3.50 -32.08 29.67
C SER A 206 3.30 -33.49 30.19
N GLY A 207 2.86 -33.65 31.44
CA GLY A 207 2.53 -34.94 31.99
C GLY A 207 3.70 -35.83 32.37
N SER A 208 4.94 -35.37 32.16
CA SER A 208 6.16 -36.21 32.19
C SER A 208 5.99 -37.44 31.33
N MET A 209 5.56 -37.21 30.07
CA MET A 209 5.37 -38.32 29.14
C MET A 209 6.70 -38.95 28.77
N GLU A 210 7.70 -38.12 28.48
CA GLU A 210 9.07 -38.57 28.34
C GLU A 210 9.90 -38.05 29.51
N GLY A 211 11.04 -38.70 29.73
CA GLY A 211 11.97 -38.22 30.73
C GLY A 211 11.60 -38.51 32.17
N GLN A 212 10.45 -37.98 32.62
CA GLN A 212 10.07 -37.87 34.03
C GLN A 212 11.18 -37.17 34.81
N ILE A 213 11.26 -35.84 34.58
CA ILE A 213 12.45 -35.03 34.83
C ILE A 213 12.86 -35.08 36.29
N VAL A 214 14.14 -35.38 36.51
CA VAL A 214 14.69 -35.58 37.84
C VAL A 214 14.77 -34.25 38.57
N VAL A 215 13.93 -34.08 39.58
CA VAL A 215 14.02 -32.97 40.51
C VAL A 215 14.63 -33.51 41.81
N ILE A 216 15.88 -33.14 42.03
CA ILE A 216 16.67 -33.65 43.14
C ILE A 216 16.91 -32.50 44.12
N GLY A 217 16.68 -32.77 45.39
CA GLY A 217 16.87 -31.78 46.43
C GLY A 217 17.84 -32.27 47.50
N VAL A 218 18.45 -31.34 48.24
CA VAL A 218 19.31 -31.67 49.37
C VAL A 218 18.71 -31.01 50.61
N ALA A 219 18.46 -31.81 51.64
CA ALA A 219 17.66 -31.37 52.78
C ALA A 219 18.32 -31.68 54.12
N PRO A 220 18.30 -30.75 55.06
CA PRO A 220 18.81 -31.03 56.40
C PRO A 220 17.83 -31.84 57.23
N TRP A 221 18.38 -32.73 58.06
CA TRP A 221 17.54 -33.52 58.96
C TRP A 221 17.20 -32.76 60.24
N GLY A 222 18.10 -31.90 60.69
CA GLY A 222 17.88 -31.08 61.89
C GLY A 222 16.86 -29.99 61.71
N VAL A 223 16.43 -29.71 60.48
CA VAL A 223 15.43 -28.68 60.22
C VAL A 223 14.05 -29.29 59.95
N ILE A 224 14.00 -30.54 59.45
CA ILE A 224 12.75 -31.17 59.04
C ILE A 224 11.91 -31.51 60.26
N HIS A 225 10.60 -31.63 60.07
CA HIS A 225 9.65 -31.59 61.17
C HIS A 225 8.97 -32.92 61.45
N ASN A 226 9.14 -33.93 60.59
CA ASN A 226 8.53 -35.23 60.78
C ASN A 226 9.59 -36.33 60.75
N ARG A 227 10.60 -36.17 61.60
CA ARG A 227 11.78 -37.03 61.60
C ARG A 227 11.45 -38.50 61.83
N SER A 228 10.59 -38.78 62.81
CA SER A 228 10.30 -40.16 63.19
C SER A 228 9.45 -40.89 62.15
N THR A 229 8.70 -40.17 61.32
CA THR A 229 7.94 -40.81 60.26
C THR A 229 8.83 -41.24 59.11
N LEU A 230 9.97 -40.59 58.95
CA LEU A 230 10.87 -40.87 57.84
C LEU A 230 12.05 -41.74 58.24
N ILE A 231 12.29 -41.93 59.53
CA ILE A 231 13.43 -42.69 60.02
C ILE A 231 13.06 -44.14 60.35
N HIS A 232 11.99 -44.65 59.74
CA HIS A 232 11.57 -46.03 59.95
C HIS A 232 12.62 -46.99 59.39
N PRO A 233 13.18 -47.89 60.20
CA PRO A 233 14.31 -48.73 59.74
C PRO A 233 13.93 -49.83 58.76
N GLU A 234 13.79 -49.48 57.49
CA GLU A 234 13.51 -50.45 56.43
C GLU A 234 13.93 -49.85 55.09
N GLY A 235 13.65 -50.59 54.03
CA GLY A 235 13.93 -50.12 52.68
C GLY A 235 12.77 -50.38 51.74
N ARG A 236 12.63 -49.47 50.75
CA ARG A 236 11.63 -49.51 49.69
C ARG A 236 10.19 -49.51 50.20
N PHE A 237 9.96 -48.95 51.39
CA PHE A 237 8.68 -48.85 52.08
C PHE A 237 8.09 -47.46 51.88
N PRO A 238 6.79 -47.33 51.61
CA PRO A 238 6.20 -45.99 51.44
C PRO A 238 5.91 -45.33 52.78
N ALA A 239 6.73 -44.35 53.14
CA ALA A 239 6.55 -43.63 54.39
C ALA A 239 5.57 -42.47 54.18
N TYR A 240 4.66 -42.31 55.15
CA TYR A 240 3.58 -41.34 55.04
C TYR A 240 4.02 -40.00 55.63
N TYR A 241 3.95 -38.96 54.81
CA TYR A 241 4.28 -37.60 55.19
C TYR A 241 3.10 -36.68 54.84
N SER A 242 2.70 -35.83 55.78
CA SER A 242 1.62 -34.88 55.56
C SER A 242 2.18 -33.47 55.55
N LEU A 243 1.47 -32.56 54.85
CA LEU A 243 1.95 -31.19 54.72
C LEU A 243 1.58 -30.34 55.94
N ASP A 244 0.28 -30.10 56.13
CA ASP A 244 -0.35 -29.50 57.31
C ASP A 244 0.01 -28.04 57.58
N GLU A 245 0.89 -27.44 56.75
CA GLU A 245 1.36 -26.05 56.85
C GLU A 245 1.96 -25.72 58.22
N GLN A 246 2.63 -26.69 58.85
CA GLN A 246 3.15 -26.54 60.20
C GLN A 246 4.65 -26.26 60.24
N GLY A 247 5.20 -25.65 59.19
CA GLY A 247 6.60 -25.26 59.19
C GLY A 247 6.83 -24.10 60.14
N GLN A 248 7.67 -24.30 61.15
CA GLN A 248 7.89 -23.32 62.20
C GLN A 248 8.96 -22.31 61.76
N GLY A 249 9.44 -21.49 62.70
CA GLY A 249 10.53 -20.59 62.40
C GLY A 249 11.86 -21.31 62.25
N ARG A 250 12.16 -22.24 63.16
CA ARG A 250 13.36 -23.06 63.08
C ARG A 250 13.06 -24.50 62.70
N LEU A 251 11.97 -24.73 61.97
CA LEU A 251 11.56 -26.09 61.61
C LEU A 251 10.78 -26.01 60.31
N SER A 252 11.32 -26.62 59.25
CA SER A 252 10.75 -26.53 57.91
C SER A 252 10.11 -27.86 57.50
N CYS A 253 9.65 -27.90 56.25
CA CYS A 253 8.87 -29.01 55.72
C CYS A 253 9.48 -29.51 54.41
N LEU A 254 9.06 -30.70 54.00
CA LEU A 254 9.45 -31.23 52.70
C LEU A 254 8.67 -30.55 51.58
N ASP A 255 9.31 -30.42 50.43
CA ASP A 255 8.60 -29.92 49.27
C ASP A 255 7.85 -31.06 48.58
N ILE A 256 6.78 -30.68 47.88
CA ILE A 256 5.88 -31.69 47.30
C ILE A 256 6.46 -32.25 46.02
N ASN A 257 6.89 -31.38 45.12
CA ASN A 257 7.10 -31.75 43.72
C ASN A 257 8.43 -32.45 43.44
N HIS A 258 9.32 -32.61 44.43
CA HIS A 258 10.60 -33.26 44.18
C HIS A 258 10.46 -34.78 44.13
N THR A 259 11.35 -35.42 43.36
CA THR A 259 11.38 -36.87 43.28
C THR A 259 12.62 -37.50 43.90
N HIS A 260 13.70 -36.75 44.11
CA HIS A 260 14.88 -37.27 44.78
C HIS A 260 15.20 -36.42 46.00
N PHE A 261 15.52 -37.07 47.10
CA PHE A 261 15.95 -36.39 48.33
C PHE A 261 17.30 -36.93 48.75
N LEU A 262 18.28 -36.03 48.89
CA LEU A 262 19.52 -36.31 49.62
C LEU A 262 19.41 -35.64 50.98
N LEU A 263 19.09 -36.43 52.01
CA LEU A 263 19.05 -35.91 53.35
C LEU A 263 20.47 -35.90 53.91
N VAL A 264 20.79 -34.88 54.70
CA VAL A 264 22.08 -34.81 55.38
C VAL A 264 21.86 -34.89 56.88
N ASP A 265 22.75 -35.60 57.56
CA ASP A 265 22.65 -35.86 59.00
C ASP A 265 23.90 -35.33 59.69
N ASP A 266 23.78 -34.19 60.36
CA ASP A 266 24.86 -33.67 61.19
C ASP A 266 24.66 -33.97 62.67
N GLY A 267 23.43 -34.12 63.14
CA GLY A 267 23.15 -34.28 64.55
C GLY A 267 23.31 -33.03 65.39
N THR A 268 23.45 -31.87 64.74
CA THR A 268 23.68 -30.61 65.45
C THR A 268 22.38 -29.96 65.89
N GLN A 269 21.28 -30.23 65.17
CA GLN A 269 19.88 -30.02 65.56
C GLN A 269 19.48 -28.54 65.58
N GLY A 270 20.43 -27.63 65.41
CA GLY A 270 20.12 -26.22 65.51
C GLY A 270 20.83 -25.31 64.53
N HIS A 271 21.34 -25.87 63.43
CA HIS A 271 22.05 -25.11 62.41
C HIS A 271 21.55 -25.46 61.03
N TYR A 272 22.06 -24.71 60.04
CA TYR A 272 21.63 -24.82 58.65
C TYR A 272 22.77 -25.02 57.67
N GLY A 273 24.02 -25.04 58.15
CA GLY A 273 25.19 -24.94 57.30
C GLY A 273 25.66 -26.19 56.57
N VAL A 274 25.51 -27.36 57.20
CA VAL A 274 26.13 -28.59 56.73
C VAL A 274 25.59 -29.09 55.38
N GLU A 275 24.41 -28.65 54.96
CA GLU A 275 23.80 -29.17 53.74
C GLU A 275 24.57 -28.77 52.50
N ILE A 276 25.00 -27.50 52.44
CA ILE A 276 25.71 -27.00 51.27
C ILE A 276 27.19 -27.37 51.28
N GLU A 277 27.67 -27.99 52.36
CA GLU A 277 28.99 -28.59 52.36
C GLU A 277 29.05 -29.86 51.51
N LEU A 278 27.90 -30.39 51.07
CA LEU A 278 27.82 -31.50 50.13
C LEU A 278 27.34 -31.07 48.75
N ARG A 279 26.69 -29.90 48.64
CA ARG A 279 25.98 -29.51 47.42
C ARG A 279 26.97 -29.12 46.31
N ALA A 280 27.91 -28.23 46.61
CA ALA A 280 28.92 -27.87 45.61
C ALA A 280 29.91 -29.00 45.37
N ARG A 281 30.08 -29.91 46.33
CA ARG A 281 30.89 -31.09 46.07
C ARG A 281 30.18 -32.07 45.13
N LEU A 282 28.85 -32.13 45.21
CA LEU A 282 28.09 -32.90 44.22
C LEU A 282 28.15 -32.25 42.84
N GLU A 283 28.12 -30.91 42.80
CA GLU A 283 28.36 -30.21 41.53
C GLU A 283 29.78 -30.43 41.02
N LYS A 284 30.74 -30.64 41.93
CA LYS A 284 32.10 -30.99 41.50
C LYS A 284 32.16 -32.41 40.96
N LEU A 285 31.40 -33.33 41.57
CA LEU A 285 31.32 -34.69 41.07
C LEU A 285 30.69 -34.76 39.69
N ILE A 286 29.72 -33.90 39.40
CA ILE A 286 29.18 -33.82 38.05
C ILE A 286 30.04 -32.91 37.16
N SER A 287 31.00 -32.19 37.75
CA SER A 287 32.01 -31.46 36.99
C SER A 287 33.25 -32.28 36.69
N LYS A 288 33.48 -33.35 37.46
CA LYS A 288 34.42 -34.40 37.12
C LYS A 288 33.74 -35.54 36.37
N LEU A 289 32.58 -35.27 35.78
CA LEU A 289 31.82 -36.25 35.00
C LEU A 289 31.81 -35.76 33.56
N SER A 290 32.24 -36.63 32.64
CA SER A 290 32.30 -36.29 31.23
C SER A 290 31.04 -36.75 30.53
N LEU A 291 30.61 -35.99 29.52
CA LEU A 291 29.46 -36.34 28.71
C LEU A 291 29.96 -36.95 27.40
N GLY A 292 29.62 -38.22 27.17
CA GLY A 292 30.08 -38.93 25.99
C GLY A 292 29.46 -38.46 24.70
N GLY A 297 36.66 -34.97 25.04
CA GLY A 297 36.88 -33.93 26.03
C GLY A 297 35.63 -33.13 26.33
N VAL A 298 34.49 -33.81 26.31
CA VAL A 298 33.18 -33.19 26.51
C VAL A 298 32.66 -33.56 27.89
N THR A 299 32.34 -32.56 28.70
CA THR A 299 31.85 -32.72 30.05
C THR A 299 30.51 -32.00 30.21
N ILE A 300 29.93 -32.12 31.40
CA ILE A 300 28.68 -31.44 31.73
C ILE A 300 29.00 -30.07 32.28
N PRO A 301 28.42 -28.99 31.75
CA PRO A 301 28.58 -27.67 32.37
C PRO A 301 27.68 -27.50 33.59
N VAL A 302 28.20 -26.76 34.57
CA VAL A 302 27.55 -26.59 35.87
C VAL A 302 27.30 -25.10 36.07
N VAL A 303 26.11 -24.76 36.58
CA VAL A 303 25.75 -23.37 36.84
C VAL A 303 24.81 -23.31 38.05
N CYS A 304 24.81 -22.16 38.73
CA CYS A 304 23.80 -21.84 39.71
C CYS A 304 23.13 -20.54 39.29
N VAL A 305 21.89 -20.37 39.71
CA VAL A 305 21.16 -19.12 39.51
C VAL A 305 20.96 -18.45 40.86
N VAL A 306 20.93 -17.12 40.83
CA VAL A 306 20.89 -16.29 42.03
C VAL A 306 19.52 -15.67 42.17
N LEU A 307 18.92 -15.78 43.36
CA LEU A 307 17.71 -15.08 43.72
C LEU A 307 17.96 -14.28 44.98
N ASP A 308 16.88 -13.84 45.64
CA ASP A 308 16.86 -12.98 46.82
C ASP A 308 17.84 -13.41 47.91
N GLY A 309 17.62 -14.57 48.51
CA GLY A 309 18.64 -15.25 49.29
C GLY A 309 19.04 -14.58 50.59
N GLY A 310 19.95 -15.25 51.30
CA GLY A 310 20.48 -14.75 52.54
C GLY A 310 21.89 -15.23 52.79
N PRO A 311 22.21 -15.51 54.05
CA PRO A 311 23.57 -16.00 54.36
C PRO A 311 23.85 -17.39 53.81
N GLY A 312 22.86 -18.29 53.87
CA GLY A 312 23.02 -19.60 53.28
C GLY A 312 23.14 -19.55 51.77
N THR A 313 22.44 -18.60 51.14
CA THR A 313 22.53 -18.44 49.69
C THR A 313 23.91 -17.93 49.28
N LEU A 314 24.42 -16.88 49.95
CA LEU A 314 25.75 -16.40 49.59
C LEU A 314 26.82 -17.43 49.95
N ASN A 315 26.58 -18.24 50.97
CA ASN A 315 27.53 -19.30 51.32
C ASN A 315 27.53 -20.40 50.25
N THR A 316 26.36 -20.79 49.72
CA THR A 316 26.37 -21.83 48.69
C THR A 316 26.80 -21.28 47.33
N ILE A 317 26.57 -19.99 47.07
CA ILE A 317 27.17 -19.32 45.90
C ILE A 317 28.69 -19.30 46.04
N TYR A 318 29.16 -19.06 47.26
CA TYR A 318 30.61 -19.00 47.54
C TYR A 318 31.26 -20.36 47.36
N ASN A 319 30.59 -21.42 47.80
CA ASN A 319 31.13 -22.76 47.62
C ASN A 319 31.02 -23.19 46.16
N SER A 320 30.02 -22.69 45.44
CA SER A 320 29.88 -23.00 44.02
C SER A 320 30.98 -22.33 43.20
N MET A 321 31.17 -21.02 43.38
CA MET A 321 32.23 -20.29 42.69
C MET A 321 33.61 -20.70 43.19
N LEU A 322 33.68 -21.23 44.40
CA LEU A 322 34.93 -21.76 44.94
C LEU A 322 35.36 -23.02 44.19
N ASN A 323 34.43 -23.95 43.96
CA ASN A 323 34.74 -25.29 43.48
C ASN A 323 34.50 -25.40 41.97
N HIS A 324 34.83 -24.34 41.24
CA HIS A 324 34.85 -24.27 39.78
C HIS A 324 33.47 -24.56 39.17
N THR A 325 32.54 -23.66 39.49
CA THR A 325 31.20 -23.68 38.91
C THR A 325 30.74 -22.25 38.73
N PRO A 326 30.57 -21.78 37.50
CA PRO A 326 30.12 -20.40 37.27
C PRO A 326 28.67 -20.21 37.73
N CYS A 327 28.30 -18.94 37.88
CA CYS A 327 26.97 -18.62 38.36
C CYS A 327 26.44 -17.35 37.69
N VAL A 328 25.15 -17.12 37.88
CA VAL A 328 24.41 -16.09 37.16
C VAL A 328 23.82 -15.14 38.19
N VAL A 329 24.45 -13.98 38.35
CA VAL A 329 23.91 -12.93 39.20
C VAL A 329 22.70 -12.36 38.49
N LEU A 330 21.51 -12.77 38.91
CA LEU A 330 20.27 -12.31 38.31
C LEU A 330 19.84 -11.06 39.06
N GLU A 331 20.21 -9.90 38.54
CA GLU A 331 20.08 -8.65 39.27
C GLU A 331 18.62 -8.21 39.37
N GLY A 332 18.25 -7.67 40.53
CA GLY A 332 16.92 -7.16 40.76
C GLY A 332 15.93 -8.16 41.33
N SER A 333 16.28 -9.44 41.39
CA SER A 333 15.39 -10.45 41.97
C SER A 333 15.74 -10.60 43.44
N GLY A 334 15.24 -9.65 44.23
CA GLY A 334 15.40 -9.73 45.67
C GLY A 334 16.38 -8.76 46.29
N ARG A 335 16.98 -9.17 47.40
CA ARG A 335 17.71 -8.27 48.29
C ARG A 335 19.23 -8.41 48.21
N LEU A 336 19.77 -9.60 48.01
CA LEU A 336 21.22 -9.80 47.94
C LEU A 336 21.72 -9.85 46.49
N ALA A 337 20.83 -10.02 45.52
CA ALA A 337 21.24 -10.06 44.12
C ALA A 337 21.77 -8.70 43.67
N ASP A 338 21.13 -7.62 44.10
CA ASP A 338 21.66 -6.30 43.81
C ASP A 338 22.76 -5.87 44.78
N VAL A 339 22.95 -6.59 45.90
CA VAL A 339 24.17 -6.43 46.69
C VAL A 339 25.38 -6.89 45.89
N ILE A 340 25.26 -8.05 45.25
CA ILE A 340 26.37 -8.61 44.47
C ILE A 340 26.50 -7.87 43.14
N ALA A 341 25.38 -7.41 42.57
CA ALA A 341 25.39 -6.89 41.21
C ALA A 341 25.99 -5.50 41.12
N HIS A 342 25.61 -4.59 42.02
CA HIS A 342 26.01 -3.19 41.90
C HIS A 342 27.39 -2.90 42.48
N VAL A 343 28.18 -3.93 42.76
CA VAL A 343 29.61 -3.79 43.04
C VAL A 343 30.31 -4.66 42.01
N ALA A 344 30.63 -4.08 40.86
CA ALA A 344 31.17 -4.87 39.76
C ALA A 344 32.28 -4.15 38.97
N SER A 345 32.94 -3.15 39.57
CA SER A 345 34.01 -2.44 38.88
C SER A 345 34.96 -1.88 39.93
N VAL A 346 36.25 -1.87 39.58
CA VAL A 346 37.39 -1.58 40.47
C VAL A 346 37.31 -2.50 41.69
N PRO A 347 37.67 -3.79 41.56
CA PRO A 347 37.41 -4.75 42.64
C PRO A 347 38.36 -4.65 43.84
N VAL A 348 39.25 -3.66 43.86
CA VAL A 348 40.25 -3.50 44.92
C VAL A 348 39.94 -2.30 45.80
N SER A 349 39.67 -1.15 45.18
CA SER A 349 39.50 0.09 45.92
C SER A 349 38.06 0.33 46.38
N LYS A 350 37.08 -0.23 45.68
CA LYS A 350 35.68 0.07 45.97
C LYS A 350 35.18 -0.64 47.22
N VAL A 351 35.58 -1.90 47.41
CA VAL A 351 35.01 -2.74 48.47
C VAL A 351 35.71 -2.45 49.79
N THR A 352 34.92 -2.40 50.86
CA THR A 352 35.38 -2.17 52.23
C THR A 352 34.30 -2.69 53.17
N MET A 353 34.42 -2.36 54.46
CA MET A 353 33.36 -2.71 55.40
C MET A 353 32.21 -1.71 55.38
N ALA A 354 32.51 -0.43 55.16
CA ALA A 354 31.48 0.60 55.28
C ALA A 354 30.53 0.58 54.09
N LEU A 355 31.05 0.25 52.90
CA LEU A 355 30.23 0.11 51.71
C LEU A 355 29.20 -1.00 51.87
N ILE A 356 29.62 -2.13 52.43
CA ILE A 356 28.71 -3.25 52.64
C ILE A 356 27.82 -3.02 53.86
N ASN A 357 28.25 -2.20 54.82
CA ASN A 357 27.36 -1.81 55.92
C ASN A 357 26.23 -0.92 55.41
N ARG A 358 26.55 0.06 54.55
CA ARG A 358 25.51 0.84 53.90
C ARG A 358 24.65 -0.03 52.98
N LEU A 359 25.27 -1.03 52.35
CA LEU A 359 24.55 -1.85 51.39
C LEU A 359 23.61 -2.82 52.09
N LEU A 360 23.91 -3.20 53.33
CA LEU A 360 22.97 -3.94 54.16
C LEU A 360 21.98 -3.01 54.85
N LYS A 361 22.34 -1.74 55.03
CA LYS A 361 21.36 -0.78 55.54
C LYS A 361 20.35 -0.37 54.47
N ARG A 362 20.67 -0.60 53.19
CA ARG A 362 19.87 -0.10 52.08
C ARG A 362 19.07 -1.19 51.37
N PHE A 363 19.62 -2.39 51.23
CA PHE A 363 18.95 -3.48 50.55
C PHE A 363 18.31 -4.48 51.50
N PHE A 364 19.05 -4.91 52.52
CA PHE A 364 18.44 -5.68 53.61
C PHE A 364 17.53 -4.74 54.40
N MET A 365 16.21 -4.89 54.22
CA MET A 365 15.29 -3.85 54.66
C MET A 365 14.96 -3.93 56.15
N GLN A 366 14.34 -5.03 56.58
CA GLN A 366 13.89 -5.18 57.95
C GLN A 366 14.65 -6.23 58.71
N GLU A 367 15.55 -6.97 58.04
CA GLU A 367 16.44 -7.91 58.70
C GLU A 367 17.63 -7.23 59.37
N TYR A 368 17.75 -5.90 59.24
CA TYR A 368 18.89 -5.10 59.70
C TYR A 368 19.05 -5.09 61.21
N LYS A 369 18.03 -5.53 61.97
CA LYS A 369 18.15 -5.69 63.40
C LYS A 369 18.67 -7.07 63.79
N ASN A 370 19.05 -7.90 62.82
CA ASN A 370 19.53 -9.26 63.09
C ASN A 370 20.98 -9.47 62.66
N PHE A 371 21.69 -8.41 62.27
CA PHE A 371 23.05 -8.54 61.75
C PHE A 371 24.06 -8.04 62.77
N THR A 372 25.06 -8.88 63.06
CA THR A 372 26.12 -8.61 64.01
C THR A 372 27.39 -8.17 63.27
N GLU A 373 28.46 -7.95 64.03
CA GLU A 373 29.75 -7.61 63.42
C GLU A 373 30.43 -8.85 62.83
N LEU A 374 30.24 -10.01 63.46
CA LEU A 374 30.77 -11.25 62.94
C LEU A 374 30.11 -11.63 61.62
N GLN A 375 28.77 -11.49 61.56
CA GLN A 375 28.05 -11.73 60.32
C GLN A 375 28.49 -10.76 59.23
N ILE A 376 28.67 -9.48 59.57
CA ILE A 376 28.97 -8.52 58.52
C ILE A 376 30.42 -8.63 58.06
N ILE A 377 31.34 -9.12 58.90
CA ILE A 377 32.68 -9.39 58.40
C ILE A 377 32.66 -10.65 57.54
N GLU A 378 31.74 -11.59 57.83
CA GLU A 378 31.55 -12.74 56.95
C GLU A 378 30.97 -12.33 55.60
N TRP A 379 29.99 -11.40 55.61
CA TRP A 379 29.45 -10.82 54.38
C TRP A 379 30.55 -10.14 53.56
N THR A 380 31.38 -9.34 54.23
CA THR A 380 32.43 -8.56 53.58
C THR A 380 33.43 -9.46 52.87
N LYS A 381 33.99 -10.43 53.59
CA LYS A 381 34.99 -11.26 52.93
C LYS A 381 34.35 -12.25 51.96
N LYS A 382 33.10 -12.68 52.21
CA LYS A 382 32.43 -13.59 51.31
C LYS A 382 32.18 -12.95 49.94
N ILE A 383 31.59 -11.76 49.93
CA ILE A 383 31.35 -11.11 48.65
C ILE A 383 32.63 -10.56 48.03
N GLN A 384 33.67 -10.26 48.83
CA GLN A 384 34.92 -9.79 48.23
C GLN A 384 35.65 -10.94 47.55
N ASP A 385 35.60 -12.14 48.15
CA ASP A 385 36.21 -13.29 47.50
C ASP A 385 35.36 -13.80 46.34
N ILE A 386 34.05 -13.52 46.36
CA ILE A 386 33.21 -13.76 45.19
C ILE A 386 33.62 -12.85 44.03
N LEU A 387 33.76 -11.55 44.30
CA LEU A 387 34.15 -10.60 43.27
C LEU A 387 35.62 -10.74 42.87
N ARG A 388 36.44 -11.43 43.68
CA ARG A 388 37.85 -11.65 43.35
C ARG A 388 38.01 -12.53 42.12
N MET A 389 37.08 -13.45 41.87
CA MET A 389 37.06 -14.24 40.63
C MET A 389 35.76 -13.99 39.88
N PRO A 390 35.63 -12.82 39.23
CA PRO A 390 34.31 -12.38 38.73
C PRO A 390 33.96 -12.84 37.33
N HIS A 391 34.89 -13.46 36.60
CA HIS A 391 34.66 -13.72 35.17
C HIS A 391 33.65 -14.83 34.96
N LEU A 392 33.54 -15.76 35.91
CA LEU A 392 32.54 -16.80 35.80
C LEU A 392 31.16 -16.30 36.21
N LEU A 393 31.08 -15.18 36.92
CA LEU A 393 29.81 -14.57 37.26
C LEU A 393 29.25 -13.86 36.05
N THR A 394 27.95 -14.02 35.81
CA THR A 394 27.29 -13.37 34.69
C THR A 394 26.16 -12.50 35.22
N VAL A 395 26.28 -11.19 35.04
CA VAL A 395 25.28 -10.25 35.55
C VAL A 395 24.14 -10.18 34.54
N PHE A 396 23.13 -11.02 34.74
CA PHE A 396 21.96 -11.07 33.88
C PHE A 396 20.82 -10.29 34.51
N ARG A 397 20.17 -9.44 33.72
CA ARG A 397 19.10 -8.58 34.20
C ARG A 397 17.79 -9.36 34.35
N ILE A 398 16.85 -8.75 35.08
CA ILE A 398 15.53 -9.33 35.30
C ILE A 398 14.52 -8.59 34.43
N ASP A 399 14.98 -8.03 33.32
CA ASP A 399 14.11 -7.34 32.39
C ASP A 399 13.12 -8.32 31.77
N GLU A 400 11.89 -7.84 31.55
CA GLU A 400 10.80 -8.69 31.07
C GLU A 400 11.05 -9.09 29.63
N ASP A 401 11.27 -10.38 29.40
CA ASP A 401 11.51 -10.92 28.08
C ASP A 401 10.66 -12.17 27.89
N LYS A 402 9.84 -12.17 26.83
CA LYS A 402 9.08 -13.36 26.49
C LYS A 402 9.99 -14.42 25.89
N ASN A 403 9.79 -15.68 26.31
CA ASN A 403 10.65 -16.82 25.99
C ASN A 403 12.11 -16.52 26.32
N TYR A 404 12.32 -15.99 27.53
CA TYR A 404 13.64 -15.55 27.96
C TYR A 404 14.54 -16.76 28.20
N ASP A 405 15.57 -16.89 27.38
CA ASP A 405 16.50 -18.00 27.51
C ASP A 405 17.62 -17.63 28.47
N VAL A 406 18.38 -18.65 28.86
CA VAL A 406 19.58 -18.48 29.67
C VAL A 406 20.78 -18.42 28.74
N ASP A 407 20.51 -18.11 27.46
CA ASP A 407 21.47 -18.27 26.38
C ASP A 407 22.66 -17.34 26.52
N VAL A 408 22.46 -16.14 27.08
CA VAL A 408 23.60 -15.28 27.38
C VAL A 408 24.44 -15.90 28.50
N ALA A 409 23.77 -16.45 29.51
CA ALA A 409 24.45 -17.01 30.67
C ALA A 409 25.19 -18.30 30.32
N ILE A 410 24.49 -19.25 29.69
CA ILE A 410 25.16 -20.49 29.32
C ILE A 410 26.09 -20.26 28.13
N LEU A 411 25.89 -19.17 27.38
CA LEU A 411 26.85 -18.78 26.35
C LEU A 411 28.16 -18.34 26.98
N GLN A 412 28.09 -17.55 28.06
CA GLN A 412 29.30 -17.20 28.78
C GLN A 412 29.91 -18.42 29.47
N ALA A 413 29.07 -19.37 29.92
CA ALA A 413 29.58 -20.61 30.47
C ALA A 413 30.31 -21.44 29.42
N LEU A 414 29.82 -21.43 28.19
CA LEU A 414 30.52 -22.10 27.11
C LEU A 414 31.76 -21.34 26.69
N LEU A 415 31.76 -20.01 26.87
CA LEU A 415 32.97 -19.22 26.63
C LEU A 415 34.04 -19.58 27.66
N LYS A 416 33.63 -19.85 28.89
CA LYS A 416 34.57 -20.32 29.90
C LYS A 416 35.01 -21.75 29.63
N ALA A 417 34.11 -22.61 29.17
CA ALA A 417 34.46 -23.99 28.88
C ALA A 417 35.38 -24.10 27.67
N SER A 418 35.26 -23.16 26.73
CA SER A 418 36.13 -23.12 25.56
C SER A 418 37.50 -22.53 25.87
N ARG A 419 37.63 -21.83 27.00
CA ARG A 419 38.91 -21.32 27.45
C ARG A 419 39.79 -22.41 28.06
N SER A 420 39.25 -23.60 28.29
CA SER A 420 40.04 -24.74 28.74
C SER A 420 40.99 -25.16 27.62
N ASP A 421 42.29 -24.93 27.83
CA ASP A 421 43.29 -25.19 26.81
C ASP A 421 43.59 -26.67 26.60
N GLU A 422 43.10 -27.55 27.50
CA GLU A 422 43.23 -28.98 27.28
C GLU A 422 42.25 -29.50 26.24
N HIS A 423 41.15 -28.78 26.00
CA HIS A 423 40.22 -29.14 24.95
C HIS A 423 40.55 -28.34 23.69
N ALA A 424 40.93 -29.05 22.63
CA ALA A 424 41.50 -28.44 21.44
C ALA A 424 40.58 -28.60 20.24
N GLY A 425 40.52 -27.56 19.42
CA GLY A 425 39.76 -27.61 18.18
C GLY A 425 38.27 -27.69 18.43
N ARG A 426 37.59 -28.53 17.65
CA ARG A 426 36.17 -28.78 17.86
C ARG A 426 36.01 -29.95 18.83
N HIS A 427 36.43 -29.70 20.08
CA HIS A 427 36.06 -30.53 21.20
C HIS A 427 35.28 -29.72 22.23
N CYS A 428 35.87 -28.65 22.78
CA CYS A 428 35.09 -27.69 23.53
C CYS A 428 34.18 -26.90 22.60
N TRP A 429 34.67 -26.60 21.39
CA TRP A 429 33.81 -26.03 20.35
C TRP A 429 32.72 -27.01 19.97
N GLU A 430 32.99 -28.31 20.04
CA GLU A 430 31.97 -29.32 19.75
C GLU A 430 30.88 -29.32 20.81
N ARG A 431 31.26 -29.26 22.09
CA ARG A 431 30.27 -29.27 23.16
C ARG A 431 29.45 -27.99 23.16
N GLN A 432 30.11 -26.85 22.96
CA GLN A 432 29.40 -25.58 22.84
C GLN A 432 28.50 -25.56 21.61
N LEU A 433 28.93 -26.22 20.54
CA LEU A 433 28.17 -26.26 19.31
C LEU A 433 26.92 -27.12 19.48
N GLU A 434 27.06 -28.27 20.14
CA GLU A 434 25.89 -29.12 20.40
C GLU A 434 24.92 -28.44 21.36
N LEU A 435 25.45 -27.70 22.34
CA LEU A 435 24.59 -26.94 23.24
C LEU A 435 23.84 -25.84 22.50
N ALA A 436 24.51 -25.16 21.58
CA ALA A 436 23.84 -24.11 20.83
C ALA A 436 22.84 -24.69 19.83
N VAL A 437 23.11 -25.88 19.31
CA VAL A 437 22.21 -26.50 18.36
C VAL A 437 20.95 -26.98 19.05
N ALA A 438 21.11 -27.59 20.23
CA ALA A 438 19.95 -27.95 21.02
C ALA A 438 19.23 -26.73 21.57
N TRP A 439 19.95 -25.62 21.74
CA TRP A 439 19.30 -24.38 22.16
C TRP A 439 18.48 -23.78 21.02
N ASN A 440 18.84 -24.08 19.78
CA ASN A 440 18.11 -23.69 18.57
C ASN A 440 18.00 -22.16 18.44
N ARG A 441 19.08 -21.47 18.81
CA ARG A 441 19.20 -20.02 18.61
C ARG A 441 20.38 -19.77 17.69
N VAL A 442 20.10 -19.25 16.50
CA VAL A 442 21.13 -19.18 15.46
C VAL A 442 22.12 -18.07 15.74
N ASP A 443 21.62 -16.86 16.00
CA ASP A 443 22.48 -15.69 16.14
C ASP A 443 23.34 -15.74 17.38
N ILE A 444 22.92 -16.49 18.40
CA ILE A 444 23.77 -16.69 19.57
C ILE A 444 24.94 -17.59 19.22
N ALA A 445 24.74 -18.52 18.30
CA ALA A 445 25.82 -19.41 17.91
C ALA A 445 26.72 -18.81 16.85
N GLU A 446 26.20 -17.83 16.09
CA GLU A 446 26.88 -17.36 14.90
C GLU A 446 28.17 -16.63 15.24
N SER A 447 28.08 -15.62 16.12
CA SER A 447 29.25 -14.79 16.41
C SER A 447 30.26 -15.53 17.28
N GLU A 448 29.77 -16.39 18.18
CA GLU A 448 30.68 -17.10 19.07
C GLU A 448 31.33 -18.29 18.37
N ILE A 449 30.51 -19.23 17.88
CA ILE A 449 31.06 -20.48 17.37
C ILE A 449 31.63 -20.38 15.97
N PHE A 450 31.35 -19.31 15.24
CA PHE A 450 31.87 -19.12 13.88
C PHE A 450 32.47 -17.73 13.78
N THR A 451 33.75 -17.62 14.12
CA THR A 451 34.44 -16.36 13.96
C THR A 451 34.80 -16.14 12.49
N GLU A 452 35.16 -14.91 12.16
CA GLU A 452 35.62 -14.62 10.81
C GLU A 452 37.01 -15.19 10.53
N GLU A 453 37.76 -15.52 11.57
CA GLU A 453 39.06 -16.18 11.45
C GLU A 453 38.98 -17.63 11.92
N SER A 454 37.92 -18.35 11.54
CA SER A 454 37.65 -19.66 12.10
C SER A 454 38.57 -20.73 11.50
N GLN A 455 38.50 -20.92 10.18
CA GLN A 455 39.22 -21.96 9.43
C GLN A 455 38.89 -23.36 9.98
N TRP A 456 37.64 -23.75 9.75
CA TRP A 456 37.15 -25.08 10.08
C TRP A 456 37.54 -26.06 8.97
N THR A 457 36.98 -27.26 9.00
CA THR A 457 37.05 -28.18 7.87
C THR A 457 35.70 -28.87 7.74
N SER A 458 35.61 -29.83 6.82
CA SER A 458 34.36 -30.55 6.63
C SER A 458 34.21 -31.72 7.58
N SER A 459 35.31 -32.39 7.94
CA SER A 459 35.21 -33.57 8.80
C SER A 459 34.94 -33.20 10.25
N ASP A 460 35.34 -32.01 10.68
CA ASP A 460 35.17 -31.64 12.07
C ASP A 460 33.75 -31.19 12.41
N LEU A 461 32.93 -30.93 11.40
CA LEU A 461 31.64 -30.29 11.66
C LEU A 461 30.46 -31.22 11.47
N HIS A 462 30.54 -32.13 10.52
CA HIS A 462 29.39 -32.87 10.06
C HIS A 462 28.64 -33.77 11.07
N PRO A 463 29.19 -34.22 12.21
CA PRO A 463 28.28 -34.80 13.21
C PRO A 463 27.28 -33.81 13.77
N ALA A 464 27.66 -32.54 13.91
CA ALA A 464 26.69 -31.54 14.34
C ALA A 464 25.64 -31.30 13.28
N MET A 465 26.04 -31.37 12.00
CA MET A 465 25.07 -31.28 10.93
C MET A 465 24.17 -32.50 10.89
N PHE A 466 24.69 -33.66 11.29
CA PHE A 466 23.88 -34.87 11.38
C PHE A 466 22.80 -34.71 12.44
N SER A 467 23.19 -34.25 13.63
CA SER A 467 22.21 -34.07 14.69
C SER A 467 21.24 -32.92 14.39
N ALA A 468 21.70 -31.90 13.67
CA ALA A 468 20.81 -30.82 13.29
C ALA A 468 19.93 -31.20 12.11
N LEU A 469 20.30 -32.24 11.38
CA LEU A 469 19.44 -32.80 10.36
C LEU A 469 18.40 -33.73 10.97
N VAL A 470 18.73 -34.34 12.11
CA VAL A 470 17.77 -35.22 12.79
C VAL A 470 16.56 -34.43 13.29
N GLY A 471 16.75 -33.17 13.66
CA GLY A 471 15.65 -32.30 13.98
C GLY A 471 15.36 -31.35 12.84
N ASP A 472 14.19 -30.71 12.89
CA ASP A 472 13.77 -29.78 11.86
C ASP A 472 14.41 -28.42 12.14
N LYS A 473 15.68 -28.29 11.77
CA LYS A 473 16.46 -27.08 11.99
C LYS A 473 16.89 -26.51 10.64
N PRO A 474 16.08 -25.66 10.02
CA PRO A 474 16.49 -25.11 8.72
C PRO A 474 17.57 -24.05 8.83
N GLU A 475 17.51 -23.18 9.84
CA GLU A 475 18.48 -22.11 9.96
C GLU A 475 19.86 -22.66 10.25
N PHE A 476 19.95 -23.71 11.05
CA PHE A 476 21.24 -24.30 11.32
C PHE A 476 21.76 -25.11 10.16
N VAL A 477 20.90 -25.72 9.34
CA VAL A 477 21.48 -26.46 8.23
C VAL A 477 21.92 -25.50 7.13
N ARG A 478 21.26 -24.35 6.99
CA ARG A 478 21.79 -23.31 6.11
C ARG A 478 23.07 -22.71 6.67
N LEU A 479 23.19 -22.62 8.00
CA LEU A 479 24.39 -22.05 8.57
C LEU A 479 25.57 -23.00 8.42
N LEU A 480 25.34 -24.30 8.59
CA LEU A 480 26.40 -25.26 8.38
C LEU A 480 26.76 -25.38 6.91
N LEU A 481 25.79 -25.20 6.02
CA LEU A 481 26.07 -25.34 4.61
C LEU A 481 26.81 -24.11 4.09
N GLU A 482 26.46 -22.93 4.60
CA GLU A 482 27.14 -21.71 4.19
C GLU A 482 28.50 -21.56 4.85
N ASN A 483 28.76 -22.22 5.97
CA ASN A 483 30.04 -22.06 6.64
C ASN A 483 31.01 -23.18 6.37
N GLY A 484 30.67 -24.17 5.54
CA GLY A 484 31.69 -25.11 5.16
C GLY A 484 31.39 -26.60 5.07
N VAL A 485 30.14 -27.03 5.26
CA VAL A 485 29.83 -28.44 5.09
C VAL A 485 29.67 -28.75 3.61
N CYS A 486 30.45 -29.70 3.12
CA CYS A 486 30.37 -30.15 1.74
C CYS A 486 29.55 -31.44 1.72
N VAL A 487 28.36 -31.38 1.11
CA VAL A 487 27.42 -32.50 1.17
C VAL A 487 27.85 -33.71 0.37
N ARG A 488 28.82 -33.58 -0.53
CA ARG A 488 29.35 -34.75 -1.20
C ARG A 488 30.18 -35.59 -0.24
N GLU A 489 31.01 -34.94 0.58
CA GLU A 489 31.83 -35.70 1.51
C GLU A 489 31.04 -36.23 2.68
N PHE A 490 29.97 -35.54 3.08
CA PHE A 490 29.19 -35.97 4.24
C PHE A 490 28.45 -37.28 3.98
N LEU A 491 28.07 -37.54 2.75
CA LEU A 491 27.52 -38.83 2.38
C LEU A 491 28.68 -39.65 1.83
N GLU A 492 29.31 -40.42 2.70
CA GLU A 492 30.35 -41.35 2.27
C GLU A 492 30.19 -42.73 2.88
N ARG A 493 29.19 -42.94 3.73
CA ARG A 493 28.90 -44.26 4.30
C ARG A 493 27.39 -44.40 4.40
N GLU A 494 26.88 -45.51 3.87
CA GLU A 494 25.43 -45.71 3.75
C GLU A 494 24.74 -45.87 5.09
N GLU A 495 25.49 -46.16 6.15
CA GLU A 495 24.90 -46.24 7.48
C GLU A 495 24.40 -44.88 7.95
N THR A 496 25.03 -43.79 7.47
CA THR A 496 24.53 -42.45 7.76
C THR A 496 23.14 -42.24 7.17
N LEU A 497 22.94 -42.65 5.92
CA LEU A 497 21.61 -42.59 5.32
C LEU A 497 20.64 -43.52 6.01
N CYS A 498 21.12 -44.70 6.43
CA CYS A 498 20.28 -45.66 7.12
C CYS A 498 19.78 -45.10 8.46
N GLU A 499 20.66 -44.42 9.19
CA GLU A 499 20.25 -43.78 10.43
C GLU A 499 19.36 -42.58 10.17
N LEU A 500 19.59 -41.86 9.07
CA LEU A 500 18.78 -40.68 8.77
C LEU A 500 17.37 -41.06 8.38
N TYR A 501 17.18 -42.23 7.75
CA TYR A 501 15.84 -42.74 7.60
C TYR A 501 15.34 -43.40 8.87
N SER A 502 16.24 -43.87 9.72
CA SER A 502 15.82 -44.51 10.97
C SER A 502 15.33 -43.50 11.99
N HIS A 503 15.71 -42.23 11.87
CA HIS A 503 15.31 -41.22 12.83
C HIS A 503 14.17 -40.34 12.29
N LEU A 504 13.47 -40.81 11.27
CA LEU A 504 12.41 -40.03 10.64
C LEU A 504 11.25 -39.88 11.62
N PRO A 505 10.89 -38.66 12.01
CA PRO A 505 9.91 -38.48 13.10
C PRO A 505 8.47 -38.88 12.81
N SER A 506 7.82 -38.30 11.80
CA SER A 506 6.37 -38.46 11.69
C SER A 506 5.93 -38.23 10.24
N CYS A 507 5.61 -39.32 9.54
CA CYS A 507 5.10 -39.22 8.18
C CYS A 507 4.01 -40.26 7.98
N PHE A 508 3.21 -40.03 6.94
CA PHE A 508 2.39 -41.12 6.42
C PHE A 508 3.27 -42.21 5.83
N PHE A 509 4.42 -41.80 5.27
CA PHE A 509 5.42 -42.75 4.80
C PHE A 509 6.00 -43.56 5.93
N LEU A 510 6.00 -43.03 7.16
CA LEU A 510 6.39 -43.84 8.30
C LEU A 510 5.41 -44.99 8.50
N ARG A 511 4.12 -44.73 8.30
CA ARG A 511 3.13 -45.79 8.40
C ARG A 511 3.25 -46.78 7.25
N LYS A 512 3.54 -46.28 6.05
CA LYS A 512 3.75 -47.18 4.91
C LYS A 512 5.02 -48.01 5.09
N LEU A 513 6.04 -47.45 5.74
CA LEU A 513 7.23 -48.20 6.06
C LEU A 513 6.96 -49.23 7.15
N ALA A 514 6.09 -48.90 8.10
CA ALA A 514 5.67 -49.86 9.12
C ALA A 514 4.90 -51.02 8.50
N LYS A 515 4.12 -50.74 7.47
CA LYS A 515 3.44 -51.83 6.75
C LYS A 515 4.42 -52.64 5.91
N ARG A 516 5.40 -51.97 5.29
CA ARG A 516 6.30 -52.66 4.37
C ARG A 516 7.31 -53.52 5.11
N VAL A 517 7.80 -53.06 6.26
CA VAL A 517 8.80 -53.82 7.00
C VAL A 517 8.15 -55.02 7.68
N GLN A 518 7.08 -54.78 8.44
CA GLN A 518 6.46 -55.83 9.23
C GLN A 518 5.62 -56.79 8.38
N CYS A 536 17.21 -51.47 7.20
CA CYS A 536 17.91 -51.73 5.95
C CYS A 536 17.33 -50.89 4.82
N LEU A 537 18.20 -50.48 3.90
CA LEU A 537 17.82 -49.51 2.87
C LEU A 537 17.01 -50.11 1.73
N SER A 538 17.16 -51.41 1.48
CA SER A 538 16.52 -52.02 0.31
C SER A 538 15.00 -52.10 0.48
N HIS A 539 14.54 -52.32 1.71
CA HIS A 539 13.10 -52.29 1.98
C HIS A 539 12.53 -50.89 1.75
N VAL A 540 13.32 -49.86 2.09
CA VAL A 540 12.91 -48.49 1.84
C VAL A 540 12.89 -48.19 0.35
N SER A 541 13.86 -48.71 -0.39
CA SER A 541 13.89 -48.50 -1.84
C SER A 541 12.71 -49.20 -2.52
N GLU A 542 12.34 -50.38 -2.04
CA GLU A 542 11.15 -51.06 -2.56
C GLU A 542 9.88 -50.29 -2.21
N GLU A 543 9.82 -49.72 -1.00
CA GLU A 543 8.65 -48.94 -0.62
C GLU A 543 8.52 -47.67 -1.44
N VAL A 544 9.64 -47.06 -1.84
CA VAL A 544 9.59 -45.90 -2.72
C VAL A 544 9.20 -46.31 -4.12
N ARG A 545 9.72 -47.45 -4.60
CA ARG A 545 9.39 -47.95 -5.92
C ARG A 545 7.93 -48.34 -6.04
N HIS A 546 7.30 -48.68 -4.91
CA HIS A 546 5.83 -48.73 -4.88
C HIS A 546 5.21 -47.38 -5.19
N LEU A 547 5.78 -46.30 -4.66
CA LEU A 547 5.12 -45.00 -4.78
C LEU A 547 5.34 -44.38 -6.15
N LEU A 548 6.54 -44.52 -6.70
CA LEU A 548 6.83 -43.94 -8.00
C LEU A 548 6.32 -44.77 -9.15
N GLY A 549 6.13 -46.06 -8.93
CA GLY A 549 5.66 -46.94 -9.99
C GLY A 549 6.56 -48.14 -10.17
N SER A 550 5.98 -49.29 -10.53
CA SER A 550 6.73 -50.51 -10.69
C SER A 550 7.62 -50.51 -11.92
N PHE A 551 7.44 -49.55 -12.83
CA PHE A 551 8.26 -49.51 -14.04
C PHE A 551 9.67 -49.00 -13.76
N THR A 552 9.83 -48.15 -12.75
CA THR A 552 11.14 -47.60 -12.43
C THR A 552 12.06 -48.66 -11.85
N GLN A 553 13.33 -48.60 -12.22
CA GLN A 553 14.35 -49.44 -11.62
C GLN A 553 14.50 -49.08 -10.13
N PRO A 554 14.90 -50.01 -9.28
CA PRO A 554 15.09 -49.67 -7.87
C PRO A 554 16.28 -48.77 -7.67
N LEU A 555 16.11 -47.80 -6.77
CA LEU A 555 17.16 -46.80 -6.59
C LEU A 555 18.31 -47.35 -5.76
N TYR A 556 18.03 -47.77 -4.54
CA TYR A 556 19.07 -48.22 -3.62
C TYR A 556 19.11 -49.74 -3.61
N ILE A 557 20.29 -50.30 -3.85
CA ILE A 557 20.53 -51.72 -3.66
C ILE A 557 21.49 -51.85 -2.49
N ALA A 558 21.78 -53.07 -2.07
CA ALA A 558 22.74 -53.27 -0.99
C ALA A 558 24.15 -52.95 -1.48
N SER A 559 24.96 -52.38 -0.58
CA SER A 559 26.33 -51.91 -0.82
C SER A 559 26.41 -50.91 -1.98
N VAL A 592 24.39 -45.45 -9.29
CA VAL A 592 24.95 -44.12 -9.09
C VAL A 592 24.54 -43.59 -7.74
N TRP A 593 25.50 -43.18 -6.93
CA TRP A 593 25.20 -42.86 -5.54
C TRP A 593 24.57 -41.47 -5.40
N ASP A 594 25.25 -40.41 -5.92
CA ASP A 594 24.72 -39.05 -6.12
C ASP A 594 24.11 -38.46 -4.86
N PRO A 595 24.91 -37.92 -3.95
CA PRO A 595 24.37 -37.50 -2.64
C PRO A 595 23.38 -36.35 -2.69
N GLY A 596 23.27 -35.63 -3.81
CA GLY A 596 22.26 -34.60 -3.91
C GLY A 596 20.84 -35.13 -3.83
N ARG A 597 20.54 -36.18 -4.60
CA ARG A 597 19.21 -36.77 -4.51
C ARG A 597 19.01 -37.49 -3.19
N ASP A 598 20.09 -37.98 -2.59
CA ASP A 598 19.99 -38.67 -1.32
C ASP A 598 19.61 -37.69 -0.22
N LEU A 599 20.08 -36.45 -0.32
CA LEU A 599 19.61 -35.45 0.62
C LEU A 599 18.25 -34.88 0.23
N PHE A 600 17.89 -34.92 -1.05
CA PHE A 600 16.61 -34.32 -1.42
C PHE A 600 15.44 -35.20 -1.06
N LEU A 601 15.59 -36.52 -1.19
CA LEU A 601 14.46 -37.41 -1.12
C LEU A 601 13.92 -37.52 0.31
N TRP A 602 14.84 -37.53 1.28
CA TRP A 602 14.51 -37.52 2.69
C TRP A 602 13.65 -36.33 3.05
N ALA A 603 13.95 -35.17 2.48
CA ALA A 603 13.20 -33.97 2.78
C ALA A 603 11.89 -33.91 2.03
N VAL A 604 11.84 -34.45 0.80
CA VAL A 604 10.61 -34.31 0.03
C VAL A 604 9.55 -35.30 0.53
N VAL A 605 9.98 -36.37 1.18
CA VAL A 605 9.00 -37.32 1.73
C VAL A 605 8.25 -36.73 2.91
N GLN A 606 8.97 -36.15 3.86
CA GLN A 606 8.41 -35.81 5.17
C GLN A 606 7.52 -34.58 5.17
N ASN A 607 7.31 -33.93 4.01
CA ASN A 607 6.52 -32.70 3.84
C ASN A 607 7.02 -31.59 4.77
N ASN A 608 8.25 -31.18 4.53
CA ASN A 608 8.88 -30.08 5.25
C ASN A 608 9.51 -29.17 4.21
N ARG A 609 8.92 -27.98 4.04
CA ARG A 609 9.15 -27.20 2.82
C ARG A 609 10.54 -26.59 2.79
N GLU A 610 11.07 -26.17 3.95
CA GLU A 610 12.38 -25.52 3.98
C GLU A 610 13.49 -26.50 3.62
N LEU A 611 13.45 -27.69 4.23
CA LEU A 611 14.40 -28.73 3.89
C LEU A 611 14.25 -29.17 2.44
N ALA A 612 13.02 -29.14 1.93
CA ALA A 612 12.77 -29.48 0.54
C ALA A 612 13.47 -28.51 -0.39
N GLU A 613 13.38 -27.21 -0.08
CA GLU A 613 14.01 -26.20 -0.94
C GLU A 613 15.53 -26.28 -0.88
N ILE A 614 16.08 -26.55 0.31
CA ILE A 614 17.53 -26.66 0.41
C ILE A 614 18.04 -27.88 -0.35
N GLY A 615 17.36 -29.02 -0.17
CA GLY A 615 17.72 -30.21 -0.91
C GLY A 615 17.60 -30.04 -2.41
N TRP A 616 16.62 -29.23 -2.85
CA TRP A 616 16.48 -29.07 -4.28
C TRP A 616 17.55 -28.17 -4.86
N GLU A 617 17.87 -27.06 -4.19
CA GLU A 617 18.86 -26.19 -4.81
C GLU A 617 20.27 -26.75 -4.70
N GLN A 618 20.50 -27.73 -3.82
CA GLN A 618 21.83 -28.33 -3.79
C GLN A 618 22.06 -29.28 -4.95
N CYS A 619 21.08 -30.14 -5.24
CA CYS A 619 21.34 -31.21 -6.20
C CYS A 619 21.33 -30.66 -7.63
N ARG A 620 21.90 -31.45 -8.54
CA ARG A 620 21.86 -31.18 -9.97
C ARG A 620 20.95 -32.19 -10.65
N ASP A 621 20.84 -32.07 -11.97
CA ASP A 621 19.92 -32.83 -12.83
C ASP A 621 18.47 -32.64 -12.36
N CYS A 622 18.03 -31.38 -12.47
CA CYS A 622 17.02 -30.86 -11.58
C CYS A 622 15.58 -31.04 -12.05
N ILE A 623 15.34 -31.00 -13.36
CA ILE A 623 13.97 -31.08 -13.86
C ILE A 623 13.37 -32.44 -13.54
N ALA A 624 14.16 -33.50 -13.67
CA ALA A 624 13.71 -34.83 -13.30
C ALA A 624 13.45 -34.92 -11.81
N ALA A 625 14.25 -34.21 -11.01
CA ALA A 625 14.06 -34.21 -9.56
C ALA A 625 12.75 -33.54 -9.18
N ALA A 626 12.44 -32.42 -9.83
CA ALA A 626 11.19 -31.71 -9.56
C ALA A 626 9.98 -32.54 -9.99
N LEU A 627 10.08 -33.21 -11.13
CA LEU A 627 8.93 -33.98 -11.58
C LEU A 627 8.75 -35.24 -10.75
N ALA A 628 9.84 -35.85 -10.29
CA ALA A 628 9.73 -36.97 -9.38
C ALA A 628 9.09 -36.55 -8.07
N ALA A 629 9.41 -35.34 -7.61
CA ALA A 629 8.78 -34.80 -6.42
C ALA A 629 7.29 -34.61 -6.62
N SER A 630 6.89 -34.11 -7.80
CA SER A 630 5.47 -33.92 -8.07
C SER A 630 4.73 -35.25 -8.14
N LYS A 631 5.34 -36.27 -8.75
CA LYS A 631 4.70 -37.56 -8.88
C LYS A 631 4.53 -38.24 -7.52
N ILE A 632 5.58 -38.25 -6.70
CA ILE A 632 5.41 -38.93 -5.42
C ILE A 632 4.59 -38.10 -4.45
N LEU A 633 4.48 -36.78 -4.65
CA LEU A 633 3.59 -36.03 -3.78
C LEU A 633 2.13 -36.26 -4.15
N ARG A 634 1.81 -36.39 -5.44
CA ARG A 634 0.46 -36.77 -5.82
C ARG A 634 0.13 -38.17 -5.34
N LYS A 635 1.10 -39.09 -5.41
CA LYS A 635 0.84 -40.45 -4.96
C LYS A 635 0.63 -40.52 -3.45
N LEU A 636 1.39 -39.74 -2.68
CA LEU A 636 1.16 -39.74 -1.24
C LEU A 636 -0.14 -39.03 -0.87
N ALA A 637 -0.57 -38.05 -1.66
CA ALA A 637 -1.85 -37.41 -1.40
C ALA A 637 -3.00 -38.36 -1.68
N GLN A 638 -2.89 -39.18 -2.72
CA GLN A 638 -3.94 -40.16 -2.98
C GLN A 638 -3.91 -41.28 -1.95
N GLU A 639 -2.73 -41.76 -1.56
CA GLU A 639 -2.64 -42.88 -0.64
C GLU A 639 -3.00 -42.49 0.79
N SER A 640 -2.76 -41.25 1.19
CA SER A 640 -3.02 -40.85 2.57
C SER A 640 -4.51 -40.76 2.83
N GLY A 641 -5.20 -39.88 2.12
CA GLY A 641 -6.63 -39.73 2.25
C GLY A 641 -7.08 -39.17 3.59
N GLU A 642 -7.70 -40.02 4.39
CA GLU A 642 -8.18 -39.61 5.70
C GLU A 642 -7.02 -39.54 6.70
N ASP A 643 -7.33 -38.94 7.86
CA ASP A 643 -6.52 -38.83 9.08
C ASP A 643 -5.33 -37.88 8.96
N ASP A 644 -5.07 -37.35 7.76
CA ASP A 644 -4.02 -36.34 7.58
C ASP A 644 -4.47 -35.28 6.57
N SER A 645 -5.71 -34.80 6.72
CA SER A 645 -6.37 -34.03 5.66
C SER A 645 -5.72 -32.66 5.44
N GLU A 646 -5.34 -31.98 6.53
CA GLU A 646 -4.59 -30.74 6.38
C GLU A 646 -3.20 -30.99 5.82
N GLU A 647 -2.56 -32.07 6.26
CA GLU A 647 -1.30 -32.49 5.66
C GLU A 647 -1.49 -32.88 4.21
N ALA A 648 -2.67 -33.43 3.86
CA ALA A 648 -2.94 -33.81 2.48
C ALA A 648 -3.02 -32.58 1.57
N THR A 649 -3.74 -31.54 2.01
CA THR A 649 -3.77 -30.35 1.17
C THR A 649 -2.45 -29.58 1.21
N GLU A 650 -1.66 -29.73 2.27
CA GLU A 650 -0.30 -29.18 2.25
C GLU A 650 0.57 -29.93 1.23
N MET A 651 0.39 -31.24 1.12
CA MET A 651 1.10 -32.02 0.11
C MET A 651 0.71 -31.60 -1.30
N LEU A 652 -0.59 -31.33 -1.51
CA LEU A 652 -1.03 -30.85 -2.82
C LEU A 652 -0.46 -29.47 -3.13
N GLU A 653 -0.35 -28.61 -2.12
CA GLU A 653 0.27 -27.30 -2.30
C GLU A 653 1.74 -27.44 -2.69
N LEU A 654 2.47 -28.33 -2.01
CA LEU A 654 3.89 -28.53 -2.31
C LEU A 654 4.08 -29.10 -3.72
N ALA A 655 3.18 -29.99 -4.13
CA ALA A 655 3.28 -30.60 -5.45
C ALA A 655 3.07 -29.57 -6.54
N ASN A 656 2.08 -28.70 -6.37
CA ASN A 656 1.87 -27.67 -7.38
C ASN A 656 2.99 -26.63 -7.36
N HIS A 657 3.60 -26.41 -6.19
CA HIS A 657 4.78 -25.55 -6.13
C HIS A 657 5.93 -26.10 -6.97
N TYR A 658 6.24 -27.38 -6.81
CA TYR A 658 7.35 -27.94 -7.56
C TYR A 658 7.05 -28.07 -9.05
N GLU A 659 5.78 -28.22 -9.42
CA GLU A 659 5.46 -28.16 -10.85
C GLU A 659 5.71 -26.78 -11.42
N LYS A 660 5.33 -25.73 -10.69
CA LYS A 660 5.66 -24.36 -11.11
C LYS A 660 7.16 -24.13 -11.14
N GLN A 661 7.89 -24.80 -10.25
CA GLN A 661 9.34 -24.63 -10.18
C GLN A 661 10.01 -25.23 -11.41
N ALA A 662 9.57 -26.42 -11.82
CA ALA A 662 10.13 -27.05 -13.00
C ALA A 662 9.77 -26.29 -14.27
N ILE A 663 8.55 -25.74 -14.35
CA ILE A 663 8.26 -25.00 -15.58
C ILE A 663 9.00 -23.67 -15.62
N GLY A 664 9.38 -23.10 -14.47
CA GLY A 664 10.25 -21.93 -14.51
C GLY A 664 11.65 -22.25 -15.00
N VAL A 665 12.22 -23.37 -14.51
CA VAL A 665 13.56 -23.78 -14.93
C VAL A 665 13.58 -24.07 -16.43
N PHE A 666 12.57 -24.78 -16.92
CA PHE A 666 12.55 -25.07 -18.34
C PHE A 666 12.22 -23.83 -19.15
N SER A 667 11.52 -22.85 -18.56
CA SER A 667 11.26 -21.60 -19.25
C SER A 667 12.56 -20.86 -19.54
N GLU A 668 13.43 -20.76 -18.54
CA GLU A 668 14.70 -20.08 -18.78
C GLU A 668 15.59 -20.89 -19.72
N CYS A 669 15.60 -22.22 -19.57
CA CYS A 669 16.43 -23.08 -20.42
C CYS A 669 15.99 -23.00 -21.87
N HIS A 670 14.70 -22.84 -22.12
CA HIS A 670 14.22 -22.74 -23.48
C HIS A 670 14.30 -21.33 -24.03
N SER A 671 14.30 -20.32 -23.16
CA SER A 671 14.52 -18.96 -23.64
C SER A 671 15.95 -18.77 -24.09
N TRP A 672 16.88 -19.55 -23.54
CA TRP A 672 18.28 -19.35 -23.93
C TRP A 672 18.56 -19.96 -25.31
N ASP A 673 18.43 -21.27 -25.44
CA ASP A 673 18.63 -21.95 -26.72
C ASP A 673 17.40 -22.78 -27.02
N ALA A 674 17.35 -23.31 -28.24
CA ALA A 674 16.17 -24.05 -28.67
C ALA A 674 16.49 -25.50 -28.98
N GLN A 675 17.46 -25.77 -29.85
CA GLN A 675 17.64 -27.09 -30.43
C GLN A 675 18.32 -28.07 -29.48
N ARG A 676 18.65 -27.65 -28.26
CA ARG A 676 19.19 -28.56 -27.28
C ARG A 676 18.19 -28.96 -26.21
N ALA A 677 17.10 -28.20 -26.05
CA ALA A 677 16.15 -28.48 -24.96
C ALA A 677 15.42 -29.78 -25.19
N GLN A 678 15.25 -30.16 -26.46
CA GLN A 678 14.71 -31.46 -26.77
C GLN A 678 15.63 -32.58 -26.28
N LYS A 679 16.93 -32.32 -26.20
CA LYS A 679 17.81 -33.32 -25.61
C LYS A 679 17.66 -33.40 -24.10
N LEU A 680 17.11 -32.36 -23.45
CA LEU A 680 16.73 -32.53 -22.06
C LEU A 680 15.46 -33.33 -21.93
N LEU A 681 14.52 -33.12 -22.85
CA LEU A 681 13.21 -33.74 -22.68
C LEU A 681 13.24 -35.24 -22.92
N ILE A 682 14.02 -35.69 -23.91
CA ILE A 682 13.98 -37.09 -24.28
C ILE A 682 15.03 -37.93 -23.59
N ARG A 683 15.96 -37.31 -22.86
CA ARG A 683 17.03 -38.07 -22.25
C ARG A 683 16.51 -38.88 -21.07
N ILE A 684 17.31 -39.82 -20.62
CA ILE A 684 17.02 -40.47 -19.36
C ILE A 684 18.10 -40.11 -18.36
N SER A 685 17.79 -40.29 -17.12
CA SER A 685 18.74 -40.00 -16.09
C SER A 685 19.14 -41.29 -15.42
N PRO A 686 20.41 -41.49 -15.11
CA PRO A 686 20.79 -42.67 -14.33
C PRO A 686 20.28 -42.62 -12.92
N SER A 687 20.10 -41.43 -12.36
CA SER A 687 19.30 -41.30 -11.16
C SER A 687 17.83 -41.32 -11.52
N TRP A 688 16.98 -41.51 -10.49
CA TRP A 688 15.53 -41.59 -10.60
C TRP A 688 15.08 -42.71 -11.54
N GLY A 689 15.61 -43.91 -11.29
CA GLY A 689 15.38 -44.98 -12.24
C GLY A 689 16.12 -44.72 -13.53
N ARG A 690 15.50 -45.10 -14.64
CA ARG A 690 15.93 -44.66 -15.97
C ARG A 690 14.65 -44.19 -16.64
N SER A 691 14.25 -42.95 -16.37
CA SER A 691 12.93 -42.46 -16.75
C SER A 691 13.06 -41.07 -17.34
N THR A 692 12.55 -40.90 -18.56
CA THR A 692 12.54 -39.60 -19.18
C THR A 692 11.49 -38.73 -18.54
N CYS A 693 11.71 -37.41 -18.57
CA CYS A 693 10.85 -36.49 -17.87
C CYS A 693 9.46 -36.38 -18.49
N LEU A 694 9.30 -36.75 -19.76
CA LEU A 694 7.95 -36.80 -20.32
C LEU A 694 7.10 -37.84 -19.63
N TRP A 695 7.64 -39.05 -19.47
CA TRP A 695 6.90 -40.10 -18.76
C TRP A 695 6.64 -39.73 -17.31
N LEU A 696 7.57 -39.01 -16.69
CA LEU A 696 7.37 -38.58 -15.31
C LEU A 696 6.30 -37.51 -15.22
N ALA A 697 6.19 -36.66 -16.24
CA ALA A 697 5.10 -35.70 -16.26
C ALA A 697 3.76 -36.38 -16.48
N LEU A 698 3.76 -37.41 -17.33
CA LEU A 698 2.50 -38.02 -17.72
C LEU A 698 1.96 -38.95 -16.65
N GLU A 699 2.82 -39.72 -16.00
CA GLU A 699 2.35 -40.60 -14.93
C GLU A 699 1.94 -39.82 -13.69
N ALA A 700 2.39 -38.58 -13.56
CA ALA A 700 1.95 -37.71 -12.48
C ALA A 700 0.73 -36.90 -12.83
N HIS A 701 0.39 -36.82 -14.12
CA HIS A 701 -0.67 -35.96 -14.66
C HIS A 701 -0.47 -34.50 -14.25
N ASP A 702 0.78 -34.05 -14.32
CA ASP A 702 1.09 -32.64 -14.05
C ASP A 702 0.62 -31.83 -15.26
N LYS A 703 -0.61 -31.34 -15.21
CA LYS A 703 -1.28 -30.82 -16.38
C LYS A 703 -0.80 -29.44 -16.79
N SER A 704 0.11 -28.81 -16.06
CA SER A 704 0.60 -27.52 -16.48
C SER A 704 1.88 -27.62 -17.29
N PHE A 705 2.78 -28.53 -16.90
CA PHE A 705 4.11 -28.60 -17.51
C PHE A 705 4.05 -29.03 -18.95
N ILE A 706 3.07 -29.86 -19.33
CA ILE A 706 2.98 -30.32 -20.69
C ILE A 706 2.22 -29.34 -21.56
N ALA A 707 1.67 -28.29 -20.98
CA ALA A 707 1.05 -27.23 -21.76
C ALA A 707 2.04 -26.09 -21.99
N HIS A 708 3.20 -26.44 -22.52
CA HIS A 708 4.25 -25.48 -22.79
C HIS A 708 4.54 -25.53 -24.29
N SER A 709 5.15 -24.46 -24.81
CA SER A 709 5.32 -24.36 -26.25
C SER A 709 6.36 -25.34 -26.76
N GLY A 710 7.45 -25.52 -26.00
CA GLY A 710 8.51 -26.40 -26.47
C GLY A 710 8.13 -27.87 -26.43
N VAL A 711 7.40 -28.27 -25.40
CA VAL A 711 7.01 -29.67 -25.30
C VAL A 711 5.94 -30.01 -26.35
N GLN A 712 5.07 -29.06 -26.68
CA GLN A 712 4.13 -29.30 -27.77
C GLN A 712 4.84 -29.28 -29.12
N ALA A 713 5.93 -28.52 -29.22
CA ALA A 713 6.75 -28.58 -30.44
C ALA A 713 7.42 -29.93 -30.59
N LEU A 714 7.83 -30.55 -29.48
CA LEU A 714 8.41 -31.89 -29.58
C LEU A 714 7.36 -32.91 -29.94
N LEU A 715 6.16 -32.78 -29.37
CA LEU A 715 5.08 -33.70 -29.75
C LEU A 715 4.69 -33.54 -31.21
N THR A 716 4.65 -32.30 -31.70
CA THR A 716 4.39 -32.06 -33.11
C THR A 716 5.47 -32.66 -33.99
N GLN A 717 6.72 -32.51 -33.61
CA GLN A 717 7.80 -33.08 -34.41
C GLN A 717 7.90 -34.60 -34.29
N ILE A 718 7.21 -35.22 -33.33
CA ILE A 718 7.05 -36.66 -33.40
C ILE A 718 5.85 -37.04 -34.25
N TRP A 719 4.80 -36.21 -34.23
CA TRP A 719 3.59 -36.48 -35.00
C TRP A 719 3.86 -36.43 -36.50
N CYS A 720 4.56 -35.40 -36.95
CA CYS A 720 4.86 -35.25 -38.36
C CYS A 720 6.03 -36.10 -38.83
N GLY A 721 6.45 -37.10 -38.05
CA GLY A 721 7.31 -38.21 -38.41
C GLY A 721 8.63 -37.78 -39.03
N GLU A 722 9.02 -38.48 -40.08
CA GLU A 722 10.17 -38.06 -40.87
C GLU A 722 9.85 -36.89 -41.78
N LEU A 723 8.57 -36.58 -41.99
CA LEU A 723 8.19 -35.47 -42.83
C LEU A 723 8.41 -34.14 -42.12
N SER A 724 8.21 -33.05 -42.85
CA SER A 724 8.35 -31.72 -42.29
C SER A 724 7.10 -31.35 -41.49
N VAL A 725 7.09 -30.14 -40.97
CA VAL A 725 5.95 -29.65 -40.19
C VAL A 725 5.44 -28.31 -40.73
N ASP A 726 5.86 -27.94 -41.94
CA ASP A 726 5.33 -26.75 -42.59
C ASP A 726 4.39 -27.07 -43.74
N ASN A 727 4.36 -28.32 -44.19
CA ASN A 727 3.50 -28.71 -45.31
C ASN A 727 2.07 -28.94 -44.83
N PRO A 728 1.06 -28.48 -45.58
CA PRO A 728 -0.32 -28.59 -45.12
C PRO A 728 -0.87 -29.99 -45.25
N HIS A 729 -2.06 -30.18 -44.67
CA HIS A 729 -2.64 -31.51 -44.51
C HIS A 729 -3.34 -32.02 -45.76
N TRP A 730 -3.83 -31.13 -46.61
CA TRP A 730 -4.41 -31.58 -47.87
C TRP A 730 -3.32 -32.11 -48.80
N LYS A 731 -2.11 -31.56 -48.69
CA LYS A 731 -0.96 -32.16 -49.36
C LYS A 731 -0.65 -33.54 -48.79
N VAL A 732 -0.92 -33.75 -47.50
CA VAL A 732 -0.69 -35.06 -46.89
C VAL A 732 -1.69 -36.08 -47.42
N LEU A 733 -2.97 -35.69 -47.53
CA LEU A 733 -3.96 -36.61 -48.09
C LEU A 733 -3.73 -36.86 -49.57
N LEU A 734 -3.29 -35.83 -50.31
CA LEU A 734 -2.95 -36.01 -51.71
C LEU A 734 -1.73 -36.91 -51.88
N CYS A 735 -0.84 -36.90 -50.89
CA CYS A 735 0.24 -37.88 -50.86
C CYS A 735 -0.28 -39.27 -50.50
N MET A 736 -1.34 -39.35 -49.70
CA MET A 736 -1.89 -40.62 -49.27
C MET A 736 -2.64 -41.32 -50.40
N ILE A 737 -3.27 -40.55 -51.29
CA ILE A 737 -4.05 -41.13 -52.37
C ILE A 737 -3.12 -41.70 -53.44
N PHE A 738 -2.30 -40.85 -54.06
CA PHE A 738 -1.32 -41.28 -55.05
C PHE A 738 -0.06 -41.75 -54.33
N PHE A 739 0.18 -43.06 -54.33
CA PHE A 739 1.29 -43.62 -53.57
C PHE A 739 2.67 -43.37 -54.18
N PRO A 740 2.94 -43.57 -55.51
CA PRO A 740 4.32 -43.31 -55.97
C PRO A 740 4.60 -41.86 -56.33
N LEU A 741 3.73 -40.94 -55.90
CA LEU A 741 3.90 -39.51 -56.17
C LEU A 741 4.80 -38.81 -55.14
N ILE A 742 5.49 -39.55 -54.27
CA ILE A 742 6.34 -38.94 -53.26
C ILE A 742 7.67 -38.44 -53.84
N TYR A 743 8.03 -38.91 -55.03
CA TYR A 743 9.29 -38.50 -55.64
C TYR A 743 9.21 -37.12 -56.28
N THR A 744 8.00 -36.65 -56.61
CA THR A 744 7.83 -35.33 -57.19
C THR A 744 8.06 -34.26 -56.12
N GLY A 745 8.07 -33.00 -56.56
CA GLY A 745 8.42 -31.95 -55.62
C GLY A 745 7.25 -31.58 -54.75
N PHE A 746 7.22 -32.22 -53.57
CA PHE A 746 6.23 -32.08 -52.51
C PHE A 746 6.66 -32.96 -51.36
N LEU A 747 6.28 -32.59 -50.13
CA LEU A 747 6.46 -33.40 -48.92
C LEU A 747 7.93 -33.77 -48.68
N THR A 748 8.74 -32.73 -48.46
CA THR A 748 10.15 -32.96 -48.17
C THR A 748 10.31 -33.54 -46.77
N PHE A 749 11.21 -34.52 -46.66
CA PHE A 749 11.49 -35.15 -45.38
C PHE A 749 12.40 -34.24 -44.55
N ARG A 750 12.86 -34.73 -43.40
CA ARG A 750 13.68 -33.92 -42.52
C ARG A 750 15.17 -34.20 -42.63
N ARG A 751 15.56 -35.43 -43.01
CA ARG A 751 16.98 -35.71 -43.22
C ARG A 751 17.50 -35.03 -44.47
N ASP A 752 16.72 -35.05 -45.56
CA ASP A 752 17.11 -34.33 -46.76
C ASP A 752 17.04 -32.82 -46.55
N GLU A 753 16.09 -32.35 -45.74
CA GLU A 753 16.08 -30.94 -45.36
C GLU A 753 17.26 -30.60 -44.45
N ASP A 754 17.71 -31.56 -43.64
CA ASP A 754 18.91 -31.32 -42.84
C ASP A 754 20.15 -31.25 -43.71
N ILE A 755 20.21 -32.05 -44.78
CA ILE A 755 21.30 -31.95 -45.76
C ILE A 755 21.25 -30.59 -46.47
N GLN A 756 20.04 -30.12 -46.81
CA GLN A 756 19.91 -28.83 -47.46
C GLN A 756 20.31 -27.69 -46.53
N ARG A 757 19.98 -27.80 -45.24
CA ARG A 757 20.41 -26.79 -44.28
C ARG A 757 21.90 -26.84 -44.03
N GLN A 758 22.50 -28.03 -44.07
CA GLN A 758 23.95 -28.14 -43.88
C GLN A 758 24.72 -27.63 -45.10
N ALA A 759 24.13 -27.75 -46.29
CA ALA A 759 24.75 -27.16 -47.47
C ALA A 759 24.59 -25.64 -47.48
N GLU A 760 23.45 -25.15 -47.01
CA GLU A 760 23.22 -23.70 -46.96
C GLU A 760 23.90 -23.02 -45.78
N ARG A 761 24.48 -23.79 -44.84
CA ARG A 761 25.14 -23.20 -43.68
C ARG A 761 26.51 -22.63 -44.01
N THR A 762 27.04 -22.91 -45.19
CA THR A 762 28.37 -22.44 -45.60
C THR A 762 28.41 -20.93 -45.78
N CYS A 799 16.91 -44.71 -50.76
CA CYS A 799 16.28 -45.66 -51.68
C CYS A 799 14.87 -46.01 -51.20
N SER A 800 14.65 -47.30 -50.90
CA SER A 800 13.38 -47.75 -50.35
C SER A 800 13.23 -47.44 -48.87
N SER A 801 14.33 -47.11 -48.18
CA SER A 801 14.25 -46.76 -46.77
C SER A 801 13.49 -45.45 -46.57
N ARG A 802 13.55 -44.54 -47.54
CA ARG A 802 12.70 -43.35 -47.50
C ARG A 802 11.23 -43.70 -47.61
N LEU A 803 10.89 -44.73 -48.40
CA LEU A 803 9.51 -45.18 -48.51
C LEU A 803 9.03 -45.82 -47.22
N MET A 804 9.86 -46.68 -46.63
CA MET A 804 9.50 -47.33 -45.39
C MET A 804 9.47 -46.35 -44.22
N SER A 805 10.27 -45.29 -44.29
CA SER A 805 10.18 -44.24 -43.27
C SER A 805 8.95 -43.37 -43.48
N PHE A 806 8.50 -43.21 -44.73
CA PHE A 806 7.19 -42.60 -44.95
C PHE A 806 6.07 -43.49 -44.40
N LEU A 807 6.22 -44.80 -44.57
CA LEU A 807 5.19 -45.74 -44.10
C LEU A 807 5.11 -45.75 -42.58
N LYS A 808 6.23 -45.56 -41.89
CA LYS A 808 6.24 -45.60 -40.44
C LYS A 808 5.82 -44.28 -39.80
N SER A 809 5.45 -43.28 -40.59
CA SER A 809 4.96 -42.01 -40.05
C SER A 809 3.63 -42.24 -39.32
N PRO A 810 3.52 -41.88 -38.04
CA PRO A 810 2.26 -42.13 -37.32
C PRO A 810 1.09 -41.31 -37.82
N GLN A 811 1.35 -40.17 -38.47
CA GLN A 811 0.26 -39.38 -39.06
C GLN A 811 -0.40 -40.15 -40.19
N VAL A 812 0.40 -40.64 -41.14
CA VAL A 812 -0.19 -41.30 -42.29
C VAL A 812 -0.66 -42.70 -41.92
N LYS A 813 -0.08 -43.31 -40.88
CA LYS A 813 -0.62 -44.57 -40.39
C LYS A 813 -1.95 -44.36 -39.70
N PHE A 814 -2.14 -43.21 -39.05
CA PHE A 814 -3.44 -42.90 -38.46
C PHE A 814 -4.49 -42.65 -39.53
N TYR A 815 -4.13 -41.88 -40.58
CA TYR A 815 -5.06 -41.67 -41.70
C TYR A 815 -5.43 -42.97 -42.38
N TRP A 816 -4.44 -43.85 -42.55
CA TRP A 816 -4.67 -45.17 -43.12
C TRP A 816 -5.64 -45.99 -42.29
N ASN A 817 -5.46 -45.98 -40.97
CA ASN A 817 -6.33 -46.77 -40.10
C ASN A 817 -7.75 -46.23 -40.10
N ILE A 818 -7.92 -44.90 -40.08
CA ILE A 818 -9.30 -44.40 -40.04
C ILE A 818 -9.99 -44.56 -41.39
N ALA A 819 -9.25 -44.45 -42.51
CA ALA A 819 -9.90 -44.63 -43.80
C ALA A 819 -10.30 -46.08 -44.02
N SER A 820 -9.45 -47.03 -43.61
CA SER A 820 -9.84 -48.43 -43.76
C SER A 820 -10.94 -48.81 -42.78
N TYR A 821 -11.00 -48.17 -41.62
CA TYR A 821 -12.11 -48.41 -40.70
C TYR A 821 -13.41 -47.85 -41.24
N PHE A 822 -13.35 -46.69 -41.91
CA PHE A 822 -14.52 -46.12 -42.57
C PHE A 822 -15.04 -47.06 -43.66
N GLY A 823 -14.12 -47.66 -44.41
CA GLY A 823 -14.51 -48.65 -45.41
C GLY A 823 -15.14 -49.88 -44.79
N PHE A 824 -14.60 -50.34 -43.65
CA PHE A 824 -15.22 -51.44 -42.93
C PHE A 824 -16.63 -51.11 -42.44
N LEU A 825 -16.83 -49.89 -41.96
CA LEU A 825 -18.15 -49.45 -41.51
C LEU A 825 -19.16 -49.51 -42.67
N TRP A 826 -18.77 -48.96 -43.82
CA TRP A 826 -19.66 -48.94 -44.98
C TRP A 826 -19.93 -50.34 -45.53
N LEU A 827 -18.90 -51.19 -45.56
CA LEU A 827 -19.07 -52.55 -46.05
C LEU A 827 -19.94 -53.36 -45.10
N PHE A 828 -19.80 -53.14 -43.79
CA PHE A 828 -20.67 -53.83 -42.83
C PHE A 828 -22.11 -53.39 -43.00
N ALA A 829 -22.33 -52.11 -43.30
CA ALA A 829 -23.69 -51.62 -43.54
C ALA A 829 -24.33 -52.28 -44.75
N VAL A 830 -23.64 -52.25 -45.90
CA VAL A 830 -24.24 -52.79 -47.11
C VAL A 830 -24.36 -54.32 -47.05
N VAL A 831 -23.42 -55.00 -46.40
CA VAL A 831 -23.54 -56.45 -46.27
C VAL A 831 -24.63 -56.86 -45.29
N LEU A 832 -24.87 -56.07 -44.23
CA LEU A 832 -25.99 -56.42 -43.36
C LEU A 832 -27.33 -56.14 -44.05
N MET A 833 -27.37 -55.18 -44.98
CA MET A 833 -28.62 -54.96 -45.72
C MET A 833 -28.88 -56.04 -46.76
N ILE A 834 -27.89 -56.28 -47.63
CA ILE A 834 -28.18 -56.98 -48.87
C ILE A 834 -28.41 -58.48 -48.65
N ASP A 835 -27.89 -59.03 -47.55
CA ASP A 835 -28.13 -60.43 -47.24
C ASP A 835 -27.94 -60.66 -45.74
N PHE A 836 -28.78 -61.52 -45.16
CA PHE A 836 -28.60 -61.96 -43.79
C PHE A 836 -29.38 -63.26 -43.66
N GLN A 837 -28.67 -64.37 -43.51
CA GLN A 837 -29.26 -65.70 -43.66
C GLN A 837 -28.83 -66.58 -42.51
N THR A 838 -29.23 -67.85 -42.57
CA THR A 838 -28.85 -68.81 -41.55
C THR A 838 -27.38 -69.17 -41.66
N SER A 839 -26.93 -69.53 -42.87
CA SER A 839 -25.52 -69.77 -43.12
C SER A 839 -24.91 -68.52 -43.73
N PRO A 840 -23.81 -68.01 -43.18
CA PRO A 840 -23.26 -66.73 -43.65
C PRO A 840 -22.53 -66.88 -44.98
N SER A 841 -22.58 -65.82 -45.78
CA SER A 841 -21.90 -65.81 -47.07
C SER A 841 -20.41 -65.54 -46.89
N TRP A 842 -19.71 -65.37 -48.01
CA TRP A 842 -18.28 -65.08 -47.96
C TRP A 842 -18.01 -63.69 -47.44
N ARG A 843 -18.87 -62.72 -47.79
CA ARG A 843 -18.74 -61.36 -47.29
C ARG A 843 -18.94 -61.32 -45.78
N GLU A 844 -19.94 -62.07 -45.31
CA GLU A 844 -20.22 -62.14 -43.88
C GLU A 844 -19.05 -62.77 -43.13
N LEU A 845 -18.48 -63.85 -43.67
CA LEU A 845 -17.37 -64.53 -43.01
C LEU A 845 -16.11 -63.67 -42.99
N LEU A 846 -15.89 -62.89 -44.06
CA LEU A 846 -14.77 -61.96 -44.06
C LEU A 846 -14.97 -60.88 -43.00
N LEU A 847 -16.21 -60.46 -42.78
CA LEU A 847 -16.47 -59.51 -41.70
C LEU A 847 -16.35 -60.19 -40.33
N TYR A 848 -16.66 -61.48 -40.24
CA TYR A 848 -16.51 -62.19 -38.96
C TYR A 848 -15.05 -62.37 -38.58
N VAL A 849 -14.15 -62.52 -39.56
CA VAL A 849 -12.73 -62.52 -39.19
C VAL A 849 -12.17 -61.11 -39.05
N TRP A 850 -12.79 -60.12 -39.71
CA TRP A 850 -12.40 -58.73 -39.58
C TRP A 850 -12.56 -58.25 -38.15
N LEU A 851 -13.71 -58.53 -37.56
CA LEU A 851 -14.01 -58.07 -36.21
C LEU A 851 -13.10 -58.71 -35.18
N THR A 852 -12.82 -60.00 -35.32
CA THR A 852 -11.93 -60.63 -34.36
C THR A 852 -10.47 -60.25 -34.60
N SER A 853 -10.09 -59.85 -35.82
CA SER A 853 -8.73 -59.36 -36.00
C SER A 853 -8.56 -57.98 -35.39
N LEU A 854 -9.58 -57.12 -35.46
CA LEU A 854 -9.49 -55.84 -34.76
C LEU A 854 -9.54 -56.03 -33.25
N VAL A 855 -10.28 -57.03 -32.78
CA VAL A 855 -10.26 -57.39 -31.36
C VAL A 855 -8.86 -57.86 -30.96
N CYS A 856 -8.19 -58.60 -31.86
CA CYS A 856 -6.84 -59.07 -31.60
C CYS A 856 -5.84 -57.92 -31.59
N GLU A 857 -6.02 -56.93 -32.47
CA GLU A 857 -5.13 -55.78 -32.50
C GLU A 857 -5.30 -54.94 -31.24
N GLU A 858 -6.54 -54.77 -30.79
CA GLU A 858 -6.78 -54.03 -29.55
C GLU A 858 -6.23 -54.77 -28.34
N ILE A 859 -6.35 -56.09 -28.31
CA ILE A 859 -5.86 -56.79 -27.13
C ILE A 859 -4.33 -56.92 -27.15
N ARG A 860 -3.71 -56.98 -28.33
CA ARG A 860 -2.25 -56.95 -28.39
C ARG A 860 -1.72 -55.58 -28.07
N GLN A 861 -2.49 -54.54 -28.39
CA GLN A 861 -2.14 -53.19 -27.98
C GLN A 861 -2.21 -53.02 -26.48
N LEU A 862 -3.28 -53.53 -25.86
CA LEU A 862 -3.42 -53.40 -24.41
C LEU A 862 -2.53 -54.35 -23.64
N TYR A 863 -1.99 -55.38 -24.28
CA TYR A 863 -1.03 -56.27 -23.62
C TYR A 863 0.40 -55.83 -23.83
N HIS A 864 0.71 -55.26 -25.00
CA HIS A 864 2.08 -54.98 -25.41
C HIS A 864 2.50 -53.53 -25.20
N ASP A 865 1.67 -52.58 -25.65
CA ASP A 865 2.13 -51.19 -25.75
C ASP A 865 2.18 -50.51 -24.39
N PHE A 866 1.22 -50.82 -23.52
CA PHE A 866 1.19 -50.21 -22.19
C PHE A 866 2.33 -50.74 -21.33
N GLY A 870 1.00 -58.21 -16.94
CA GLY A 870 -0.18 -58.93 -16.50
C GLY A 870 -1.47 -58.34 -17.03
N PHE A 871 -2.51 -59.18 -17.02
CA PHE A 871 -3.80 -58.75 -17.53
C PHE A 871 -4.48 -57.74 -16.62
N ARG A 872 -4.11 -57.71 -15.33
CA ARG A 872 -4.65 -56.70 -14.42
C ARG A 872 -4.16 -55.30 -14.80
N ARG A 873 -2.86 -55.16 -15.05
CA ARG A 873 -2.33 -53.89 -15.52
C ARG A 873 -2.77 -53.60 -16.95
N LYS A 874 -2.99 -54.65 -17.74
CA LYS A 874 -3.50 -54.47 -19.10
C LYS A 874 -4.90 -53.89 -19.11
N ALA A 875 -5.76 -54.38 -18.20
CA ALA A 875 -7.08 -53.79 -18.05
C ALA A 875 -7.02 -52.43 -17.36
N LYS A 876 -6.00 -52.21 -16.52
CA LYS A 876 -5.81 -50.91 -15.90
C LYS A 876 -5.46 -49.85 -16.92
N MET A 877 -4.71 -50.22 -17.96
CA MET A 877 -4.50 -49.31 -19.09
C MET A 877 -5.75 -49.14 -19.93
N TYR A 878 -6.66 -50.10 -19.89
CA TYR A 878 -7.93 -50.00 -20.59
C TYR A 878 -9.01 -49.34 -19.77
N ILE A 879 -8.65 -48.75 -18.62
CA ILE A 879 -9.63 -48.04 -17.81
C ILE A 879 -10.08 -46.76 -18.50
N LYS A 880 -9.18 -46.11 -19.22
CA LYS A 880 -9.51 -44.90 -19.97
C LYS A 880 -9.91 -45.25 -21.40
N LEU A 882 -16.32 -42.46 -20.53
CA LEU A 882 -17.60 -42.87 -21.11
C LEU A 882 -17.37 -43.58 -22.43
N TRP A 883 -16.26 -43.29 -23.09
CA TRP A 883 -16.04 -43.83 -24.43
C TRP A 883 -15.70 -45.31 -24.39
N ASN A 884 -14.82 -45.70 -23.46
CA ASN A 884 -14.23 -47.03 -23.53
C ASN A 884 -15.22 -48.11 -23.12
N ILE A 885 -16.10 -47.82 -22.16
CA ILE A 885 -17.15 -48.76 -21.79
C ILE A 885 -18.12 -48.96 -22.93
N LEU A 886 -18.36 -47.89 -23.70
CA LEU A 886 -19.22 -47.96 -24.88
C LEU A 886 -18.59 -48.81 -25.98
N ASP A 887 -17.29 -48.62 -26.23
CA ASP A 887 -16.66 -49.35 -27.32
C ASP A 887 -16.47 -50.83 -26.97
N VAL A 888 -16.19 -51.12 -25.69
CA VAL A 888 -16.12 -52.53 -25.30
C VAL A 888 -17.51 -53.15 -25.24
N LEU A 889 -18.56 -52.35 -25.03
CA LEU A 889 -19.92 -52.87 -25.11
C LEU A 889 -20.27 -53.25 -26.54
N SER A 890 -19.83 -52.45 -27.51
CA SER A 890 -20.03 -52.84 -28.91
C SER A 890 -19.24 -54.09 -29.26
N ILE A 891 -17.99 -54.17 -28.80
CA ILE A 891 -17.14 -55.32 -29.11
C ILE A 891 -17.63 -56.61 -28.46
N VAL A 892 -18.32 -56.53 -27.33
CA VAL A 892 -18.90 -57.74 -26.76
C VAL A 892 -20.30 -58.02 -27.33
N LEU A 893 -21.01 -56.99 -27.76
CA LEU A 893 -22.35 -57.19 -28.31
C LEU A 893 -22.29 -57.81 -29.70
N PHE A 894 -21.17 -57.67 -30.42
CA PHE A 894 -21.05 -58.34 -31.71
C PHE A 894 -21.04 -59.86 -31.56
N ILE A 895 -20.22 -60.38 -30.65
CA ILE A 895 -20.19 -61.83 -30.44
C ILE A 895 -21.43 -62.28 -29.66
N ALA A 896 -22.05 -61.39 -28.89
CA ALA A 896 -23.38 -61.69 -28.33
C ALA A 896 -24.42 -61.89 -29.44
N GLY A 897 -24.38 -61.04 -30.46
CA GLY A 897 -25.28 -61.23 -31.59
C GLY A 897 -24.91 -62.44 -32.43
N LEU A 898 -23.63 -62.82 -32.45
CA LEU A 898 -23.22 -64.03 -33.16
C LEU A 898 -23.74 -65.28 -32.47
N ILE A 899 -23.63 -65.33 -31.13
CA ILE A 899 -24.10 -66.51 -30.42
C ILE A 899 -25.62 -66.54 -30.33
N CYS A 900 -26.28 -65.39 -30.51
CA CYS A 900 -27.73 -65.43 -30.69
C CYS A 900 -28.10 -65.86 -32.11
N ARG A 901 -27.28 -65.51 -33.09
CA ARG A 901 -27.65 -65.64 -34.50
C ARG A 901 -27.50 -67.07 -35.01
N LEU A 902 -26.45 -67.77 -34.56
CA LEU A 902 -26.01 -68.99 -35.24
C LEU A 902 -26.95 -70.17 -35.02
N GLN A 903 -27.85 -70.09 -34.05
CA GLN A 903 -28.82 -71.16 -33.88
C GLN A 903 -29.93 -71.04 -34.91
N ALA A 904 -30.70 -72.12 -35.09
CA ALA A 904 -31.56 -72.28 -36.26
C ALA A 904 -33.03 -71.98 -36.01
N SER A 905 -33.41 -71.58 -34.79
CA SER A 905 -34.79 -71.17 -34.57
C SER A 905 -35.02 -69.79 -35.17
N ASP A 906 -36.21 -69.60 -35.76
CA ASP A 906 -36.50 -68.37 -36.49
C ASP A 906 -36.70 -67.19 -35.54
N THR A 907 -37.19 -67.46 -34.33
CA THR A 907 -37.41 -66.41 -33.35
C THR A 907 -36.07 -65.82 -32.88
N VAL A 908 -35.15 -66.68 -32.46
CA VAL A 908 -33.83 -66.20 -32.06
C VAL A 908 -33.05 -65.68 -33.26
N PHE A 909 -33.39 -66.11 -34.48
CA PHE A 909 -32.82 -65.50 -35.67
C PHE A 909 -33.23 -64.04 -35.78
N TYR A 910 -34.51 -63.74 -35.54
CA TYR A 910 -34.92 -62.35 -35.64
C TYR A 910 -34.41 -61.51 -34.47
N ILE A 911 -34.34 -62.10 -33.26
CA ILE A 911 -33.73 -61.39 -32.14
C ILE A 911 -32.26 -61.09 -32.42
N GLY A 912 -31.55 -62.02 -33.06
CA GLY A 912 -30.16 -61.76 -33.43
C GLY A 912 -30.02 -60.66 -34.47
N LYS A 913 -30.96 -60.58 -35.42
CA LYS A 913 -30.95 -59.49 -36.38
C LYS A 913 -31.18 -58.14 -35.70
N VAL A 914 -32.09 -58.10 -34.72
CA VAL A 914 -32.35 -56.87 -33.97
C VAL A 914 -31.12 -56.45 -33.17
N ILE A 915 -30.44 -57.44 -32.59
CA ILE A 915 -29.22 -57.18 -31.81
C ILE A 915 -28.11 -56.61 -32.69
N LEU A 916 -27.96 -57.12 -33.92
CA LEU A 916 -26.96 -56.54 -34.81
C LEU A 916 -27.38 -55.17 -35.32
N CYS A 917 -28.68 -54.89 -35.44
CA CYS A 917 -29.11 -53.53 -35.79
C CYS A 917 -28.71 -52.52 -34.72
N ILE A 918 -29.02 -52.83 -33.46
CA ILE A 918 -28.65 -51.88 -32.41
C ILE A 918 -27.14 -51.90 -32.14
N ASP A 919 -26.45 -52.99 -32.48
CA ASP A 919 -24.99 -52.97 -32.40
C ASP A 919 -24.39 -52.06 -33.44
N PHE A 920 -25.00 -51.99 -34.63
CA PHE A 920 -24.54 -51.00 -35.58
C PHE A 920 -24.85 -49.59 -35.10
N ILE A 921 -25.97 -49.40 -34.38
CA ILE A 921 -26.27 -48.04 -33.97
C ILE A 921 -25.39 -47.61 -32.79
N ILE A 922 -24.78 -48.55 -32.07
CA ILE A 922 -23.75 -48.15 -31.10
C ILE A 922 -22.39 -48.00 -31.76
N PHE A 923 -22.04 -48.93 -32.65
CA PHE A 923 -20.72 -49.04 -33.25
C PHE A 923 -20.35 -47.86 -34.15
N CYS A 924 -21.34 -47.12 -34.63
CA CYS A 924 -21.04 -45.96 -35.47
C CYS A 924 -20.61 -44.76 -34.64
N LEU A 925 -21.01 -44.71 -33.36
CA LEU A 925 -20.64 -43.58 -32.51
C LEU A 925 -19.15 -43.55 -32.21
N ARG A 926 -18.44 -44.67 -32.36
CA ARG A 926 -17.00 -44.77 -32.24
C ARG A 926 -16.26 -44.13 -33.37
N LEU A 927 -16.89 -43.40 -34.29
CA LEU A 927 -16.16 -42.48 -35.14
C LEU A 927 -16.13 -41.08 -34.57
N MET A 928 -16.98 -40.78 -33.59
CA MET A 928 -16.98 -39.47 -32.98
C MET A 928 -15.70 -39.19 -32.20
N ALA A 929 -15.15 -40.21 -31.55
CA ALA A 929 -13.85 -40.14 -30.92
C ALA A 929 -12.72 -40.48 -31.89
N ILE A 930 -13.02 -40.61 -33.18
CA ILE A 930 -11.98 -40.78 -34.20
C ILE A 930 -11.58 -39.42 -34.74
N PHE A 931 -11.99 -38.35 -34.07
CA PHE A 931 -11.85 -37.02 -34.61
C PHE A 931 -11.07 -36.09 -33.67
N SER A 932 -10.48 -36.62 -32.62
CA SER A 932 -9.87 -35.80 -31.58
C SER A 932 -8.44 -35.36 -31.88
N ILE A 933 -7.95 -35.56 -33.10
CA ILE A 933 -6.59 -35.13 -33.44
C ILE A 933 -6.64 -33.74 -34.08
N SER A 934 -7.81 -33.11 -34.05
CA SER A 934 -7.99 -31.84 -34.74
C SER A 934 -7.38 -30.70 -33.96
N ARG A 935 -7.04 -29.64 -34.69
CA ARG A 935 -6.39 -28.49 -34.06
C ARG A 935 -7.37 -27.68 -33.23
N THR A 936 -8.60 -27.51 -33.71
CA THR A 936 -9.57 -26.64 -33.07
C THR A 936 -10.92 -27.31 -32.84
N LEU A 937 -11.01 -28.63 -32.98
CA LEU A 937 -12.30 -29.29 -32.88
C LEU A 937 -12.35 -30.37 -31.81
N GLY A 938 -11.22 -30.78 -31.27
CA GLY A 938 -11.16 -31.60 -30.08
C GLY A 938 -11.94 -31.11 -28.87
N PRO A 939 -11.80 -29.83 -28.48
CA PRO A 939 -12.61 -29.31 -27.37
C PRO A 939 -14.11 -29.34 -27.61
N LYS A 940 -14.57 -29.26 -28.86
CA LYS A 940 -15.99 -29.45 -29.12
C LYS A 940 -16.42 -30.88 -28.79
N ILE A 941 -15.58 -31.85 -29.11
CA ILE A 941 -15.83 -33.25 -28.73
C ILE A 941 -15.88 -33.40 -27.22
N ILE A 942 -14.95 -32.75 -26.51
CA ILE A 942 -14.88 -32.89 -25.07
C ILE A 942 -16.09 -32.23 -24.40
N ILE A 943 -16.54 -31.10 -24.95
CA ILE A 943 -17.68 -30.41 -24.38
C ILE A 943 -18.98 -31.18 -24.64
N VAL A 944 -19.11 -31.78 -25.83
CA VAL A 944 -20.27 -32.64 -26.12
C VAL A 944 -20.30 -33.83 -25.18
N ARG A 945 -19.15 -34.48 -24.99
CA ARG A 945 -19.08 -35.62 -24.11
C ARG A 945 -19.27 -35.24 -22.64
N ARG A 946 -18.96 -34.01 -22.27
CA ARG A 946 -19.21 -33.58 -20.90
C ARG A 946 -20.66 -33.19 -20.68
N MET A 947 -21.35 -32.68 -21.71
CA MET A 947 -22.69 -32.14 -21.50
C MET A 947 -23.80 -33.14 -21.77
N MET A 948 -23.52 -34.23 -22.49
CA MET A 948 -24.59 -35.18 -22.84
C MET A 948 -25.19 -35.86 -21.61
N LEU A 949 -24.32 -36.26 -20.67
CA LEU A 949 -24.77 -36.93 -19.45
C LEU A 949 -25.55 -35.99 -18.54
N ASP A 950 -25.34 -34.68 -18.66
CA ASP A 950 -26.19 -33.74 -17.94
C ASP A 950 -27.49 -33.47 -18.68
N LEU A 951 -27.47 -33.52 -20.02
CA LEU A 951 -28.66 -33.18 -20.79
C LEU A 951 -29.70 -34.30 -20.80
N PHE A 952 -29.25 -35.54 -20.54
CA PHE A 952 -30.16 -36.68 -20.42
C PHE A 952 -31.24 -36.47 -19.36
N PHE A 953 -30.92 -35.73 -18.29
CA PHE A 953 -31.88 -35.46 -17.23
C PHE A 953 -33.03 -34.58 -17.70
N PHE A 954 -32.71 -33.51 -18.45
CA PHE A 954 -33.75 -32.68 -19.04
C PHE A 954 -34.56 -33.45 -20.07
N MET A 955 -33.92 -34.36 -20.80
CA MET A 955 -34.65 -35.23 -21.72
C MET A 955 -35.68 -36.08 -20.98
N PHE A 956 -35.31 -36.59 -19.80
CA PHE A 956 -36.24 -37.41 -19.02
C PHE A 956 -37.42 -36.60 -18.48
N LEU A 957 -37.15 -35.40 -17.95
CA LEU A 957 -38.24 -34.58 -17.41
C LEU A 957 -39.20 -34.15 -18.51
N LEU A 958 -38.66 -33.83 -19.69
CA LEU A 958 -39.50 -33.56 -20.86
C LEU A 958 -40.35 -34.76 -21.23
N SER A 959 -39.77 -35.97 -21.15
CA SER A 959 -40.50 -37.19 -21.46
C SER A 959 -41.72 -37.38 -20.56
N ILE A 960 -41.55 -37.18 -19.25
CA ILE A 960 -42.69 -37.46 -18.37
C ILE A 960 -43.75 -36.38 -18.49
N TRP A 961 -43.36 -35.12 -18.73
CA TRP A 961 -44.36 -34.07 -18.94
C TRP A 961 -45.17 -34.31 -20.21
N VAL A 962 -44.49 -34.70 -21.29
CA VAL A 962 -45.21 -34.83 -22.55
C VAL A 962 -46.08 -36.08 -22.55
N VAL A 963 -45.68 -37.14 -21.84
CA VAL A 963 -46.54 -38.32 -21.83
C VAL A 963 -47.74 -38.08 -20.92
N ALA A 964 -47.58 -37.21 -19.91
CA ALA A 964 -48.71 -36.81 -19.08
C ALA A 964 -49.78 -36.11 -19.90
N TYR A 965 -49.39 -35.04 -20.62
CA TYR A 965 -50.39 -34.31 -21.40
C TYR A 965 -50.96 -35.14 -22.54
N GLY A 966 -50.15 -36.04 -23.11
CA GLY A 966 -50.62 -36.85 -24.22
C GLY A 966 -51.71 -37.83 -23.81
N VAL A 967 -51.47 -38.60 -22.75
CA VAL A 967 -52.52 -39.53 -22.37
C VAL A 967 -53.70 -38.82 -21.70
N ALA A 968 -53.49 -37.61 -21.15
CA ALA A 968 -54.62 -36.80 -20.70
C ALA A 968 -55.53 -36.43 -21.86
N LYS A 969 -54.97 -35.89 -22.94
CA LYS A 969 -55.79 -35.46 -24.07
C LYS A 969 -56.37 -36.64 -24.84
N GLN A 970 -55.68 -37.78 -24.89
CA GLN A 970 -56.27 -38.94 -25.55
C GLN A 970 -57.23 -39.72 -24.67
N GLY A 971 -57.27 -39.45 -23.37
CA GLY A 971 -58.27 -40.06 -22.53
C GLY A 971 -59.50 -39.21 -22.33
N ILE A 972 -59.37 -37.90 -22.51
CA ILE A 972 -60.54 -37.03 -22.45
C ILE A 972 -61.40 -37.19 -23.69
N LEU A 973 -60.77 -37.13 -24.87
CA LEU A 973 -61.52 -37.00 -26.11
C LEU A 973 -62.29 -38.27 -26.44
N ILE A 974 -61.60 -39.40 -26.55
CA ILE A 974 -62.28 -40.66 -26.84
C ILE A 974 -62.95 -41.17 -25.57
N GLU A 975 -64.15 -41.73 -25.72
CA GLU A 975 -64.85 -42.29 -24.57
C GLU A 975 -64.24 -43.62 -24.16
N ASN A 976 -63.78 -44.40 -25.14
CA ASN A 976 -63.05 -45.63 -24.91
C ASN A 976 -62.16 -45.83 -26.14
N GLU A 977 -61.20 -46.73 -26.02
CA GLU A 977 -60.31 -47.01 -27.14
C GLU A 977 -60.07 -48.51 -27.27
N GLU A 978 -59.59 -48.87 -28.45
CA GLU A 978 -59.29 -50.25 -28.83
C GLU A 978 -57.93 -50.67 -28.29
N ARG A 979 -57.36 -51.73 -28.87
CA ARG A 979 -55.94 -52.01 -28.74
C ARG A 979 -55.12 -50.76 -29.08
N LEU A 980 -54.07 -50.54 -28.29
CA LEU A 980 -53.48 -49.22 -28.13
C LEU A 980 -52.47 -48.88 -29.21
N ASN A 981 -52.51 -49.55 -30.36
CA ASN A 981 -51.56 -49.25 -31.43
C ASN A 981 -51.81 -47.89 -32.05
N TRP A 982 -53.05 -47.38 -31.99
CA TRP A 982 -53.34 -46.01 -32.37
C TRP A 982 -53.39 -45.07 -31.17
N ILE A 983 -53.51 -45.62 -29.96
CA ILE A 983 -53.49 -44.77 -28.76
C ILE A 983 -52.08 -44.27 -28.51
N ILE A 984 -51.08 -45.12 -28.76
CA ILE A 984 -49.70 -44.76 -28.44
C ILE A 984 -49.19 -43.67 -29.39
N ARG A 985 -49.68 -43.66 -30.64
CA ARG A 985 -49.26 -42.65 -31.60
C ARG A 985 -49.81 -41.28 -31.22
N GLY A 986 -51.13 -41.19 -31.04
CA GLY A 986 -51.75 -39.93 -30.65
C GLY A 986 -51.45 -39.51 -29.22
N ALA A 987 -50.90 -40.41 -28.40
CA ALA A 987 -50.52 -40.09 -27.03
C ALA A 987 -49.06 -39.72 -26.88
N VAL A 988 -48.18 -40.16 -27.78
CA VAL A 988 -46.76 -39.86 -27.64
C VAL A 988 -46.28 -39.02 -28.81
N TYR A 989 -46.42 -39.54 -30.04
CA TYR A 989 -45.77 -38.90 -31.17
C TYR A 989 -46.53 -37.66 -31.62
N GLU A 990 -47.84 -37.68 -31.51
CA GLU A 990 -48.63 -36.49 -31.82
C GLU A 990 -48.37 -35.35 -30.83
N PRO A 991 -48.21 -35.58 -29.51
CA PRO A 991 -47.66 -34.49 -28.70
C PRO A 991 -46.22 -34.15 -29.03
N TYR A 992 -45.41 -35.16 -29.40
CA TYR A 992 -44.00 -34.90 -29.66
C TYR A 992 -43.79 -34.10 -30.93
N ILE A 993 -44.50 -34.47 -32.01
CA ILE A 993 -44.52 -33.64 -33.21
C ILE A 993 -45.41 -32.42 -33.05
N THR A 994 -46.17 -32.32 -31.94
CA THR A 994 -46.98 -31.15 -31.65
C THR A 994 -46.23 -30.10 -30.85
N ILE A 995 -44.89 -30.07 -30.93
CA ILE A 995 -44.15 -28.91 -30.47
C ILE A 995 -44.51 -27.69 -31.32
N PHE A 996 -44.78 -27.90 -32.61
CA PHE A 996 -45.48 -26.94 -33.44
C PHE A 996 -46.92 -27.44 -33.62
N GLY A 997 -47.88 -26.70 -33.07
CA GLY A 997 -49.23 -27.21 -32.97
C GLY A 997 -50.31 -26.38 -33.61
N ASN A 998 -50.01 -25.76 -34.76
CA ASN A 998 -51.04 -25.03 -35.49
C ASN A 998 -52.03 -25.99 -36.15
N PHE A 999 -51.57 -27.18 -36.53
CA PHE A 999 -52.40 -28.18 -37.20
C PHE A 999 -53.35 -28.99 -36.30
N PRO A 1000 -52.96 -29.53 -35.13
CA PRO A 1000 -53.94 -30.34 -34.37
C PRO A 1000 -55.05 -29.54 -33.70
N THR A 1001 -54.92 -28.21 -33.62
CA THR A 1001 -56.04 -27.41 -33.11
C THR A 1001 -57.20 -27.40 -34.10
N ASN A 1002 -56.90 -27.49 -35.39
CA ASN A 1002 -57.94 -27.66 -36.39
C ASN A 1002 -58.47 -29.08 -36.44
N ILE A 1003 -57.77 -30.04 -35.84
CA ILE A 1003 -58.23 -31.42 -35.84
C ILE A 1003 -59.40 -31.63 -34.90
N ASP A 1004 -59.62 -30.70 -33.96
CA ASP A 1004 -60.72 -30.78 -33.01
C ASP A 1004 -61.76 -29.69 -33.20
N ASN A 1005 -61.64 -28.87 -34.24
CA ASN A 1005 -62.61 -27.83 -34.52
C ASN A 1005 -63.38 -28.02 -35.81
N THR A 1006 -62.88 -28.85 -36.73
CA THR A 1006 -63.57 -29.05 -37.99
C THR A 1006 -64.72 -30.06 -37.83
N LEU A 1007 -64.41 -31.25 -37.30
CA LEU A 1007 -65.36 -32.30 -36.95
C LEU A 1007 -66.18 -32.75 -38.17
N PHE A 1008 -65.45 -33.29 -39.15
CA PHE A 1008 -66.08 -33.86 -40.34
C PHE A 1008 -66.48 -35.30 -40.04
N ASP A 1009 -66.81 -36.06 -41.09
CA ASP A 1009 -67.20 -37.45 -40.95
C ASP A 1009 -66.01 -38.41 -41.00
N ILE A 1010 -64.80 -37.92 -40.72
CA ILE A 1010 -63.62 -38.77 -40.73
C ILE A 1010 -63.52 -39.65 -39.50
N SER A 1011 -64.33 -39.37 -38.48
CA SER A 1011 -64.27 -40.11 -37.22
C SER A 1011 -64.84 -41.50 -37.42
N SER A 1012 -63.96 -42.49 -37.61
CA SER A 1012 -64.36 -43.85 -37.92
C SER A 1012 -64.78 -44.56 -36.63
N CYS A 1013 -66.01 -44.31 -36.22
CA CYS A 1013 -66.60 -45.06 -35.11
C CYS A 1013 -67.00 -46.44 -35.59
N SER A 1014 -67.51 -47.25 -34.67
CA SER A 1014 -67.94 -48.61 -34.99
C SER A 1014 -66.75 -49.55 -35.08
N VAL A 1015 -65.59 -49.05 -34.64
CA VAL A 1015 -64.34 -49.82 -34.65
C VAL A 1015 -64.00 -50.35 -36.04
N ASN A 1016 -64.16 -49.51 -37.05
CA ASN A 1016 -63.88 -49.90 -38.42
C ASN A 1016 -62.69 -49.14 -38.99
N ALA A 1017 -61.76 -49.89 -39.59
CA ALA A 1017 -60.54 -49.34 -40.20
C ALA A 1017 -59.76 -48.51 -39.20
N SER A 1018 -59.71 -48.98 -37.96
CA SER A 1018 -59.00 -48.27 -36.90
C SER A 1018 -57.58 -47.82 -37.25
N ASP A 1019 -56.86 -48.62 -38.03
CA ASP A 1019 -55.47 -48.29 -38.35
C ASP A 1019 -55.28 -46.97 -39.11
N PRO A 1020 -56.10 -46.69 -40.13
CA PRO A 1020 -55.87 -45.41 -40.80
C PRO A 1020 -56.13 -44.24 -39.85
N LEU A 1021 -57.24 -44.31 -39.13
CA LEU A 1021 -57.62 -43.30 -38.15
C LEU A 1021 -58.62 -43.95 -37.21
N LYS A 1022 -58.75 -43.48 -35.98
CA LYS A 1022 -59.71 -44.13 -35.09
C LYS A 1022 -60.08 -43.22 -33.93
N PRO A 1023 -60.94 -42.23 -34.14
CA PRO A 1023 -61.53 -41.54 -32.98
C PRO A 1023 -62.51 -42.42 -32.23
N LYS A 1024 -63.30 -43.21 -32.97
CA LYS A 1024 -64.19 -44.24 -32.43
C LYS A 1024 -65.24 -43.66 -31.47
N CYS A 1025 -66.10 -42.77 -32.02
CA CYS A 1025 -67.14 -42.03 -31.32
C CYS A 1025 -66.59 -41.29 -30.11
N PRO A 1026 -65.90 -40.12 -30.31
CA PRO A 1026 -65.29 -39.40 -29.18
C PRO A 1026 -66.26 -39.04 -28.07
N MET A 1027 -67.27 -38.23 -28.38
CA MET A 1027 -68.47 -38.12 -27.53
C MET A 1027 -69.67 -37.98 -28.45
N LEU A 1028 -70.83 -38.36 -27.94
CA LEU A 1028 -72.08 -38.28 -28.69
C LEU A 1028 -73.13 -37.60 -27.82
N ASN A 1029 -73.39 -36.31 -28.09
CA ASN A 1029 -74.49 -35.58 -27.48
C ASN A 1029 -75.77 -35.69 -28.28
N ALA A 1030 -75.84 -36.67 -29.21
CA ALA A 1030 -76.96 -36.90 -30.11
C ALA A 1030 -77.30 -35.68 -30.96
N ASP A 1031 -76.28 -34.90 -31.32
CA ASP A 1031 -76.48 -33.74 -32.18
C ASP A 1031 -75.36 -33.60 -33.21
N ASN A 1032 -74.75 -34.74 -33.58
CA ASN A 1032 -73.55 -34.81 -34.45
C ASN A 1032 -72.41 -33.95 -33.91
N THR A 1033 -72.30 -33.87 -32.58
CA THR A 1033 -71.31 -33.07 -31.89
C THR A 1033 -70.91 -33.77 -30.60
N PRO A 1034 -69.62 -33.79 -30.29
CA PRO A 1034 -69.19 -34.31 -28.99
C PRO A 1034 -69.47 -33.31 -27.87
N VAL A 1035 -69.74 -33.86 -26.68
CA VAL A 1035 -70.16 -33.04 -25.53
C VAL A 1035 -69.02 -32.25 -24.91
N PHE A 1036 -67.79 -32.46 -25.35
CA PHE A 1036 -66.69 -31.66 -24.86
C PHE A 1036 -66.77 -30.26 -25.46
N PRO A 1037 -66.55 -29.21 -24.66
CA PRO A 1037 -66.46 -27.87 -25.23
C PRO A 1037 -65.24 -27.71 -26.12
N GLU A 1038 -65.37 -26.87 -27.14
CA GLU A 1038 -64.29 -26.69 -28.11
C GLU A 1038 -63.11 -25.92 -27.53
N TRP A 1039 -63.32 -25.18 -26.44
CA TRP A 1039 -62.25 -24.43 -25.80
C TRP A 1039 -61.53 -25.23 -24.72
N LEU A 1040 -62.03 -26.43 -24.40
CA LEU A 1040 -61.49 -27.19 -23.27
C LEU A 1040 -60.06 -27.66 -23.51
N THR A 1041 -59.72 -27.96 -24.76
CA THR A 1041 -58.32 -28.22 -25.11
C THR A 1041 -57.61 -26.97 -25.59
N ILE A 1042 -58.38 -25.99 -26.07
CA ILE A 1042 -57.79 -24.74 -26.57
C ILE A 1042 -57.22 -23.90 -25.45
N MET A 1043 -57.65 -24.11 -24.21
CA MET A 1043 -56.96 -23.51 -23.08
C MET A 1043 -55.79 -24.37 -22.59
N MET A 1044 -55.93 -25.70 -22.61
CA MET A 1044 -54.90 -26.57 -22.02
C MET A 1044 -53.64 -26.63 -22.88
N LEU A 1045 -53.79 -26.45 -24.20
CA LEU A 1045 -52.63 -26.44 -25.08
C LEU A 1045 -51.71 -25.26 -24.79
N CYS A 1046 -52.27 -24.06 -24.68
CA CYS A 1046 -51.47 -22.92 -24.25
C CYS A 1046 -51.10 -23.02 -22.78
N VAL A 1047 -51.85 -23.78 -21.98
CA VAL A 1047 -51.51 -23.92 -20.56
C VAL A 1047 -50.25 -24.76 -20.38
N TYR A 1048 -50.05 -25.78 -21.23
CA TYR A 1048 -48.94 -26.70 -21.01
C TYR A 1048 -47.74 -26.42 -21.91
N LEU A 1049 -47.95 -25.75 -23.05
CA LEU A 1049 -46.79 -25.38 -23.86
C LEU A 1049 -45.96 -24.30 -23.20
N LEU A 1050 -46.52 -23.58 -22.23
CA LEU A 1050 -45.71 -22.67 -21.43
C LEU A 1050 -44.70 -23.43 -20.57
N PHE A 1051 -45.11 -24.54 -19.96
CA PHE A 1051 -44.17 -25.37 -19.21
C PHE A 1051 -43.16 -26.05 -20.12
N ALA A 1052 -43.59 -26.45 -21.32
CA ALA A 1052 -42.64 -26.97 -22.29
C ALA A 1052 -41.63 -25.92 -22.74
N ASN A 1053 -42.07 -24.66 -22.85
CA ASN A 1053 -41.15 -23.57 -23.18
C ASN A 1053 -40.20 -23.31 -22.01
N ILE A 1054 -40.68 -23.46 -20.78
CA ILE A 1054 -39.83 -23.38 -19.59
C ILE A 1054 -38.73 -24.44 -19.65
N LEU A 1055 -39.08 -25.67 -20.02
CA LEU A 1055 -38.06 -26.72 -20.09
C LEU A 1055 -37.11 -26.53 -21.27
N LEU A 1056 -37.60 -26.01 -22.40
CA LEU A 1056 -36.69 -25.69 -23.50
C LEU A 1056 -35.72 -24.59 -23.12
N LEU A 1057 -36.19 -23.59 -22.37
CA LEU A 1057 -35.32 -22.51 -21.95
C LEU A 1057 -34.33 -22.98 -20.89
N ASN A 1058 -34.75 -23.90 -20.02
CA ASN A 1058 -33.83 -24.49 -19.06
C ASN A 1058 -32.75 -25.30 -19.76
N LEU A 1059 -33.13 -26.05 -20.79
CA LEU A 1059 -32.16 -26.82 -21.56
C LEU A 1059 -31.19 -25.89 -22.30
N LEU A 1060 -31.69 -24.77 -22.80
CA LEU A 1060 -30.83 -23.81 -23.49
C LEU A 1060 -29.86 -23.14 -22.52
N ILE A 1061 -30.31 -22.85 -21.29
CA ILE A 1061 -29.43 -22.25 -20.31
C ILE A 1061 -28.36 -23.24 -19.85
N ALA A 1062 -28.75 -24.49 -19.61
CA ALA A 1062 -27.79 -25.51 -19.23
C ALA A 1062 -26.84 -25.84 -20.39
N ILE A 1063 -27.28 -25.65 -21.63
CA ILE A 1063 -26.39 -25.84 -22.76
C ILE A 1063 -25.39 -24.70 -22.87
N PHE A 1064 -25.86 -23.47 -22.63
CA PHE A 1064 -24.98 -22.30 -22.75
C PHE A 1064 -23.99 -22.20 -21.59
N ASN A 1065 -24.29 -22.85 -20.46
CA ASN A 1065 -23.33 -22.89 -19.36
C ASN A 1065 -22.04 -23.64 -19.70
N TYR A 1066 -22.08 -24.55 -20.67
CA TYR A 1066 -20.84 -25.16 -21.15
C TYR A 1066 -20.16 -24.29 -22.19
N THR A 1067 -20.92 -23.42 -22.87
CA THR A 1067 -20.34 -22.41 -23.74
C THR A 1067 -19.81 -21.21 -22.98
N PHE A 1068 -20.07 -21.14 -21.68
CA PHE A 1068 -19.49 -20.12 -20.82
C PHE A 1068 -17.98 -20.23 -20.80
N GLN A 1069 -17.30 -19.07 -20.84
CA GLN A 1069 -15.90 -19.04 -21.26
C GLN A 1069 -14.94 -19.55 -20.20
N GLU A 1070 -15.26 -19.37 -18.91
CA GLU A 1070 -14.33 -19.79 -17.87
C GLU A 1070 -14.28 -21.31 -17.74
N VAL A 1071 -15.35 -22.00 -18.12
CA VAL A 1071 -15.37 -23.46 -18.14
C VAL A 1071 -15.11 -23.94 -19.57
N GLN A 1072 -14.71 -23.02 -20.44
CA GLN A 1072 -14.32 -23.34 -21.81
C GLN A 1072 -12.84 -23.15 -22.06
N ASP A 1073 -12.21 -22.18 -21.39
CA ASP A 1073 -10.81 -21.87 -21.61
C ASP A 1073 -9.87 -22.84 -20.88
N ASN A 1074 -10.38 -23.68 -19.98
CA ASN A 1074 -9.53 -24.64 -19.30
C ASN A 1074 -9.47 -25.98 -20.00
N THR A 1075 -10.36 -26.25 -20.95
CA THR A 1075 -10.44 -27.56 -21.59
C THR A 1075 -9.36 -27.78 -22.63
N ASP A 1076 -8.75 -26.70 -23.12
CA ASP A 1076 -7.73 -26.84 -24.16
C ASP A 1076 -6.48 -27.51 -23.61
N THR A 1077 -6.11 -27.17 -22.37
CA THR A 1077 -5.01 -27.84 -21.70
C THR A 1077 -5.33 -29.31 -21.47
N ILE A 1078 -6.59 -29.61 -21.20
CA ILE A 1078 -7.03 -31.00 -21.01
C ILE A 1078 -6.90 -31.77 -22.32
N TRP A 1079 -7.23 -31.14 -23.45
CA TRP A 1079 -7.00 -31.77 -24.74
C TRP A 1079 -5.52 -31.99 -25.02
N LYS A 1080 -4.70 -30.98 -24.73
CA LYS A 1080 -3.26 -31.12 -24.95
C LYS A 1080 -2.67 -32.19 -24.06
N PHE A 1081 -3.28 -32.45 -22.91
CA PHE A 1081 -2.85 -33.57 -22.10
C PHE A 1081 -3.37 -34.91 -22.61
N GLN A 1082 -4.55 -34.95 -23.26
CA GLN A 1082 -4.98 -36.20 -23.87
C GLN A 1082 -4.21 -36.54 -25.14
N ARG A 1083 -3.51 -35.58 -25.71
CA ARG A 1083 -2.88 -35.76 -27.02
C ARG A 1083 -1.80 -36.86 -27.00
N TYR A 1084 -1.16 -37.08 -25.85
CA TYR A 1084 -0.03 -38.00 -25.76
C TYR A 1084 -0.44 -39.45 -26.03
N GLU A 1085 -1.52 -39.90 -25.42
CA GLU A 1085 -1.91 -41.30 -25.54
C GLU A 1085 -2.33 -41.63 -26.97
N LEU A 1086 -2.98 -40.66 -27.62
CA LEU A 1086 -3.26 -40.75 -29.05
C LEU A 1086 -1.98 -40.92 -29.86
N ILE A 1087 -0.96 -40.11 -29.57
CA ILE A 1087 0.25 -40.18 -30.38
C ILE A 1087 1.04 -41.46 -30.10
N LYS A 1088 1.03 -41.92 -28.85
CA LYS A 1088 1.70 -43.17 -28.51
C LYS A 1088 1.01 -44.37 -29.15
N GLU A 1089 -0.32 -44.36 -29.20
CA GLU A 1089 -1.05 -45.43 -29.88
C GLU A 1089 -0.82 -45.37 -31.38
N TYR A 1090 -0.73 -44.17 -31.96
CA TYR A 1090 -0.42 -44.03 -33.37
C TYR A 1090 1.01 -44.44 -33.70
N HIS A 1091 1.89 -44.44 -32.71
CA HIS A 1091 3.26 -44.89 -32.91
C HIS A 1091 3.43 -46.39 -32.72
N SER A 1092 2.70 -47.00 -31.78
CA SER A 1092 2.93 -48.39 -31.43
C SER A 1092 2.10 -49.37 -32.25
N ARG A 1093 1.09 -48.90 -32.95
CA ARG A 1093 0.32 -49.78 -33.82
C ARG A 1093 1.17 -50.15 -35.03
N PRO A 1094 1.13 -51.40 -35.48
CA PRO A 1094 1.95 -51.81 -36.61
C PRO A 1094 1.48 -51.17 -37.92
N ALA A 1095 2.37 -51.20 -38.91
CA ALA A 1095 2.06 -50.67 -40.24
C ALA A 1095 1.37 -51.75 -41.06
N LEU A 1096 0.10 -51.98 -40.73
CA LEU A 1096 -0.64 -53.01 -41.41
C LEU A 1096 -2.10 -52.62 -41.56
N PRO A 1097 -2.68 -52.80 -42.74
CA PRO A 1097 -4.11 -52.60 -42.91
C PRO A 1097 -4.88 -53.63 -42.10
N PRO A 1098 -6.10 -53.30 -41.67
CA PRO A 1098 -6.87 -54.23 -40.81
C PRO A 1098 -7.31 -55.53 -41.49
N PRO A 1099 -7.30 -55.66 -42.85
CA PRO A 1099 -7.21 -57.03 -43.38
C PRO A 1099 -5.86 -57.68 -43.10
N PHE A 1100 -4.79 -56.97 -43.39
CA PHE A 1100 -3.45 -57.54 -43.32
C PHE A 1100 -2.91 -57.61 -41.91
N ILE A 1101 -3.59 -57.02 -40.92
CA ILE A 1101 -2.99 -56.88 -39.60
C ILE A 1101 -2.98 -58.20 -38.84
N LEU A 1102 -3.80 -59.18 -39.23
CA LEU A 1102 -3.75 -60.47 -38.57
C LEU A 1102 -2.50 -61.23 -38.98
N LEU A 1103 -2.12 -61.12 -40.26
CA LEU A 1103 -0.89 -61.76 -40.72
C LEU A 1103 0.35 -61.05 -40.17
N SER A 1104 0.30 -59.72 -40.07
CA SER A 1104 1.41 -58.99 -39.45
C SER A 1104 1.50 -59.28 -37.96
N HIS A 1105 0.36 -59.51 -37.31
CA HIS A 1105 0.35 -59.93 -35.91
C HIS A 1105 0.96 -61.32 -35.75
N LEU A 1106 0.69 -62.22 -36.71
CA LEU A 1106 1.28 -63.55 -36.68
C LEU A 1106 2.79 -63.49 -36.90
N ILE A 1107 3.25 -62.63 -37.82
CA ILE A 1107 4.69 -62.47 -38.04
C ILE A 1107 5.37 -61.83 -36.83
N LEU A 1108 4.71 -60.87 -36.18
CA LEU A 1108 5.27 -60.26 -34.97
C LEU A 1108 5.25 -61.23 -33.79
N PHE A 1109 4.32 -62.19 -33.79
CA PHE A 1109 4.31 -63.21 -32.76
C PHE A 1109 5.38 -64.27 -32.99
N ILE A 1110 5.66 -64.60 -34.26
CA ILE A 1110 6.76 -65.51 -34.58
C ILE A 1110 8.11 -64.84 -34.29
N ARG A 1111 8.22 -63.54 -34.57
CA ARG A 1111 9.41 -62.80 -34.19
C ARG A 1111 9.50 -62.63 -32.68
N GLY A 1112 8.35 -62.66 -31.99
CA GLY A 1112 8.35 -62.78 -30.54
C GLY A 1112 8.58 -64.19 -30.04
N VAL A 1113 8.39 -65.19 -30.89
CA VAL A 1113 8.65 -66.57 -30.51
C VAL A 1113 10.09 -66.94 -30.86
N ARG A 1121 12.09 -51.66 -30.82
CA ARG A 1121 12.88 -50.57 -30.24
C ARG A 1121 12.36 -49.22 -30.69
N HIS A 1122 12.18 -48.33 -29.73
CA HIS A 1122 11.73 -46.96 -29.96
C HIS A 1122 12.89 -46.00 -29.71
N LYS A 1123 13.01 -45.01 -30.57
CA LYS A 1123 14.18 -44.14 -30.58
C LYS A 1123 13.88 -42.71 -30.15
N ASN A 1124 12.80 -42.11 -30.66
CA ASN A 1124 12.58 -40.70 -30.43
C ASN A 1124 11.96 -40.38 -29.08
N PHE A 1125 11.68 -41.38 -28.24
CA PHE A 1125 11.11 -41.13 -26.93
C PHE A 1125 12.08 -41.35 -25.79
N ARG A 1126 12.85 -42.44 -25.85
CA ARG A 1126 13.77 -42.78 -24.78
C ARG A 1126 15.16 -42.98 -25.37
N GLN A 1127 16.16 -42.32 -24.78
CA GLN A 1127 17.53 -42.40 -25.25
C GLN A 1127 18.48 -42.43 -24.07
N GLU A 1128 19.62 -43.09 -24.26
CA GLU A 1128 20.70 -43.11 -23.28
C GLU A 1128 21.92 -42.46 -23.94
N LEU A 1129 22.39 -41.36 -23.36
CA LEU A 1129 23.39 -40.52 -23.98
C LEU A 1129 24.80 -40.92 -23.55
N GLU A 1130 25.78 -40.23 -24.15
CA GLU A 1130 27.19 -40.40 -23.85
C GLU A 1130 27.56 -39.65 -22.57
N GLN A 1131 28.68 -40.06 -21.97
CA GLN A 1131 29.09 -39.45 -20.70
C GLN A 1131 29.53 -38.02 -20.89
N THR A 1132 30.26 -37.72 -21.97
CA THR A 1132 30.73 -36.37 -22.23
C THR A 1132 29.58 -35.42 -22.46
N GLU A 1133 28.63 -35.83 -23.32
CA GLU A 1133 27.46 -35.01 -23.60
C GLU A 1133 26.60 -34.84 -22.37
N GLU A 1134 26.55 -35.84 -21.48
CA GLU A 1134 25.71 -35.70 -20.31
C GLU A 1134 26.37 -34.79 -19.27
N GLU A 1135 27.70 -34.83 -19.16
CA GLU A 1135 28.37 -33.89 -18.27
C GLU A 1135 28.22 -32.46 -18.74
N GLU A 1136 28.37 -32.25 -20.06
CA GLU A 1136 28.14 -30.94 -20.64
C GLU A 1136 26.72 -30.46 -20.43
N LEU A 1137 25.75 -31.35 -20.61
CA LEU A 1137 24.37 -30.93 -20.50
C LEU A 1137 23.96 -30.67 -19.06
N LEU A 1138 24.52 -31.41 -18.11
CA LEU A 1138 24.17 -31.10 -16.73
C LEU A 1138 24.87 -29.85 -16.24
N SER A 1139 26.03 -29.50 -16.79
CA SER A 1139 26.59 -28.20 -16.45
C SER A 1139 25.76 -27.06 -17.04
N TRP A 1140 25.23 -27.27 -18.25
CA TRP A 1140 24.26 -26.35 -18.83
C TRP A 1140 23.07 -26.16 -17.91
N GLU A 1141 22.51 -27.27 -17.43
CA GLU A 1141 21.29 -27.23 -16.63
C GLU A 1141 21.54 -26.57 -15.29
N ALA A 1142 22.68 -26.84 -14.66
CA ALA A 1142 22.98 -26.23 -13.37
C ALA A 1142 23.19 -24.73 -13.52
N TYR A 1143 23.86 -24.31 -14.60
CA TYR A 1143 24.05 -22.88 -14.83
C TYR A 1143 22.73 -22.18 -15.07
N MET A 1144 21.85 -22.75 -15.89
CA MET A 1144 20.59 -22.10 -16.15
C MET A 1144 19.68 -22.10 -14.94
N LYS A 1145 19.75 -23.15 -14.11
CA LYS A 1145 18.98 -23.16 -12.88
C LYS A 1145 19.41 -22.05 -11.97
N ASP A 1146 20.73 -21.83 -11.86
CA ASP A 1146 21.22 -20.80 -10.95
C ASP A 1146 20.83 -19.41 -11.45
N ASN A 1147 20.87 -19.21 -12.77
CA ASN A 1147 20.43 -17.95 -13.35
C ASN A 1147 18.95 -17.70 -13.07
N TYR A 1148 18.12 -18.74 -13.23
CA TYR A 1148 16.69 -18.62 -12.94
C TYR A 1148 16.42 -18.28 -11.49
N LEU A 1149 17.11 -18.95 -10.58
CA LEU A 1149 16.83 -18.77 -9.17
C LEU A 1149 17.25 -17.39 -8.70
N ALA A 1150 18.34 -16.87 -9.25
CA ALA A 1150 18.70 -15.48 -8.97
C ALA A 1150 17.67 -14.51 -9.53
N SER A 1151 17.11 -14.82 -10.70
CA SER A 1151 16.11 -13.94 -11.28
C SER A 1151 14.84 -13.88 -10.45
N THR A 1152 14.37 -15.03 -9.94
CA THR A 1152 13.17 -15.00 -9.12
C THR A 1152 13.42 -14.38 -7.75
N ARG A 1153 14.61 -14.57 -7.19
CA ARG A 1153 14.96 -13.89 -5.94
C ARG A 1153 14.92 -12.37 -6.11
N GLN A 1154 15.49 -11.90 -7.21
CA GLN A 1154 15.53 -10.46 -7.47
C GLN A 1154 14.13 -9.90 -7.74
N ASP A 1155 13.32 -10.60 -8.52
CA ASP A 1155 12.00 -10.06 -8.78
C ASP A 1155 11.01 -10.36 -7.67
N GLU A 1156 11.38 -11.13 -6.65
CA GLU A 1156 10.61 -11.10 -5.42
C GLU A 1156 10.98 -9.90 -4.57
N SER A 1157 12.27 -9.55 -4.54
CA SER A 1157 12.70 -8.43 -3.71
C SER A 1157 12.18 -7.08 -4.20
N GLN A 1158 11.78 -6.98 -5.46
CA GLN A 1158 11.28 -5.72 -6.02
C GLN A 1158 9.76 -5.59 -5.98
N SER A 1159 9.06 -6.45 -5.25
CA SER A 1159 7.61 -6.35 -5.15
C SER A 1159 7.22 -5.35 -4.07
N VAL A 1160 5.93 -5.00 -4.05
CA VAL A 1160 5.49 -4.00 -3.09
C VAL A 1160 5.31 -4.59 -1.70
N GLU A 1161 5.05 -5.89 -1.60
CA GLU A 1161 4.76 -6.45 -0.28
C GLU A 1161 6.05 -6.73 0.48
N HIS A 1162 7.09 -7.18 -0.21
CA HIS A 1162 8.40 -7.27 0.42
C HIS A 1162 8.93 -5.88 0.79
N ARG A 1163 8.62 -4.88 -0.03
CA ARG A 1163 9.06 -3.52 0.26
C ARG A 1163 8.39 -2.97 1.51
N ILE A 1164 7.07 -3.20 1.65
CA ILE A 1164 6.41 -2.69 2.84
C ILE A 1164 6.81 -3.47 4.09
N HIS A 1165 7.08 -4.78 3.94
CA HIS A 1165 7.56 -5.53 5.09
C HIS A 1165 8.96 -5.11 5.51
N ASP A 1166 9.81 -4.78 4.53
CA ASP A 1166 11.16 -4.33 4.83
C ASP A 1166 11.14 -2.98 5.52
N THR A 1167 10.29 -2.06 5.05
CA THR A 1167 10.20 -0.77 5.72
C THR A 1167 9.66 -0.90 7.13
N ALA A 1168 8.73 -1.83 7.35
CA ALA A 1168 8.22 -2.07 8.69
C ALA A 1168 9.29 -2.57 9.63
N GLU A 1169 10.10 -3.53 9.16
CA GLU A 1169 11.18 -4.06 9.99
C GLU A 1169 12.25 -3.02 10.26
N LYS A 1170 12.59 -2.21 9.25
CA LYS A 1170 13.65 -1.22 9.44
C LYS A 1170 13.20 -0.09 10.34
N VAL A 1171 11.93 0.31 10.28
CA VAL A 1171 11.44 1.34 11.19
C VAL A 1171 11.33 0.79 12.61
N GLY A 1172 10.96 -0.48 12.77
CA GLY A 1172 10.97 -1.09 14.10
C GLY A 1172 12.36 -1.13 14.72
N ALA A 1173 13.36 -1.51 13.91
CA ALA A 1173 14.74 -1.54 14.40
C ALA A 1173 15.26 -0.14 14.71
N MET A 1174 14.92 0.85 13.87
CA MET A 1174 15.38 2.20 14.12
C MET A 1174 14.74 2.80 15.36
N SER A 1175 13.46 2.48 15.62
CA SER A 1175 12.82 2.98 16.82
C SER A 1175 13.37 2.32 18.06
N GLU A 1176 13.72 1.03 17.97
CA GLU A 1176 14.33 0.35 19.12
C GLU A 1176 15.72 0.92 19.42
N LEU A 1177 16.50 1.20 18.38
CA LEU A 1177 17.81 1.83 18.58
C LEU A 1177 17.68 3.24 19.16
N LEU A 1178 16.65 3.98 18.73
CA LEU A 1178 16.46 5.33 19.26
C LEU A 1178 16.02 5.29 20.72
N GLU A 1179 15.17 4.32 21.09
CA GLU A 1179 14.76 4.18 22.48
C GLU A 1179 15.95 3.77 23.36
N ARG A 1180 16.81 2.90 22.84
CA ARG A 1180 17.99 2.49 23.61
C ARG A 1180 19.00 3.62 23.74
N GLU A 1181 19.19 4.40 22.69
CA GLU A 1181 20.14 5.51 22.74
C GLU A 1181 19.61 6.68 23.56
N GLN A 1182 18.29 6.81 23.66
CA GLN A 1182 17.72 7.82 24.54
C GLN A 1182 17.74 7.38 25.99
N GLU A 1183 17.58 6.07 26.24
CA GLU A 1183 17.66 5.57 27.61
C GLU A 1183 19.08 5.52 28.12
N MET A 1184 20.06 5.36 27.24
CA MET A 1184 21.46 5.38 27.67
C MET A 1184 21.94 6.81 27.87
N VAL A 1185 21.92 7.61 26.80
CA VAL A 1185 22.38 8.99 26.89
C VAL A 1185 21.24 9.93 26.50
N UNK A 1186 28.25 15.07 30.36
CA UNK A 1186 28.77 16.41 30.19
C UNK A 1186 28.77 17.18 31.50
N UNK A 1187 27.78 16.92 32.33
CA UNK A 1187 27.68 17.59 33.62
C UNK A 1187 28.87 17.23 34.50
N UNK A 1188 29.27 15.97 34.48
CA UNK A 1188 30.42 15.52 35.27
C UNK A 1188 31.68 16.22 34.81
N UNK A 1189 31.83 16.36 33.49
CA UNK A 1189 32.99 17.04 32.92
C UNK A 1189 33.01 18.50 33.36
N UNK A 1190 31.83 19.12 33.36
CA UNK A 1190 31.73 20.52 33.77
C UNK A 1190 32.13 20.66 35.23
N UNK A 1191 31.69 19.71 36.06
CA UNK A 1191 32.02 19.73 37.48
C UNK A 1191 33.52 19.59 37.67
N UNK A 1192 34.14 18.71 36.87
CA UNK A 1192 35.59 18.51 36.94
C UNK A 1192 36.31 19.79 36.57
N UNK A 1193 35.81 20.48 35.54
CA UNK A 1193 36.41 21.73 35.08
C UNK A 1193 36.31 22.77 36.18
N UNK A 1194 35.16 22.81 36.86
CA UNK A 1194 34.95 23.76 37.95
C UNK A 1194 35.93 23.47 39.08
N UNK A 1195 36.13 22.18 39.38
CA UNK A 1195 37.06 21.78 40.43
C UNK A 1195 38.48 22.22 40.07
N UNK A 1196 38.84 22.05 38.80
CA UNK A 1196 40.16 22.45 38.32
C UNK A 1196 40.34 23.96 38.47
N UNK A 1197 39.30 24.71 38.15
CA UNK A 1197 39.32 26.16 38.27
C UNK A 1197 39.51 26.57 39.72
N UNK A 1198 38.83 25.87 40.62
CA UNK A 1198 38.91 26.15 42.05
C UNK A 1198 40.34 26.05 42.57
N UNK A 1199 40.87 24.83 42.58
CA UNK A 1199 42.23 24.60 43.06
C UNK A 1199 43.19 25.59 42.42
N UNK A 1200 43.02 25.85 41.12
CA UNK A 1200 43.86 26.78 40.40
C UNK A 1200 43.71 28.18 40.98
N UNK A 1201 42.47 28.55 41.28
CA UNK A 1201 42.18 29.85 41.87
C UNK A 1201 42.85 29.98 43.22
N UNK A 1202 42.80 28.91 44.01
CA UNK A 1202 43.43 28.90 45.33
C UNK A 1202 44.93 29.08 45.19
N UNK A 1203 45.52 28.41 44.20
CA UNK A 1203 46.95 28.51 43.96
C UNK A 1203 47.32 29.94 43.58
N UNK A 1204 46.48 30.57 42.75
CA UNK A 1204 46.70 31.94 42.33
C UNK A 1204 46.65 32.87 43.54
N UNK A 1205 45.69 32.62 44.44
CA UNK A 1205 45.55 33.42 45.64
C UNK A 1205 46.79 33.28 46.52
N UNK A 1206 47.30 32.05 46.61
CA UNK A 1206 48.49 31.78 47.40
C UNK A 1206 49.70 32.53 46.81
N UNK A 1207 49.78 32.54 45.49
CA UNK A 1207 50.88 33.21 44.80
C UNK A 1207 50.53 34.67 44.48
N MET A 1214 47.26 -13.21 48.06
CA MET A 1214 45.95 -13.18 47.44
C MET A 1214 45.34 -14.58 47.34
N PHE A 1215 46.16 -15.57 47.01
CA PHE A 1215 45.73 -16.97 47.06
C PHE A 1215 45.81 -17.56 48.46
N ALA A 1216 46.36 -16.83 49.43
CA ALA A 1216 46.36 -17.29 50.80
C ALA A 1216 45.06 -16.99 51.53
N ARG A 1217 44.13 -16.28 50.88
CA ARG A 1217 42.89 -15.84 51.49
C ARG A 1217 41.79 -16.90 51.46
N GLN A 1218 42.03 -18.04 50.82
CA GLN A 1218 40.93 -18.94 50.45
C GLN A 1218 40.40 -19.70 51.66
N LEU A 1219 39.07 -19.76 51.79
CA LEU A 1219 38.45 -20.40 52.95
C LEU A 1219 38.60 -21.91 52.90
N GLN A 1220 38.02 -22.56 51.89
CA GLN A 1220 38.27 -23.99 51.72
C GLN A 1220 39.69 -24.16 51.21
N TYR A 1221 40.61 -24.41 52.12
CA TYR A 1221 42.00 -24.64 51.73
C TYR A 1221 41.88 -25.87 50.85
N PRO A 1222 42.61 -25.87 49.73
CA PRO A 1222 42.50 -26.99 48.78
C PRO A 1222 42.95 -28.36 49.26
N ASP A 1223 42.14 -29.37 48.91
CA ASP A 1223 42.43 -30.78 49.20
C ASP A 1223 42.28 -31.10 50.68
N SER A 1224 41.36 -30.41 51.36
CA SER A 1224 41.08 -30.66 52.78
C SER A 1224 39.69 -30.15 53.11
N THR A 1225 39.18 -30.61 54.25
CA THR A 1225 37.92 -30.12 54.80
C THR A 1225 38.13 -28.97 55.76
N VAL A 1226 39.24 -28.25 55.63
CA VAL A 1226 39.57 -27.13 56.50
C VAL A 1226 39.04 -25.86 55.86
N ARG A 1227 37.98 -25.31 56.44
CA ARG A 1227 37.52 -23.97 56.09
C ARG A 1227 38.13 -22.98 57.08
N ARG A 1228 38.66 -21.87 56.57
CA ARG A 1228 39.28 -20.90 57.45
C ARG A 1228 38.28 -19.80 57.79
N PHE A 1229 38.69 -18.92 58.68
CA PHE A 1229 37.86 -17.78 59.04
C PHE A 1229 37.99 -16.69 57.98
N PRO A 1230 36.89 -16.05 57.59
CA PRO A 1230 36.95 -15.02 56.56
C PRO A 1230 37.59 -13.74 57.07
N VAL A 1231 38.72 -13.37 56.47
CA VAL A 1231 39.47 -12.17 56.84
C VAL A 1231 39.57 -11.28 55.61
N PRO A 1232 38.87 -10.13 55.57
CA PRO A 1232 38.84 -9.32 54.34
C PRO A 1232 40.14 -8.58 54.06
N GLU A 1233 40.20 -7.87 52.93
CA GLU A 1233 41.34 -7.00 52.66
C GLU A 1233 41.30 -5.73 53.48
N GLU A 1234 40.15 -5.40 54.08
CA GLU A 1234 40.14 -4.40 55.14
C GLU A 1234 40.80 -4.92 56.41
N LYS A 1235 40.92 -6.23 56.55
CA LYS A 1235 41.47 -6.87 57.74
C LYS A 1235 42.69 -7.72 57.45
N VAL A 1236 43.15 -7.78 56.20
CA VAL A 1236 44.23 -8.69 55.84
C VAL A 1236 45.58 -8.20 56.36
N SER A 1237 45.76 -6.88 56.43
CA SER A 1237 47.00 -6.33 56.95
C SER A 1237 47.06 -6.49 58.47
N TRP A 1238 48.28 -6.67 58.97
CA TRP A 1238 48.51 -6.73 60.41
C TRP A 1238 48.55 -5.36 61.07
N GLU A 1239 48.50 -4.28 60.28
CA GLU A 1239 48.51 -2.94 60.85
C GLU A 1239 47.21 -2.62 61.59
N VAL A 1240 46.09 -3.13 61.12
CA VAL A 1240 44.81 -2.96 61.80
C VAL A 1240 44.38 -4.30 62.40
N ASN A 1241 43.63 -4.23 63.49
CA ASN A 1241 43.14 -5.40 64.20
C ASN A 1241 41.64 -5.27 64.43
N PHE A 1242 40.96 -6.41 64.48
CA PHE A 1242 39.52 -6.45 64.66
C PHE A 1242 39.15 -7.43 65.76
N SER A 1243 37.98 -7.21 66.36
CA SER A 1243 37.58 -7.98 67.54
C SER A 1243 37.28 -9.45 67.23
N PRO A 1244 36.51 -9.82 66.16
CA PRO A 1244 36.44 -11.28 65.92
C PRO A 1244 37.68 -11.83 65.22
N TYR A 1245 38.79 -11.90 65.97
CA TYR A 1245 40.05 -12.47 65.48
C TYR A 1245 40.53 -13.45 66.54
N GLN A 1246 40.04 -14.68 66.48
CA GLN A 1246 40.36 -15.73 67.46
C GLN A 1246 40.56 -17.05 66.73
N PRO A 1247 41.77 -17.31 66.25
CA PRO A 1247 41.99 -18.50 65.41
C PRO A 1247 42.33 -19.72 66.23
N PRO A 1248 41.64 -20.86 66.00
CA PRO A 1248 42.02 -22.12 66.67
C PRO A 1248 43.23 -22.80 66.05
N VAL A 1249 43.56 -24.01 66.52
CA VAL A 1249 44.88 -24.62 66.32
C VAL A 1249 44.75 -26.04 65.76
N TYR A 1250 45.50 -26.33 64.69
CA TYR A 1250 45.66 -27.63 64.04
C TYR A 1250 46.80 -27.55 63.03
N ASN A 1251 47.71 -28.51 63.06
CA ASN A 1251 48.96 -28.28 62.36
C ASN A 1251 49.43 -29.51 61.61
N GLN A 1252 50.23 -29.25 60.57
CA GLN A 1252 50.86 -30.26 59.73
C GLN A 1252 51.93 -31.03 60.49
N GLN A 1253 52.37 -32.13 59.89
CA GLN A 1253 53.42 -32.97 60.48
C GLN A 1253 54.32 -33.58 59.42
N LYS A 1265 50.77 -21.75 69.82
CA LYS A 1265 52.13 -21.23 70.00
C LYS A 1265 52.33 -19.97 69.18
N HIS A 1266 52.52 -20.14 67.88
CA HIS A 1266 52.71 -19.03 66.96
C HIS A 1266 51.36 -18.58 66.40
N ARG A 1267 51.39 -17.68 65.42
CA ARG A 1267 50.21 -17.31 64.65
C ARG A 1267 50.59 -17.26 63.18
N ASN A 1268 49.74 -17.82 62.34
CA ASN A 1268 50.06 -17.92 60.92
C ASN A 1268 49.61 -16.68 60.18
N PRO A 1269 50.45 -16.10 59.33
CA PRO A 1269 49.99 -15.02 58.44
C PRO A 1269 49.05 -15.58 57.38
N GLY A 1270 48.26 -14.67 56.81
CA GLY A 1270 47.28 -15.00 55.79
C GLY A 1270 45.85 -14.96 56.27
N GLY A 1271 45.62 -15.03 57.58
CA GLY A 1271 44.31 -14.92 58.17
C GLY A 1271 44.06 -16.00 59.20
N ARG A 1272 42.89 -15.92 59.82
CA ARG A 1272 42.47 -16.86 60.85
C ARG A 1272 41.91 -18.12 60.20
N THR A 1273 41.81 -19.21 60.99
CA THR A 1273 41.68 -20.55 60.42
C THR A 1273 40.48 -21.39 60.87
N GLY A 1274 39.84 -21.07 61.99
CA GLY A 1274 38.50 -21.59 62.28
C GLY A 1274 38.35 -23.09 62.51
N ILE A 1275 39.42 -23.82 62.80
CA ILE A 1275 39.30 -25.25 63.09
C ILE A 1275 40.31 -25.63 64.19
N ARG A 1276 39.86 -26.48 65.10
CA ARG A 1276 40.64 -26.91 66.26
C ARG A 1276 40.74 -28.43 66.29
N GLY A 1277 41.37 -28.93 67.36
CA GLY A 1277 41.38 -30.36 67.65
C GLY A 1277 42.73 -31.00 67.33
N LYS A 1278 42.85 -32.26 67.75
CA LYS A 1278 44.00 -33.08 67.37
C LYS A 1278 43.92 -33.46 65.90
N GLY A 1279 42.72 -33.82 65.44
CA GLY A 1279 42.45 -33.96 64.01
C GLY A 1279 43.07 -35.17 63.35
N ALA A 1280 43.35 -35.02 62.06
CA ALA A 1280 43.80 -36.12 61.21
C ALA A 1280 45.31 -36.22 61.08
N LEU A 1281 46.06 -35.24 61.57
CA LEU A 1281 47.52 -35.28 61.54
C LEU A 1281 48.09 -35.24 62.95
N ASN A 1282 49.42 -35.23 63.02
CA ASN A 1282 50.14 -35.72 64.20
C ASN A 1282 50.54 -34.62 65.17
N THR A 1283 51.37 -33.67 64.74
CA THR A 1283 51.96 -32.73 65.68
C THR A 1283 51.91 -31.27 65.19
N LEU A 1284 52.66 -30.40 65.85
CA LEU A 1284 52.71 -28.98 65.52
C LEU A 1284 54.16 -28.59 65.22
N GLY A 1285 54.49 -28.54 63.92
CA GLY A 1285 55.79 -28.11 63.48
C GLY A 1285 55.75 -27.37 62.17
N PRO A 1286 56.43 -26.20 62.09
CA PRO A 1286 56.45 -25.44 60.84
C PRO A 1286 57.34 -26.08 59.78
N ASN A 1287 56.75 -27.02 59.05
CA ASN A 1287 57.49 -27.83 58.09
C ASN A 1287 57.90 -27.00 56.88
N HIS A 1288 59.09 -27.29 56.37
CA HIS A 1288 59.62 -26.66 55.16
C HIS A 1288 59.50 -27.64 54.01
N ILE A 1289 58.57 -27.40 53.11
CA ILE A 1289 58.38 -28.27 51.95
C ILE A 1289 59.46 -27.96 50.92
N LEU A 1290 59.81 -28.98 50.14
CA LEU A 1290 60.84 -28.85 49.11
C LEU A 1290 60.28 -29.38 47.80
N HIS A 1291 61.06 -29.17 46.73
CA HIS A 1291 60.63 -29.59 45.40
C HIS A 1291 61.86 -29.80 44.52
N PRO A 1292 62.13 -31.02 44.07
CA PRO A 1292 63.27 -31.25 43.18
C PRO A 1292 63.07 -30.61 41.81
N ILE A 1293 64.13 -29.99 41.31
CA ILE A 1293 64.07 -29.17 40.10
C ILE A 1293 64.01 -30.09 38.88
N PHE A 1294 62.86 -30.10 38.22
CA PHE A 1294 62.62 -30.92 37.04
C PHE A 1294 62.26 -30.01 35.87
N THR A 1295 63.29 -29.50 35.18
CA THR A 1295 63.07 -28.68 34.00
C THR A 1295 64.22 -28.89 33.03
N ARG A 1296 63.95 -28.58 31.77
CA ARG A 1296 64.91 -28.73 30.69
C ARG A 1296 64.42 -27.90 29.51
N TRP A 1297 65.28 -27.77 28.52
CA TRP A 1297 64.93 -27.08 27.29
C TRP A 1297 64.07 -28.01 26.43
N ARG A 1298 62.88 -27.54 26.03
CA ARG A 1298 61.98 -28.31 25.19
C ARG A 1298 62.42 -28.20 23.73
N ASP A 1299 61.53 -28.59 22.81
CA ASP A 1299 61.78 -28.39 21.40
C ASP A 1299 61.77 -26.90 21.06
N ALA A 1300 62.53 -26.54 20.01
CA ALA A 1300 62.78 -25.17 19.58
C ALA A 1300 63.38 -24.33 20.72
N GLU A 1301 64.62 -24.71 21.07
CA GLU A 1301 65.29 -24.28 22.30
C GLU A 1301 65.48 -22.77 22.42
N HIS A 1302 65.32 -22.01 21.34
CA HIS A 1302 65.28 -20.55 21.43
C HIS A 1302 63.96 -20.15 22.08
N LYS A 1303 64.03 -19.72 23.34
CA LYS A 1303 62.92 -19.21 24.15
C LYS A 1303 61.80 -20.25 24.30
N VAL A 1304 62.16 -21.34 24.98
CA VAL A 1304 61.21 -22.39 25.33
C VAL A 1304 61.71 -23.10 26.58
N LEU A 1305 60.80 -23.79 27.26
CA LEU A 1305 61.18 -24.59 28.43
C LEU A 1305 60.22 -25.75 28.57
N GLU A 1306 60.62 -26.71 29.40
CA GLU A 1306 59.85 -27.92 29.66
C GLU A 1306 59.82 -28.16 31.17
N PHE A 1307 59.06 -29.18 31.57
CA PHE A 1307 58.94 -29.53 32.98
C PHE A 1307 58.57 -31.01 33.09
N LEU A 1308 59.41 -31.78 33.78
CA LEU A 1308 59.10 -33.17 34.05
C LEU A 1308 58.11 -33.23 35.21
N ALA A 1309 56.96 -33.84 34.99
CA ALA A 1309 55.88 -33.78 35.96
C ALA A 1309 55.06 -35.05 35.91
N VAL A 1310 54.64 -35.50 37.09
CA VAL A 1310 53.87 -36.73 37.25
C VAL A 1310 52.48 -36.36 37.75
N TRP A 1311 51.46 -36.91 37.09
CA TRP A 1311 50.06 -36.62 37.37
C TRP A 1311 49.45 -37.68 38.28
N GLU A 1312 50.21 -38.09 39.30
CA GLU A 1312 49.76 -39.07 40.28
C GLU A 1312 48.93 -38.44 41.41
N ASP A 1313 48.33 -37.27 41.19
CA ASP A 1313 47.50 -36.61 42.18
C ASP A 1313 46.01 -36.90 42.02
N ALA A 1314 45.60 -37.45 40.86
CA ALA A 1314 44.19 -37.60 40.46
C ALA A 1314 43.43 -36.28 40.58
N GLU A 1315 44.00 -35.25 39.97
CA GLU A 1315 43.62 -33.85 40.21
C GLU A 1315 43.82 -33.09 38.91
N LYS A 1316 44.09 -31.79 39.05
CA LYS A 1316 44.24 -30.89 37.91
C LYS A 1316 45.58 -31.00 37.24
N ARG A 1317 46.03 -29.93 36.60
CA ARG A 1317 47.29 -29.94 35.88
C ARG A 1317 48.42 -30.39 36.80
N TRP A 1318 49.26 -31.26 36.27
CA TRP A 1318 50.33 -31.87 37.04
C TRP A 1318 51.37 -30.92 37.63
N ALA A 1319 51.74 -31.23 38.86
CA ALA A 1319 52.75 -30.51 39.61
C ALA A 1319 53.88 -31.51 39.65
N LEU A 1320 55.11 -31.05 39.40
CA LEU A 1320 56.22 -31.99 39.35
C LEU A 1320 56.40 -32.74 40.66
N LEU A 1321 56.58 -34.06 40.51
CA LEU A 1321 56.80 -34.96 41.63
C LEU A 1321 57.71 -34.32 42.67
N GLY A 1322 57.37 -34.50 43.93
CA GLY A 1322 58.15 -33.92 45.01
C GLY A 1322 57.53 -34.26 46.35
N GLY A 1323 58.04 -33.59 47.39
CA GLY A 1323 57.53 -33.78 48.72
C GLY A 1323 58.20 -32.88 49.73
N PRO A 1324 57.60 -32.76 50.91
CA PRO A 1324 58.25 -32.01 51.99
C PRO A 1324 59.51 -32.70 52.48
N ALA A 1325 60.48 -31.89 52.89
CA ALA A 1325 61.78 -32.37 53.34
C ALA A 1325 62.02 -31.96 54.79
N GLN A 1326 63.24 -32.19 55.24
CA GLN A 1326 63.63 -31.84 56.59
C GLN A 1326 63.87 -30.33 56.70
N PRO A 1327 63.47 -29.70 57.81
CA PRO A 1327 63.72 -28.27 57.98
C PRO A 1327 65.18 -27.96 58.26
N ASP A 1328 65.61 -26.81 57.74
CA ASP A 1328 66.98 -26.28 57.87
C ASP A 1328 68.06 -27.26 57.42
N LEU A 1331 68.31 -29.56 54.68
CA LEU A 1331 67.68 -28.65 53.74
C LEU A 1331 67.92 -29.10 52.31
N ALA A 1332 69.00 -28.60 51.70
CA ALA A 1332 69.35 -29.00 50.35
C ALA A 1332 69.85 -30.43 50.30
N GLN A 1333 70.45 -30.92 51.39
CA GLN A 1333 70.79 -32.34 51.47
C GLN A 1333 69.52 -33.18 51.59
N VAL A 1334 68.50 -32.65 52.27
CA VAL A 1334 67.23 -33.35 52.40
C VAL A 1334 66.50 -33.39 51.05
N LEU A 1335 66.55 -32.29 50.29
CA LEU A 1335 65.96 -32.29 48.96
C LEU A 1335 66.76 -33.15 47.98
N GLU A 1336 68.08 -33.26 48.18
CA GLU A 1336 68.87 -34.16 47.33
C GLU A 1336 68.58 -35.62 47.66
N ARG A 1337 68.39 -35.94 48.93
CA ARG A 1337 68.00 -37.30 49.31
C ARG A 1337 66.58 -37.63 48.85
N ILE A 1338 65.68 -36.63 48.85
CA ILE A 1338 64.34 -36.83 48.31
C ILE A 1338 64.39 -36.99 46.79
N LEU A 1339 65.34 -36.32 46.14
CA LEU A 1339 65.56 -36.50 44.71
C LEU A 1339 66.09 -37.90 44.41
N GLY A 1340 66.98 -38.41 45.25
CA GLY A 1340 67.43 -39.78 45.10
C GLY A 1340 66.35 -40.79 45.38
N LYS A 1341 65.42 -40.47 46.28
CA LYS A 1341 64.32 -41.38 46.57
C LYS A 1341 63.25 -41.35 45.49
N LYS A 1342 62.79 -40.16 45.12
CA LYS A 1342 61.63 -40.01 44.23
C LYS A 1342 61.97 -40.13 42.75
N LEU A 1343 63.17 -40.57 42.39
CA LEU A 1343 63.51 -40.77 40.98
C LEU A 1343 63.66 -42.25 40.67
N LYS A 1348 74.88 -41.20 41.05
CA LYS A 1348 74.78 -39.95 41.79
C LYS A 1348 74.88 -38.74 40.86
N THR A 1349 74.56 -37.57 41.40
CA THR A 1349 74.67 -36.32 40.65
C THR A 1349 75.91 -35.56 41.10
N LEU A 1350 76.66 -35.04 40.13
CA LEU A 1350 77.88 -34.30 40.43
C LEU A 1350 77.59 -32.83 40.71
N LEU A 1351 77.00 -32.13 39.73
CA LEU A 1351 76.72 -30.71 39.84
C LEU A 1351 75.22 -30.52 40.02
N LYS A 1352 74.82 -29.98 41.18
CA LYS A 1352 73.43 -29.70 41.45
C LYS A 1352 73.34 -28.61 42.51
N ALA A 1353 72.34 -27.74 42.33
CA ALA A 1353 72.09 -26.63 43.25
C ALA A 1353 70.63 -26.22 43.10
N GLY A 1354 70.27 -25.06 43.65
CA GLY A 1354 68.92 -24.58 43.54
C GLY A 1354 68.79 -23.09 43.28
N GLU A 1355 68.07 -22.74 42.20
CA GLU A 1355 67.72 -21.36 41.89
C GLU A 1355 66.22 -21.28 41.63
N GLU A 1356 65.75 -20.06 41.37
CA GLU A 1356 64.33 -19.69 41.44
C GLU A 1356 63.74 -20.14 42.77
N VAL A 1357 64.41 -19.71 43.83
CA VAL A 1357 64.14 -20.18 45.19
C VAL A 1357 62.92 -19.43 45.70
N TYR A 1358 61.77 -20.10 45.71
CA TYR A 1358 60.55 -19.57 46.35
C TYR A 1358 60.34 -20.34 47.65
N LYS A 1359 60.60 -19.68 48.77
CA LYS A 1359 60.42 -20.25 50.10
C LYS A 1359 59.45 -19.36 50.87
N GLY A 1360 58.32 -19.94 51.24
CA GLY A 1360 57.32 -19.18 51.97
C GLY A 1360 55.99 -19.90 52.02
N TYR A 1361 54.99 -19.18 52.53
CA TYR A 1361 53.66 -19.72 52.82
C TYR A 1361 52.96 -20.09 51.52
N VAL A 1362 52.76 -21.38 51.30
CA VAL A 1362 52.18 -21.89 50.07
C VAL A 1362 50.78 -22.42 50.38
N ASP A 1363 49.96 -22.53 49.34
CA ASP A 1363 48.55 -22.92 49.45
C ASP A 1363 48.47 -24.43 49.68
N ASP A 1364 48.78 -24.83 50.92
CA ASP A 1364 48.72 -26.22 51.35
C ASP A 1364 47.27 -26.57 51.75
N SER A 1365 47.08 -27.63 52.53
CA SER A 1365 45.74 -28.10 52.83
C SER A 1365 45.23 -27.76 54.22
N ARG A 1366 46.04 -27.86 55.27
CA ARG A 1366 45.53 -27.93 56.64
C ARG A 1366 46.29 -27.00 57.60
N ASN A 1367 46.40 -25.71 57.25
CA ASN A 1367 47.11 -24.77 58.11
C ASN A 1367 46.21 -24.12 59.15
N THR A 1368 46.80 -23.88 60.33
CA THR A 1368 46.28 -22.97 61.36
C THR A 1368 47.47 -22.19 61.88
N ASP A 1369 47.30 -21.58 63.07
CA ASP A 1369 48.22 -20.59 63.64
C ASP A 1369 49.67 -21.04 63.83
N ASN A 1370 49.89 -22.00 64.73
CA ASN A 1370 51.20 -22.21 65.31
C ASN A 1370 52.21 -22.82 64.37
N ALA A 1371 51.78 -23.36 63.23
CA ALA A 1371 52.70 -23.99 62.30
C ALA A 1371 52.18 -23.75 60.89
N TRP A 1372 52.60 -22.63 60.29
CA TRP A 1372 52.32 -22.40 58.89
C TRP A 1372 53.40 -23.06 58.06
N VAL A 1373 52.97 -23.66 56.95
CA VAL A 1373 53.92 -24.32 56.08
C VAL A 1373 54.71 -23.27 55.31
N GLU A 1374 55.90 -23.67 54.86
CA GLU A 1374 56.59 -22.98 53.81
C GLU A 1374 57.04 -24.02 52.80
N THR A 1375 56.87 -23.73 51.53
CA THR A 1375 57.53 -24.51 50.51
C THR A 1375 58.86 -23.85 50.18
N SER A 1376 59.78 -24.65 49.67
CA SER A 1376 61.03 -24.18 49.08
C SER A 1376 61.09 -24.84 47.72
N ILE A 1377 60.43 -24.23 46.74
CA ILE A 1377 60.37 -24.76 45.39
C ILE A 1377 61.45 -24.08 44.56
N ILE A 1378 62.20 -24.90 43.81
CA ILE A 1378 63.27 -24.44 42.95
C ILE A 1378 63.03 -24.97 41.54
N THR A 1379 63.50 -24.21 40.55
CA THR A 1379 63.41 -24.61 39.14
C THR A 1379 64.52 -23.89 38.40
N LEU A 1380 65.53 -24.64 37.94
CA LEU A 1380 66.71 -24.02 37.34
C LEU A 1380 67.34 -24.97 36.34
N HIS A 1381 68.10 -24.38 35.42
CA HIS A 1381 68.98 -25.14 34.52
C HIS A 1381 70.12 -24.25 34.04
N THR A 1386 72.49 -26.96 25.77
CA THR A 1386 71.84 -28.12 25.19
C THR A 1386 70.54 -28.45 25.92
N PRO A 1387 69.65 -29.22 25.27
CA PRO A 1387 68.38 -29.58 25.91
C PRO A 1387 68.43 -30.90 26.65
N LEU A 1388 69.64 -31.36 26.97
CA LEU A 1388 69.83 -32.74 27.42
C LEU A 1388 69.40 -32.92 28.87
N MET A 1389 70.10 -32.24 29.81
CA MET A 1389 70.01 -32.48 31.26
C MET A 1389 70.17 -33.97 31.57
N ALA A 1390 71.39 -34.45 31.30
CA ALA A 1390 71.68 -35.89 31.26
C ALA A 1390 71.50 -36.55 32.62
N ASP A 1391 71.74 -35.81 33.71
CA ASP A 1391 71.45 -36.33 35.04
C ASP A 1391 69.95 -36.43 35.30
N LEU A 1392 69.13 -35.71 34.54
CA LEU A 1392 67.69 -35.69 34.73
C LEU A 1392 66.98 -36.70 33.85
N ASN A 1393 67.45 -36.91 32.60
CA ASN A 1393 66.80 -37.87 31.72
C ASN A 1393 67.17 -39.30 32.05
N HIS A 1394 68.37 -39.55 32.56
CA HIS A 1394 68.78 -40.91 32.87
C HIS A 1394 68.16 -41.43 34.17
N MET A 1395 67.77 -40.54 35.07
CA MET A 1395 67.03 -40.92 36.26
C MET A 1395 65.57 -41.14 35.89
N VAL A 1396 65.11 -42.38 36.01
CA VAL A 1396 63.75 -42.76 35.59
C VAL A 1396 62.85 -42.62 36.80
N GLU A 1397 61.93 -41.67 36.74
CA GLU A 1397 61.00 -41.42 37.84
C GLU A 1397 59.80 -42.35 37.68
N SER A 1398 59.85 -43.50 38.35
CA SER A 1398 58.72 -44.39 38.40
C SER A 1398 57.73 -43.88 39.45
N SER A 1399 56.44 -43.99 39.12
CA SER A 1399 55.43 -43.39 39.98
C SER A 1399 55.19 -44.26 41.21
N LEU A 1400 54.45 -43.68 42.17
CA LEU A 1400 54.08 -44.40 43.37
C LEU A 1400 53.03 -45.45 43.06
N SER A 1401 53.23 -46.65 43.62
CA SER A 1401 52.35 -47.82 43.43
C SER A 1401 52.20 -48.22 41.96
N SER A 1402 53.26 -47.97 41.17
CA SER A 1402 53.32 -48.24 39.73
C SER A 1402 52.17 -47.60 38.98
N HIS A 1403 51.89 -46.34 39.31
CA HIS A 1403 50.82 -45.61 38.63
C HIS A 1403 51.23 -45.29 37.21
N GLN A 1404 50.34 -45.56 36.27
CA GLN A 1404 50.67 -45.46 34.84
C GLN A 1404 50.70 -44.01 34.36
N LEU A 1406 50.03 -40.50 33.40
CA LEU A 1406 51.17 -39.60 33.47
C LEU A 1406 51.53 -39.20 32.05
N GLN A 1407 51.73 -37.90 31.84
CA GLN A 1407 52.00 -37.40 30.50
C GLN A 1407 52.96 -36.21 30.62
N TRP A 1408 53.23 -35.58 29.48
CA TRP A 1408 54.10 -34.41 29.41
C TRP A 1408 53.36 -33.31 28.68
N ARG A 1409 53.15 -32.18 29.35
CA ARG A 1409 52.34 -31.10 28.81
C ARG A 1409 53.08 -30.37 27.69
N GLU A 1410 52.29 -29.73 26.82
CA GLU A 1410 52.83 -29.02 25.67
C GLU A 1410 52.80 -27.51 25.82
N VAL A 1411 51.69 -26.95 26.31
CA VAL A 1411 51.56 -25.51 26.48
C VAL A 1411 51.66 -25.17 27.96
N SER A 1412 52.13 -23.97 28.25
CA SER A 1412 52.39 -23.50 29.61
C SER A 1412 51.58 -22.26 29.96
N SER A 1413 50.30 -22.23 29.61
CA SER A 1413 49.44 -21.09 29.93
C SER A 1413 48.77 -21.29 31.29
N ASP A 1414 49.62 -21.32 32.32
CA ASP A 1414 49.32 -21.31 33.75
C ASP A 1414 48.62 -22.56 34.28
N ALA A 1415 48.25 -23.51 33.41
CA ALA A 1415 47.86 -24.89 33.75
C ALA A 1415 46.58 -25.04 34.58
N CYS A 1416 45.91 -23.92 34.92
CA CYS A 1416 44.67 -23.90 35.74
C CYS A 1416 44.84 -24.63 37.07
N ARG A 1417 45.92 -24.29 37.79
CA ARG A 1417 46.33 -25.05 38.97
C ARG A 1417 46.73 -24.05 40.05
N CYS A 1418 47.43 -24.55 41.08
CA CYS A 1418 47.76 -23.77 42.26
C CYS A 1418 48.87 -22.75 41.95
N SER A 1419 49.36 -22.11 43.02
CA SER A 1419 50.24 -20.94 42.86
C SER A 1419 51.60 -21.33 42.31
N TYR A 1420 52.19 -22.41 42.82
CA TYR A 1420 53.53 -22.79 42.39
C TYR A 1420 53.53 -23.36 40.98
N GLN A 1421 52.51 -24.16 40.63
CA GLN A 1421 52.42 -24.75 39.30
C GLN A 1421 52.19 -23.69 38.23
N ARG A 1422 51.26 -22.77 38.49
CA ARG A 1422 50.99 -21.69 37.54
C ARG A 1422 52.16 -20.73 37.44
N GLU A 1423 52.84 -20.47 38.56
CA GLU A 1423 53.99 -19.57 38.56
C GLU A 1423 55.14 -20.16 37.77
N ALA A 1424 55.42 -21.45 37.95
CA ALA A 1424 56.47 -22.11 37.17
C ALA A 1424 56.09 -22.28 35.71
N LEU A 1425 54.80 -22.40 35.40
CA LEU A 1425 54.37 -22.48 34.00
C LEU A 1425 54.53 -21.14 33.31
N ARG A 1426 54.20 -20.04 34.00
CA ARG A 1426 54.42 -18.72 33.41
C ARG A 1426 55.91 -18.38 33.32
N GLN A 1427 56.70 -18.83 34.31
CA GLN A 1427 58.14 -18.57 34.28
C GLN A 1427 58.86 -19.44 33.27
N ILE A 1428 58.28 -20.57 32.86
CA ILE A 1428 58.91 -21.39 31.84
C ILE A 1428 58.84 -20.71 30.47
N ALA A 1429 57.77 -19.96 30.21
CA ALA A 1429 57.65 -19.22 28.97
C ALA A 1429 58.17 -17.80 29.07
N HIS A 1430 58.26 -17.25 30.28
CA HIS A 1430 58.74 -15.87 30.46
C HIS A 1430 60.26 -15.83 30.55
N HIS A 1431 60.85 -16.61 31.46
CA HIS A 1431 62.30 -16.63 31.59
C HIS A 1431 62.95 -17.36 30.42
N HIS A 1432 62.34 -18.45 29.95
CA HIS A 1432 62.88 -19.20 28.83
C HIS A 1432 61.89 -19.25 27.68
N LEU B 41 59.93 -24.37 -37.66
CA LEU B 41 59.05 -23.65 -36.74
C LEU B 41 59.62 -23.68 -35.33
N ALA B 42 59.52 -24.85 -34.68
CA ALA B 42 60.00 -24.99 -33.31
C ALA B 42 61.51 -25.03 -33.21
N SER B 43 62.22 -25.18 -34.33
CA SER B 43 63.67 -25.02 -34.30
C SER B 43 64.07 -23.57 -34.02
N TRP B 44 63.23 -22.62 -34.42
CA TRP B 44 63.41 -21.23 -34.01
C TRP B 44 63.28 -21.10 -32.50
N ILE B 45 62.33 -21.83 -31.91
CA ILE B 45 62.15 -21.82 -30.47
C ILE B 45 63.36 -22.44 -29.78
N LYS B 46 63.89 -23.55 -30.35
CA LYS B 46 65.07 -24.19 -29.78
C LYS B 46 66.32 -23.36 -29.94
N GLU B 47 66.34 -22.46 -30.93
CA GLU B 47 67.44 -21.51 -31.06
C GLU B 47 67.30 -20.37 -30.06
N ASN B 48 66.13 -19.73 -30.01
CA ASN B 48 65.99 -18.51 -29.22
C ASN B 48 65.86 -18.81 -27.73
N ILE B 49 64.99 -19.76 -27.36
CA ILE B 49 64.83 -20.09 -25.96
C ILE B 49 66.04 -20.87 -25.47
N LYS B 50 66.30 -20.78 -24.17
CA LYS B 50 67.55 -21.26 -23.60
C LYS B 50 67.28 -21.97 -22.28
N LYS B 51 68.09 -22.99 -21.98
CA LYS B 51 68.03 -23.64 -20.68
C LYS B 51 68.99 -22.98 -19.71
N LYS B 52 68.50 -22.66 -18.51
CA LYS B 52 69.35 -22.08 -17.49
C LYS B 52 68.87 -22.46 -16.09
N VAL B 96 74.37 -22.82 -13.33
CA VAL B 96 74.26 -21.49 -13.93
C VAL B 96 75.08 -21.41 -15.20
N ARG B 97 74.64 -22.13 -16.22
CA ARG B 97 75.29 -22.13 -17.52
C ARG B 97 74.19 -22.01 -18.57
N GLU B 98 74.20 -20.90 -19.31
CA GLU B 98 73.17 -20.63 -20.31
C GLU B 98 73.34 -21.60 -21.47
N THR B 99 72.54 -22.65 -21.45
CA THR B 99 72.49 -23.70 -22.46
C THR B 99 71.23 -23.53 -23.28
N PRO B 100 71.14 -24.13 -24.48
CA PRO B 100 69.86 -24.10 -25.19
C PRO B 100 68.82 -24.99 -24.53
N THR B 101 67.55 -24.62 -24.75
CA THR B 101 66.43 -25.23 -24.06
C THR B 101 66.03 -26.57 -24.67
N ASP B 102 64.88 -27.10 -24.24
CA ASP B 102 64.40 -28.39 -24.71
C ASP B 102 63.32 -28.31 -25.76
N ALA B 103 62.73 -27.11 -25.98
CA ALA B 103 61.78 -26.82 -27.07
C ALA B 103 60.53 -27.70 -27.00
N PHE B 104 59.74 -27.47 -25.96
CA PHE B 104 58.56 -28.26 -25.67
C PHE B 104 57.43 -27.99 -26.68
N GLY B 105 56.34 -28.74 -26.53
CA GLY B 105 55.25 -28.74 -27.51
C GLY B 105 53.86 -28.46 -26.98
N ASP B 106 52.94 -29.40 -27.15
CA ASP B 106 51.57 -29.28 -26.64
C ASP B 106 51.25 -30.48 -25.76
N ILE B 107 50.24 -30.33 -24.90
CA ILE B 107 49.81 -31.42 -24.03
C ILE B 107 48.33 -31.70 -24.25
N SER B 108 47.89 -32.82 -23.67
CA SER B 108 46.50 -33.06 -23.31
C SER B 108 46.49 -34.15 -22.26
N PHE B 109 45.50 -34.11 -21.38
CA PHE B 109 45.39 -35.10 -20.33
C PHE B 109 43.95 -35.30 -19.88
N LYS B 115 40.06 -30.99 -24.68
CA LYS B 115 40.84 -30.17 -25.60
C LYS B 115 42.32 -30.22 -25.24
N THR B 116 43.08 -29.23 -25.71
CA THR B 116 44.53 -29.29 -25.66
C THR B 116 45.11 -28.02 -25.05
N GLY B 117 46.40 -28.09 -24.76
CA GLY B 117 47.12 -26.94 -24.24
C GLY B 117 48.59 -27.01 -24.62
N LYS B 118 49.19 -25.84 -24.80
CA LYS B 118 50.56 -25.71 -25.28
C LYS B 118 51.48 -25.28 -24.15
N TYR B 119 52.77 -25.58 -24.29
CA TYR B 119 53.68 -25.33 -23.18
C TYR B 119 55.09 -25.18 -23.71
N VAL B 120 55.83 -24.24 -23.13
CA VAL B 120 57.19 -23.93 -23.56
C VAL B 120 58.06 -23.69 -22.33
N ARG B 121 59.21 -24.35 -22.29
CA ARG B 121 60.17 -24.19 -21.20
C ARG B 121 61.13 -23.06 -21.55
N VAL B 122 61.01 -21.93 -20.85
CA VAL B 122 61.91 -20.80 -21.00
C VAL B 122 62.78 -20.70 -19.75
N SER B 123 63.79 -19.84 -19.83
CA SER B 123 64.64 -19.53 -18.69
C SER B 123 64.29 -18.15 -18.15
N SER B 124 64.74 -17.88 -16.93
CA SER B 124 64.43 -16.61 -16.30
C SER B 124 65.16 -15.45 -16.95
N ASP B 125 66.28 -15.72 -17.63
CA ASP B 125 67.05 -14.68 -18.30
C ASP B 125 66.77 -14.76 -19.80
N THR B 126 65.63 -14.21 -20.19
CA THR B 126 65.29 -14.08 -21.60
C THR B 126 64.95 -12.62 -21.91
N SER B 127 65.16 -12.25 -23.16
CA SER B 127 64.95 -10.87 -23.56
C SER B 127 63.46 -10.59 -23.73
N CYS B 128 63.10 -9.32 -23.53
CA CYS B 128 61.71 -8.92 -23.49
C CYS B 128 61.08 -8.91 -24.88
N GLU B 129 61.71 -8.24 -25.83
CA GLU B 129 61.16 -8.20 -27.19
C GLU B 129 61.30 -9.54 -27.89
N ASN B 130 62.33 -10.32 -27.53
CA ASN B 130 62.42 -11.71 -27.97
C ASN B 130 61.21 -12.50 -27.49
N LEU B 131 60.82 -12.27 -26.23
CA LEU B 131 59.66 -12.96 -25.68
C LEU B 131 58.38 -12.53 -26.38
N TYR B 132 58.28 -11.24 -26.73
CA TYR B 132 57.12 -10.78 -27.47
C TYR B 132 57.04 -11.39 -28.85
N GLN B 133 58.18 -11.47 -29.55
CA GLN B 133 58.20 -12.06 -30.88
C GLN B 133 57.82 -13.54 -30.83
N LEU B 134 58.32 -14.26 -29.81
CA LEU B 134 57.94 -15.65 -29.62
C LEU B 134 56.46 -15.80 -29.37
N MET B 135 55.90 -14.97 -28.49
CA MET B 135 54.50 -15.08 -28.13
C MET B 135 53.59 -14.75 -29.30
N THR B 136 53.80 -13.60 -29.94
CA THR B 136 52.90 -13.21 -31.00
C THR B 136 53.18 -13.93 -32.31
N GLU B 137 54.28 -14.68 -32.43
CA GLU B 137 54.55 -15.45 -33.64
C GLU B 137 54.09 -16.89 -33.53
N GLN B 138 54.62 -17.63 -32.55
CA GLN B 138 54.35 -19.05 -32.46
C GLN B 138 52.92 -19.30 -31.99
N TRP B 139 52.56 -18.75 -30.84
CA TRP B 139 51.18 -18.86 -30.37
C TRP B 139 50.22 -18.08 -31.26
N LYS B 140 50.66 -16.87 -31.67
CA LYS B 140 49.94 -16.00 -32.61
C LYS B 140 48.54 -15.64 -32.11
N LEU B 141 48.51 -14.88 -31.03
CA LEU B 141 47.27 -14.41 -30.44
C LEU B 141 46.90 -13.02 -30.95
N ARG B 142 45.61 -12.71 -30.87
CA ARG B 142 45.14 -11.38 -31.22
C ARG B 142 45.46 -10.41 -30.09
N SER B 143 45.19 -9.13 -30.34
CA SER B 143 45.45 -8.13 -29.32
C SER B 143 44.37 -8.19 -28.24
N PRO B 144 44.73 -8.44 -26.99
CA PRO B 144 43.72 -8.51 -25.93
C PRO B 144 43.23 -7.13 -25.54
N ASN B 145 42.05 -7.11 -24.92
CA ASN B 145 41.41 -5.85 -24.55
C ASN B 145 41.66 -5.46 -23.10
N LEU B 146 42.12 -6.39 -22.27
CA LEU B 146 42.23 -6.23 -20.82
C LEU B 146 43.04 -7.38 -20.26
N LEU B 147 43.98 -7.08 -19.37
CA LEU B 147 44.70 -8.11 -18.66
C LEU B 147 44.28 -8.11 -17.21
N ILE B 148 43.76 -9.25 -16.74
CA ILE B 148 43.51 -9.43 -15.33
C ILE B 148 44.37 -10.60 -14.88
N SER B 149 45.19 -10.38 -13.87
CA SER B 149 45.97 -11.48 -13.31
C SER B 149 45.51 -11.74 -11.89
N VAL B 150 45.25 -13.00 -11.56
CA VAL B 150 44.80 -13.39 -10.24
C VAL B 150 45.93 -14.09 -9.50
N THR B 151 46.42 -13.43 -8.46
CA THR B 151 47.53 -13.94 -7.67
C THR B 151 47.17 -14.10 -6.20
N GLY B 152 46.01 -14.71 -5.92
CA GLY B 152 45.71 -15.12 -4.56
C GLY B 152 46.72 -16.11 -4.00
N LYS B 155 48.25 -22.07 -1.35
CA LYS B 155 48.18 -23.52 -1.26
C LYS B 155 47.16 -23.96 -0.22
N ASN B 156 46.91 -23.14 0.80
CA ASN B 156 45.98 -23.44 1.90
C ASN B 156 45.10 -22.23 2.20
N PHE B 157 43.91 -22.13 1.59
CA PHE B 157 42.98 -21.05 1.92
C PHE B 157 41.57 -21.60 2.18
N TYR B 158 40.93 -21.12 3.26
CA TYR B 158 39.63 -21.60 3.70
C TYR B 158 38.48 -20.59 3.55
N ILE B 159 38.28 -19.99 2.37
CA ILE B 159 37.09 -19.17 2.10
C ILE B 159 35.78 -19.93 2.30
N LYS B 160 34.78 -19.26 2.87
CA LYS B 160 33.45 -19.83 3.07
C LYS B 160 32.67 -19.69 1.77
N THR B 161 31.60 -20.48 1.67
CA THR B 161 30.98 -20.77 0.38
C THR B 161 30.30 -19.56 -0.25
N HIS B 162 29.80 -18.62 0.57
CA HIS B 162 29.12 -17.45 0.02
C HIS B 162 30.05 -16.56 -0.80
N LEU B 163 31.24 -16.26 -0.26
CA LEU B 163 32.20 -15.45 -1.00
C LEU B 163 32.76 -16.18 -2.21
N LYS B 164 32.92 -17.51 -2.10
CA LYS B 164 33.43 -18.27 -3.23
C LYS B 164 32.43 -18.28 -4.37
N ASP B 165 31.14 -18.39 -4.05
CA ASP B 165 30.13 -18.38 -5.10
C ASP B 165 30.02 -17.00 -5.76
N LYS B 166 30.03 -15.94 -4.94
CA LYS B 166 29.98 -14.59 -5.50
C LYS B 166 31.21 -14.30 -6.35
N PHE B 167 32.39 -14.76 -5.93
CA PHE B 167 33.59 -14.53 -6.72
C PHE B 167 33.61 -15.32 -8.00
N ARG B 168 33.09 -16.57 -7.98
CA ARG B 168 33.02 -17.37 -9.20
C ARG B 168 32.11 -16.70 -10.22
N ARG B 169 30.91 -16.30 -9.79
CA ARG B 169 29.97 -15.69 -10.72
C ARG B 169 30.47 -14.34 -11.24
N GLY B 170 31.12 -13.56 -10.39
CA GLY B 170 31.62 -12.27 -10.83
C GLY B 170 32.79 -12.38 -11.78
N LEU B 171 33.70 -13.31 -11.53
CA LEU B 171 34.84 -13.46 -12.42
C LEU B 171 34.43 -14.09 -13.74
N ILE B 172 33.35 -14.88 -13.76
CA ILE B 172 32.85 -15.33 -15.06
C ILE B 172 32.18 -14.19 -15.81
N LYS B 173 31.39 -13.37 -15.12
CA LYS B 173 30.73 -12.24 -15.77
C LYS B 173 31.69 -11.16 -16.21
N VAL B 174 32.92 -11.15 -15.70
CA VAL B 174 33.97 -10.31 -16.27
C VAL B 174 34.86 -11.08 -17.22
N ALA B 175 34.70 -12.40 -17.31
CA ALA B 175 35.37 -13.12 -18.38
C ALA B 175 34.61 -13.02 -19.69
N GLN B 176 33.30 -13.19 -19.64
CA GLN B 176 32.48 -13.28 -20.86
C GLN B 176 32.26 -11.94 -21.52
N THR B 177 32.64 -10.84 -20.88
CA THR B 177 32.25 -9.53 -21.38
C THR B 177 33.19 -9.05 -22.48
N THR B 178 34.47 -8.94 -22.19
CA THR B 178 35.34 -8.12 -23.01
C THR B 178 36.20 -8.90 -23.99
N GLY B 179 36.45 -10.18 -23.74
CA GLY B 179 37.48 -10.87 -24.51
C GLY B 179 38.85 -10.53 -23.96
N ALA B 180 39.10 -10.96 -22.72
CA ALA B 180 40.21 -10.47 -21.91
C ALA B 180 41.02 -11.63 -21.37
N TRP B 181 42.32 -11.42 -21.24
CA TRP B 181 43.22 -12.47 -20.81
C TRP B 181 43.30 -12.54 -19.29
N ILE B 182 43.52 -13.74 -18.79
CA ILE B 182 43.58 -14.00 -17.36
C ILE B 182 44.87 -14.74 -17.08
N LEU B 183 45.69 -14.19 -16.20
CA LEU B 183 47.03 -14.69 -15.96
C LEU B 183 47.15 -15.22 -14.54
N THR B 184 47.72 -16.42 -14.38
CA THR B 184 47.74 -17.10 -13.10
C THR B 184 49.02 -17.92 -13.01
N GLY B 185 49.54 -18.11 -11.80
CA GLY B 185 50.47 -19.18 -11.55
C GLY B 185 49.81 -20.52 -11.82
N GLY B 186 50.54 -21.46 -12.40
CA GLY B 186 49.95 -22.67 -12.97
C GLY B 186 49.71 -23.85 -12.06
N THR B 187 50.01 -23.77 -10.77
CA THR B 187 49.92 -24.95 -9.91
C THR B 187 48.48 -25.26 -9.52
N HIS B 188 48.13 -26.56 -9.55
CA HIS B 188 46.77 -27.00 -9.28
C HIS B 188 46.40 -26.89 -7.79
N ALA B 189 47.29 -26.48 -6.92
CA ALA B 189 46.87 -26.28 -5.55
C ALA B 189 46.08 -24.99 -5.40
N GLY B 190 44.87 -25.10 -4.89
CA GLY B 190 44.18 -23.91 -4.42
C GLY B 190 43.54 -23.07 -5.50
N VAL B 191 43.80 -21.75 -5.42
CA VAL B 191 42.92 -20.79 -6.08
C VAL B 191 43.16 -20.75 -7.58
N MET B 192 44.32 -21.22 -8.03
CA MET B 192 44.53 -21.37 -9.46
C MET B 192 43.66 -22.47 -10.03
N LYS B 193 43.54 -23.60 -9.32
CA LYS B 193 42.59 -24.62 -9.75
C LYS B 193 41.16 -24.15 -9.58
N HIS B 194 40.91 -23.27 -8.61
CA HIS B 194 39.56 -22.72 -8.47
C HIS B 194 39.14 -21.89 -9.67
N VAL B 195 40.02 -21.01 -10.15
CA VAL B 195 39.66 -20.26 -11.33
C VAL B 195 39.70 -21.15 -12.57
N GLY B 196 40.49 -22.24 -12.54
CA GLY B 196 40.46 -23.18 -13.64
C GLY B 196 39.13 -23.87 -13.77
N MET B 197 38.56 -24.30 -12.63
CA MET B 197 37.23 -24.90 -12.67
C MET B 197 36.17 -23.88 -13.04
N ALA B 198 36.33 -22.62 -12.64
CA ALA B 198 35.35 -21.60 -13.01
C ALA B 198 35.34 -21.35 -14.52
N VAL B 199 36.52 -21.24 -15.13
CA VAL B 199 36.54 -21.00 -16.56
C VAL B 199 36.18 -22.27 -17.34
N ARG B 200 36.37 -23.46 -16.76
CA ARG B 200 35.85 -24.66 -17.41
C ARG B 200 34.33 -24.69 -17.40
N ASP B 201 33.72 -24.28 -16.30
CA ASP B 201 32.26 -24.25 -16.24
C ASP B 201 31.69 -23.23 -17.21
N TYR B 202 32.36 -22.09 -17.39
CA TYR B 202 31.88 -21.17 -18.40
C TYR B 202 32.07 -21.70 -19.80
N THR B 203 33.22 -22.33 -20.08
CA THR B 203 33.43 -22.73 -21.45
C THR B 203 32.62 -23.97 -21.83
N LEU B 204 32.09 -24.70 -20.85
CA LEU B 204 31.00 -25.63 -21.17
C LEU B 204 29.69 -24.89 -21.35
N SER B 205 29.47 -23.80 -20.62
CA SER B 205 28.18 -23.13 -20.68
C SER B 205 27.94 -22.36 -21.97
N SER B 206 28.99 -21.98 -22.69
CA SER B 206 28.79 -21.31 -23.98
C SER B 206 28.92 -22.25 -25.16
N GLY B 207 29.38 -23.47 -24.94
CA GLY B 207 29.48 -24.45 -26.01
C GLY B 207 30.58 -24.18 -27.01
N SER B 208 31.59 -23.38 -26.64
CA SER B 208 32.71 -22.97 -27.50
C SER B 208 32.22 -22.30 -28.78
N MET B 209 31.16 -21.51 -28.65
CA MET B 209 30.63 -20.77 -29.79
C MET B 209 31.34 -19.45 -30.01
N GLU B 210 31.92 -18.87 -28.98
CA GLU B 210 32.51 -17.54 -29.09
C GLU B 210 33.52 -17.33 -27.98
N GLY B 211 34.65 -16.71 -28.32
CA GLY B 211 35.64 -16.28 -27.34
C GLY B 211 36.79 -17.23 -27.07
N GLN B 212 36.52 -18.31 -26.33
CA GLN B 212 37.53 -19.26 -25.84
C GLN B 212 38.60 -18.51 -25.04
N ILE B 213 38.18 -18.07 -23.85
CA ILE B 213 38.97 -17.18 -22.99
C ILE B 213 40.33 -17.78 -22.66
N VAL B 214 41.38 -17.03 -22.94
CA VAL B 214 42.74 -17.53 -22.82
C VAL B 214 43.17 -17.45 -21.36
N VAL B 215 43.64 -18.55 -20.83
CA VAL B 215 44.30 -18.58 -19.53
C VAL B 215 45.73 -19.01 -19.78
N ILE B 216 46.58 -18.02 -19.96
CA ILE B 216 48.02 -18.22 -19.99
C ILE B 216 48.49 -18.39 -18.56
N GLY B 217 49.38 -19.35 -18.34
CA GLY B 217 49.88 -19.63 -17.01
C GLY B 217 51.39 -19.58 -17.02
N VAL B 218 51.96 -19.12 -15.90
CA VAL B 218 53.40 -19.11 -15.73
C VAL B 218 53.72 -19.92 -14.49
N ALA B 219 54.55 -20.95 -14.63
CA ALA B 219 54.87 -21.85 -13.54
C ALA B 219 56.36 -22.15 -13.51
N PRO B 220 56.93 -22.43 -12.34
CA PRO B 220 58.37 -22.72 -12.25
C PRO B 220 58.66 -24.14 -12.69
N TRP B 221 59.75 -24.30 -13.46
CA TRP B 221 60.11 -25.60 -14.05
C TRP B 221 60.41 -26.66 -13.01
N GLY B 222 61.28 -26.34 -12.06
CA GLY B 222 61.74 -27.35 -11.13
C GLY B 222 60.75 -27.76 -10.07
N VAL B 223 59.61 -27.08 -9.96
CA VAL B 223 58.62 -27.40 -8.93
C VAL B 223 57.52 -28.31 -9.50
N ILE B 224 57.54 -28.59 -10.80
CA ILE B 224 56.49 -29.39 -11.41
C ILE B 224 56.84 -30.87 -11.30
N HIS B 225 55.82 -31.74 -11.41
CA HIS B 225 55.94 -33.13 -10.97
C HIS B 225 56.62 -34.03 -12.00
N ASN B 226 56.02 -34.19 -13.18
CA ASN B 226 56.39 -35.27 -14.08
C ASN B 226 57.01 -34.72 -15.36
N ARG B 227 57.93 -33.77 -15.20
CA ARG B 227 58.48 -33.03 -16.33
C ARG B 227 59.32 -33.91 -17.26
N SER B 228 59.85 -35.03 -16.75
CA SER B 228 60.63 -35.92 -17.60
C SER B 228 59.77 -36.68 -18.60
N THR B 229 58.45 -36.67 -18.43
CA THR B 229 57.52 -37.09 -19.47
C THR B 229 57.28 -35.99 -20.50
N LEU B 230 57.96 -34.85 -20.36
CA LEU B 230 57.74 -33.71 -21.22
C LEU B 230 59.05 -33.11 -21.71
N ILE B 231 60.16 -33.83 -21.55
CA ILE B 231 61.49 -33.26 -21.76
C ILE B 231 62.11 -33.72 -23.08
N HIS B 232 61.30 -34.07 -24.06
CA HIS B 232 61.83 -34.53 -25.33
C HIS B 232 62.37 -33.35 -26.14
N PRO B 233 63.50 -33.53 -26.83
CA PRO B 233 63.98 -32.47 -27.73
C PRO B 233 63.20 -32.38 -29.02
N GLU B 234 62.41 -33.40 -29.34
CA GLU B 234 61.46 -33.29 -30.43
C GLU B 234 60.30 -32.40 -30.03
N GLY B 235 59.71 -31.73 -31.01
CA GLY B 235 58.65 -30.78 -30.78
C GLY B 235 57.32 -31.23 -31.37
N ARG B 236 56.30 -30.42 -31.10
CA ARG B 236 54.94 -30.53 -31.63
C ARG B 236 54.25 -31.83 -31.26
N PHE B 237 54.72 -32.51 -30.22
CA PHE B 237 54.12 -33.80 -29.90
C PHE B 237 53.13 -33.64 -28.76
N PRO B 238 51.93 -34.19 -28.84
CA PRO B 238 51.00 -34.08 -27.71
C PRO B 238 51.36 -35.00 -26.57
N ALA B 239 51.90 -34.45 -25.49
CA ALA B 239 52.28 -35.23 -24.33
C ALA B 239 51.12 -35.36 -23.36
N TYR B 240 51.14 -36.44 -22.61
CA TYR B 240 50.10 -36.70 -21.62
C TYR B 240 50.65 -36.43 -20.22
N TYR B 241 49.80 -35.89 -19.36
CA TYR B 241 50.19 -35.56 -17.99
C TYR B 241 49.35 -36.39 -17.02
N SER B 242 49.98 -36.77 -15.91
CA SER B 242 49.36 -37.61 -14.90
C SER B 242 49.19 -36.82 -13.63
N LEU B 243 47.96 -36.39 -13.37
CA LEU B 243 47.71 -35.51 -12.22
C LEU B 243 47.76 -36.30 -10.92
N ASP B 244 46.84 -37.24 -10.76
CA ASP B 244 46.84 -38.32 -9.76
C ASP B 244 46.63 -37.86 -8.32
N GLU B 245 46.62 -36.54 -8.08
CA GLU B 245 46.29 -35.89 -6.81
C GLU B 245 47.15 -36.36 -5.63
N GLN B 246 48.30 -36.97 -5.89
CA GLN B 246 49.09 -37.59 -4.82
C GLN B 246 50.57 -37.34 -4.99
N GLY B 247 50.94 -36.13 -5.42
CA GLY B 247 52.34 -35.80 -5.58
C GLY B 247 53.05 -35.64 -4.24
N GLN B 248 54.35 -35.41 -4.34
CA GLN B 248 55.17 -35.23 -3.16
C GLN B 248 54.86 -33.88 -2.50
N GLY B 249 55.41 -33.69 -1.30
CA GLY B 249 55.11 -32.49 -0.52
C GLY B 249 55.64 -31.22 -1.14
N ARG B 250 56.72 -31.31 -1.91
CA ARG B 250 57.21 -30.16 -2.64
C ARG B 250 56.54 -30.02 -3.99
N LEU B 251 56.67 -31.04 -4.84
CA LEU B 251 56.34 -30.93 -6.26
C LEU B 251 54.83 -31.04 -6.43
N SER B 252 54.17 -29.90 -6.62
CA SER B 252 52.79 -29.89 -7.03
C SER B 252 52.68 -29.91 -8.55
N CYS B 253 51.47 -30.10 -9.07
CA CYS B 253 51.25 -30.38 -10.48
C CYS B 253 50.45 -29.27 -11.14
N LEU B 254 50.39 -29.32 -12.47
CA LEU B 254 49.65 -28.33 -13.23
C LEU B 254 48.15 -28.49 -13.03
N ASP B 255 47.43 -27.41 -13.23
CA ASP B 255 45.98 -27.48 -13.36
C ASP B 255 45.66 -27.58 -14.85
N ILE B 256 44.96 -28.64 -15.24
CA ILE B 256 44.80 -28.91 -16.67
C ILE B 256 43.61 -28.16 -17.25
N ASN B 257 42.88 -27.41 -16.42
CA ASN B 257 41.83 -26.54 -16.92
C ASN B 257 42.36 -25.25 -17.52
N HIS B 258 43.68 -25.04 -17.54
CA HIS B 258 44.27 -23.87 -18.19
C HIS B 258 44.36 -24.11 -19.69
N THR B 259 44.98 -23.18 -20.41
CA THR B 259 45.27 -23.47 -21.82
C THR B 259 46.68 -23.17 -22.28
N HIS B 260 47.41 -22.21 -21.71
CA HIS B 260 48.77 -21.95 -22.20
C HIS B 260 49.74 -22.05 -21.05
N PHE B 261 50.98 -22.48 -21.33
CA PHE B 261 51.93 -22.67 -20.26
C PHE B 261 53.31 -22.14 -20.64
N LEU B 262 53.81 -21.23 -19.81
CA LEU B 262 55.21 -20.87 -19.75
C LEU B 262 55.78 -21.56 -18.53
N LEU B 263 56.90 -22.23 -18.70
CA LEU B 263 57.60 -22.85 -17.58
C LEU B 263 58.97 -22.20 -17.47
N VAL B 264 59.22 -21.52 -16.36
CA VAL B 264 60.43 -20.74 -16.20
C VAL B 264 61.46 -21.59 -15.48
N ASP B 265 62.69 -21.59 -16.00
CA ASP B 265 63.72 -22.56 -15.61
C ASP B 265 64.99 -21.84 -15.18
N ASP B 266 65.21 -21.78 -13.88
CA ASP B 266 66.43 -21.21 -13.31
C ASP B 266 67.37 -22.26 -12.74
N GLY B 267 66.97 -23.53 -12.74
CA GLY B 267 67.84 -24.57 -12.24
C GLY B 267 67.92 -24.68 -10.73
N THR B 268 67.05 -24.00 -10.00
CA THR B 268 67.09 -24.09 -8.55
C THR B 268 66.43 -25.38 -8.06
N GLN B 269 65.33 -25.78 -8.70
CA GLN B 269 64.71 -27.11 -8.66
C GLN B 269 64.05 -27.42 -7.31
N GLY B 270 64.16 -26.52 -6.34
CA GLY B 270 63.60 -26.79 -5.04
C GLY B 270 62.81 -25.67 -4.41
N HIS B 271 62.85 -24.48 -5.04
CA HIS B 271 62.16 -23.30 -4.52
C HIS B 271 61.20 -22.58 -5.47
N TYR B 272 60.00 -22.28 -4.95
CA TYR B 272 58.93 -21.57 -5.65
C TYR B 272 59.19 -20.12 -6.06
N GLY B 273 59.92 -19.39 -5.21
CA GLY B 273 60.17 -17.96 -5.37
C GLY B 273 60.88 -17.36 -6.57
N VAL B 274 61.85 -18.08 -7.14
CA VAL B 274 62.64 -17.57 -8.26
C VAL B 274 61.85 -17.18 -9.51
N GLU B 275 60.77 -17.90 -9.81
CA GLU B 275 59.95 -17.67 -11.00
C GLU B 275 59.26 -16.30 -11.16
N ILE B 276 58.79 -15.70 -10.07
CA ILE B 276 58.04 -14.43 -10.17
C ILE B 276 58.75 -13.20 -10.78
N GLU B 277 60.01 -12.96 -10.45
CA GLU B 277 60.73 -11.82 -10.98
C GLU B 277 60.54 -11.70 -12.49
N LEU B 278 60.27 -12.81 -13.17
CA LEU B 278 59.94 -12.69 -14.57
C LEU B 278 58.52 -12.21 -14.75
N ARG B 279 57.59 -12.82 -14.02
CA ARG B 279 56.17 -12.69 -14.34
C ARG B 279 55.55 -11.32 -14.41
N ALA B 280 55.83 -10.47 -13.44
CA ALA B 280 55.32 -9.11 -13.53
C ALA B 280 55.94 -8.35 -14.69
N ARG B 281 57.17 -8.69 -15.09
CA ARG B 281 57.78 -8.10 -16.28
C ARG B 281 56.95 -8.36 -17.51
N LEU B 282 56.40 -9.59 -17.62
CA LEU B 282 55.50 -9.93 -18.71
C LEU B 282 54.30 -9.02 -18.75
N GLU B 283 53.78 -8.63 -17.58
CA GLU B 283 52.63 -7.75 -17.51
C GLU B 283 52.95 -6.41 -18.16
N LYS B 284 54.14 -5.87 -17.87
CA LYS B 284 54.53 -4.57 -18.43
C LYS B 284 54.64 -4.64 -19.94
N LEU B 285 55.05 -5.80 -20.47
CA LEU B 285 55.19 -5.94 -21.91
C LEU B 285 53.82 -5.85 -22.57
N ILE B 286 52.82 -6.50 -21.99
CA ILE B 286 51.52 -6.45 -22.66
C ILE B 286 50.74 -5.28 -22.11
N SER B 287 51.40 -4.47 -21.27
CA SER B 287 50.90 -3.13 -21.04
C SER B 287 51.50 -2.16 -22.04
N LYS B 288 52.72 -2.45 -22.51
CA LYS B 288 53.38 -1.56 -23.46
C LYS B 288 52.82 -1.72 -24.85
N LEU B 289 52.18 -2.86 -25.12
CA LEU B 289 51.51 -3.06 -26.39
C LEU B 289 50.30 -2.15 -26.47
N SER B 290 50.02 -1.64 -27.66
CA SER B 290 48.86 -0.78 -27.87
C SER B 290 47.70 -1.56 -28.46
N VAL B 298 47.00 4.76 -26.98
CA VAL B 298 46.29 4.10 -25.91
C VAL B 298 47.03 2.85 -25.45
N THR B 299 46.84 2.49 -24.19
CA THR B 299 47.47 1.32 -23.60
C THR B 299 46.41 0.36 -23.08
N ILE B 300 46.76 -0.91 -23.01
CA ILE B 300 45.83 -1.89 -22.46
C ILE B 300 45.75 -1.73 -20.95
N PRO B 301 44.57 -1.62 -20.36
CA PRO B 301 44.46 -1.61 -18.89
C PRO B 301 44.91 -2.93 -18.29
N VAL B 302 45.58 -2.85 -17.13
CA VAL B 302 46.15 -4.01 -16.47
C VAL B 302 45.74 -3.98 -15.01
N VAL B 303 45.28 -5.11 -14.47
CA VAL B 303 44.91 -5.15 -13.07
C VAL B 303 45.04 -6.55 -12.48
N CYS B 304 45.63 -6.66 -11.28
CA CYS B 304 45.70 -7.92 -10.57
C CYS B 304 44.69 -7.90 -9.42
N VAL B 305 44.08 -9.06 -9.15
CA VAL B 305 43.22 -9.22 -8.00
C VAL B 305 43.93 -10.10 -6.99
N VAL B 306 43.62 -9.90 -5.72
CA VAL B 306 44.36 -10.53 -4.64
C VAL B 306 43.41 -11.11 -3.61
N LEU B 307 43.61 -12.39 -3.29
CA LEU B 307 42.89 -13.11 -2.25
C LEU B 307 43.90 -13.68 -1.26
N ASP B 308 43.48 -14.63 -0.41
CA ASP B 308 44.04 -14.96 0.90
C ASP B 308 45.55 -14.91 1.07
N GLY B 309 46.28 -15.69 0.28
CA GLY B 309 47.70 -15.42 0.23
C GLY B 309 48.56 -15.93 1.38
N GLY B 310 49.76 -15.37 1.43
CA GLY B 310 50.83 -15.84 2.28
C GLY B 310 52.07 -14.98 2.10
N PRO B 311 53.23 -15.62 1.95
CA PRO B 311 54.42 -14.89 1.50
C PRO B 311 54.51 -14.67 0.00
N GLY B 312 53.97 -15.59 -0.80
CA GLY B 312 54.03 -15.41 -2.24
C GLY B 312 53.17 -14.27 -2.76
N THR B 313 51.99 -14.10 -2.15
CA THR B 313 51.11 -13.00 -2.52
C THR B 313 51.76 -11.66 -2.25
N LEU B 314 52.51 -11.55 -1.15
CA LEU B 314 53.08 -10.26 -0.79
C LEU B 314 54.21 -9.88 -1.72
N ASN B 315 55.01 -10.86 -2.13
CA ASN B 315 56.08 -10.60 -3.08
C ASN B 315 55.52 -10.26 -4.46
N THR B 316 54.44 -10.93 -4.89
CA THR B 316 53.95 -10.57 -6.22
C THR B 316 53.19 -9.26 -6.24
N ILE B 317 52.55 -8.88 -5.12
CA ILE B 317 51.99 -7.54 -5.02
C ILE B 317 53.09 -6.51 -5.10
N TYR B 318 54.18 -6.71 -4.36
CA TYR B 318 55.26 -5.73 -4.34
C TYR B 318 55.98 -5.64 -5.68
N ASN B 319 56.14 -6.76 -6.34
CA ASN B 319 56.82 -6.67 -7.62
C ASN B 319 55.87 -6.27 -8.74
N SER B 320 54.56 -6.22 -8.47
CA SER B 320 53.66 -5.61 -9.44
C SER B 320 53.58 -4.10 -9.25
N MET B 321 53.26 -3.65 -8.04
CA MET B 321 52.99 -2.24 -7.81
C MET B 321 54.21 -1.35 -7.92
N LEU B 322 55.42 -1.91 -8.01
CA LEU B 322 56.59 -1.14 -8.38
C LEU B 322 56.71 -0.96 -9.88
N ASN B 323 55.70 -1.39 -10.64
CA ASN B 323 55.72 -1.31 -12.09
C ASN B 323 54.44 -0.67 -12.61
N HIS B 324 53.73 0.05 -11.74
CA HIS B 324 52.58 0.91 -12.04
C HIS B 324 51.37 0.15 -12.59
N THR B 325 51.30 -1.16 -12.40
CA THR B 325 50.14 -1.94 -12.78
C THR B 325 49.31 -2.21 -11.54
N PRO B 326 48.23 -1.48 -11.29
CA PRO B 326 47.65 -1.41 -9.94
C PRO B 326 46.96 -2.69 -9.50
N CYS B 327 46.54 -2.80 -8.23
CA CYS B 327 45.97 -4.06 -7.79
C CYS B 327 44.84 -3.86 -6.80
N VAL B 328 43.95 -4.84 -6.78
CA VAL B 328 42.73 -4.84 -6.00
C VAL B 328 42.84 -5.93 -4.93
N VAL B 329 42.40 -5.64 -3.72
CA VAL B 329 42.46 -6.63 -2.65
C VAL B 329 41.08 -6.93 -2.13
N LEU B 330 40.67 -8.21 -2.22
CA LEU B 330 39.34 -8.61 -1.80
C LEU B 330 39.25 -8.71 -0.28
N GLU B 331 38.17 -8.14 0.29
CA GLU B 331 37.94 -8.24 1.72
C GLU B 331 37.45 -9.62 2.10
N GLY B 332 37.60 -9.93 3.39
CA GLY B 332 37.06 -11.15 3.95
C GLY B 332 37.73 -12.41 3.46
N SER B 333 38.98 -12.33 3.05
CA SER B 333 39.62 -13.45 2.38
C SER B 333 40.54 -14.27 3.26
N GLY B 334 40.91 -13.77 4.44
CA GLY B 334 41.76 -14.54 5.34
C GLY B 334 43.14 -13.99 5.60
N ARG B 335 44.18 -14.68 5.11
CA ARG B 335 45.55 -14.51 5.56
C ARG B 335 46.17 -13.14 5.33
N LEU B 336 46.38 -12.71 4.08
CA LEU B 336 47.07 -11.45 3.84
C LEU B 336 46.13 -10.33 3.43
N ALA B 337 45.01 -10.70 2.82
CA ALA B 337 44.09 -9.71 2.31
C ALA B 337 43.41 -8.96 3.45
N ASP B 338 43.04 -9.66 4.51
CA ASP B 338 42.46 -8.96 5.65
C ASP B 338 43.50 -8.15 6.42
N VAL B 339 44.78 -8.51 6.31
CA VAL B 339 45.84 -7.69 6.88
C VAL B 339 45.90 -6.34 6.18
N ILE B 340 45.94 -6.36 4.85
CA ILE B 340 46.02 -5.07 4.14
C ILE B 340 44.68 -4.33 4.24
N ALA B 341 43.59 -5.06 4.45
CA ALA B 341 42.31 -4.40 4.69
C ALA B 341 42.24 -3.76 6.07
N HIS B 342 42.96 -4.28 7.05
CA HIS B 342 42.96 -3.65 8.36
C HIS B 342 43.80 -2.38 8.38
N VAL B 343 44.83 -2.30 7.53
CA VAL B 343 45.71 -1.12 7.50
C VAL B 343 45.09 -0.16 6.49
N ALA B 344 44.17 0.66 6.99
CA ALA B 344 43.51 1.66 6.15
C ALA B 344 43.69 3.07 6.71
N SER B 345 44.62 3.26 7.64
CA SER B 345 44.88 4.57 8.22
C SER B 345 46.28 4.57 8.81
N VAL B 346 46.70 5.75 9.27
CA VAL B 346 47.98 6.01 9.94
C VAL B 346 49.16 5.55 9.10
N PRO B 347 49.53 6.28 8.04
CA PRO B 347 50.67 5.84 7.21
C PRO B 347 52.00 5.84 7.94
N VAL B 348 52.18 6.72 8.92
CA VAL B 348 53.41 6.74 9.70
C VAL B 348 53.26 5.89 10.97
N SER B 349 52.10 5.94 11.61
CA SER B 349 51.97 5.36 12.95
C SER B 349 51.79 3.86 12.90
N LYS B 350 51.05 3.34 11.92
CA LYS B 350 50.73 1.92 11.89
C LYS B 350 51.92 1.06 11.53
N VAL B 351 52.88 1.58 10.78
CA VAL B 351 53.98 0.75 10.33
C VAL B 351 54.99 0.62 11.46
N THR B 352 54.74 -0.31 12.37
CA THR B 352 55.68 -0.75 13.38
C THR B 352 55.74 -2.27 13.31
N MET B 353 56.87 -2.82 13.78
CA MET B 353 56.98 -4.28 13.85
C MET B 353 56.03 -4.85 14.90
N ALA B 354 55.66 -4.05 15.90
CA ALA B 354 54.76 -4.52 16.95
C ALA B 354 53.32 -4.66 16.45
N LEU B 355 52.83 -3.67 15.71
CA LEU B 355 51.45 -3.73 15.24
C LEU B 355 51.29 -4.79 14.15
N ILE B 356 52.28 -4.91 13.28
CA ILE B 356 52.27 -5.96 12.26
C ILE B 356 52.38 -7.33 12.93
N ASN B 357 53.15 -7.43 14.01
CA ASN B 357 53.24 -8.69 14.72
C ASN B 357 51.94 -9.01 15.45
N ARG B 358 51.25 -7.98 15.95
CA ARG B 358 49.93 -8.18 16.56
C ARG B 358 48.92 -8.67 15.53
N LEU B 359 48.94 -8.07 14.33
CA LEU B 359 48.01 -8.50 13.29
C LEU B 359 48.32 -9.89 12.78
N LEU B 360 49.60 -10.20 12.57
CA LEU B 360 49.98 -11.51 12.07
C LEU B 360 49.79 -12.59 13.13
N LYS B 361 49.73 -12.21 14.40
CA LYS B 361 49.24 -13.14 15.41
C LYS B 361 47.73 -13.23 15.39
N ARG B 362 47.05 -12.15 14.98
CA ARG B 362 45.60 -12.17 15.00
C ARG B 362 45.00 -12.97 13.84
N PHE B 363 45.69 -13.07 12.71
CA PHE B 363 45.10 -13.71 11.53
C PHE B 363 45.76 -15.02 11.16
N PHE B 364 47.09 -15.04 11.01
CA PHE B 364 47.81 -16.27 10.65
C PHE B 364 47.82 -17.20 11.86
N MET B 365 46.73 -17.96 12.00
CA MET B 365 46.53 -18.75 13.22
C MET B 365 47.49 -19.94 13.27
N GLN B 366 47.40 -20.83 12.29
CA GLN B 366 48.10 -22.11 12.40
C GLN B 366 49.58 -22.00 12.09
N GLU B 367 49.98 -21.10 11.19
CA GLU B 367 51.35 -21.07 10.71
C GLU B 367 52.24 -20.12 11.49
N TYR B 368 51.76 -19.56 12.60
CA TYR B 368 52.44 -18.44 13.25
C TYR B 368 53.76 -18.84 13.89
N LYS B 369 53.94 -20.11 14.20
CA LYS B 369 55.21 -20.55 14.74
C LYS B 369 56.28 -20.74 13.68
N ASN B 370 55.95 -20.55 12.40
CA ASN B 370 56.95 -20.67 11.34
C ASN B 370 57.71 -19.38 11.11
N PHE B 371 57.43 -18.33 11.87
CA PHE B 371 58.01 -17.01 11.60
C PHE B 371 59.40 -16.88 12.23
N THR B 372 60.28 -16.17 11.53
CA THR B 372 61.58 -15.77 12.05
C THR B 372 61.75 -14.27 11.89
N GLU B 373 62.77 -13.73 12.57
CA GLU B 373 62.90 -12.28 12.70
C GLU B 373 63.33 -11.61 11.40
N LEU B 374 64.15 -12.28 10.60
CA LEU B 374 64.52 -11.74 9.30
C LEU B 374 63.31 -11.70 8.37
N GLN B 375 62.47 -12.74 8.41
CA GLN B 375 61.30 -12.77 7.56
C GLN B 375 60.25 -11.76 8.01
N ILE B 376 60.10 -11.57 9.32
CA ILE B 376 59.12 -10.57 9.75
C ILE B 376 59.62 -9.17 9.44
N ILE B 377 60.94 -8.95 9.40
CA ILE B 377 61.32 -7.59 9.11
C ILE B 377 61.30 -7.34 7.59
N GLU B 378 61.53 -8.37 6.77
CA GLU B 378 61.41 -8.20 5.33
C GLU B 378 59.96 -7.96 4.95
N TRP B 379 59.05 -8.66 5.63
CA TRP B 379 57.62 -8.43 5.52
C TRP B 379 57.21 -7.02 5.91
N THR B 380 57.73 -6.52 7.03
CA THR B 380 57.34 -5.19 7.48
C THR B 380 57.84 -4.11 6.55
N LYS B 381 59.05 -4.29 5.99
CA LYS B 381 59.52 -3.32 5.02
C LYS B 381 58.73 -3.39 3.72
N LYS B 382 58.32 -4.59 3.30
CA LYS B 382 57.55 -4.71 2.06
C LYS B 382 56.18 -4.07 2.20
N ILE B 383 55.52 -4.28 3.33
CA ILE B 383 54.18 -3.70 3.49
C ILE B 383 54.27 -2.19 3.72
N GLN B 384 55.38 -1.70 4.30
CA GLN B 384 55.53 -0.25 4.39
C GLN B 384 55.78 0.37 3.02
N ASP B 385 56.50 -0.34 2.15
CA ASP B 385 56.71 0.17 0.80
C ASP B 385 55.43 0.10 -0.03
N ILE B 386 54.59 -0.90 0.24
CA ILE B 386 53.33 -1.02 -0.49
C ILE B 386 52.36 0.08 -0.06
N LEU B 387 52.15 0.22 1.24
CA LEU B 387 51.14 1.14 1.74
C LEU B 387 51.51 2.61 1.52
N ARG B 388 52.78 2.89 1.23
CA ARG B 388 53.21 4.25 0.92
C ARG B 388 52.81 4.71 -0.47
N MET B 389 52.18 3.86 -1.28
CA MET B 389 51.66 4.20 -2.60
C MET B 389 50.16 4.06 -2.60
N PRO B 390 49.42 4.98 -2.00
CA PRO B 390 47.99 4.77 -1.78
C PRO B 390 47.12 5.07 -2.99
N HIS B 391 47.69 5.47 -4.12
CA HIS B 391 46.90 5.77 -5.29
C HIS B 391 46.94 4.66 -6.33
N LEU B 392 47.64 3.57 -6.06
CA LEU B 392 47.53 2.39 -6.91
C LEU B 392 46.81 1.24 -6.22
N LEU B 393 46.87 1.17 -4.90
CA LEU B 393 46.17 0.13 -4.17
C LEU B 393 44.72 0.51 -3.93
N THR B 394 43.86 -0.51 -3.82
CA THR B 394 42.54 -0.34 -3.25
C THR B 394 42.13 -1.61 -2.51
N VAL B 395 41.87 -1.45 -1.21
CA VAL B 395 41.12 -2.47 -0.50
C VAL B 395 39.69 -2.39 -0.98
N PHE B 396 39.01 -3.52 -0.94
CA PHE B 396 37.72 -3.58 -1.60
C PHE B 396 36.77 -4.41 -0.77
N ARG B 397 35.67 -3.79 -0.35
CA ARG B 397 34.69 -4.44 0.51
C ARG B 397 34.02 -5.59 -0.22
N ILE B 398 33.36 -6.43 0.57
CA ILE B 398 32.96 -7.75 0.11
C ILE B 398 31.84 -7.63 -0.91
N ASP B 399 31.74 -8.64 -1.78
CA ASP B 399 30.69 -8.68 -2.78
C ASP B 399 29.35 -8.84 -2.09
N GLU B 400 28.53 -7.79 -2.13
CA GLU B 400 27.25 -7.74 -1.43
C GLU B 400 26.13 -7.55 -2.42
N ASP B 401 24.90 -7.66 -1.91
CA ASP B 401 23.72 -7.42 -2.72
C ASP B 401 23.40 -5.94 -2.87
N LYS B 402 24.15 -5.06 -2.23
CA LYS B 402 23.92 -3.61 -2.33
C LYS B 402 24.74 -2.99 -3.47
N ASN B 403 24.61 -3.59 -4.66
CA ASN B 403 25.20 -3.15 -5.92
C ASN B 403 26.73 -3.02 -5.81
N TYR B 404 27.36 -4.16 -5.55
CA TYR B 404 28.82 -4.21 -5.52
C TYR B 404 29.27 -5.62 -5.89
N ASP B 405 29.98 -5.74 -7.00
CA ASP B 405 30.66 -6.97 -7.39
C ASP B 405 32.01 -6.56 -7.95
N VAL B 406 32.73 -7.51 -8.57
CA VAL B 406 34.11 -7.23 -8.94
C VAL B 406 34.23 -6.26 -10.10
N ASP B 407 33.16 -6.02 -10.84
CA ASP B 407 33.21 -5.04 -11.92
C ASP B 407 33.41 -3.63 -11.37
N VAL B 408 32.77 -3.33 -10.24
CA VAL B 408 32.93 -2.02 -9.61
C VAL B 408 34.35 -1.85 -9.10
N ALA B 409 34.93 -2.91 -8.56
CA ALA B 409 36.29 -2.85 -8.06
C ALA B 409 37.28 -2.66 -9.19
N ILE B 410 37.09 -3.36 -10.30
CA ILE B 410 38.00 -3.21 -11.44
C ILE B 410 37.92 -1.81 -12.03
N LEU B 411 36.70 -1.25 -12.11
CA LEU B 411 36.57 0.10 -12.61
C LEU B 411 37.20 1.13 -11.67
N GLN B 412 36.95 1.01 -10.37
CA GLN B 412 37.47 2.02 -9.46
C GLN B 412 38.98 1.95 -9.34
N ALA B 413 39.57 0.76 -9.48
CA ALA B 413 41.03 0.69 -9.50
C ALA B 413 41.59 1.28 -10.77
N LEU B 414 40.91 1.06 -11.91
CA LEU B 414 41.33 1.73 -13.14
C LEU B 414 41.24 3.24 -13.03
N LEU B 415 40.27 3.77 -12.30
CA LEU B 415 40.16 5.21 -12.25
C LEU B 415 41.06 5.86 -11.19
N LYS B 416 41.20 5.26 -10.00
CA LYS B 416 42.17 5.77 -9.05
C LYS B 416 43.59 5.59 -9.52
N ALA B 417 43.83 4.69 -10.48
CA ALA B 417 45.12 4.71 -11.16
C ALA B 417 45.19 5.86 -12.16
N SER B 418 44.18 6.01 -13.00
CA SER B 418 44.29 6.95 -14.12
C SER B 418 43.98 8.39 -13.73
N ARG B 419 43.52 8.63 -12.51
CA ARG B 419 43.24 10.00 -12.09
C ARG B 419 44.52 10.79 -11.88
N SER B 420 45.36 10.34 -10.94
CA SER B 420 46.62 10.98 -10.60
C SER B 420 47.76 10.60 -11.54
N ASP B 421 47.45 10.02 -12.69
CA ASP B 421 48.44 9.63 -13.67
C ASP B 421 49.04 10.88 -14.32
N GLU B 422 50.17 10.68 -14.98
CA GLU B 422 50.80 11.79 -15.70
C GLU B 422 49.98 12.21 -16.92
N HIS B 423 49.72 11.28 -17.84
CA HIS B 423 49.12 11.62 -19.13
C HIS B 423 48.01 10.63 -19.47
N ALA B 424 47.06 10.45 -18.55
CA ALA B 424 45.91 9.59 -18.85
C ALA B 424 44.69 10.36 -19.35
N GLY B 425 44.63 11.67 -19.11
CA GLY B 425 43.45 12.43 -19.49
C GLY B 425 43.30 12.68 -20.98
N ARG B 426 44.36 12.44 -21.75
CA ARG B 426 44.30 12.69 -23.18
C ARG B 426 43.72 11.50 -23.95
N HIS B 427 44.06 10.29 -23.54
CA HIS B 427 43.65 9.13 -24.33
C HIS B 427 43.12 7.94 -23.53
N CYS B 428 43.31 7.85 -22.22
CA CYS B 428 42.88 6.65 -21.50
C CYS B 428 41.38 6.61 -21.23
N TRP B 429 40.72 7.77 -21.18
CA TRP B 429 39.31 7.80 -20.82
C TRP B 429 38.43 7.22 -21.91
N GLU B 430 38.95 7.14 -23.14
CA GLU B 430 38.23 6.50 -24.24
C GLU B 430 38.01 5.02 -23.95
N ARG B 431 39.08 4.27 -23.72
CA ARG B 431 38.92 2.85 -23.48
C ARG B 431 38.35 2.60 -22.09
N GLN B 432 38.53 3.55 -21.17
CA GLN B 432 37.80 3.55 -19.91
C GLN B 432 36.29 3.48 -20.12
N LEU B 433 35.74 4.40 -20.92
CA LEU B 433 34.29 4.38 -21.15
C LEU B 433 33.89 3.16 -21.98
N GLU B 434 34.69 2.82 -22.99
CA GLU B 434 34.36 1.70 -23.88
C GLU B 434 34.33 0.38 -23.13
N LEU B 435 35.08 0.29 -22.03
CA LEU B 435 34.90 -0.83 -21.13
C LEU B 435 33.71 -0.62 -20.20
N ALA B 436 33.43 0.64 -19.82
CA ALA B 436 32.40 0.89 -18.82
C ALA B 436 31.01 0.59 -19.35
N VAL B 437 30.84 0.67 -20.67
CA VAL B 437 29.54 0.35 -21.25
C VAL B 437 29.28 -1.15 -21.24
N ALA B 438 30.32 -1.97 -21.19
CA ALA B 438 30.11 -3.39 -21.41
C ALA B 438 29.59 -4.09 -20.19
N TRP B 439 29.61 -3.47 -19.03
CA TRP B 439 29.21 -4.14 -17.81
C TRP B 439 27.93 -3.56 -17.24
N ASN B 440 27.43 -2.48 -17.83
CA ASN B 440 26.19 -1.79 -17.46
C ASN B 440 26.22 -1.34 -16.01
N ARG B 441 27.20 -0.52 -15.69
CA ARG B 441 27.27 0.18 -14.42
C ARG B 441 27.04 1.65 -14.72
N VAL B 442 25.79 2.08 -14.60
CA VAL B 442 25.44 3.43 -15.01
C VAL B 442 25.88 4.46 -13.98
N ASP B 443 25.74 4.13 -12.69
CA ASP B 443 25.97 5.12 -11.64
C ASP B 443 27.45 5.45 -11.49
N ILE B 444 28.32 4.46 -11.75
CA ILE B 444 29.74 4.68 -11.58
C ILE B 444 30.29 5.60 -12.66
N ALA B 445 29.87 5.39 -13.90
CA ALA B 445 30.28 6.29 -14.96
C ALA B 445 29.62 7.64 -14.80
N GLU B 446 28.39 7.67 -14.28
CA GLU B 446 27.69 8.93 -14.12
C GLU B 446 28.30 9.78 -13.01
N SER B 447 28.87 9.15 -12.00
CA SER B 447 29.45 9.87 -10.88
C SER B 447 30.96 10.02 -10.98
N GLU B 448 31.61 9.40 -11.96
CA GLU B 448 33.07 9.44 -11.99
C GLU B 448 33.62 10.20 -13.18
N ILE B 449 33.18 9.89 -14.40
CA ILE B 449 33.77 10.52 -15.58
C ILE B 449 32.90 11.57 -16.24
N PHE B 450 31.59 11.56 -15.98
CA PHE B 450 30.75 12.67 -16.45
C PHE B 450 30.58 13.68 -15.33
N THR B 451 31.70 14.30 -14.99
CA THR B 451 31.74 15.39 -14.03
C THR B 451 31.84 16.70 -14.79
N GLU B 452 31.82 17.81 -14.03
CA GLU B 452 31.71 19.12 -14.64
C GLU B 452 32.99 19.57 -15.31
N GLU B 453 34.12 18.99 -14.94
CA GLU B 453 35.42 19.52 -15.35
C GLU B 453 35.93 18.97 -16.67
N SER B 454 35.27 17.97 -17.27
CA SER B 454 35.89 17.25 -18.37
C SER B 454 35.79 18.03 -19.69
N GLN B 455 34.58 18.47 -20.04
CA GLN B 455 34.29 19.38 -21.17
C GLN B 455 34.74 18.78 -22.52
N TRP B 456 34.10 17.67 -22.87
CA TRP B 456 34.38 16.94 -24.09
C TRP B 456 33.69 17.57 -25.30
N THR B 457 33.73 16.88 -26.43
CA THR B 457 32.92 17.19 -27.60
C THR B 457 31.91 16.06 -27.83
N SER B 458 30.93 16.35 -28.68
CA SER B 458 29.82 15.41 -28.82
C SER B 458 30.08 14.35 -29.87
N SER B 459 30.93 14.62 -30.86
CA SER B 459 31.17 13.64 -31.91
C SER B 459 32.09 12.51 -31.46
N ASP B 460 32.85 12.73 -30.40
CA ASP B 460 33.78 11.70 -29.93
C ASP B 460 33.07 10.58 -29.18
N LEU B 461 31.88 10.83 -28.65
CA LEU B 461 31.15 9.82 -27.91
C LEU B 461 30.52 8.79 -28.83
N HIS B 462 30.35 9.11 -30.11
CA HIS B 462 29.63 8.35 -31.12
C HIS B 462 30.05 6.89 -31.32
N PRO B 463 31.32 6.47 -31.08
CA PRO B 463 31.55 5.02 -30.98
C PRO B 463 30.84 4.39 -29.79
N ALA B 464 31.10 4.95 -28.61
CA ALA B 464 30.76 4.29 -27.36
C ALA B 464 29.27 4.10 -27.19
N MET B 465 28.50 5.16 -27.41
CA MET B 465 27.05 5.09 -27.31
C MET B 465 26.45 4.13 -28.32
N PHE B 466 27.11 3.94 -29.46
CA PHE B 466 26.68 2.95 -30.44
C PHE B 466 26.62 1.56 -29.82
N SER B 467 27.65 1.19 -29.05
CA SER B 467 27.60 -0.11 -28.41
C SER B 467 26.52 -0.15 -27.36
N ALA B 468 26.28 0.97 -26.68
CA ALA B 468 25.19 1.03 -25.72
C ALA B 468 23.84 0.92 -26.39
N LEU B 469 23.77 1.24 -27.67
CA LEU B 469 22.53 1.03 -28.40
C LEU B 469 22.50 -0.30 -29.11
N VAL B 470 23.64 -0.97 -29.28
CA VAL B 470 23.58 -2.24 -30.00
C VAL B 470 23.24 -3.39 -29.09
N GLY B 471 23.15 -3.15 -27.79
CA GLY B 471 22.91 -4.24 -26.86
C GLY B 471 21.92 -3.95 -25.77
N ASP B 472 20.96 -3.05 -26.06
CA ASP B 472 19.79 -2.77 -25.22
C ASP B 472 20.17 -2.28 -23.82
N LYS B 473 20.84 -1.12 -23.79
CA LYS B 473 21.22 -0.45 -22.55
C LYS B 473 20.43 0.84 -22.42
N PRO B 474 19.21 0.80 -21.89
CA PRO B 474 18.35 1.98 -21.89
C PRO B 474 18.77 3.13 -20.98
N GLU B 475 19.09 2.83 -19.71
CA GLU B 475 19.43 3.89 -18.78
C GLU B 475 20.72 4.56 -19.17
N PHE B 476 21.62 3.81 -19.78
CA PHE B 476 22.90 4.37 -20.17
C PHE B 476 22.77 5.25 -21.39
N VAL B 477 21.86 4.93 -22.31
CA VAL B 477 21.73 5.80 -23.48
C VAL B 477 20.92 7.04 -23.13
N ARG B 478 20.05 6.97 -22.12
CA ARG B 478 19.50 8.21 -21.56
C ARG B 478 20.59 9.07 -20.95
N LEU B 479 21.56 8.45 -20.26
CA LEU B 479 22.67 9.21 -19.69
C LEU B 479 23.51 9.86 -20.78
N LEU B 480 23.72 9.16 -21.89
CA LEU B 480 24.47 9.73 -23.01
C LEU B 480 23.76 10.91 -23.64
N LEU B 481 22.47 10.76 -23.95
CA LEU B 481 21.76 11.85 -24.60
C LEU B 481 21.55 13.03 -23.67
N GLU B 482 21.55 12.80 -22.35
CA GLU B 482 21.55 13.93 -21.44
C GLU B 482 22.92 14.58 -21.36
N ASN B 483 23.99 13.81 -21.49
CA ASN B 483 25.32 14.40 -21.32
C ASN B 483 25.84 15.09 -22.56
N GLY B 484 25.21 14.90 -23.71
CA GLY B 484 25.65 15.65 -24.86
C GLY B 484 25.65 14.95 -26.21
N VAL B 485 25.24 13.70 -26.27
CA VAL B 485 25.14 13.02 -27.56
C VAL B 485 23.90 13.52 -28.26
N CYS B 486 24.05 14.00 -29.50
CA CYS B 486 22.96 14.57 -30.28
C CYS B 486 22.65 13.65 -31.45
N VAL B 487 21.37 13.31 -31.61
CA VAL B 487 21.00 12.28 -32.58
C VAL B 487 21.12 12.80 -34.00
N ARG B 488 21.12 14.13 -34.18
CA ARG B 488 21.25 14.69 -35.53
C ARG B 488 22.65 14.50 -36.08
N GLU B 489 23.67 14.67 -35.24
CA GLU B 489 25.04 14.43 -35.69
C GLU B 489 25.33 12.94 -35.80
N PHE B 490 24.54 12.11 -35.13
CA PHE B 490 24.86 10.70 -34.97
C PHE B 490 24.73 9.94 -36.29
N LEU B 491 23.68 10.23 -37.05
CA LEU B 491 23.33 9.42 -38.22
C LEU B 491 23.82 10.03 -39.52
N GLU B 492 25.00 10.66 -39.51
CA GLU B 492 25.48 11.37 -40.70
C GLU B 492 25.84 10.41 -41.82
N ARG B 493 26.78 9.51 -41.57
CA ARG B 493 27.09 8.48 -42.55
C ARG B 493 26.01 7.43 -42.54
N GLU B 494 25.52 7.07 -43.74
CA GLU B 494 24.51 6.03 -43.85
C GLU B 494 25.09 4.64 -43.58
N GLU B 495 26.41 4.52 -43.62
CA GLU B 495 27.06 3.26 -43.27
C GLU B 495 26.85 2.89 -41.80
N THR B 496 26.65 3.88 -40.93
CA THR B 496 26.28 3.58 -39.55
C THR B 496 24.92 2.93 -39.48
N LEU B 497 23.97 3.39 -40.29
CA LEU B 497 22.65 2.78 -40.30
C LEU B 497 22.69 1.38 -40.88
N CYS B 498 23.53 1.19 -41.91
CA CYS B 498 23.73 -0.15 -42.46
C CYS B 498 24.36 -1.08 -41.42
N GLU B 499 25.26 -0.54 -40.59
CA GLU B 499 25.85 -1.33 -39.53
C GLU B 499 24.83 -1.65 -38.45
N LEU B 500 23.91 -0.72 -38.19
CA LEU B 500 22.88 -0.93 -37.18
C LEU B 500 21.94 -2.04 -37.61
N TYR B 501 21.52 -2.02 -38.87
CA TYR B 501 20.69 -3.11 -39.34
C TYR B 501 21.48 -4.40 -39.54
N SER B 502 22.80 -4.32 -39.68
CA SER B 502 23.61 -5.52 -39.70
C SER B 502 23.62 -6.20 -38.34
N HIS B 503 23.87 -5.43 -37.28
CA HIS B 503 23.97 -5.96 -35.93
C HIS B 503 22.64 -6.10 -35.24
N LEU B 504 21.55 -6.20 -35.98
CA LEU B 504 20.24 -6.33 -35.37
C LEU B 504 20.13 -7.70 -34.71
N PRO B 505 19.71 -7.77 -33.47
CA PRO B 505 19.61 -9.07 -32.80
C PRO B 505 18.40 -9.88 -33.24
N SER B 506 18.19 -11.01 -32.58
CA SER B 506 17.20 -11.98 -33.02
C SER B 506 15.80 -11.56 -32.62
N CYS B 507 14.87 -11.67 -33.57
CA CYS B 507 13.46 -11.34 -33.37
C CYS B 507 12.66 -12.02 -34.45
N PHE B 508 11.37 -11.70 -34.51
CA PHE B 508 10.52 -12.19 -35.58
C PHE B 508 10.82 -11.49 -36.90
N PHE B 509 11.29 -10.25 -36.80
CA PHE B 509 11.45 -9.40 -37.99
C PHE B 509 12.57 -9.90 -38.88
N LEU B 510 13.77 -10.07 -38.34
CA LEU B 510 14.91 -10.43 -39.18
C LEU B 510 14.78 -11.86 -39.67
N ARG B 511 14.09 -12.70 -38.90
CA ARG B 511 13.69 -14.02 -39.38
C ARG B 511 12.76 -13.89 -40.58
N LYS B 512 11.84 -12.92 -40.57
CA LYS B 512 11.01 -12.71 -41.75
C LYS B 512 11.72 -11.93 -42.85
N LEU B 513 12.84 -11.30 -42.54
CA LEU B 513 13.56 -10.41 -43.46
C LEU B 513 14.58 -11.16 -44.29
N ALA B 514 15.26 -12.15 -43.70
CA ALA B 514 16.28 -12.88 -44.43
C ALA B 514 15.69 -13.75 -45.54
N LYS B 515 14.40 -14.11 -45.44
CA LYS B 515 13.72 -14.76 -46.54
C LYS B 515 13.66 -13.84 -47.75
N ARG B 516 13.36 -12.57 -47.54
CA ARG B 516 13.39 -11.60 -48.61
C ARG B 516 14.81 -11.24 -49.03
N VAL B 517 15.81 -11.44 -48.17
CA VAL B 517 17.19 -11.23 -48.59
C VAL B 517 17.63 -12.33 -49.55
N GLN B 518 17.37 -13.58 -49.20
CA GLN B 518 17.69 -14.70 -50.08
C GLN B 518 16.73 -14.77 -51.25
N CYS B 536 21.87 -3.85 -46.80
CA CYS B 536 21.13 -3.01 -47.74
C CYS B 536 19.93 -2.36 -47.05
N LEU B 537 20.07 -1.05 -46.76
CA LEU B 537 18.95 -0.31 -46.18
C LEU B 537 17.80 -0.17 -47.16
N SER B 538 18.11 -0.13 -48.46
CA SER B 538 17.07 -0.12 -49.48
C SER B 538 16.30 -1.43 -49.55
N HIS B 539 16.87 -2.52 -49.03
CA HIS B 539 16.14 -3.78 -48.95
C HIS B 539 15.10 -3.76 -47.84
N VAL B 540 15.25 -2.89 -46.84
CA VAL B 540 14.38 -2.90 -45.67
C VAL B 540 12.99 -2.39 -46.02
N SER B 541 12.91 -1.45 -46.96
CA SER B 541 11.66 -0.76 -47.28
C SER B 541 10.61 -1.70 -47.88
N GLU B 542 11.04 -2.80 -48.50
CA GLU B 542 10.07 -3.77 -49.01
C GLU B 542 9.35 -4.46 -47.86
N GLU B 543 10.08 -4.91 -46.85
CA GLU B 543 9.45 -5.51 -45.68
C GLU B 543 8.67 -4.49 -44.88
N VAL B 544 9.10 -3.22 -44.90
CA VAL B 544 8.34 -2.16 -44.24
C VAL B 544 6.98 -1.97 -44.92
N ARG B 545 6.99 -1.69 -46.23
CA ARG B 545 5.77 -1.40 -46.95
C ARG B 545 4.88 -2.63 -47.12
N HIS B 546 5.44 -3.83 -47.00
CA HIS B 546 4.58 -5.00 -46.87
C HIS B 546 3.97 -5.08 -45.49
N LEU B 547 4.77 -4.81 -44.45
CA LEU B 547 4.22 -4.81 -43.10
C LEU B 547 3.30 -3.62 -42.88
N LEU B 548 3.51 -2.53 -43.59
CA LEU B 548 2.61 -1.40 -43.53
C LEU B 548 1.60 -1.58 -44.65
N GLY B 549 0.68 -0.63 -44.80
CA GLY B 549 -0.19 -0.63 -45.97
C GLY B 549 0.57 -0.21 -47.21
N SER B 550 0.33 -0.91 -48.31
CA SER B 550 1.11 -0.68 -49.52
C SER B 550 0.71 0.57 -50.27
N PHE B 551 -0.34 1.26 -49.83
CA PHE B 551 -0.79 2.47 -50.49
C PHE B 551 0.14 3.65 -50.27
N THR B 552 1.08 3.54 -49.32
CA THR B 552 2.02 4.61 -49.07
C THR B 552 3.08 4.64 -50.16
N GLN B 553 3.97 5.62 -50.06
CA GLN B 553 5.17 5.62 -50.85
C GLN B 553 6.19 4.72 -50.17
N PRO B 554 7.23 4.29 -50.89
CA PRO B 554 8.37 3.70 -50.22
C PRO B 554 9.35 4.76 -49.76
N LEU B 555 10.10 4.42 -48.72
CA LEU B 555 11.03 5.31 -48.05
C LEU B 555 12.41 4.64 -48.01
N TYR B 556 13.35 5.33 -47.37
CA TYR B 556 14.75 4.91 -47.20
C TYR B 556 15.39 4.64 -48.57
N ILE B 557 15.52 5.73 -49.32
CA ILE B 557 16.04 5.69 -50.69
C ILE B 557 17.51 5.31 -50.70
N ALA B 558 18.02 4.96 -51.89
CA ALA B 558 19.34 4.35 -52.01
C ALA B 558 20.46 5.35 -51.69
N SER B 559 20.26 6.62 -52.02
CA SER B 559 21.28 7.62 -51.74
C SER B 559 20.62 8.96 -51.48
N ARG B 560 21.00 9.58 -50.37
CA ARG B 560 20.48 10.89 -50.01
C ARG B 560 21.10 11.96 -50.90
N THR B 591 11.68 11.46 -49.69
CA THR B 591 12.86 10.76 -49.20
C THR B 591 13.69 11.65 -48.30
N VAL B 592 13.03 12.32 -47.36
CA VAL B 592 13.70 13.23 -46.45
C VAL B 592 14.45 12.40 -45.42
N TRP B 593 15.58 12.92 -44.92
CA TRP B 593 16.51 12.08 -44.18
C TRP B 593 16.01 11.78 -42.77
N ASP B 594 15.72 12.82 -41.95
CA ASP B 594 14.93 12.76 -40.71
C ASP B 594 15.41 11.70 -39.73
N PRO B 595 16.48 11.95 -38.97
CA PRO B 595 17.13 10.86 -38.22
C PRO B 595 16.27 10.24 -37.15
N GLY B 596 15.42 11.04 -36.49
CA GLY B 596 14.62 10.53 -35.40
C GLY B 596 13.61 9.48 -35.84
N ARG B 597 13.04 9.65 -37.04
CA ARG B 597 12.14 8.65 -37.59
C ARG B 597 12.87 7.34 -37.86
N ASP B 598 14.11 7.43 -38.33
CA ASP B 598 14.90 6.24 -38.59
C ASP B 598 15.23 5.50 -37.30
N LEU B 599 15.63 6.24 -36.27
CA LEU B 599 16.00 5.63 -35.00
C LEU B 599 14.80 4.98 -34.34
N PHE B 600 13.65 5.68 -34.32
CA PHE B 600 12.46 5.12 -33.72
C PHE B 600 11.93 3.95 -34.52
N LEU B 601 12.11 3.97 -35.84
CA LEU B 601 11.69 2.85 -36.66
C LEU B 601 12.49 1.60 -36.34
N TRP B 602 13.81 1.74 -36.26
CA TRP B 602 14.69 0.64 -35.85
C TRP B 602 14.30 0.10 -34.48
N ALA B 603 14.04 1.01 -33.53
CA ALA B 603 13.74 0.61 -32.17
C ALA B 603 12.45 -0.19 -32.10
N VAL B 604 11.37 0.33 -32.67
CA VAL B 604 10.08 -0.33 -32.53
C VAL B 604 9.96 -1.55 -33.42
N VAL B 605 10.83 -1.69 -34.42
CA VAL B 605 10.93 -2.97 -35.09
C VAL B 605 11.60 -3.99 -34.19
N GLN B 606 12.74 -3.65 -33.60
CA GLN B 606 13.48 -4.60 -32.77
C GLN B 606 12.84 -4.84 -31.40
N ASN B 607 11.74 -4.14 -31.10
CA ASN B 607 10.84 -4.38 -29.96
C ASN B 607 11.52 -4.10 -28.61
N ASN B 608 12.61 -3.35 -28.58
CA ASN B 608 13.22 -2.98 -27.31
C ASN B 608 12.40 -1.83 -26.73
N ARG B 609 11.52 -2.16 -25.78
CA ARG B 609 10.44 -1.27 -25.36
C ARG B 609 10.96 -0.01 -24.68
N GLU B 610 11.73 -0.19 -23.60
CA GLU B 610 12.28 0.97 -22.90
C GLU B 610 13.32 1.69 -23.72
N LEU B 611 13.85 1.05 -24.75
CA LEU B 611 14.62 1.78 -25.75
C LEU B 611 13.69 2.50 -26.71
N ALA B 612 12.50 1.96 -26.95
CA ALA B 612 11.61 2.55 -27.94
C ALA B 612 10.98 3.84 -27.43
N GLU B 613 10.78 3.96 -26.12
CA GLU B 613 10.30 5.23 -25.58
C GLU B 613 11.31 6.35 -25.81
N ILE B 614 12.60 6.03 -25.67
CA ILE B 614 13.67 6.97 -25.97
C ILE B 614 13.69 7.27 -27.46
N GLY B 615 13.37 6.27 -28.28
CA GLY B 615 13.23 6.52 -29.70
C GLY B 615 12.12 7.49 -30.04
N TRP B 616 11.01 7.44 -29.30
CA TRP B 616 9.88 8.30 -29.62
C TRP B 616 10.03 9.71 -29.07
N GLU B 617 10.56 9.85 -27.85
CA GLU B 617 10.62 11.17 -27.23
C GLU B 617 11.56 12.12 -27.93
N GLN B 618 12.52 11.59 -28.70
CA GLN B 618 13.38 12.42 -29.53
C GLN B 618 12.80 12.71 -30.90
N CYS B 619 11.73 12.03 -31.30
CA CYS B 619 11.25 12.17 -32.65
C CYS B 619 10.44 13.45 -32.82
N ARG B 620 10.42 13.95 -34.05
CA ARG B 620 9.52 15.01 -34.47
C ARG B 620 8.33 14.33 -35.17
N ASP B 621 7.25 15.11 -35.42
CA ASP B 621 6.05 14.65 -36.12
C ASP B 621 5.38 13.51 -35.36
N CYS B 622 4.86 13.85 -34.19
CA CYS B 622 4.67 12.87 -33.12
C CYS B 622 3.54 11.89 -33.44
N ILE B 623 2.37 12.41 -33.82
CA ILE B 623 1.17 11.59 -33.93
C ILE B 623 1.29 10.63 -35.10
N ALA B 624 1.92 11.08 -36.19
CA ALA B 624 2.19 10.24 -37.35
C ALA B 624 3.01 9.01 -36.97
N ALA B 625 4.12 9.23 -36.29
CA ALA B 625 5.00 8.12 -35.94
C ALA B 625 4.38 7.22 -34.90
N ALA B 626 3.61 7.78 -33.97
CA ALA B 626 2.94 6.97 -32.96
C ALA B 626 1.96 6.01 -33.61
N LEU B 627 1.15 6.53 -34.54
CA LEU B 627 0.18 5.63 -35.14
C LEU B 627 0.81 4.68 -36.14
N ALA B 628 1.90 5.08 -36.79
CA ALA B 628 2.59 4.15 -37.69
C ALA B 628 3.21 3.00 -36.90
N ALA B 629 3.71 3.29 -35.70
CA ALA B 629 4.20 2.23 -34.83
C ALA B 629 3.08 1.31 -34.41
N SER B 630 1.90 1.89 -34.13
CA SER B 630 0.73 1.08 -33.81
C SER B 630 0.33 0.17 -34.96
N LYS B 631 0.42 0.69 -36.19
CA LYS B 631 0.02 -0.10 -37.36
C LYS B 631 0.99 -1.23 -37.61
N ILE B 632 2.29 -0.96 -37.53
CA ILE B 632 3.26 -2.01 -37.82
C ILE B 632 3.28 -3.05 -36.70
N LEU B 633 2.97 -2.63 -35.47
CA LEU B 633 2.84 -3.58 -34.37
C LEU B 633 1.65 -4.50 -34.55
N ARG B 634 0.48 -3.95 -34.88
CA ARG B 634 -0.68 -4.82 -35.03
C ARG B 634 -0.57 -5.69 -36.28
N LYS B 635 0.17 -5.23 -37.29
CA LYS B 635 0.37 -6.04 -38.48
C LYS B 635 1.27 -7.24 -38.18
N LEU B 636 2.37 -7.02 -37.47
CA LEU B 636 3.18 -8.19 -37.11
C LEU B 636 2.54 -9.03 -36.02
N ALA B 637 1.60 -8.45 -35.25
CA ALA B 637 0.85 -9.23 -34.29
C ALA B 637 -0.06 -10.23 -34.99
N GLN B 638 -0.77 -9.77 -36.03
CA GLN B 638 -1.62 -10.68 -36.77
C GLN B 638 -0.80 -11.67 -37.60
N GLU B 639 0.25 -11.20 -38.25
CA GLU B 639 1.02 -12.04 -39.16
C GLU B 639 2.00 -12.98 -38.45
N SER B 640 2.03 -13.00 -37.12
CA SER B 640 2.92 -13.91 -36.39
C SER B 640 2.32 -15.30 -36.38
N GLY B 641 2.87 -16.18 -37.22
CA GLY B 641 2.34 -17.54 -37.36
C GLY B 641 2.94 -18.54 -36.40
N GLU B 642 4.26 -18.52 -36.24
CA GLU B 642 4.90 -19.29 -35.18
C GLU B 642 4.50 -18.67 -33.85
N ASP B 643 3.93 -19.52 -32.97
CA ASP B 643 3.00 -19.12 -31.90
C ASP B 643 3.45 -17.96 -31.01
N ASP B 644 4.50 -18.18 -30.22
CA ASP B 644 5.20 -17.18 -29.40
C ASP B 644 4.25 -16.25 -28.64
N SER B 645 3.39 -16.88 -27.81
CA SER B 645 2.21 -16.21 -27.29
C SER B 645 2.55 -15.07 -26.34
N GLU B 646 3.62 -15.23 -25.54
CA GLU B 646 4.06 -14.13 -24.69
C GLU B 646 4.63 -12.99 -25.52
N GLU B 647 5.39 -13.32 -26.58
CA GLU B 647 5.89 -12.31 -27.50
C GLU B 647 4.75 -11.56 -28.17
N ALA B 648 3.73 -12.28 -28.62
CA ALA B 648 2.60 -11.66 -29.31
C ALA B 648 1.77 -10.79 -28.37
N THR B 649 1.58 -11.23 -27.12
CA THR B 649 0.80 -10.39 -26.23
C THR B 649 1.60 -9.17 -25.77
N GLU B 650 2.94 -9.27 -25.75
CA GLU B 650 3.74 -8.07 -25.52
C GLU B 650 3.64 -7.11 -26.70
N MET B 651 3.58 -7.65 -27.92
CA MET B 651 3.38 -6.83 -29.12
C MET B 651 2.07 -6.05 -29.03
N LEU B 652 1.00 -6.74 -28.65
CA LEU B 652 -0.30 -6.08 -28.56
C LEU B 652 -0.35 -5.06 -27.44
N GLU B 653 0.31 -5.35 -26.31
CA GLU B 653 0.37 -4.39 -25.21
C GLU B 653 1.14 -3.13 -25.61
N LEU B 654 2.21 -3.29 -26.39
CA LEU B 654 2.97 -2.14 -26.85
C LEU B 654 2.16 -1.27 -27.81
N ALA B 655 1.41 -1.92 -28.72
CA ALA B 655 0.58 -1.18 -29.65
C ALA B 655 -0.51 -0.40 -28.92
N ASN B 656 -1.08 -1.03 -27.89
CA ASN B 656 -2.06 -0.35 -27.05
C ASN B 656 -1.46 0.86 -26.35
N HIS B 657 -0.21 0.73 -25.89
CA HIS B 657 0.49 1.84 -25.24
C HIS B 657 0.64 3.03 -26.19
N TYR B 658 1.06 2.76 -27.43
CA TYR B 658 1.27 3.90 -28.33
C TYR B 658 -0.03 4.51 -28.81
N GLU B 659 -1.11 3.72 -28.91
CA GLU B 659 -2.40 4.31 -29.23
C GLU B 659 -2.87 5.24 -28.12
N LYS B 660 -2.63 4.85 -26.86
CA LYS B 660 -2.94 5.74 -25.75
C LYS B 660 -2.09 7.00 -25.78
N GLN B 661 -0.83 6.88 -26.19
CA GLN B 661 0.03 8.06 -26.29
C GLN B 661 -0.48 9.02 -27.37
N ALA B 662 -0.89 8.49 -28.52
CA ALA B 662 -1.35 9.35 -29.60
C ALA B 662 -2.63 10.07 -29.23
N ILE B 663 -3.57 9.36 -28.61
CA ILE B 663 -4.79 10.08 -28.25
C ILE B 663 -4.56 11.02 -27.10
N GLY B 664 -3.54 10.82 -26.26
CA GLY B 664 -3.25 11.80 -25.23
C GLY B 664 -2.72 13.09 -25.81
N VAL B 665 -1.75 13.00 -26.72
CA VAL B 665 -1.18 14.19 -27.37
C VAL B 665 -2.26 14.92 -28.15
N PHE B 666 -3.10 14.17 -28.87
CA PHE B 666 -4.10 14.85 -29.67
C PHE B 666 -5.23 15.42 -28.82
N SER B 667 -5.52 14.80 -27.67
CA SER B 667 -6.53 15.37 -26.79
C SER B 667 -6.05 16.68 -26.20
N GLU B 668 -4.77 16.76 -25.86
CA GLU B 668 -4.29 18.03 -25.34
C GLU B 668 -4.19 19.09 -26.43
N CYS B 669 -3.86 18.69 -27.67
CA CYS B 669 -3.86 19.65 -28.77
C CYS B 669 -5.26 20.17 -29.05
N HIS B 670 -6.26 19.30 -28.96
CA HIS B 670 -7.63 19.71 -29.21
C HIS B 670 -8.19 20.55 -28.09
N SER B 671 -7.76 20.32 -26.86
CA SER B 671 -8.16 21.23 -25.79
C SER B 671 -7.41 22.55 -25.87
N TRP B 672 -6.29 22.60 -26.57
CA TRP B 672 -5.59 23.86 -26.67
C TRP B 672 -6.23 24.79 -27.70
N ASP B 673 -6.25 24.38 -28.97
CA ASP B 673 -7.01 25.05 -30.01
C ASP B 673 -7.94 24.06 -30.68
N ALA B 674 -8.84 24.59 -31.49
CA ALA B 674 -9.77 23.73 -32.22
C ALA B 674 -9.40 23.59 -33.69
N GLN B 675 -9.38 24.71 -34.43
CA GLN B 675 -9.22 24.66 -35.88
C GLN B 675 -7.80 24.29 -36.29
N ARG B 676 -6.81 24.55 -35.44
CA ARG B 676 -5.48 24.05 -35.73
C ARG B 676 -5.42 22.54 -35.66
N ALA B 677 -6.18 21.92 -34.75
CA ALA B 677 -6.17 20.46 -34.68
C ALA B 677 -6.81 19.87 -35.92
N GLN B 678 -7.88 20.51 -36.42
CA GLN B 678 -8.46 20.09 -37.68
C GLN B 678 -7.51 20.33 -38.84
N LYS B 679 -6.62 21.32 -38.74
CA LYS B 679 -5.55 21.43 -39.73
C LYS B 679 -4.53 20.33 -39.57
N LEU B 680 -4.38 19.82 -38.35
CA LEU B 680 -3.33 18.85 -38.06
C LEU B 680 -3.71 17.46 -38.52
N LEU B 681 -4.99 17.10 -38.45
CA LEU B 681 -5.39 15.74 -38.80
C LEU B 681 -5.25 15.47 -40.28
N ILE B 682 -5.58 16.44 -41.12
CA ILE B 682 -5.64 16.19 -42.56
C ILE B 682 -4.30 16.51 -43.20
N ARG B 683 -3.25 16.65 -42.40
CA ARG B 683 -1.95 17.02 -42.93
C ARG B 683 -1.32 15.85 -43.67
N ILE B 684 -0.57 16.15 -44.72
CA ILE B 684 0.26 15.17 -45.39
C ILE B 684 1.62 15.16 -44.71
N SER B 685 2.30 14.03 -44.65
CA SER B 685 3.58 14.05 -43.95
C SER B 685 4.78 13.92 -44.87
N PRO B 686 5.74 14.85 -44.78
CA PRO B 686 6.97 14.79 -45.58
C PRO B 686 7.75 13.55 -45.17
N SER B 687 7.79 13.33 -43.85
CA SER B 687 8.41 12.15 -43.25
C SER B 687 7.41 11.00 -43.29
N TRP B 688 7.89 9.78 -43.04
CA TRP B 688 7.02 8.60 -43.04
C TRP B 688 6.22 8.48 -44.34
N GLY B 689 6.93 8.64 -45.46
CA GLY B 689 6.32 8.53 -46.78
C GLY B 689 5.31 9.54 -47.29
N ARG B 690 4.12 9.04 -47.58
CA ARG B 690 3.01 9.78 -48.18
C ARG B 690 1.67 9.53 -47.50
N SER B 691 1.66 9.12 -46.24
CA SER B 691 0.39 8.88 -45.58
C SER B 691 -0.07 10.12 -44.81
N THR B 692 -1.31 10.06 -44.33
CA THR B 692 -1.88 11.05 -43.44
C THR B 692 -2.38 10.35 -42.19
N CYS B 693 -2.61 11.13 -41.14
CA CYS B 693 -2.91 10.58 -39.82
C CYS B 693 -4.24 9.85 -39.80
N LEU B 694 -5.27 10.48 -40.36
CA LEU B 694 -6.62 9.94 -40.28
C LEU B 694 -6.76 8.67 -41.10
N TRP B 695 -6.16 8.66 -42.31
CA TRP B 695 -6.14 7.46 -43.12
C TRP B 695 -5.40 6.32 -42.42
N LEU B 696 -4.29 6.64 -41.79
CA LEU B 696 -3.42 5.62 -41.23
C LEU B 696 -4.06 5.01 -39.99
N ALA B 697 -4.78 5.81 -39.22
CA ALA B 697 -5.55 5.27 -38.11
C ALA B 697 -6.76 4.50 -38.60
N LEU B 698 -7.35 4.91 -39.72
CA LEU B 698 -8.52 4.21 -40.25
C LEU B 698 -8.14 2.83 -40.76
N GLU B 699 -7.06 2.75 -41.55
CA GLU B 699 -6.57 1.47 -42.03
C GLU B 699 -6.01 0.62 -40.89
N ALA B 700 -5.42 1.26 -39.88
CA ALA B 700 -4.87 0.52 -38.76
C ALA B 700 -5.94 0.03 -37.78
N HIS B 701 -7.18 0.51 -37.93
CA HIS B 701 -8.34 0.12 -37.12
C HIS B 701 -8.14 0.43 -35.64
N ASP B 702 -7.52 1.57 -35.36
CA ASP B 702 -7.28 2.00 -33.99
C ASP B 702 -8.58 2.48 -33.36
N LYS B 703 -9.28 1.55 -32.71
CA LYS B 703 -10.68 1.74 -32.36
C LYS B 703 -10.88 2.82 -31.30
N SER B 704 -9.87 3.14 -30.52
CA SER B 704 -10.06 4.12 -29.46
C SER B 704 -9.56 5.51 -29.85
N PHE B 705 -9.09 5.70 -31.08
CA PHE B 705 -8.70 7.03 -31.55
C PHE B 705 -9.75 7.71 -32.39
N ILE B 706 -10.37 6.98 -33.32
CA ILE B 706 -11.39 7.56 -34.19
C ILE B 706 -12.66 7.87 -33.40
N ALA B 707 -12.84 7.23 -32.26
CA ALA B 707 -13.92 7.62 -31.36
C ALA B 707 -13.41 8.61 -30.31
N HIS B 708 -12.75 9.65 -30.80
CA HIS B 708 -12.45 10.84 -30.02
C HIS B 708 -13.41 11.95 -30.47
N SER B 709 -13.64 12.91 -29.57
CA SER B 709 -14.63 13.95 -29.81
C SER B 709 -14.27 14.82 -31.01
N GLY B 710 -13.01 15.23 -31.10
CA GLY B 710 -12.63 16.16 -32.15
C GLY B 710 -12.64 15.52 -33.53
N VAL B 711 -12.20 14.26 -33.62
CA VAL B 711 -12.18 13.61 -34.92
C VAL B 711 -13.59 13.24 -35.35
N GLN B 712 -14.48 12.93 -34.41
CA GLN B 712 -15.89 12.76 -34.76
C GLN B 712 -16.51 14.08 -35.21
N ALA B 713 -16.11 15.20 -34.60
CA ALA B 713 -16.61 16.49 -35.04
C ALA B 713 -16.14 16.81 -36.45
N LEU B 714 -14.92 16.42 -36.79
CA LEU B 714 -14.45 16.67 -38.15
C LEU B 714 -15.14 15.75 -39.15
N LEU B 715 -15.40 14.51 -38.74
CA LEU B 715 -16.12 13.59 -39.61
C LEU B 715 -17.52 14.08 -39.91
N THR B 716 -18.23 14.54 -38.87
CA THR B 716 -19.56 15.09 -39.06
C THR B 716 -19.52 16.35 -39.91
N GLN B 717 -18.48 17.17 -39.74
CA GLN B 717 -18.39 18.41 -40.49
C GLN B 717 -18.02 18.16 -41.94
N ILE B 718 -17.42 17.02 -42.26
CA ILE B 718 -17.36 16.67 -43.68
C ILE B 718 -18.69 16.12 -44.16
N TRP B 719 -19.33 15.27 -43.35
CA TRP B 719 -20.52 14.57 -43.80
C TRP B 719 -21.74 15.47 -43.95
N CYS B 720 -21.74 16.64 -43.32
CA CYS B 720 -22.80 17.58 -43.66
C CYS B 720 -22.43 18.42 -44.88
N GLY B 721 -21.16 18.73 -45.05
CA GLY B 721 -20.73 19.48 -46.22
C GLY B 721 -21.03 20.96 -46.12
N GLU B 722 -21.49 21.55 -47.23
CA GLU B 722 -21.72 22.99 -47.29
C GLU B 722 -22.93 23.43 -46.47
N LEU B 723 -23.82 22.51 -46.10
CA LEU B 723 -24.91 22.84 -45.18
C LEU B 723 -24.38 22.97 -43.76
N SER B 724 -25.27 23.28 -42.84
CA SER B 724 -24.86 23.44 -41.45
C SER B 724 -24.59 22.09 -40.82
N VAL B 725 -23.96 22.11 -39.64
CA VAL B 725 -23.76 20.90 -38.86
C VAL B 725 -24.74 20.79 -37.71
N ASP B 726 -25.63 21.75 -37.54
CA ASP B 726 -26.52 21.77 -36.38
C ASP B 726 -27.93 21.31 -36.67
N ASN B 727 -28.39 21.39 -37.92
CA ASN B 727 -29.77 21.05 -38.23
C ASN B 727 -30.00 19.54 -38.14
N PRO B 728 -31.20 19.11 -37.79
CA PRO B 728 -31.49 17.68 -37.74
C PRO B 728 -31.68 17.10 -39.13
N HIS B 729 -31.76 15.77 -39.15
CA HIS B 729 -31.82 15.04 -40.40
C HIS B 729 -33.23 14.95 -40.98
N TRP B 730 -34.27 15.09 -40.15
CA TRP B 730 -35.61 15.01 -40.69
C TRP B 730 -35.94 16.24 -41.52
N LYS B 731 -35.40 17.39 -41.14
CA LYS B 731 -35.49 18.56 -42.00
C LYS B 731 -34.73 18.36 -43.30
N VAL B 732 -33.69 17.52 -43.28
CA VAL B 732 -32.99 17.22 -44.51
C VAL B 732 -33.84 16.34 -45.41
N LEU B 733 -34.57 15.38 -44.82
CA LEU B 733 -35.49 14.57 -45.61
C LEU B 733 -36.64 15.40 -46.16
N LEU B 734 -37.14 16.35 -45.36
CA LEU B 734 -38.21 17.22 -45.83
C LEU B 734 -37.72 18.19 -46.90
N CYS B 735 -36.45 18.60 -46.83
CA CYS B 735 -35.87 19.37 -47.93
C CYS B 735 -35.64 18.49 -49.15
N MET B 736 -35.40 17.21 -48.95
CA MET B 736 -35.31 16.27 -50.06
C MET B 736 -36.67 16.02 -50.69
N ILE B 737 -37.75 16.28 -49.96
CA ILE B 737 -39.08 16.13 -50.55
C ILE B 737 -39.32 17.20 -51.61
N PHE B 738 -39.32 18.47 -51.20
CA PHE B 738 -39.66 19.57 -52.09
C PHE B 738 -38.39 20.30 -52.53
N PHE B 739 -38.25 20.48 -53.84
CA PHE B 739 -37.05 21.11 -54.39
C PHE B 739 -36.92 22.62 -54.15
N PRO B 740 -37.94 23.48 -54.30
CA PRO B 740 -37.73 24.89 -53.94
C PRO B 740 -37.90 25.23 -52.47
N LEU B 741 -38.26 24.26 -51.62
CA LEU B 741 -38.41 24.52 -50.20
C LEU B 741 -37.08 24.81 -49.52
N ILE B 742 -35.96 24.52 -50.19
CA ILE B 742 -34.64 24.94 -49.72
C ILE B 742 -34.55 26.45 -49.69
N TYR B 743 -35.21 27.13 -50.64
CA TYR B 743 -35.29 28.59 -50.55
C TYR B 743 -36.17 29.00 -49.38
N THR B 744 -37.13 28.18 -48.99
CA THR B 744 -38.10 28.54 -47.98
C THR B 744 -37.76 27.99 -46.60
N GLY B 745 -37.07 26.86 -46.52
CA GLY B 745 -36.78 26.25 -45.24
C GLY B 745 -35.77 27.06 -44.44
N PHE B 746 -35.64 26.68 -43.15
CA PHE B 746 -34.66 27.30 -42.28
C PHE B 746 -33.25 27.04 -42.79
N LEU B 747 -32.80 25.77 -42.71
CA LEU B 747 -31.69 25.17 -43.44
C LEU B 747 -30.42 26.01 -43.54
N THR B 748 -29.79 26.26 -42.39
CA THR B 748 -28.63 27.14 -42.31
C THR B 748 -27.45 26.57 -43.09
N PHE B 749 -26.56 27.46 -43.48
CA PHE B 749 -25.40 27.10 -44.29
C PHE B 749 -24.11 27.42 -43.55
N ARG B 750 -23.01 26.87 -44.08
CA ARG B 750 -21.69 27.18 -43.55
C ARG B 750 -21.33 28.65 -43.75
N ARG B 751 -21.71 29.22 -44.90
CA ARG B 751 -21.33 30.59 -45.23
C ARG B 751 -22.05 31.59 -44.33
N ASP B 752 -23.36 31.43 -44.17
CA ASP B 752 -24.12 32.39 -43.37
C ASP B 752 -23.77 32.28 -41.88
N GLU B 753 -23.61 31.06 -41.41
CA GLU B 753 -23.28 30.83 -40.02
C GLU B 753 -21.97 31.48 -39.64
N ASP B 754 -20.94 31.24 -40.44
CA ASP B 754 -19.62 31.79 -40.18
C ASP B 754 -19.64 33.31 -40.24
N ILE B 755 -20.36 33.88 -41.19
CA ILE B 755 -20.40 35.33 -41.33
C ILE B 755 -20.98 35.98 -40.09
N GLN B 756 -22.06 35.41 -39.56
CA GLN B 756 -22.64 35.95 -38.34
C GLN B 756 -21.66 35.80 -37.20
N ARG B 757 -21.02 34.63 -37.13
CA ARG B 757 -20.03 34.35 -36.11
C ARG B 757 -18.80 35.24 -36.21
N GLN B 758 -18.32 35.45 -37.43
CA GLN B 758 -17.14 36.28 -37.67
C GLN B 758 -17.36 37.73 -37.27
N ALA B 759 -18.53 38.26 -37.60
CA ALA B 759 -18.87 39.64 -37.28
C ALA B 759 -18.95 39.88 -35.78
N GLU B 760 -19.55 38.92 -35.07
CA GLU B 760 -19.73 39.01 -33.63
C GLU B 760 -18.43 39.06 -32.84
N ARG B 761 -17.45 38.26 -33.25
CA ARG B 761 -16.17 38.23 -32.56
C ARG B 761 -15.47 39.59 -32.62
N THR B 762 -15.55 40.24 -33.78
CA THR B 762 -14.92 41.54 -33.94
C THR B 762 -15.53 42.59 -33.02
N GLU B 763 -16.86 42.58 -32.88
CA GLU B 763 -17.53 43.55 -32.02
C GLU B 763 -17.11 43.34 -30.57
N GLN B 764 -17.05 42.09 -30.14
CA GLN B 764 -16.65 41.77 -28.78
C GLN B 764 -15.21 42.19 -28.52
N GLN B 765 -14.35 41.95 -29.50
CA GLN B 765 -12.94 42.30 -29.41
C GLN B 765 -12.73 43.81 -29.29
N LYS B 766 -13.51 44.57 -30.05
CA LYS B 766 -13.40 46.03 -30.02
C LYS B 766 -14.69 46.67 -29.52
N CYS B 799 -29.35 31.73 -56.02
CA CYS B 799 -30.26 31.18 -57.03
C CYS B 799 -29.75 29.84 -57.55
N SER B 800 -28.74 29.87 -58.41
CA SER B 800 -28.20 28.67 -59.04
C SER B 800 -26.98 28.12 -58.31
N SER B 801 -26.10 28.99 -57.81
CA SER B 801 -24.92 28.53 -57.09
C SER B 801 -25.29 27.95 -55.74
N ARG B 802 -26.29 28.55 -55.07
CA ARG B 802 -26.67 28.12 -53.73
C ARG B 802 -27.34 26.74 -53.75
N LEU B 803 -28.19 26.50 -54.75
CA LEU B 803 -28.84 25.21 -54.86
C LEU B 803 -27.87 24.13 -55.34
N MET B 804 -26.93 24.48 -56.20
CA MET B 804 -25.89 23.54 -56.59
C MET B 804 -24.97 23.20 -55.41
N SER B 805 -24.73 24.17 -54.53
CA SER B 805 -23.93 23.91 -53.33
C SER B 805 -24.69 23.04 -52.35
N PHE B 806 -26.01 23.19 -52.29
CA PHE B 806 -26.84 22.19 -51.62
C PHE B 806 -26.67 20.83 -52.26
N LEU B 807 -26.60 20.79 -53.59
CA LEU B 807 -26.61 19.54 -54.33
C LEU B 807 -25.32 18.75 -54.17
N LYS B 808 -24.22 19.42 -53.87
CA LYS B 808 -22.92 18.76 -53.75
C LYS B 808 -22.64 18.28 -52.32
N SER B 809 -23.66 18.19 -51.48
CA SER B 809 -23.51 17.57 -50.18
C SER B 809 -23.32 16.06 -50.33
N PRO B 810 -22.71 15.41 -49.34
CA PRO B 810 -22.65 13.95 -49.40
C PRO B 810 -23.91 13.31 -48.82
N GLN B 811 -24.59 14.00 -47.90
CA GLN B 811 -25.77 13.42 -47.28
C GLN B 811 -26.94 13.36 -48.25
N VAL B 812 -27.16 14.46 -48.98
CA VAL B 812 -28.21 14.49 -49.98
C VAL B 812 -27.90 13.52 -51.10
N LYS B 813 -26.63 13.42 -51.46
CA LYS B 813 -26.18 12.46 -52.47
C LYS B 813 -26.47 11.04 -52.03
N PHE B 814 -26.30 10.77 -50.73
CA PHE B 814 -26.56 9.43 -50.20
C PHE B 814 -28.04 9.09 -50.22
N TYR B 815 -28.88 9.98 -49.70
CA TYR B 815 -30.33 9.72 -49.69
C TYR B 815 -30.90 9.61 -51.09
N TRP B 816 -30.43 10.47 -51.99
CA TRP B 816 -30.91 10.51 -53.35
C TRP B 816 -30.47 9.27 -54.10
N ASN B 817 -29.26 8.78 -53.81
CA ASN B 817 -28.77 7.56 -54.42
C ASN B 817 -29.50 6.33 -53.90
N ILE B 818 -29.84 6.30 -52.61
CA ILE B 818 -30.50 5.08 -52.14
C ILE B 818 -31.97 5.06 -52.56
N ALA B 819 -32.60 6.22 -52.74
CA ALA B 819 -33.94 6.21 -53.30
C ALA B 819 -33.93 5.77 -54.75
N SER B 820 -32.92 6.20 -55.51
CA SER B 820 -32.75 5.69 -56.86
C SER B 820 -32.49 4.19 -56.87
N TYR B 821 -31.79 3.68 -55.85
CA TYR B 821 -31.51 2.26 -55.79
C TYR B 821 -32.77 1.47 -55.45
N PHE B 822 -33.64 2.05 -54.63
CA PHE B 822 -34.93 1.41 -54.34
C PHE B 822 -35.81 1.36 -55.58
N GLY B 823 -35.80 2.42 -56.37
CA GLY B 823 -36.52 2.39 -57.65
C GLY B 823 -35.94 1.38 -58.61
N PHE B 824 -34.61 1.19 -58.57
CA PHE B 824 -33.99 0.14 -59.36
C PHE B 824 -34.46 -1.24 -58.96
N LEU B 825 -34.51 -1.51 -57.65
CA LEU B 825 -35.04 -2.79 -57.18
C LEU B 825 -36.49 -2.98 -57.60
N TRP B 826 -37.27 -1.90 -57.60
CA TRP B 826 -38.69 -2.03 -57.92
C TRP B 826 -38.91 -2.35 -59.39
N LEU B 827 -38.26 -1.62 -60.29
CA LEU B 827 -38.44 -1.93 -61.72
C LEU B 827 -37.78 -3.23 -62.12
N PHE B 828 -36.66 -3.62 -61.50
CA PHE B 828 -36.07 -4.90 -61.85
C PHE B 828 -36.91 -6.05 -61.33
N ALA B 829 -37.54 -5.90 -60.18
CA ALA B 829 -38.44 -6.94 -59.69
C ALA B 829 -39.73 -6.98 -60.50
N VAL B 830 -40.14 -5.85 -61.08
CA VAL B 830 -41.30 -5.85 -61.96
C VAL B 830 -41.00 -6.63 -63.24
N VAL B 831 -39.90 -6.29 -63.91
CA VAL B 831 -39.65 -6.94 -65.21
C VAL B 831 -38.94 -8.27 -65.09
N LEU B 832 -38.62 -8.72 -63.87
CA LEU B 832 -38.24 -10.12 -63.75
C LEU B 832 -39.44 -11.03 -63.95
N MET B 833 -40.63 -10.56 -63.57
CA MET B 833 -41.81 -11.40 -63.53
C MET B 833 -42.76 -11.14 -64.69
N ILE B 834 -43.20 -9.90 -64.88
CA ILE B 834 -44.35 -9.65 -65.73
C ILE B 834 -43.97 -9.41 -67.18
N ASP B 835 -43.20 -8.36 -67.47
CA ASP B 835 -42.93 -7.97 -68.85
C ASP B 835 -41.69 -8.72 -69.34
N PHE B 836 -41.85 -10.01 -69.56
CA PHE B 836 -40.74 -10.93 -69.79
C PHE B 836 -41.00 -11.79 -71.01
N GLN B 837 -41.27 -11.16 -72.15
CA GLN B 837 -41.54 -11.86 -73.40
C GLN B 837 -40.25 -12.45 -73.97
N THR B 838 -40.34 -12.98 -75.20
CA THR B 838 -39.16 -13.54 -75.86
C THR B 838 -38.18 -12.43 -76.23
N SER B 839 -38.61 -11.50 -77.08
CA SER B 839 -37.85 -10.27 -77.26
C SER B 839 -37.99 -9.41 -76.00
N PRO B 840 -36.98 -8.63 -75.67
CA PRO B 840 -37.07 -7.76 -74.49
C PRO B 840 -38.06 -6.62 -74.71
N SER B 841 -38.63 -6.17 -73.60
CA SER B 841 -39.69 -5.16 -73.62
C SER B 841 -39.11 -3.76 -73.40
N TRP B 842 -40.03 -2.80 -73.27
CA TRP B 842 -39.68 -1.40 -73.09
C TRP B 842 -38.96 -1.16 -71.75
N ARG B 843 -39.60 -1.57 -70.66
CA ARG B 843 -38.97 -1.43 -69.35
C ARG B 843 -37.76 -2.34 -69.19
N GLU B 844 -37.69 -3.43 -69.96
CA GLU B 844 -36.49 -4.26 -69.96
C GLU B 844 -35.30 -3.51 -70.55
N LEU B 845 -35.55 -2.68 -71.56
CA LEU B 845 -34.50 -1.80 -72.07
C LEU B 845 -34.12 -0.73 -71.05
N LEU B 846 -35.10 -0.27 -70.25
CA LEU B 846 -34.75 0.66 -69.16
C LEU B 846 -33.87 -0.01 -68.11
N LEU B 847 -34.12 -1.29 -67.82
CA LEU B 847 -33.25 -1.98 -66.87
C LEU B 847 -31.86 -2.22 -67.44
N TYR B 848 -31.78 -2.46 -68.75
CA TYR B 848 -30.48 -2.57 -69.43
C TYR B 848 -29.70 -1.27 -69.32
N VAL B 849 -30.37 -0.13 -69.49
CA VAL B 849 -29.61 1.10 -69.46
C VAL B 849 -29.26 1.52 -68.04
N TRP B 850 -30.05 1.16 -67.02
CA TRP B 850 -29.57 1.41 -65.66
C TRP B 850 -28.40 0.51 -65.29
N LEU B 851 -28.32 -0.70 -65.84
CA LEU B 851 -27.13 -1.49 -65.53
C LEU B 851 -25.90 -1.04 -66.32
N THR B 852 -26.08 -0.48 -67.51
CA THR B 852 -24.94 0.18 -68.15
C THR B 852 -24.53 1.42 -67.40
N SER B 853 -25.51 2.11 -66.79
CA SER B 853 -25.20 3.26 -65.95
C SER B 853 -24.41 2.86 -64.71
N LEU B 854 -24.78 1.74 -64.08
CA LEU B 854 -24.03 1.30 -62.91
C LEU B 854 -22.62 0.84 -63.26
N VAL B 855 -22.45 0.16 -64.40
CA VAL B 855 -21.08 -0.25 -64.72
C VAL B 855 -20.26 0.96 -65.17
N CYS B 856 -20.90 2.01 -65.70
CA CYS B 856 -20.16 3.24 -66.00
C CYS B 856 -19.77 3.98 -64.73
N GLU B 857 -20.65 4.00 -63.73
CA GLU B 857 -20.30 4.63 -62.45
C GLU B 857 -19.19 3.87 -61.74
N GLU B 858 -19.23 2.55 -61.86
CA GLU B 858 -18.17 1.71 -61.31
C GLU B 858 -16.84 1.95 -62.02
N ILE B 859 -16.86 2.16 -63.33
CA ILE B 859 -15.59 2.36 -63.99
C ILE B 859 -15.07 3.76 -63.73
N ARG B 860 -15.94 4.72 -63.41
CA ARG B 860 -15.44 6.03 -62.95
C ARG B 860 -14.80 5.92 -61.57
N GLN B 861 -15.43 5.14 -60.68
CA GLN B 861 -14.86 4.83 -59.37
C GLN B 861 -13.48 4.19 -59.49
N LEU B 862 -13.31 3.28 -60.44
CA LEU B 862 -12.00 2.69 -60.65
C LEU B 862 -11.05 3.69 -61.31
N TYR B 863 -11.58 4.62 -62.10
CA TYR B 863 -10.71 5.54 -62.85
C TYR B 863 -10.13 6.62 -61.94
N HIS B 864 -10.82 6.98 -60.86
CA HIS B 864 -10.24 7.98 -59.97
C HIS B 864 -9.63 7.42 -58.68
N ASP B 865 -10.01 6.22 -58.26
CA ASP B 865 -9.43 5.67 -57.03
C ASP B 865 -9.39 4.14 -57.04
N GLY B 870 1.17 0.26 -60.52
CA GLY B 870 0.71 0.17 -61.89
C GLY B 870 -0.80 0.09 -62.00
N PHE B 871 -1.29 -0.18 -63.22
CA PHE B 871 -2.72 -0.25 -63.45
C PHE B 871 -3.32 -1.53 -62.89
N ARG B 872 -2.65 -2.66 -63.09
CA ARG B 872 -3.10 -3.91 -62.47
C ARG B 872 -2.91 -3.87 -60.96
N ARG B 873 -1.95 -3.09 -60.48
CA ARG B 873 -1.84 -2.85 -59.04
C ARG B 873 -3.04 -2.06 -58.53
N LYS B 874 -3.53 -1.11 -59.34
CA LYS B 874 -4.76 -0.38 -58.98
C LYS B 874 -5.96 -1.30 -58.99
N ALA B 875 -6.01 -2.26 -59.92
CA ALA B 875 -7.09 -3.25 -59.90
C ALA B 875 -6.99 -4.17 -58.69
N LYS B 876 -5.77 -4.54 -58.30
CA LYS B 876 -5.59 -5.39 -57.13
C LYS B 876 -5.97 -4.67 -55.84
N MET B 877 -5.68 -3.37 -55.77
CA MET B 877 -6.15 -2.56 -54.65
C MET B 877 -7.65 -2.31 -54.72
N TYR B 878 -8.24 -2.39 -55.92
CA TYR B 878 -9.67 -2.19 -56.06
C TYR B 878 -10.46 -3.40 -55.56
N ILE B 879 -10.05 -4.59 -55.97
CA ILE B 879 -10.78 -5.81 -55.62
C ILE B 879 -10.64 -6.17 -54.15
N LYS B 880 -9.68 -5.59 -53.44
CA LYS B 880 -9.49 -5.83 -52.01
C LYS B 880 -10.62 -5.23 -51.12
N ASP B 881 -11.75 -4.76 -51.63
CA ASP B 881 -12.86 -4.28 -50.84
C ASP B 881 -13.93 -5.36 -50.72
N LEU B 882 -15.03 -5.00 -50.08
CA LEU B 882 -16.16 -5.92 -49.89
C LEU B 882 -17.39 -5.51 -50.69
N TRP B 883 -17.58 -4.22 -50.94
CA TRP B 883 -18.72 -3.80 -51.75
C TRP B 883 -18.46 -4.00 -53.22
N ASN B 884 -17.24 -3.71 -53.66
CA ASN B 884 -16.94 -3.74 -55.07
C ASN B 884 -16.82 -5.15 -55.62
N ILE B 885 -16.43 -6.12 -54.78
CA ILE B 885 -16.46 -7.52 -55.22
C ILE B 885 -17.90 -7.96 -55.45
N LEU B 886 -18.84 -7.46 -54.65
CA LEU B 886 -20.25 -7.78 -54.85
C LEU B 886 -20.78 -7.13 -56.11
N ASP B 887 -20.34 -5.90 -56.42
CA ASP B 887 -20.82 -5.28 -57.66
C ASP B 887 -20.19 -5.91 -58.90
N VAL B 888 -18.94 -6.38 -58.80
CA VAL B 888 -18.34 -7.08 -59.94
C VAL B 888 -19.05 -8.41 -60.18
N LEU B 889 -19.31 -9.17 -59.11
CA LEU B 889 -20.03 -10.43 -59.23
C LEU B 889 -21.45 -10.21 -59.77
N SER B 890 -22.08 -9.12 -59.36
CA SER B 890 -23.42 -8.81 -59.85
C SER B 890 -23.41 -8.45 -61.34
N ILE B 891 -22.44 -7.63 -61.79
CA ILE B 891 -22.49 -7.26 -63.20
C ILE B 891 -22.03 -8.42 -64.09
N VAL B 892 -21.15 -9.29 -63.61
CA VAL B 892 -20.76 -10.40 -64.46
C VAL B 892 -21.89 -11.44 -64.53
N LEU B 893 -22.66 -11.57 -63.45
CA LEU B 893 -23.78 -12.48 -63.49
C LEU B 893 -24.91 -11.92 -64.34
N PHE B 894 -25.10 -10.60 -64.31
CA PHE B 894 -26.11 -9.99 -65.18
C PHE B 894 -25.72 -10.11 -66.64
N ILE B 895 -24.44 -9.93 -66.97
CA ILE B 895 -24.10 -9.98 -68.38
C ILE B 895 -24.10 -11.42 -68.87
N ALA B 896 -23.87 -12.39 -67.98
CA ALA B 896 -24.03 -13.80 -68.37
C ALA B 896 -25.49 -14.14 -68.62
N GLY B 897 -26.38 -13.70 -67.71
CA GLY B 897 -27.80 -13.95 -67.91
C GLY B 897 -28.36 -13.24 -69.12
N LEU B 898 -27.86 -12.04 -69.41
CA LEU B 898 -28.32 -11.31 -70.59
C LEU B 898 -27.81 -11.96 -71.88
N ILE B 899 -26.55 -12.39 -71.92
CA ILE B 899 -26.06 -13.00 -73.14
C ILE B 899 -26.64 -14.40 -73.32
N CYS B 900 -27.17 -15.02 -72.26
CA CYS B 900 -28.01 -16.20 -72.45
C CYS B 900 -29.46 -15.84 -72.72
N ARG B 901 -29.84 -14.58 -72.56
CA ARG B 901 -31.19 -14.15 -72.97
C ARG B 901 -31.27 -13.76 -74.44
N LEU B 902 -30.17 -13.85 -75.18
CA LEU B 902 -30.24 -13.61 -76.62
C LEU B 902 -30.70 -14.87 -77.37
N GLN B 903 -30.62 -16.03 -76.72
CA GLN B 903 -30.72 -17.33 -77.37
C GLN B 903 -32.16 -17.64 -77.78
N ALA B 904 -32.32 -18.84 -78.37
CA ALA B 904 -33.58 -19.30 -78.93
C ALA B 904 -34.13 -20.56 -78.28
N SER B 905 -33.30 -21.38 -77.66
CA SER B 905 -33.79 -22.60 -77.02
C SER B 905 -34.51 -22.27 -75.72
N ASP B 906 -35.53 -23.07 -75.39
CA ASP B 906 -36.32 -22.79 -74.20
C ASP B 906 -35.56 -23.12 -72.92
N THR B 907 -34.64 -24.09 -72.98
CA THR B 907 -33.88 -24.48 -71.80
C THR B 907 -32.94 -23.36 -71.35
N VAL B 908 -32.22 -22.75 -72.29
CA VAL B 908 -31.37 -21.63 -71.92
C VAL B 908 -32.16 -20.36 -71.66
N PHE B 909 -33.39 -20.26 -72.18
CA PHE B 909 -34.31 -19.19 -71.80
C PHE B 909 -34.66 -19.28 -70.32
N TYR B 910 -35.03 -20.48 -69.87
CA TYR B 910 -35.27 -20.72 -68.45
C TYR B 910 -34.00 -20.54 -67.61
N ILE B 911 -32.86 -20.94 -68.15
CA ILE B 911 -31.59 -20.76 -67.44
C ILE B 911 -31.28 -19.29 -67.26
N GLY B 912 -31.60 -18.46 -68.28
CA GLY B 912 -31.43 -17.03 -68.14
C GLY B 912 -32.35 -16.44 -67.09
N LYS B 913 -33.59 -16.93 -67.01
CA LYS B 913 -34.50 -16.47 -65.97
C LYS B 913 -33.99 -16.83 -64.57
N VAL B 914 -33.39 -18.02 -64.45
CA VAL B 914 -32.80 -18.47 -63.18
C VAL B 914 -31.64 -17.56 -62.77
N ILE B 915 -30.76 -17.26 -63.73
CA ILE B 915 -29.59 -16.43 -63.45
C ILE B 915 -30.00 -15.02 -63.07
N LEU B 916 -31.00 -14.45 -63.76
CA LEU B 916 -31.48 -13.13 -63.40
C LEU B 916 -32.14 -13.11 -62.01
N CYS B 917 -32.81 -14.18 -61.60
CA CYS B 917 -33.43 -14.17 -60.27
C CYS B 917 -32.39 -14.27 -59.16
N ILE B 918 -31.40 -15.14 -59.32
CA ILE B 918 -30.35 -15.22 -58.32
C ILE B 918 -29.50 -13.94 -58.30
N ASP B 919 -29.41 -13.24 -59.44
CA ASP B 919 -28.74 -11.96 -59.47
C ASP B 919 -29.53 -10.90 -58.71
N PHE B 920 -30.87 -10.96 -58.81
CA PHE B 920 -31.73 -10.08 -58.03
C PHE B 920 -31.47 -10.24 -56.54
N ILE B 921 -31.36 -11.48 -56.06
CA ILE B 921 -31.16 -11.58 -54.62
C ILE B 921 -29.73 -11.24 -54.23
N ILE B 922 -28.76 -11.33 -55.15
CA ILE B 922 -27.43 -10.82 -54.85
C ILE B 922 -27.44 -9.30 -54.71
N PHE B 923 -28.19 -8.60 -55.57
CA PHE B 923 -28.33 -7.16 -55.41
C PHE B 923 -29.03 -6.78 -54.11
N CYS B 924 -30.05 -7.54 -53.72
CA CYS B 924 -30.73 -7.20 -52.46
C CYS B 924 -29.84 -7.51 -51.26
N LEU B 925 -29.00 -8.53 -51.35
CA LEU B 925 -28.04 -8.78 -50.28
C LEU B 925 -26.98 -7.69 -50.23
N ARG B 926 -26.64 -7.09 -51.37
CA ARG B 926 -25.73 -5.95 -51.36
C ARG B 926 -26.37 -4.73 -50.69
N LEU B 927 -27.66 -4.51 -50.94
CA LEU B 927 -28.34 -3.42 -50.25
C LEU B 927 -28.44 -3.68 -48.75
N MET B 928 -28.64 -4.95 -48.37
CA MET B 928 -28.63 -5.30 -46.96
C MET B 928 -27.27 -5.05 -46.32
N ALA B 929 -26.20 -5.37 -47.04
CA ALA B 929 -24.86 -5.16 -46.56
C ALA B 929 -24.35 -3.75 -46.80
N ILE B 930 -25.20 -2.85 -47.32
CA ILE B 930 -24.83 -1.44 -47.37
C ILE B 930 -24.89 -0.77 -46.00
N PHE B 931 -25.44 -1.44 -45.00
CA PHE B 931 -25.57 -0.88 -43.66
C PHE B 931 -24.72 -1.62 -42.63
N SER B 932 -24.88 -2.95 -42.53
CA SER B 932 -24.29 -3.70 -41.43
C SER B 932 -22.81 -3.99 -41.66
N ILE B 933 -22.46 -4.50 -42.84
CA ILE B 933 -21.09 -4.92 -43.12
C ILE B 933 -20.22 -3.70 -43.37
N SER B 934 -18.91 -3.89 -43.34
CA SER B 934 -17.95 -2.84 -43.63
C SER B 934 -17.15 -3.21 -44.87
N ARG B 935 -16.13 -2.41 -45.18
CA ARG B 935 -15.32 -2.68 -46.36
C ARG B 935 -14.21 -3.67 -46.11
N THR B 936 -14.03 -4.12 -44.87
CA THR B 936 -12.94 -5.03 -44.53
C THR B 936 -13.24 -6.45 -45.02
N LEU B 937 -12.17 -7.14 -45.43
CA LEU B 937 -12.28 -8.53 -45.87
C LEU B 937 -11.61 -9.52 -44.92
N GLY B 938 -10.66 -9.08 -44.10
CA GLY B 938 -9.86 -9.97 -43.29
C GLY B 938 -10.63 -10.78 -42.27
N PRO B 939 -11.20 -10.11 -41.26
CA PRO B 939 -12.06 -10.81 -40.30
C PRO B 939 -13.30 -11.45 -40.92
N LYS B 940 -13.73 -10.99 -42.10
CA LYS B 940 -14.79 -11.68 -42.82
C LYS B 940 -14.32 -13.05 -43.33
N ILE B 941 -13.10 -13.13 -43.87
CA ILE B 941 -12.51 -14.40 -44.28
C ILE B 941 -12.32 -15.32 -43.08
N ILE B 942 -11.83 -14.77 -41.96
CA ILE B 942 -11.61 -15.59 -40.77
C ILE B 942 -12.94 -16.09 -40.19
N ILE B 943 -13.97 -15.25 -40.18
CA ILE B 943 -15.28 -15.67 -39.70
C ILE B 943 -15.90 -16.69 -40.64
N VAL B 944 -15.64 -16.56 -41.94
CA VAL B 944 -16.13 -17.53 -42.93
C VAL B 944 -15.49 -18.89 -42.68
N ARG B 945 -14.18 -18.91 -42.44
CA ARG B 945 -13.49 -20.17 -42.17
C ARG B 945 -13.98 -20.80 -40.88
N ARG B 946 -14.02 -20.03 -39.79
CA ARG B 946 -14.37 -20.61 -38.51
C ARG B 946 -15.84 -20.97 -38.39
N MET B 947 -16.71 -20.40 -39.21
CA MET B 947 -18.11 -20.84 -39.14
C MET B 947 -18.43 -21.92 -40.15
N MET B 948 -17.73 -21.95 -41.29
CA MET B 948 -17.85 -23.09 -42.19
C MET B 948 -17.31 -24.35 -41.54
N LEU B 949 -16.29 -24.20 -40.69
CA LEU B 949 -15.79 -25.30 -39.87
C LEU B 949 -16.88 -25.90 -38.99
N ASP B 950 -17.56 -25.06 -38.21
CA ASP B 950 -18.54 -25.55 -37.25
C ASP B 950 -19.78 -26.11 -37.94
N LEU B 951 -20.22 -25.47 -39.03
CA LEU B 951 -21.36 -25.97 -39.79
C LEU B 951 -21.03 -27.30 -40.45
N PHE B 952 -19.82 -27.41 -41.02
CA PHE B 952 -19.34 -28.67 -41.60
C PHE B 952 -19.26 -29.78 -40.56
N PHE B 953 -18.79 -29.46 -39.35
CA PHE B 953 -18.62 -30.47 -38.32
C PHE B 953 -19.97 -30.97 -37.80
N PHE B 954 -20.88 -30.05 -37.49
CA PHE B 954 -22.19 -30.46 -36.99
C PHE B 954 -22.98 -31.17 -38.08
N MET B 955 -22.81 -30.77 -39.34
CA MET B 955 -23.42 -31.51 -40.45
C MET B 955 -22.80 -32.89 -40.60
N PHE B 956 -21.51 -33.05 -40.27
CA PHE B 956 -20.88 -34.36 -40.36
C PHE B 956 -21.42 -35.32 -39.31
N LEU B 957 -21.52 -34.88 -38.06
CA LEU B 957 -22.07 -35.77 -37.04
C LEU B 957 -23.56 -36.00 -37.23
N LEU B 958 -24.28 -34.97 -37.73
CA LEU B 958 -25.66 -35.18 -38.13
C LEU B 958 -25.76 -36.18 -39.24
N SER B 959 -24.80 -36.18 -40.17
CA SER B 959 -24.83 -37.11 -41.28
C SER B 959 -24.58 -38.53 -40.82
N ILE B 960 -23.67 -38.73 -39.86
CA ILE B 960 -23.44 -40.10 -39.43
C ILE B 960 -24.61 -40.61 -38.60
N TRP B 961 -25.27 -39.74 -37.83
CA TRP B 961 -26.45 -40.17 -37.09
C TRP B 961 -27.62 -40.47 -38.01
N VAL B 962 -27.81 -39.65 -39.05
CA VAL B 962 -28.85 -39.87 -40.06
C VAL B 962 -28.62 -41.19 -40.78
N VAL B 963 -27.41 -41.41 -41.29
CA VAL B 963 -27.14 -42.58 -42.11
C VAL B 963 -27.24 -43.85 -41.29
N ALA B 964 -26.74 -43.83 -40.06
CA ALA B 964 -26.79 -45.06 -39.28
C ALA B 964 -28.19 -45.36 -38.77
N TYR B 965 -28.99 -44.34 -38.43
CA TYR B 965 -30.37 -44.62 -38.04
C TYR B 965 -31.19 -45.14 -39.20
N GLY B 966 -31.00 -44.55 -40.38
CA GLY B 966 -31.73 -45.01 -41.54
C GLY B 966 -31.39 -46.42 -41.92
N VAL B 967 -30.11 -46.79 -41.85
CA VAL B 967 -29.76 -48.15 -42.21
C VAL B 967 -30.14 -49.15 -41.11
N ALA B 968 -30.28 -48.71 -39.84
CA ALA B 968 -30.81 -49.64 -38.85
C ALA B 968 -32.31 -49.88 -39.06
N LYS B 969 -33.05 -48.82 -39.41
CA LYS B 969 -34.47 -48.98 -39.71
C LYS B 969 -34.68 -49.84 -40.95
N GLN B 970 -33.79 -49.74 -41.93
CA GLN B 970 -33.85 -50.65 -43.08
C GLN B 970 -33.50 -52.08 -42.67
N GLY B 971 -32.62 -52.26 -41.70
CA GLY B 971 -32.33 -53.61 -41.28
C GLY B 971 -33.38 -54.25 -40.41
N ILE B 972 -34.31 -53.46 -39.88
CA ILE B 972 -35.41 -54.03 -39.11
C ILE B 972 -36.64 -54.26 -39.98
N LEU B 973 -37.06 -53.26 -40.75
CA LEU B 973 -38.36 -53.27 -41.43
C LEU B 973 -38.25 -53.70 -42.89
N ILE B 974 -37.35 -54.63 -43.19
CA ILE B 974 -37.32 -55.32 -44.48
C ILE B 974 -36.60 -56.64 -44.25
N GLU B 975 -36.78 -57.58 -45.17
CA GLU B 975 -36.12 -58.87 -45.06
C GLU B 975 -34.70 -58.80 -45.63
N ASN B 976 -34.09 -59.97 -45.84
CA ASN B 976 -32.71 -60.05 -46.33
C ASN B 976 -32.57 -59.46 -47.72
N GLU B 977 -33.53 -59.73 -48.59
CA GLU B 977 -33.46 -59.21 -49.95
C GLU B 977 -33.75 -57.72 -49.99
N GLU B 978 -33.11 -57.04 -50.94
CA GLU B 978 -33.40 -55.65 -51.26
C GLU B 978 -32.92 -55.36 -52.66
N ARG B 979 -33.61 -54.44 -53.33
CA ARG B 979 -33.23 -54.01 -54.67
C ARG B 979 -32.08 -53.02 -54.61
N LEU B 980 -31.50 -52.73 -55.77
CA LEU B 980 -30.33 -51.86 -55.83
C LEU B 980 -30.70 -50.41 -55.56
N ASN B 981 -31.67 -49.87 -56.30
CA ASN B 981 -32.10 -48.50 -56.08
C ASN B 981 -32.96 -48.37 -54.85
N TRP B 982 -33.71 -49.42 -54.48
CA TRP B 982 -34.57 -49.35 -53.31
C TRP B 982 -33.76 -49.30 -52.03
N ILE B 983 -32.55 -49.85 -52.02
CA ILE B 983 -31.70 -49.80 -50.83
C ILE B 983 -31.23 -48.39 -50.55
N ILE B 984 -30.77 -47.68 -51.59
CA ILE B 984 -30.35 -46.30 -51.40
C ILE B 984 -31.54 -45.36 -51.26
N ARG B 985 -32.72 -45.76 -51.71
CA ARG B 985 -33.90 -44.96 -51.44
C ARG B 985 -34.30 -45.07 -49.96
N GLY B 986 -34.38 -46.29 -49.44
CA GLY B 986 -34.81 -46.47 -48.07
C GLY B 986 -33.76 -46.10 -47.04
N ALA B 987 -32.49 -46.19 -47.42
CA ALA B 987 -31.42 -45.98 -46.44
C ALA B 987 -31.02 -44.52 -46.30
N VAL B 988 -30.88 -43.80 -47.40
CA VAL B 988 -30.40 -42.43 -47.39
C VAL B 988 -31.45 -41.45 -47.89
N TYR B 989 -32.23 -41.82 -48.90
CA TYR B 989 -33.21 -40.89 -49.46
C TYR B 989 -34.44 -40.73 -48.58
N GLU B 990 -34.69 -41.66 -47.67
CA GLU B 990 -35.79 -41.53 -46.70
C GLU B 990 -35.53 -40.68 -45.45
N PRO B 991 -34.46 -40.86 -44.67
CA PRO B 991 -34.51 -40.39 -43.27
C PRO B 991 -34.35 -38.89 -43.08
N TYR B 992 -33.73 -38.16 -44.02
CA TYR B 992 -33.51 -36.73 -43.79
C TYR B 992 -34.80 -35.95 -43.84
N ILE B 993 -35.76 -36.40 -44.65
CA ILE B 993 -37.06 -35.76 -44.69
C ILE B 993 -37.78 -35.97 -43.37
N THR B 994 -37.62 -37.15 -42.77
CA THR B 994 -38.16 -37.37 -41.42
C THR B 994 -37.41 -36.54 -40.39
N ILE B 995 -36.11 -36.30 -40.61
CA ILE B 995 -35.33 -35.54 -39.66
C ILE B 995 -35.59 -34.05 -39.77
N PHE B 996 -36.15 -33.60 -40.89
CA PHE B 996 -36.47 -32.18 -41.03
C PHE B 996 -37.69 -31.80 -40.21
N GLY B 997 -38.61 -32.73 -40.01
CA GLY B 997 -39.75 -32.52 -39.14
C GLY B 997 -41.06 -32.21 -39.81
N ASN B 998 -41.13 -32.25 -41.14
CA ASN B 998 -42.43 -32.19 -41.82
C ASN B 998 -43.16 -33.50 -41.59
N PHE B 999 -44.41 -33.40 -41.10
CA PHE B 999 -45.09 -34.54 -40.48
C PHE B 999 -45.48 -35.61 -41.50
N PRO B 1000 -44.99 -36.83 -41.34
CA PRO B 1000 -45.40 -37.91 -42.25
C PRO B 1000 -46.55 -38.74 -41.69
N THR B 1001 -47.25 -39.39 -42.61
CA THR B 1001 -48.20 -40.43 -42.24
C THR B 1001 -47.58 -41.82 -42.34
N ASN B 1002 -46.26 -41.91 -42.42
CA ASN B 1002 -45.59 -43.17 -42.71
C ASN B 1002 -45.54 -44.09 -41.50
N ILE B 1003 -45.72 -43.56 -40.29
CA ILE B 1003 -45.78 -44.39 -39.09
C ILE B 1003 -47.18 -44.91 -38.81
N ASP B 1004 -48.16 -44.59 -39.67
CA ASP B 1004 -49.55 -44.91 -39.37
C ASP B 1004 -49.90 -46.34 -39.78
N ASN B 1005 -49.70 -46.69 -41.04
CA ASN B 1005 -50.24 -47.92 -41.58
C ASN B 1005 -49.14 -48.94 -41.87
N THR B 1006 -49.49 -50.20 -41.71
CA THR B 1006 -48.69 -51.33 -42.16
C THR B 1006 -49.59 -52.25 -42.96
N LEU B 1007 -49.01 -52.90 -43.99
CA LEU B 1007 -49.71 -53.77 -44.94
C LEU B 1007 -50.85 -53.03 -45.66
N PHE B 1008 -50.64 -51.75 -45.96
CA PHE B 1008 -51.62 -50.95 -46.67
C PHE B 1008 -51.49 -51.07 -48.19
N ASP B 1009 -50.68 -52.01 -48.66
CA ASP B 1009 -50.45 -52.32 -50.08
C ASP B 1009 -49.92 -51.10 -50.85
N ILE B 1010 -48.83 -50.55 -50.35
CA ILE B 1010 -48.08 -49.55 -51.10
C ILE B 1010 -46.91 -50.17 -51.85
N SER B 1011 -46.53 -51.41 -51.52
CA SER B 1011 -45.53 -52.19 -52.23
C SER B 1011 -46.13 -53.40 -52.94
N SER B 1012 -47.03 -54.07 -52.23
CA SER B 1012 -47.92 -55.15 -52.65
C SER B 1012 -47.23 -56.48 -52.90
N CYS B 1013 -45.90 -56.52 -53.04
CA CYS B 1013 -44.92 -57.32 -52.29
C CYS B 1013 -43.53 -57.41 -52.88
N SER B 1014 -42.74 -58.31 -52.30
CA SER B 1014 -41.35 -58.55 -52.70
C SER B 1014 -41.18 -59.00 -54.13
N VAL B 1015 -42.23 -59.44 -54.81
CA VAL B 1015 -42.15 -59.78 -56.21
C VAL B 1015 -42.57 -58.61 -57.11
N ASN B 1016 -42.44 -57.38 -56.61
CA ASN B 1016 -42.84 -56.18 -57.35
C ASN B 1016 -42.03 -55.98 -58.61
N ALA B 1017 -40.73 -55.66 -58.43
CA ALA B 1017 -39.82 -55.20 -59.49
C ALA B 1017 -40.46 -54.07 -60.30
N SER B 1018 -41.05 -53.10 -59.58
CA SER B 1018 -41.80 -52.03 -60.20
C SER B 1018 -41.37 -50.70 -59.60
N ASP B 1019 -41.25 -49.70 -60.46
CA ASP B 1019 -40.91 -48.34 -60.06
C ASP B 1019 -41.99 -47.66 -59.20
N PRO B 1020 -43.30 -47.87 -59.39
CA PRO B 1020 -44.22 -47.42 -58.32
C PRO B 1020 -44.15 -48.28 -57.08
N LEU B 1021 -44.03 -49.60 -57.23
CA LEU B 1021 -44.08 -50.53 -56.10
C LEU B 1021 -42.68 -50.70 -55.53
N LYS B 1022 -42.22 -49.64 -54.86
CA LYS B 1022 -40.88 -49.58 -54.28
C LYS B 1022 -40.66 -50.34 -52.97
N PRO B 1023 -41.37 -50.07 -51.86
CA PRO B 1023 -40.77 -50.35 -50.53
C PRO B 1023 -40.69 -51.83 -50.13
N LYS B 1024 -41.22 -52.76 -50.92
CA LYS B 1024 -40.97 -54.21 -50.81
C LYS B 1024 -41.38 -54.77 -49.44
N CYS B 1025 -42.73 -54.75 -49.18
CA CYS B 1025 -43.48 -55.56 -48.20
C CYS B 1025 -42.76 -55.90 -46.91
N PRO B 1026 -42.67 -54.94 -45.96
CA PRO B 1026 -41.70 -55.00 -44.85
C PRO B 1026 -41.60 -56.31 -44.07
N MET B 1027 -42.70 -56.99 -43.83
CA MET B 1027 -42.68 -58.28 -43.14
C MET B 1027 -43.99 -58.98 -43.41
N LEU B 1028 -43.97 -60.32 -43.33
CA LEU B 1028 -45.15 -61.12 -43.53
C LEU B 1028 -45.54 -61.82 -42.23
N ASN B 1029 -46.83 -61.79 -41.92
CA ASN B 1029 -47.36 -62.44 -40.72
C ASN B 1029 -48.85 -62.70 -40.98
N ALA B 1030 -49.59 -63.07 -39.94
CA ALA B 1030 -51.02 -63.39 -40.06
C ALA B 1030 -51.79 -62.11 -40.24
N ASP B 1031 -51.98 -61.72 -41.52
CA ASP B 1031 -52.86 -60.66 -42.01
C ASP B 1031 -52.39 -59.25 -41.65
N ASN B 1032 -51.33 -59.14 -40.87
CA ASN B 1032 -50.70 -57.87 -40.57
C ASN B 1032 -49.27 -57.93 -41.06
N THR B 1033 -48.72 -56.76 -41.40
CA THR B 1033 -47.32 -56.72 -41.84
C THR B 1033 -46.34 -57.08 -40.73
N PRO B 1034 -46.25 -56.37 -39.59
CA PRO B 1034 -45.03 -56.50 -38.77
C PRO B 1034 -44.98 -57.79 -37.98
N VAL B 1035 -43.81 -58.42 -37.97
CA VAL B 1035 -43.58 -59.51 -37.02
C VAL B 1035 -43.27 -58.93 -35.65
N PHE B 1036 -42.80 -57.69 -35.60
CA PHE B 1036 -42.69 -56.98 -34.35
C PHE B 1036 -43.19 -55.56 -34.60
N PRO B 1037 -44.10 -55.05 -33.77
CA PRO B 1037 -45.03 -54.02 -34.24
C PRO B 1037 -44.47 -52.61 -34.29
N GLU B 1038 -45.35 -51.67 -34.64
CA GLU B 1038 -44.97 -50.30 -34.95
C GLU B 1038 -44.76 -49.43 -33.72
N TRP B 1039 -45.04 -49.93 -32.51
CA TRP B 1039 -44.83 -49.12 -31.32
C TRP B 1039 -43.33 -48.91 -31.05
N LEU B 1040 -42.52 -49.93 -31.32
CA LEU B 1040 -41.06 -49.73 -31.36
C LEU B 1040 -40.67 -48.76 -32.46
N THR B 1041 -41.38 -48.80 -33.60
CA THR B 1041 -41.05 -47.94 -34.72
C THR B 1041 -41.39 -46.48 -34.44
N ILE B 1042 -42.33 -46.20 -33.54
CA ILE B 1042 -42.61 -44.81 -33.21
C ILE B 1042 -41.81 -44.39 -31.99
N MET B 1043 -41.45 -45.35 -31.13
CA MET B 1043 -40.60 -45.02 -29.99
C MET B 1043 -39.20 -44.63 -30.43
N MET B 1044 -38.60 -45.45 -31.31
CA MET B 1044 -37.30 -45.13 -31.88
C MET B 1044 -37.35 -43.86 -32.72
N LEU B 1045 -38.49 -43.60 -33.36
CA LEU B 1045 -38.65 -42.36 -34.11
C LEU B 1045 -38.61 -41.15 -33.18
N CYS B 1046 -39.29 -41.24 -32.03
CA CYS B 1046 -39.28 -40.13 -31.09
C CYS B 1046 -37.89 -39.91 -30.49
N VAL B 1047 -37.18 -41.01 -30.20
CA VAL B 1047 -35.82 -40.88 -29.67
C VAL B 1047 -34.88 -40.24 -30.70
N TYR B 1048 -35.02 -40.67 -31.96
CA TYR B 1048 -34.25 -40.10 -33.06
C TYR B 1048 -34.51 -38.62 -33.23
N LEU B 1049 -35.78 -38.21 -33.17
CA LEU B 1049 -36.11 -36.79 -33.28
C LEU B 1049 -35.56 -36.00 -32.09
N LEU B 1050 -35.57 -36.62 -30.90
CA LEU B 1050 -35.06 -35.95 -29.71
C LEU B 1050 -33.57 -35.65 -29.84
N PHE B 1051 -32.77 -36.67 -30.18
CA PHE B 1051 -31.31 -36.46 -30.31
C PHE B 1051 -30.96 -35.59 -31.51
N ALA B 1052 -31.75 -35.65 -32.59
CA ALA B 1052 -31.50 -34.77 -33.72
C ALA B 1052 -31.73 -33.30 -33.34
N ASN B 1053 -32.77 -33.04 -32.55
CA ASN B 1053 -33.00 -31.67 -32.09
C ASN B 1053 -31.94 -31.24 -31.08
N ILE B 1054 -31.41 -32.19 -30.31
CA ILE B 1054 -30.29 -31.91 -29.41
C ILE B 1054 -29.09 -31.40 -30.19
N LEU B 1055 -28.69 -32.14 -31.24
CA LEU B 1055 -27.52 -31.71 -32.00
C LEU B 1055 -27.79 -30.45 -32.82
N LEU B 1056 -29.05 -30.23 -33.23
CA LEU B 1056 -29.40 -28.99 -33.92
C LEU B 1056 -29.30 -27.78 -33.00
N LEU B 1057 -29.79 -27.91 -31.77
CA LEU B 1057 -29.65 -26.81 -30.81
C LEU B 1057 -28.21 -26.64 -30.35
N ASN B 1058 -27.42 -27.72 -30.38
CA ASN B 1058 -25.98 -27.61 -30.15
C ASN B 1058 -25.33 -26.75 -31.22
N LEU B 1059 -25.72 -26.95 -32.49
CA LEU B 1059 -25.22 -26.09 -33.56
C LEU B 1059 -25.74 -24.65 -33.40
N LEU B 1060 -26.95 -24.50 -32.87
CA LEU B 1060 -27.48 -23.16 -32.62
C LEU B 1060 -26.67 -22.41 -31.58
N ILE B 1061 -26.31 -23.09 -30.48
CA ILE B 1061 -25.45 -22.47 -29.47
C ILE B 1061 -24.04 -22.28 -30.02
N ALA B 1062 -23.60 -23.15 -30.93
CA ALA B 1062 -22.29 -23.00 -31.54
C ALA B 1062 -22.21 -21.75 -32.42
N ILE B 1063 -23.31 -21.38 -33.07
CA ILE B 1063 -23.33 -20.13 -33.82
C ILE B 1063 -23.52 -18.95 -32.88
N PHE B 1064 -24.34 -19.14 -31.83
CA PHE B 1064 -24.64 -18.07 -30.88
C PHE B 1064 -23.42 -17.64 -30.08
N ASN B 1065 -22.50 -18.57 -29.80
CA ASN B 1065 -21.31 -18.21 -29.03
C ASN B 1065 -20.41 -17.28 -29.83
N TYR B 1066 -20.25 -17.55 -31.12
CA TYR B 1066 -19.46 -16.64 -31.95
C TYR B 1066 -20.16 -15.31 -32.14
N THR B 1067 -21.47 -15.32 -32.36
CA THR B 1067 -22.19 -14.07 -32.57
C THR B 1067 -22.18 -13.22 -31.30
N PHE B 1068 -22.29 -13.85 -30.13
CA PHE B 1068 -22.21 -13.11 -28.89
C PHE B 1068 -20.80 -12.65 -28.58
N GLN B 1069 -19.78 -13.43 -28.97
CA GLN B 1069 -18.41 -12.98 -28.80
C GLN B 1069 -18.09 -11.81 -29.73
N GLU B 1070 -18.79 -11.73 -30.85
CA GLU B 1070 -18.73 -10.52 -31.67
C GLU B 1070 -19.43 -9.36 -30.97
N VAL B 1071 -20.61 -9.60 -30.41
CA VAL B 1071 -21.35 -8.54 -29.75
C VAL B 1071 -20.89 -8.27 -28.32
N GLN B 1072 -20.06 -9.14 -27.73
CA GLN B 1072 -19.49 -8.84 -26.42
C GLN B 1072 -18.43 -7.76 -26.50
N ASP B 1073 -17.88 -7.52 -27.69
CA ASP B 1073 -17.04 -6.36 -27.92
C ASP B 1073 -17.88 -5.09 -27.83
N ASN B 1074 -17.19 -3.95 -27.72
CA ASN B 1074 -17.83 -2.68 -27.44
C ASN B 1074 -18.73 -2.25 -28.59
N THR B 1075 -20.02 -2.11 -28.31
CA THR B 1075 -21.01 -1.81 -29.33
C THR B 1075 -20.96 -0.36 -29.81
N ASP B 1076 -20.34 0.54 -29.05
CA ASP B 1076 -20.16 1.91 -29.50
C ASP B 1076 -18.81 2.10 -30.18
N THR B 1077 -18.44 1.12 -31.01
CA THR B 1077 -17.24 1.20 -31.81
C THR B 1077 -17.55 1.14 -33.30
N ILE B 1078 -18.30 0.13 -33.73
CA ILE B 1078 -18.48 -0.14 -35.17
C ILE B 1078 -19.34 0.90 -35.85
N TRP B 1079 -20.14 1.66 -35.09
CA TRP B 1079 -20.97 2.70 -35.68
C TRP B 1079 -20.11 3.81 -36.25
N LYS B 1080 -19.03 4.17 -35.56
CA LYS B 1080 -18.12 5.20 -36.05
C LYS B 1080 -17.37 4.73 -37.29
N PHE B 1081 -17.00 3.45 -37.34
CA PHE B 1081 -16.30 2.93 -38.51
C PHE B 1081 -17.21 2.85 -39.73
N GLN B 1082 -18.46 2.41 -39.52
CA GLN B 1082 -19.45 2.43 -40.59
C GLN B 1082 -19.69 3.84 -41.08
N ARG B 1083 -19.75 4.81 -40.15
CA ARG B 1083 -19.92 6.20 -40.53
C ARG B 1083 -18.71 6.71 -41.31
N TYR B 1084 -17.50 6.27 -40.93
CA TYR B 1084 -16.32 6.70 -41.67
C TYR B 1084 -16.31 6.15 -43.07
N GLU B 1085 -16.58 4.86 -43.24
CA GLU B 1085 -16.52 4.29 -44.57
C GLU B 1085 -17.62 4.86 -45.47
N LEU B 1086 -18.79 5.13 -44.87
CA LEU B 1086 -19.85 5.81 -45.58
C LEU B 1086 -19.44 7.20 -46.00
N ILE B 1087 -18.72 7.92 -45.13
CA ILE B 1087 -18.22 9.25 -45.48
C ILE B 1087 -17.12 9.15 -46.51
N LYS B 1088 -16.41 8.02 -46.53
CA LYS B 1088 -15.29 7.86 -47.44
C LYS B 1088 -15.74 7.60 -48.86
N GLU B 1089 -16.85 6.87 -49.03
CA GLU B 1089 -17.21 6.52 -50.40
C GLU B 1089 -17.91 7.67 -51.12
N TYR B 1090 -19.00 8.18 -50.54
CA TYR B 1090 -19.90 9.07 -51.24
C TYR B 1090 -19.38 10.49 -51.37
N HIS B 1091 -18.26 10.82 -50.74
CA HIS B 1091 -17.65 12.11 -50.96
C HIS B 1091 -17.03 12.21 -52.35
N SER B 1092 -16.67 11.07 -52.93
CA SER B 1092 -16.00 11.07 -54.22
C SER B 1092 -16.98 11.24 -55.37
N ARG B 1093 -18.08 10.46 -55.36
CA ARG B 1093 -18.96 10.41 -56.52
C ARG B 1093 -19.77 11.70 -56.68
N PRO B 1094 -20.07 12.08 -57.93
CA PRO B 1094 -20.86 13.30 -58.14
C PRO B 1094 -22.32 13.12 -57.79
N ALA B 1095 -23.12 14.14 -58.10
CA ALA B 1095 -24.56 14.08 -58.00
C ALA B 1095 -25.11 13.31 -59.21
N LEU B 1096 -26.43 13.44 -59.46
CA LEU B 1096 -27.13 12.84 -60.59
C LEU B 1096 -27.00 11.31 -60.62
N PRO B 1097 -27.82 10.59 -59.87
CA PRO B 1097 -27.76 9.09 -59.76
C PRO B 1097 -27.87 8.38 -61.11
N PRO B 1098 -27.57 7.06 -61.19
CA PRO B 1098 -27.40 6.33 -62.51
C PRO B 1098 -28.38 6.65 -63.64
N PRO B 1099 -29.70 6.87 -63.38
CA PRO B 1099 -30.57 7.49 -64.41
C PRO B 1099 -30.03 8.75 -65.06
N PHE B 1100 -29.20 9.51 -64.36
CA PHE B 1100 -28.52 10.62 -64.98
C PHE B 1100 -27.01 10.57 -64.74
N ILE B 1101 -26.48 9.50 -64.13
CA ILE B 1101 -25.04 9.39 -64.13
C ILE B 1101 -24.58 8.88 -65.49
N LEU B 1102 -25.47 8.20 -66.25
CA LEU B 1102 -25.15 7.94 -67.65
C LEU B 1102 -24.91 9.23 -68.44
N LEU B 1103 -25.61 10.31 -68.06
CA LEU B 1103 -25.28 11.64 -68.58
C LEU B 1103 -24.01 12.19 -67.96
N SER B 1104 -23.93 12.18 -66.62
CA SER B 1104 -22.92 12.97 -65.91
C SER B 1104 -21.52 12.40 -66.07
N HIS B 1105 -21.37 11.08 -66.05
CA HIS B 1105 -20.07 10.47 -66.30
C HIS B 1105 -19.66 10.65 -67.75
N LEU B 1106 -20.63 10.70 -68.66
CA LEU B 1106 -20.32 10.94 -70.07
C LEU B 1106 -19.81 12.35 -70.29
N ILE B 1107 -20.44 13.34 -69.65
CA ILE B 1107 -19.99 14.71 -69.85
C ILE B 1107 -18.73 15.01 -69.05
N LEU B 1108 -18.49 14.27 -67.96
CA LEU B 1108 -17.20 14.39 -67.27
C LEU B 1108 -16.08 13.75 -68.09
N PHE B 1109 -16.38 12.63 -68.74
CA PHE B 1109 -15.40 11.92 -69.57
C PHE B 1109 -15.04 12.72 -70.81
N ILE B 1110 -16.05 13.32 -71.45
CA ILE B 1110 -15.82 14.22 -72.58
C ILE B 1110 -15.39 15.61 -72.12
N ARG B 1111 -15.48 15.91 -70.84
CA ARG B 1111 -15.02 17.20 -70.33
C ARG B 1111 -13.50 17.26 -70.27
N GLY B 1112 -12.91 16.36 -69.49
CA GLY B 1112 -11.47 16.31 -69.31
C GLY B 1112 -11.04 15.83 -67.94
N ARG B 1121 -6.94 16.79 -57.74
CA ARG B 1121 -7.01 16.14 -56.44
C ARG B 1121 -8.27 16.56 -55.68
N HIS B 1122 -8.30 16.26 -54.38
CA HIS B 1122 -9.34 16.75 -53.49
C HIS B 1122 -8.69 17.33 -52.25
N LYS B 1123 -9.17 18.50 -51.83
CA LYS B 1123 -8.53 19.27 -50.78
C LYS B 1123 -9.16 19.05 -49.41
N ASN B 1124 -9.89 17.95 -49.22
CA ASN B 1124 -10.55 17.70 -47.94
C ASN B 1124 -9.86 16.64 -47.10
N PHE B 1125 -9.60 15.46 -47.66
CA PHE B 1125 -8.91 14.42 -46.89
C PHE B 1125 -7.41 14.66 -46.86
N ARG B 1126 -6.79 14.63 -48.04
CA ARG B 1126 -5.34 14.71 -48.18
C ARG B 1126 -5.00 16.04 -48.82
N GLN B 1127 -4.40 16.93 -48.05
CA GLN B 1127 -4.03 18.23 -48.55
C GLN B 1127 -2.54 18.45 -48.35
N GLU B 1128 -1.92 19.13 -49.30
CA GLU B 1128 -0.49 19.41 -49.22
C GLU B 1128 -0.31 20.80 -48.63
N LEU B 1129 0.33 20.87 -47.47
CA LEU B 1129 0.60 22.15 -46.85
C LEU B 1129 1.84 22.79 -47.45
N GLU B 1130 1.85 24.12 -47.47
CA GLU B 1130 3.04 24.85 -47.87
C GLU B 1130 4.05 24.87 -46.73
N GLN B 1131 5.33 24.92 -47.09
CA GLN B 1131 6.40 24.83 -46.10
C GLN B 1131 6.50 26.04 -45.20
N THR B 1132 5.80 27.13 -45.52
CA THR B 1132 5.82 28.32 -44.68
C THR B 1132 5.15 28.05 -43.34
N GLU B 1133 4.16 27.17 -43.33
CA GLU B 1133 3.35 26.97 -42.15
C GLU B 1133 3.66 25.67 -41.41
N GLU B 1134 4.25 24.70 -42.10
CA GLU B 1134 4.54 23.41 -41.49
C GLU B 1134 5.58 23.53 -40.37
N GLU B 1135 6.48 24.50 -40.47
CA GLU B 1135 7.49 24.69 -39.44
C GLU B 1135 6.87 25.13 -38.12
N GLU B 1136 6.03 26.17 -38.18
CA GLU B 1136 5.31 26.62 -36.99
C GLU B 1136 4.38 25.54 -36.47
N LEU B 1137 3.74 24.80 -37.37
CA LEU B 1137 2.82 23.76 -36.94
C LEU B 1137 3.54 22.65 -36.19
N LEU B 1138 4.67 22.20 -36.72
CA LEU B 1138 5.42 21.14 -36.06
C LEU B 1138 6.03 21.62 -34.74
N SER B 1139 6.43 22.90 -34.67
CA SER B 1139 6.97 23.39 -33.41
C SER B 1139 5.88 23.49 -32.35
N TRP B 1140 4.67 23.90 -32.74
CA TRP B 1140 3.57 23.90 -31.78
C TRP B 1140 3.20 22.50 -31.34
N GLU B 1141 3.26 21.53 -32.27
CA GLU B 1141 2.98 20.14 -31.93
C GLU B 1141 3.99 19.60 -30.94
N ALA B 1142 5.27 19.94 -31.14
CA ALA B 1142 6.31 19.47 -30.23
C ALA B 1142 6.17 20.10 -28.85
N TYR B 1143 5.75 21.37 -28.80
CA TYR B 1143 5.54 21.98 -27.49
C TYR B 1143 4.35 21.35 -26.77
N MET B 1144 3.30 21.00 -27.50
CA MET B 1144 2.17 20.30 -26.90
C MET B 1144 2.57 18.92 -26.39
N LYS B 1145 3.42 18.22 -27.14
CA LYS B 1145 3.91 16.92 -26.72
C LYS B 1145 4.72 17.03 -25.43
N ASP B 1146 5.56 18.07 -25.36
CA ASP B 1146 6.34 18.33 -24.16
C ASP B 1146 5.45 18.57 -22.95
N ASN B 1147 4.35 19.30 -23.15
CA ASN B 1147 3.44 19.59 -22.05
C ASN B 1147 2.77 18.32 -21.55
N TYR B 1148 2.23 17.51 -22.46
CA TYR B 1148 1.62 16.23 -22.10
C TYR B 1148 2.59 15.32 -21.36
N LEU B 1149 3.84 15.26 -21.84
CA LEU B 1149 4.81 14.35 -21.26
C LEU B 1149 5.19 14.77 -19.85
N ALA B 1150 5.32 16.09 -19.61
CA ALA B 1150 5.57 16.57 -18.26
C ALA B 1150 4.40 16.26 -17.33
N SER B 1151 3.17 16.40 -17.84
CA SER B 1151 2.00 16.10 -17.02
C SER B 1151 1.95 14.63 -16.63
N THR B 1152 2.29 13.75 -17.57
CA THR B 1152 2.26 12.32 -17.26
C THR B 1152 3.36 11.93 -16.30
N ARG B 1153 4.55 12.52 -16.41
CA ARG B 1153 5.60 12.24 -15.44
C ARG B 1153 5.20 12.68 -14.03
N GLN B 1154 4.61 13.87 -13.92
CA GLN B 1154 4.21 14.36 -12.60
C GLN B 1154 3.11 13.51 -11.99
N ASP B 1155 2.08 13.17 -12.77
CA ASP B 1155 1.03 12.35 -12.19
C ASP B 1155 1.37 10.87 -12.15
N GLU B 1156 2.51 10.46 -12.73
CA GLU B 1156 3.07 9.15 -12.42
C GLU B 1156 3.83 9.20 -11.11
N SER B 1157 4.31 10.37 -10.72
CA SER B 1157 4.96 10.51 -9.42
C SER B 1157 4.00 10.58 -8.25
N GLN B 1158 2.69 10.54 -8.48
CA GLN B 1158 1.76 10.69 -7.38
C GLN B 1158 1.17 9.37 -6.88
N SER B 1159 1.22 8.31 -7.66
CA SER B 1159 0.56 7.07 -7.28
C SER B 1159 1.32 6.38 -6.16
N VAL B 1160 0.58 5.56 -5.41
CA VAL B 1160 1.12 5.00 -4.17
C VAL B 1160 2.16 3.93 -4.45
N GLU B 1161 2.09 3.32 -5.64
CA GLU B 1161 3.07 2.34 -6.06
C GLU B 1161 4.43 2.97 -6.35
N HIS B 1162 4.51 4.30 -6.41
CA HIS B 1162 5.79 4.99 -6.42
C HIS B 1162 6.18 5.54 -5.07
N ARG B 1163 5.21 6.01 -4.29
CA ARG B 1163 5.49 6.57 -2.97
C ARG B 1163 6.06 5.52 -2.04
N ILE B 1164 5.66 4.26 -2.25
CA ILE B 1164 6.19 3.19 -1.41
C ILE B 1164 7.68 2.97 -1.69
N HIS B 1165 8.11 3.07 -2.95
CA HIS B 1165 9.53 2.91 -3.26
C HIS B 1165 10.33 4.11 -2.78
N ASP B 1166 9.75 5.30 -2.85
CA ASP B 1166 10.43 6.49 -2.39
C ASP B 1166 10.68 6.42 -0.88
N THR B 1167 9.64 6.07 -0.11
CA THR B 1167 9.82 5.96 1.33
C THR B 1167 10.75 4.81 1.69
N ALA B 1168 10.78 3.75 0.88
CA ALA B 1168 11.69 2.65 1.14
C ALA B 1168 13.14 3.08 0.98
N GLU B 1169 13.46 3.76 -0.12
CA GLU B 1169 14.82 4.21 -0.34
C GLU B 1169 15.23 5.25 0.69
N LYS B 1170 14.31 6.12 1.09
CA LYS B 1170 14.65 7.15 2.06
C LYS B 1170 14.88 6.56 3.46
N VAL B 1171 14.09 5.55 3.84
CA VAL B 1171 14.33 4.91 5.13
C VAL B 1171 15.61 4.09 5.10
N GLY B 1172 15.95 3.51 3.95
CA GLY B 1172 17.24 2.84 3.83
C GLY B 1172 18.42 3.77 4.01
N ALA B 1173 18.36 4.94 3.37
CA ALA B 1173 19.40 5.95 3.54
C ALA B 1173 19.43 6.48 4.97
N MET B 1174 18.27 6.62 5.61
CA MET B 1174 18.21 7.13 6.98
C MET B 1174 18.82 6.14 7.97
N SER B 1175 18.55 4.84 7.79
CA SER B 1175 19.12 3.86 8.70
C SER B 1175 20.61 3.71 8.49
N GLU B 1176 21.07 3.78 7.24
CA GLU B 1176 22.51 3.69 6.97
C GLU B 1176 23.25 4.90 7.55
N LEU B 1177 22.70 6.11 7.37
CA LEU B 1177 23.32 7.30 7.92
C LEU B 1177 23.24 7.34 9.44
N LEU B 1178 22.19 6.75 10.03
CA LEU B 1178 22.10 6.73 11.49
C LEU B 1178 23.12 5.78 12.08
N GLU B 1179 23.32 4.62 11.45
CA GLU B 1179 24.38 3.71 11.92
C GLU B 1179 25.77 4.33 11.73
N ARG B 1180 25.96 5.06 10.63
CA ARG B 1180 27.24 5.71 10.38
C ARG B 1180 27.51 6.85 11.36
N GLU B 1181 26.47 7.62 11.71
CA GLU B 1181 26.66 8.73 12.64
C GLU B 1181 26.75 8.26 14.08
N GLN B 1182 26.04 7.20 14.46
CA GLN B 1182 26.20 6.65 15.80
C GLN B 1182 27.55 5.95 15.94
N GLU B 1183 28.10 5.46 14.83
CA GLU B 1183 29.47 4.96 14.85
C GLU B 1183 30.50 6.07 15.05
N MET B 1184 30.14 7.32 14.73
CA MET B 1184 31.02 8.46 14.97
C MET B 1184 30.93 9.00 16.39
N VAL B 1185 29.99 8.50 17.20
CA VAL B 1185 29.82 8.98 18.56
C VAL B 1185 30.90 8.41 19.47
N UNK B 1186 34.52 11.10 24.80
CA UNK B 1186 34.34 11.94 25.98
C UNK B 1186 35.24 11.47 27.12
N UNK B 1187 35.74 10.25 27.02
CA UNK B 1187 36.61 9.70 28.04
C UNK B 1187 37.89 10.52 28.16
N UNK B 1188 38.44 10.91 27.01
CA UNK B 1188 39.66 11.71 26.99
C UNK B 1188 39.42 13.05 27.66
N UNK B 1189 38.27 13.65 27.38
CA UNK B 1189 37.91 14.93 27.99
C UNK B 1189 37.79 14.78 29.50
N UNK B 1190 37.19 13.67 29.94
CA UNK B 1190 37.03 13.41 31.36
C UNK B 1190 38.40 13.27 32.02
N UNK B 1191 39.32 12.58 31.34
CA UNK B 1191 40.67 12.40 31.85
C UNK B 1191 41.37 13.75 31.98
N UNK B 1192 41.18 14.61 30.98
CA UNK B 1192 41.77 15.94 31.00
C UNK B 1192 41.24 16.74 32.18
N UNK B 1193 39.93 16.62 32.41
CA UNK B 1193 39.29 17.33 33.52
C UNK B 1193 39.87 16.84 34.84
N UNK B 1194 40.07 15.53 34.95
CA UNK B 1194 40.64 14.95 36.17
C UNK B 1194 42.05 15.47 36.38
N UNK B 1195 42.82 15.57 35.31
CA UNK B 1195 44.19 16.07 35.38
C UNK B 1195 44.18 17.52 35.86
N UNK B 1196 43.23 18.30 35.35
CA UNK B 1196 43.12 19.71 35.73
C UNK B 1196 42.78 19.81 37.21
N UNK B 1197 41.90 18.94 37.68
CA UNK B 1197 41.50 18.91 39.09
C UNK B 1197 42.70 18.57 39.97
N UNK B 1198 43.51 17.63 39.50
CA UNK B 1198 44.69 17.20 40.24
C UNK B 1198 45.83 18.21 40.13
N UNK B 1199 46.41 18.31 38.94
CA UNK B 1199 47.51 19.24 38.70
C UNK B 1199 47.30 20.52 39.49
N UNK B 1200 46.07 21.01 39.52
CA UNK B 1200 45.74 22.22 40.25
C UNK B 1200 46.00 22.03 41.73
N UNK B 1201 45.62 20.86 42.24
CA UNK B 1201 45.83 20.53 43.64
C UNK B 1201 47.32 20.50 43.96
N UNK B 1202 48.10 19.92 43.04
CA UNK B 1202 49.55 19.85 43.22
C UNK B 1202 50.14 21.26 43.26
N UNK B 1203 49.64 22.13 42.39
CA UNK B 1203 50.11 23.51 42.34
C UNK B 1203 49.79 24.21 43.66
N UNK B 1204 48.59 23.96 44.19
CA UNK B 1204 48.18 24.56 45.45
C UNK B 1204 49.10 24.08 46.57
N UNK B 1205 49.44 22.80 46.56
CA UNK B 1205 50.32 22.23 47.56
C UNK B 1205 51.70 22.89 47.48
N UNK B 1206 52.18 23.10 46.26
CA UNK B 1206 53.46 23.73 46.04
C UNK B 1206 53.46 25.17 46.56
N UNK B 1207 52.37 25.89 46.33
CA UNK B 1207 52.27 27.28 46.76
C UNK B 1207 50.83 27.76 46.86
N GLU B 1210 57.16 12.39 9.19
CA GLU B 1210 58.25 12.77 8.31
C GLU B 1210 58.77 11.57 7.51
N ALA B 1211 58.96 11.78 6.23
CA ALA B 1211 59.43 10.69 5.39
C ALA B 1211 60.95 10.69 5.32
N PRO B 1212 61.59 9.57 5.54
CA PRO B 1212 63.05 9.49 5.35
C PRO B 1212 63.44 9.42 3.88
N HIS B 1213 64.72 9.17 3.63
CA HIS B 1213 65.20 9.00 2.27
C HIS B 1213 64.78 7.64 1.74
N MET B 1214 63.60 7.58 1.12
CA MET B 1214 63.03 6.29 0.75
C MET B 1214 63.70 5.68 -0.47
N PHE B 1215 64.24 6.49 -1.38
CA PHE B 1215 64.98 5.96 -2.52
C PHE B 1215 66.26 5.25 -2.10
N ALA B 1216 66.83 5.59 -0.94
CA ALA B 1216 67.97 4.83 -0.44
C ALA B 1216 67.58 3.46 0.08
N ARG B 1217 66.29 3.24 0.36
CA ARG B 1217 65.83 1.99 0.95
C ARG B 1217 65.33 1.00 -0.10
N GLN B 1218 65.44 1.35 -1.38
CA GLN B 1218 64.88 0.54 -2.45
C GLN B 1218 65.70 -0.72 -2.62
N LEU B 1219 65.03 -1.88 -2.65
CA LEU B 1219 65.68 -3.16 -2.36
C LEU B 1219 66.69 -3.56 -3.42
N GLN B 1220 66.44 -3.25 -4.69
CA GLN B 1220 67.37 -3.63 -5.74
C GLN B 1220 68.25 -2.44 -6.05
N TYR B 1221 69.52 -2.55 -5.69
CA TYR B 1221 70.49 -1.52 -6.00
C TYR B 1221 70.74 -1.54 -7.50
N PRO B 1222 70.80 -0.38 -8.16
CA PRO B 1222 70.75 -0.36 -9.62
C PRO B 1222 72.01 -0.89 -10.27
N ASP B 1223 71.81 -1.61 -11.37
CA ASP B 1223 72.87 -2.22 -12.19
C ASP B 1223 73.76 -3.15 -11.36
N SER B 1224 73.15 -3.90 -10.46
CA SER B 1224 73.91 -4.71 -9.54
C SER B 1224 73.09 -5.93 -9.14
N THR B 1225 73.79 -7.01 -8.82
CA THR B 1225 73.18 -8.24 -8.35
C THR B 1225 72.96 -8.26 -6.85
N VAL B 1226 72.97 -7.10 -6.20
CA VAL B 1226 72.97 -7.01 -4.75
C VAL B 1226 71.63 -6.47 -4.28
N ARG B 1227 70.97 -7.22 -3.41
CA ARG B 1227 69.80 -6.76 -2.70
C ARG B 1227 70.24 -6.23 -1.34
N ARG B 1228 69.68 -5.09 -0.95
CA ARG B 1228 70.05 -4.51 0.33
C ARG B 1228 69.24 -5.17 1.44
N PHE B 1229 69.49 -4.75 2.66
CA PHE B 1229 68.78 -5.27 3.80
C PHE B 1229 67.45 -4.53 3.96
N PRO B 1230 66.43 -5.21 4.46
CA PRO B 1230 65.17 -4.51 4.77
C PRO B 1230 65.26 -3.56 5.94
N VAL B 1231 65.18 -2.27 5.66
CA VAL B 1231 65.37 -1.22 6.67
C VAL B 1231 64.04 -0.50 6.92
N PRO B 1232 63.37 -0.74 8.04
CA PRO B 1232 62.07 -0.09 8.29
C PRO B 1232 62.16 1.40 8.57
N GLU B 1233 61.00 2.01 8.75
CA GLU B 1233 60.93 3.45 8.88
C GLU B 1233 61.33 3.91 10.28
N GLU B 1234 61.05 3.10 11.29
CA GLU B 1234 61.58 3.40 12.62
C GLU B 1234 63.07 3.19 12.70
N LYS B 1235 63.65 2.41 11.79
CA LYS B 1235 65.07 2.16 11.74
C LYS B 1235 65.83 3.16 10.89
N VAL B 1236 65.26 4.34 10.66
CA VAL B 1236 65.82 5.25 9.65
C VAL B 1236 67.12 5.86 10.15
N SER B 1237 67.03 6.69 11.19
CA SER B 1237 68.20 7.43 11.62
C SER B 1237 69.12 6.55 12.45
N TRP B 1238 70.32 7.07 12.72
CA TRP B 1238 71.24 6.35 13.58
C TRP B 1238 70.94 6.53 15.06
N GLU B 1239 69.94 7.35 15.40
CA GLU B 1239 69.67 7.68 16.79
C GLU B 1239 69.09 6.50 17.56
N VAL B 1240 68.45 5.56 16.89
CA VAL B 1240 67.90 4.37 17.55
C VAL B 1240 68.53 3.13 16.95
N ASN B 1241 68.49 2.04 17.74
CA ASN B 1241 69.27 0.85 17.46
C ASN B 1241 68.36 -0.35 17.27
N PHE B 1242 68.44 -0.96 16.08
CA PHE B 1242 67.80 -2.23 15.78
C PHE B 1242 68.88 -3.29 15.75
N SER B 1243 68.62 -4.40 16.44
CA SER B 1243 69.68 -5.33 16.81
C SER B 1243 70.30 -6.10 15.63
N PRO B 1244 69.55 -6.96 14.82
CA PRO B 1244 70.25 -7.86 13.89
C PRO B 1244 70.65 -7.19 12.57
N TYR B 1245 71.17 -5.97 12.67
CA TYR B 1245 71.28 -5.08 11.52
C TYR B 1245 72.68 -5.21 10.94
N GLN B 1246 72.82 -6.09 9.95
CA GLN B 1246 74.11 -6.42 9.35
C GLN B 1246 74.08 -6.11 7.86
N PRO B 1247 74.32 -4.85 7.47
CA PRO B 1247 74.31 -4.49 6.05
C PRO B 1247 75.53 -5.06 5.35
N PRO B 1248 75.35 -5.83 4.28
CA PRO B 1248 76.50 -6.36 3.54
C PRO B 1248 77.20 -5.25 2.77
N VAL B 1249 78.49 -5.09 3.03
CA VAL B 1249 79.28 -4.07 2.36
C VAL B 1249 79.54 -4.49 0.92
N TYR B 1250 79.39 -3.55 -0.01
CA TYR B 1250 79.52 -3.86 -1.42
C TYR B 1250 79.92 -2.59 -2.16
N ASN B 1251 81.20 -2.45 -2.46
CA ASN B 1251 81.66 -1.44 -3.39
C ASN B 1251 81.88 -2.07 -4.76
N GLN B 1252 81.72 -1.27 -5.81
CA GLN B 1252 82.14 -1.69 -7.14
C GLN B 1252 83.65 -1.52 -7.25
N GLN B 1253 84.34 -2.59 -7.63
CA GLN B 1253 85.79 -2.56 -7.79
C GLN B 1253 86.11 -1.87 -9.12
N ASP B 1254 86.16 -0.54 -9.06
CA ASP B 1254 86.47 0.27 -10.22
C ASP B 1254 87.96 0.60 -10.27
N LYS B 1265 84.28 4.98 9.31
CA LYS B 1265 84.49 6.38 8.92
C LYS B 1265 83.20 7.18 9.02
N HIS B 1266 82.30 6.98 8.07
CA HIS B 1266 81.11 7.79 7.93
C HIS B 1266 79.87 6.99 8.30
N ARG B 1267 78.79 7.72 8.55
CA ARG B 1267 77.45 7.14 8.72
C ARG B 1267 76.48 7.98 7.93
N ASN B 1268 75.52 7.32 7.29
CA ASN B 1268 74.60 7.99 6.37
C ASN B 1268 73.64 8.89 7.13
N PRO B 1269 73.67 10.20 6.91
CA PRO B 1269 72.79 11.09 7.66
C PRO B 1269 71.36 11.01 7.16
N GLY B 1270 70.42 10.99 8.11
CA GLY B 1270 69.02 11.04 7.78
C GLY B 1270 68.39 9.74 7.32
N GLY B 1271 69.13 8.63 7.33
CA GLY B 1271 68.52 7.37 6.97
C GLY B 1271 69.50 6.21 6.87
N ARG B 1272 69.12 5.07 7.44
CA ARG B 1272 69.92 3.86 7.32
C ARG B 1272 69.75 3.30 5.91
N THR B 1273 70.85 3.13 5.20
CA THR B 1273 70.79 2.83 3.78
C THR B 1273 70.98 1.36 3.43
N GLY B 1274 71.23 0.51 4.43
CA GLY B 1274 71.20 -0.92 4.21
C GLY B 1274 72.37 -1.52 3.45
N ILE B 1275 73.28 -0.72 2.93
CA ILE B 1275 74.46 -1.20 2.24
C ILE B 1275 75.64 -0.30 2.62
N ARG B 1276 76.82 -0.89 2.76
CA ARG B 1276 78.04 -0.15 3.05
C ARG B 1276 78.96 -0.19 1.83
N GLY B 1277 79.97 0.67 1.87
CA GLY B 1277 80.90 0.80 0.76
C GLY B 1277 80.56 1.97 -0.13
N LYS B 1278 81.46 2.24 -1.07
CA LYS B 1278 81.22 3.33 -2.01
C LYS B 1278 80.19 2.93 -3.06
N GLY B 1279 80.26 1.69 -3.53
CA GLY B 1279 79.31 1.23 -4.54
C GLY B 1279 79.63 1.82 -5.90
N ALA B 1280 78.61 2.39 -6.54
CA ALA B 1280 78.79 3.10 -7.79
C ALA B 1280 79.27 4.53 -7.59
N LEU B 1281 79.29 5.01 -6.36
CA LEU B 1281 79.92 6.28 -6.06
C LEU B 1281 81.44 6.14 -6.13
N ASN B 1282 82.10 7.24 -6.46
CA ASN B 1282 83.55 7.19 -6.66
C ASN B 1282 84.29 7.09 -5.33
N THR B 1283 84.16 8.11 -4.49
CA THR B 1283 84.85 8.11 -3.21
C THR B 1283 83.97 7.49 -2.13
N LEU B 1284 84.58 7.21 -0.98
CA LEU B 1284 83.83 6.76 0.20
C LEU B 1284 83.47 7.95 1.08
N GLY B 1285 82.81 8.92 0.45
CA GLY B 1285 82.45 10.16 1.11
C GLY B 1285 81.37 10.91 0.37
N PRO B 1286 80.94 12.05 0.92
CA PRO B 1286 79.83 12.80 0.31
C PRO B 1286 80.22 13.51 -0.97
N ASN B 1287 80.14 12.78 -2.09
CA ASN B 1287 80.33 13.34 -3.42
C ASN B 1287 79.37 14.50 -3.67
N HIS B 1288 79.94 15.64 -4.06
CA HIS B 1288 79.17 16.85 -4.28
C HIS B 1288 78.85 17.01 -5.76
N ILE B 1289 77.59 17.18 -6.06
CA ILE B 1289 77.16 17.64 -7.37
C ILE B 1289 77.01 19.15 -7.32
N LEU B 1290 77.24 19.78 -8.46
CA LEU B 1290 77.05 21.21 -8.59
C LEU B 1290 76.04 21.44 -9.71
N HIS B 1291 75.39 22.58 -9.69
CA HIS B 1291 74.42 22.80 -10.75
C HIS B 1291 74.39 24.26 -11.19
N PRO B 1292 74.72 24.53 -12.46
CA PRO B 1292 74.66 25.91 -12.95
C PRO B 1292 73.23 26.38 -13.12
N ILE B 1293 73.03 27.68 -12.88
CA ILE B 1293 71.71 28.28 -12.95
C ILE B 1293 71.29 28.39 -14.41
N PHE B 1294 70.34 27.57 -14.82
CA PHE B 1294 69.76 27.62 -16.16
C PHE B 1294 68.33 28.12 -16.04
N THR B 1295 68.10 29.38 -16.44
CA THR B 1295 66.75 29.91 -16.53
C THR B 1295 66.74 31.04 -17.54
N ARG B 1296 65.54 31.46 -17.90
CA ARG B 1296 65.32 32.60 -18.78
C ARG B 1296 63.92 33.11 -18.52
N TRP B 1297 63.68 34.36 -18.85
CA TRP B 1297 62.34 34.91 -18.75
C TRP B 1297 61.50 34.32 -19.87
N ARG B 1298 60.41 33.64 -19.51
CA ARG B 1298 59.59 32.92 -20.47
C ARG B 1298 58.73 33.89 -21.28
N ASP B 1299 57.93 33.32 -22.19
CA ASP B 1299 56.90 34.10 -22.88
C ASP B 1299 55.87 34.57 -21.86
N ALA B 1300 55.41 35.82 -22.04
CA ALA B 1300 54.67 36.59 -21.03
C ALA B 1300 55.47 36.63 -19.72
N GLU B 1301 56.61 37.30 -19.79
CA GLU B 1301 57.65 37.27 -18.76
C GLU B 1301 57.23 37.89 -17.43
N HIS B 1302 56.07 38.52 -17.35
CA HIS B 1302 55.50 38.87 -16.06
C HIS B 1302 55.09 37.58 -15.34
N LYS B 1303 55.87 37.22 -14.30
CA LYS B 1303 55.68 36.05 -13.46
C LYS B 1303 55.70 34.74 -14.28
N VAL B 1304 56.85 34.50 -14.90
CA VAL B 1304 57.10 33.30 -15.68
C VAL B 1304 58.59 32.98 -15.63
N LEU B 1305 58.95 31.78 -16.10
CA LEU B 1305 60.34 31.34 -16.14
C LEU B 1305 60.49 30.18 -17.12
N GLU B 1306 61.34 30.36 -18.13
CA GLU B 1306 61.73 29.30 -19.05
C GLU B 1306 63.17 28.91 -18.80
N PHE B 1307 63.57 27.76 -19.34
CA PHE B 1307 64.93 27.28 -19.13
C PHE B 1307 65.29 26.30 -20.25
N LEU B 1308 66.47 26.47 -20.82
CA LEU B 1308 66.98 25.53 -21.81
C LEU B 1308 67.41 24.25 -21.09
N ALA B 1309 66.60 23.20 -21.22
CA ALA B 1309 66.80 21.98 -20.45
C ALA B 1309 66.85 20.78 -21.38
N VAL B 1310 67.51 19.72 -20.90
CA VAL B 1310 67.98 18.63 -21.73
C VAL B 1310 67.14 17.39 -21.43
N TRP B 1311 66.78 16.64 -22.49
CA TRP B 1311 66.05 15.39 -22.34
C TRP B 1311 66.87 14.22 -22.90
N GLU B 1312 68.19 14.30 -22.79
CA GLU B 1312 69.06 13.25 -23.31
C GLU B 1312 69.20 12.06 -22.37
N ASP B 1313 68.53 12.08 -21.21
CA ASP B 1313 68.66 11.02 -20.24
C ASP B 1313 67.81 9.79 -20.56
N ALA B 1314 66.88 9.90 -21.52
CA ALA B 1314 65.90 8.88 -21.89
C ALA B 1314 65.11 8.42 -20.66
N GLU B 1315 64.42 9.39 -20.08
CA GLU B 1315 63.82 9.29 -18.75
C GLU B 1315 62.59 10.18 -18.74
N LYS B 1316 62.20 10.63 -17.55
CA LYS B 1316 61.12 11.60 -17.38
C LYS B 1316 61.54 12.99 -17.92
N ARG B 1317 60.71 13.99 -17.63
CA ARG B 1317 60.73 15.27 -18.31
C ARG B 1317 62.00 16.08 -18.00
N TRP B 1318 62.08 17.26 -18.63
CA TRP B 1318 63.32 18.01 -18.76
C TRP B 1318 63.84 18.53 -17.43
N ALA B 1319 65.13 18.27 -17.18
CA ALA B 1319 65.88 18.90 -16.12
C ALA B 1319 67.00 19.73 -16.74
N LEU B 1320 67.44 20.76 -16.01
CA LEU B 1320 68.54 21.59 -16.50
C LEU B 1320 69.85 20.82 -16.41
N LEU B 1321 70.76 21.15 -17.31
CA LEU B 1321 72.01 20.41 -17.38
C LEU B 1321 72.97 20.87 -16.30
N GLY B 1322 73.90 19.98 -15.97
CA GLY B 1322 74.87 20.27 -14.93
C GLY B 1322 75.85 19.12 -14.80
N GLY B 1323 76.61 19.14 -13.72
CA GLY B 1323 77.54 18.07 -13.47
C GLY B 1323 78.11 18.09 -12.06
N PRO B 1324 78.44 16.92 -11.55
CA PRO B 1324 79.21 16.86 -10.30
C PRO B 1324 80.64 17.34 -10.52
N ALA B 1325 80.93 18.53 -10.01
CA ALA B 1325 82.21 19.18 -10.22
C ALA B 1325 83.10 18.99 -9.00
N GLN B 1326 84.26 19.65 -9.05
CA GLN B 1326 85.19 19.60 -7.92
C GLN B 1326 84.64 20.44 -6.78
N PRO B 1327 84.50 19.89 -5.58
CA PRO B 1327 83.93 20.64 -4.47
C PRO B 1327 84.89 21.69 -3.94
N ASP B 1328 84.32 22.63 -3.17
CA ASP B 1328 85.02 23.77 -2.55
C ASP B 1328 85.81 24.62 -3.55
N LEU B 1331 86.86 27.42 -7.05
CA LEU B 1331 85.58 27.30 -6.37
C LEU B 1331 84.44 27.47 -7.36
N ALA B 1332 83.85 28.67 -7.39
CA ALA B 1332 82.83 28.97 -8.39
C ALA B 1332 83.40 29.13 -9.78
N GLN B 1333 84.70 29.44 -9.88
CA GLN B 1333 85.36 29.45 -11.19
C GLN B 1333 85.51 28.03 -11.73
N VAL B 1334 85.56 27.03 -10.85
CA VAL B 1334 85.51 25.65 -11.31
C VAL B 1334 84.13 25.33 -11.87
N LEU B 1335 83.08 25.95 -11.32
CA LEU B 1335 81.76 25.83 -11.91
C LEU B 1335 81.66 26.57 -13.24
N GLU B 1336 82.37 27.70 -13.36
CA GLU B 1336 82.43 28.39 -14.64
C GLU B 1336 83.17 27.56 -15.69
N ARG B 1337 84.24 26.87 -15.27
CA ARG B 1337 84.94 25.97 -16.16
C ARG B 1337 84.10 24.74 -16.50
N ILE B 1338 83.24 24.30 -15.57
CA ILE B 1338 82.33 23.20 -15.87
C ILE B 1338 81.26 23.64 -16.85
N LEU B 1339 80.84 24.90 -16.77
CA LEU B 1339 79.93 25.46 -17.77
C LEU B 1339 80.61 25.59 -19.12
N GLY B 1340 81.89 25.93 -19.12
CA GLY B 1340 82.64 25.98 -20.37
C GLY B 1340 82.92 24.61 -20.96
N LYS B 1341 83.03 23.59 -20.10
CA LYS B 1341 83.40 22.25 -20.52
C LYS B 1341 82.18 21.42 -20.96
N LYS B 1342 81.19 21.28 -20.08
CA LYS B 1342 80.00 20.50 -20.42
C LYS B 1342 79.08 21.24 -21.37
N LEU B 1343 79.14 22.57 -21.42
CA LEU B 1343 78.30 23.36 -22.31
C LEU B 1343 79.11 24.34 -23.15
N LYS B 1348 84.23 34.82 -23.35
CA LYS B 1348 83.92 34.47 -21.97
C LYS B 1348 82.72 35.25 -21.47
N THR B 1349 82.38 35.04 -20.20
CA THR B 1349 81.31 35.76 -19.53
C THR B 1349 81.84 36.38 -18.24
N LEU B 1350 81.52 37.65 -18.02
CA LEU B 1350 82.00 38.39 -16.86
C LEU B 1350 80.89 38.73 -15.88
N LEU B 1351 79.78 39.26 -16.36
CA LEU B 1351 78.73 39.82 -15.48
C LEU B 1351 77.73 38.72 -15.15
N LYS B 1352 77.87 38.14 -13.94
CA LYS B 1352 76.95 37.13 -13.45
C LYS B 1352 77.09 37.06 -11.94
N ALA B 1353 76.16 36.33 -11.32
CA ALA B 1353 76.22 36.03 -9.89
C ALA B 1353 75.50 34.71 -9.64
N GLY B 1354 75.60 34.22 -8.41
CA GLY B 1354 74.99 32.95 -8.06
C GLY B 1354 74.29 32.96 -6.71
N GLU B 1355 73.00 32.65 -6.71
CA GLU B 1355 72.18 32.73 -5.50
C GLU B 1355 71.12 31.64 -5.55
N GLU B 1356 70.32 31.59 -4.47
CA GLU B 1356 69.33 30.53 -4.20
C GLU B 1356 69.97 29.15 -4.27
N VAL B 1357 70.92 28.93 -3.36
CA VAL B 1357 71.77 27.76 -3.38
C VAL B 1357 71.17 26.73 -2.43
N TYR B 1358 70.39 25.80 -2.98
CA TYR B 1358 70.03 24.59 -2.25
C TYR B 1358 71.26 23.69 -2.17
N LYS B 1359 71.80 23.51 -0.97
CA LYS B 1359 73.01 22.73 -0.80
C LYS B 1359 72.83 21.76 0.35
N GLY B 1360 73.32 20.54 0.17
CA GLY B 1360 73.28 19.53 1.19
C GLY B 1360 72.87 18.15 0.73
N TYR B 1361 72.30 17.38 1.64
CA TYR B 1361 72.01 15.97 1.42
C TYR B 1361 70.84 15.80 0.45
N VAL B 1362 71.10 15.16 -0.68
CA VAL B 1362 70.10 14.92 -1.71
C VAL B 1362 69.89 13.41 -1.83
N ASP B 1363 68.63 13.01 -2.01
CA ASP B 1363 68.25 11.60 -1.97
C ASP B 1363 68.60 10.91 -3.27
N ASP B 1364 68.89 9.62 -3.18
CA ASP B 1364 69.28 8.83 -4.34
C ASP B 1364 68.96 7.37 -4.04
N SER B 1365 68.91 6.58 -5.11
CA SER B 1365 68.95 5.13 -5.02
C SER B 1365 70.36 4.59 -5.00
N ARG B 1366 71.35 5.44 -4.73
CA ARG B 1366 72.73 5.02 -4.63
C ARG B 1366 73.35 5.33 -3.26
N ASN B 1367 72.57 5.83 -2.31
CA ASN B 1367 73.09 6.17 -0.99
C ASN B 1367 73.44 4.89 -0.23
N THR B 1368 74.63 4.89 0.38
CA THR B 1368 75.08 3.74 1.16
C THR B 1368 75.27 4.18 2.61
N ASP B 1369 75.86 3.29 3.42
CA ASP B 1369 76.13 3.60 4.83
C ASP B 1369 77.13 4.74 4.97
N ASN B 1370 78.25 4.64 4.26
CA ASN B 1370 79.33 5.60 4.39
C ASN B 1370 79.46 6.55 3.21
N ALA B 1371 78.97 6.18 2.04
CA ALA B 1371 78.99 7.05 0.88
C ALA B 1371 77.57 7.52 0.58
N TRP B 1372 77.45 8.80 0.25
CA TRP B 1372 76.17 9.36 -0.16
C TRP B 1372 76.44 10.54 -1.07
N VAL B 1373 75.38 11.09 -1.63
CA VAL B 1373 75.51 12.23 -2.54
C VAL B 1373 74.94 13.47 -1.88
N GLU B 1374 75.61 14.59 -2.11
CA GLU B 1374 75.17 15.91 -1.68
C GLU B 1374 75.33 16.82 -2.89
N THR B 1375 74.66 17.97 -2.87
CA THR B 1375 74.69 18.81 -4.05
C THR B 1375 74.53 20.29 -3.69
N SER B 1376 74.76 21.12 -4.70
CA SER B 1376 74.65 22.57 -4.60
C SER B 1376 74.02 23.06 -5.90
N ILE B 1377 72.71 23.27 -5.88
CA ILE B 1377 71.96 23.69 -7.04
C ILE B 1377 71.49 25.14 -6.84
N ILE B 1378 71.81 26.00 -7.80
CA ILE B 1378 71.43 27.39 -7.78
C ILE B 1378 70.48 27.66 -8.93
N THR B 1379 69.68 28.71 -8.80
CA THR B 1379 68.74 29.11 -9.85
C THR B 1379 68.49 30.60 -9.76
N LEU B 1380 68.93 31.35 -10.79
CA LEU B 1380 68.68 32.78 -10.93
C LEU B 1380 69.04 33.17 -12.36
N HIS B 1381 68.50 34.32 -12.79
CA HIS B 1381 68.84 34.88 -14.09
C HIS B 1381 69.82 36.05 -13.96
N THR B 1386 65.03 41.85 -19.52
CA THR B 1386 64.94 41.24 -20.83
C THR B 1386 65.17 39.73 -20.75
N PRO B 1387 64.62 38.98 -21.71
CA PRO B 1387 64.80 37.53 -21.75
C PRO B 1387 65.94 37.04 -22.63
N LEU B 1388 66.82 37.95 -23.09
CA LEU B 1388 67.78 37.60 -24.13
C LEU B 1388 68.87 36.67 -23.61
N MET B 1389 69.68 37.15 -22.66
CA MET B 1389 70.89 36.49 -22.17
C MET B 1389 71.83 36.11 -23.32
N ALA B 1390 72.41 37.16 -23.91
CA ALA B 1390 73.10 37.04 -25.20
C ALA B 1390 74.30 36.10 -25.15
N ASP B 1391 75.03 36.07 -24.02
CA ASP B 1391 76.11 35.10 -23.89
C ASP B 1391 75.59 33.68 -23.76
N LEU B 1392 74.35 33.51 -23.29
CA LEU B 1392 73.75 32.19 -23.19
C LEU B 1392 73.12 31.76 -24.50
N ASN B 1393 72.60 32.70 -25.30
CA ASN B 1393 72.15 32.41 -26.65
C ASN B 1393 73.27 32.37 -27.66
N HIS B 1394 74.51 32.69 -27.24
CA HIS B 1394 75.66 32.60 -28.15
C HIS B 1394 75.94 31.15 -28.52
N MET B 1395 76.09 30.28 -27.53
CA MET B 1395 76.37 28.87 -27.78
C MET B 1395 75.11 28.13 -28.17
N VAL B 1396 75.23 27.23 -29.14
CA VAL B 1396 74.15 26.32 -29.54
C VAL B 1396 74.41 24.98 -28.87
N GLU B 1397 73.44 24.51 -28.09
CA GLU B 1397 73.61 23.32 -27.27
C GLU B 1397 73.34 22.05 -28.07
N SER B 1398 74.28 21.12 -28.04
CA SER B 1398 74.10 19.79 -28.58
C SER B 1398 74.13 18.76 -27.46
N SER B 1399 73.40 17.66 -27.66
CA SER B 1399 73.31 16.62 -26.64
C SER B 1399 74.39 15.55 -26.84
N GLN B 1404 70.01 15.78 -29.49
CA GLN B 1404 68.77 16.28 -30.08
C GLN B 1404 67.61 16.58 -29.09
N PRO B 1405 67.32 15.70 -28.05
CA PRO B 1405 66.29 16.12 -27.09
C PRO B 1405 66.79 17.14 -26.07
N LEU B 1406 66.44 18.41 -26.34
CA LEU B 1406 66.72 19.55 -25.48
C LEU B 1406 65.89 20.72 -26.00
N GLN B 1407 65.20 21.42 -25.10
CA GLN B 1407 64.26 22.45 -25.53
C GLN B 1407 64.25 23.57 -24.51
N TRP B 1408 63.23 24.41 -24.58
CA TRP B 1408 63.05 25.53 -23.67
C TRP B 1408 61.80 25.28 -22.85
N ARG B 1409 61.98 24.67 -21.67
CA ARG B 1409 60.89 24.36 -20.75
C ARG B 1409 60.39 25.67 -20.14
N GLU B 1410 59.20 26.10 -20.57
CA GLU B 1410 58.63 27.36 -20.16
C GLU B 1410 57.70 27.23 -18.96
N VAL B 1411 57.51 26.02 -18.44
CA VAL B 1411 56.58 25.79 -17.34
C VAL B 1411 57.38 25.44 -16.09
N SER B 1412 56.69 25.44 -14.95
CA SER B 1412 57.27 25.14 -13.66
C SER B 1412 56.42 24.12 -12.91
N SER B 1413 56.01 23.06 -13.61
CA SER B 1413 55.11 22.06 -13.05
C SER B 1413 55.88 20.97 -12.29
N ASP B 1414 56.62 21.42 -11.27
CA ASP B 1414 57.36 20.60 -10.30
C ASP B 1414 58.47 19.75 -10.94
N ALA B 1415 58.84 20.03 -12.18
CA ALA B 1415 60.00 19.52 -12.92
C ALA B 1415 59.99 18.01 -13.17
N CYS B 1416 58.97 17.26 -12.70
CA CYS B 1416 58.76 15.83 -12.97
C CYS B 1416 59.95 14.96 -12.59
N ARG B 1417 60.62 15.34 -11.51
CA ARG B 1417 61.81 14.62 -11.04
C ARG B 1417 61.76 14.60 -9.52
N CYS B 1418 62.90 14.33 -8.89
CA CYS B 1418 62.97 14.15 -7.44
C CYS B 1418 62.83 15.50 -6.72
N SER B 1419 62.98 15.46 -5.39
CA SER B 1419 62.71 16.62 -4.55
C SER B 1419 63.68 17.77 -4.77
N TYR B 1420 64.88 17.48 -5.27
CA TYR B 1420 65.81 18.52 -5.66
C TYR B 1420 65.23 19.38 -6.78
N GLN B 1421 64.73 18.73 -7.84
CA GLN B 1421 64.18 19.46 -8.98
C GLN B 1421 62.85 20.13 -8.63
N ARG B 1422 62.05 19.51 -7.74
CA ARG B 1422 60.79 20.11 -7.33
C ARG B 1422 61.02 21.36 -6.48
N GLU B 1423 62.02 21.30 -5.58
CA GLU B 1423 62.39 22.50 -4.82
C GLU B 1423 63.00 23.56 -5.73
N ALA B 1424 63.73 23.14 -6.77
CA ALA B 1424 64.29 24.09 -7.72
C ALA B 1424 63.20 24.81 -8.52
N LEU B 1425 62.14 24.09 -8.89
CA LEU B 1425 61.02 24.74 -9.55
C LEU B 1425 60.23 25.61 -8.59
N ARG B 1426 60.14 25.21 -7.32
CA ARG B 1426 59.43 26.01 -6.33
C ARG B 1426 60.15 27.33 -6.04
N GLN B 1427 61.48 27.32 -6.04
CA GLN B 1427 62.25 28.54 -5.81
C GLN B 1427 62.06 29.55 -6.94
N ILE B 1428 62.05 29.07 -8.19
CA ILE B 1428 61.80 29.96 -9.32
C ILE B 1428 60.33 30.35 -9.44
N ALA B 1429 59.42 29.56 -8.87
CA ALA B 1429 58.03 29.97 -8.82
C ALA B 1429 57.74 30.96 -7.71
N HIS B 1430 58.54 30.96 -6.64
CA HIS B 1430 58.34 31.88 -5.52
C HIS B 1430 59.10 33.19 -5.70
N HIS B 1431 60.36 33.10 -6.16
CA HIS B 1431 61.19 34.29 -6.29
C HIS B 1431 60.78 35.17 -7.47
N HIS B 1432 60.13 34.60 -8.48
CA HIS B 1432 59.66 35.36 -9.63
C HIS B 1432 58.27 34.92 -10.08
N THR C 99 26.51 75.40 -17.67
CA THR C 99 26.54 74.23 -18.53
C THR C 99 25.20 73.50 -18.47
N PRO C 100 24.36 73.70 -19.49
CA PRO C 100 23.09 72.96 -19.54
C PRO C 100 23.29 71.51 -19.98
N THR C 101 22.19 70.75 -19.99
CA THR C 101 22.25 69.35 -20.44
C THR C 101 22.44 69.33 -21.95
N ASP C 102 23.62 68.88 -22.38
CA ASP C 102 23.96 68.80 -23.81
C ASP C 102 23.82 67.38 -24.35
N ALA C 103 23.15 66.49 -23.62
CA ALA C 103 22.94 65.11 -24.06
C ALA C 103 21.62 64.63 -23.45
N PHE C 104 20.55 64.71 -24.24
CA PHE C 104 19.24 64.30 -23.75
C PHE C 104 18.34 63.91 -24.91
N GLY C 105 17.58 62.85 -24.71
CA GLY C 105 16.70 62.35 -25.75
C GLY C 105 16.50 60.85 -25.59
N ASP C 106 16.39 60.16 -26.72
CA ASP C 106 16.26 58.70 -26.73
C ASP C 106 17.24 58.09 -27.73
N ILE C 107 17.49 56.79 -27.57
CA ILE C 107 18.41 56.06 -28.43
C ILE C 107 17.80 54.71 -28.81
N SER C 108 18.20 54.23 -29.98
CA SER C 108 17.96 52.86 -30.41
C SER C 108 19.30 52.25 -30.76
N PHE C 109 19.60 51.10 -30.16
CA PHE C 109 20.94 50.54 -30.21
C PHE C 109 21.24 49.94 -31.59
N GLY C 110 22.46 49.40 -31.74
CA GLY C 110 22.86 48.80 -32.99
C GLY C 110 22.14 47.52 -33.33
N GLY C 111 21.60 46.83 -32.33
CA GLY C 111 20.76 45.68 -32.59
C GLY C 111 19.42 46.10 -33.15
N LEU C 112 18.88 45.28 -34.05
CA LEU C 112 17.64 45.61 -34.74
C LEU C 112 16.45 45.21 -33.89
N GLY C 113 15.46 46.10 -33.82
CA GLY C 113 14.22 45.83 -33.12
C GLY C 113 14.24 46.03 -31.62
N GLN C 114 15.33 46.56 -31.07
CA GLN C 114 15.39 46.83 -29.64
C GLN C 114 14.62 48.10 -29.34
N LYS C 115 13.86 48.08 -28.23
CA LYS C 115 13.01 49.20 -27.85
C LYS C 115 13.84 50.40 -27.45
N THR C 116 13.30 51.59 -27.70
CA THR C 116 14.04 52.83 -27.51
C THR C 116 14.20 53.15 -26.03
N GLY C 117 15.38 53.65 -25.68
CA GLY C 117 15.71 53.98 -24.29
C GLY C 117 15.97 55.46 -24.14
N LYS C 118 15.46 56.04 -23.06
CA LYS C 118 15.48 57.48 -22.86
C LYS C 118 16.60 57.87 -21.90
N TYR C 119 17.46 58.79 -22.34
CA TYR C 119 18.64 59.20 -21.59
C TYR C 119 18.57 60.69 -21.29
N VAL C 120 18.94 61.04 -20.05
CA VAL C 120 19.07 62.43 -19.61
C VAL C 120 20.39 62.56 -18.87
N ARG C 121 21.17 63.59 -19.22
CA ARG C 121 22.47 63.85 -18.60
C ARG C 121 22.34 64.96 -17.57
N VAL C 122 22.68 64.65 -16.32
CA VAL C 122 22.70 65.63 -15.24
C VAL C 122 24.12 65.76 -14.70
N SER C 123 24.32 66.67 -13.77
CA SER C 123 25.63 66.95 -13.22
C SER C 123 25.85 66.12 -11.95
N SER C 124 26.92 66.42 -11.22
CA SER C 124 27.25 65.68 -10.00
C SER C 124 26.70 66.33 -8.75
N ASP C 125 26.45 67.64 -8.78
CA ASP C 125 25.93 68.37 -7.62
C ASP C 125 24.72 69.18 -8.07
N THR C 126 23.54 68.57 -7.97
CA THR C 126 22.28 69.23 -8.31
C THR C 126 21.34 69.20 -7.11
N SER C 127 20.29 70.01 -7.20
CA SER C 127 19.24 70.01 -6.21
C SER C 127 18.28 68.83 -6.46
N CYS C 128 17.51 68.47 -5.44
CA CYS C 128 16.74 67.23 -5.47
C CYS C 128 15.29 67.40 -5.91
N GLU C 129 14.68 68.56 -5.66
CA GLU C 129 13.25 68.74 -5.92
C GLU C 129 12.97 68.82 -7.42
N ASN C 130 13.72 69.66 -8.14
CA ASN C 130 13.58 69.72 -9.59
C ASN C 130 14.11 68.45 -10.25
N LEU C 131 15.02 67.72 -9.57
CA LEU C 131 15.43 66.41 -10.07
C LEU C 131 14.26 65.44 -10.04
N TYR C 132 13.49 65.43 -8.95
CA TYR C 132 12.30 64.58 -8.87
C TYR C 132 11.24 65.03 -9.87
N GLN C 133 11.08 66.34 -10.05
CA GLN C 133 10.07 66.86 -10.98
C GLN C 133 10.41 66.50 -12.42
N LEU C 134 11.68 66.71 -12.82
CA LEU C 134 12.10 66.35 -14.16
C LEU C 134 12.17 64.84 -14.36
N MET C 135 12.32 64.07 -13.28
CA MET C 135 12.27 62.62 -13.42
C MET C 135 10.85 62.12 -13.62
N THR C 136 9.90 62.62 -12.83
CA THR C 136 8.53 62.17 -12.98
C THR C 136 7.82 62.81 -14.17
N GLU C 137 8.37 63.87 -14.76
CA GLU C 137 7.77 64.48 -15.93
C GLU C 137 8.51 64.17 -17.23
N GLN C 138 9.78 63.77 -17.15
CA GLN C 138 10.54 63.44 -18.35
C GLN C 138 10.20 62.05 -18.83
N TRP C 139 10.43 61.05 -17.98
CA TRP C 139 10.10 59.69 -18.34
C TRP C 139 8.65 59.33 -18.07
N LYS C 140 7.95 60.16 -17.29
CA LYS C 140 6.52 60.04 -16.97
C LYS C 140 6.20 58.70 -16.29
N LEU C 141 6.81 58.49 -15.13
CA LEU C 141 6.56 57.33 -14.30
C LEU C 141 5.96 57.73 -12.97
N ARG C 142 4.95 56.97 -12.53
CA ARG C 142 4.24 57.21 -11.28
C ARG C 142 5.01 56.56 -10.12
N SER C 143 4.38 56.45 -8.96
CA SER C 143 5.05 55.88 -7.79
C SER C 143 5.22 54.37 -7.97
N PRO C 144 6.44 53.85 -7.91
CA PRO C 144 6.64 52.41 -8.06
C PRO C 144 6.22 51.65 -6.81
N ASN C 145 6.14 50.33 -6.97
CA ASN C 145 5.80 49.46 -5.86
C ASN C 145 7.02 49.04 -5.06
N LEU C 146 8.19 48.97 -5.70
CA LEU C 146 9.41 48.48 -5.07
C LEU C 146 10.59 48.93 -5.92
N LEU C 147 11.70 49.26 -5.26
CA LEU C 147 12.96 49.55 -5.94
C LEU C 147 14.06 48.68 -5.35
N ILE C 148 14.72 47.91 -6.21
CA ILE C 148 15.85 47.08 -5.81
C ILE C 148 17.07 47.51 -6.61
N SER C 149 18.15 47.86 -5.91
CA SER C 149 19.37 48.28 -6.57
C SER C 149 20.43 47.19 -6.46
N VAL C 150 21.38 47.22 -7.39
CA VAL C 150 22.42 46.19 -7.47
C VAL C 150 23.78 46.84 -7.31
N THR C 151 24.66 46.19 -6.52
CA THR C 151 26.00 46.70 -6.27
C THR C 151 26.99 45.60 -6.65
N GLY C 152 27.54 45.69 -7.86
CA GLY C 152 28.49 44.71 -8.34
C GLY C 152 29.67 45.35 -9.05
N GLY C 153 30.08 46.52 -8.54
CA GLY C 153 31.10 47.31 -9.19
C GLY C 153 32.51 46.74 -9.11
N ALA C 154 32.73 45.63 -9.82
CA ALA C 154 34.07 45.16 -10.12
C ALA C 154 34.44 45.36 -11.57
N LYS C 155 33.45 45.41 -12.46
CA LYS C 155 33.49 45.48 -13.93
C LYS C 155 34.01 44.19 -14.57
N ASN C 156 34.53 43.25 -13.78
CA ASN C 156 35.03 41.95 -14.24
C ASN C 156 34.88 41.00 -13.06
N PHE C 157 34.11 39.93 -13.24
CA PHE C 157 33.85 39.01 -12.14
C PHE C 157 33.53 37.64 -12.70
N TYR C 158 33.37 36.66 -11.80
CA TYR C 158 33.08 35.29 -12.18
C TYR C 158 32.50 34.55 -10.98
N ILE C 159 31.46 33.75 -11.22
CA ILE C 159 30.79 32.94 -10.21
C ILE C 159 30.46 31.58 -10.82
N LYS C 160 29.88 30.71 -9.99
CA LYS C 160 29.43 29.41 -10.47
C LYS C 160 28.16 29.58 -11.29
N THR C 161 27.83 28.52 -12.05
CA THR C 161 26.70 28.58 -12.96
C THR C 161 25.36 28.37 -12.26
N HIS C 162 25.33 27.46 -11.27
CA HIS C 162 24.08 27.13 -10.61
C HIS C 162 23.57 28.28 -9.74
N LEU C 163 24.48 28.94 -9.01
CA LEU C 163 24.10 30.13 -8.26
C LEU C 163 23.78 31.30 -9.19
N LYS C 164 24.40 31.33 -10.37
CA LYS C 164 24.04 32.34 -11.37
C LYS C 164 22.60 32.16 -11.85
N ASP C 165 22.22 30.90 -12.11
CA ASP C 165 20.85 30.61 -12.53
C ASP C 165 19.85 30.84 -11.40
N LYS C 166 20.25 30.56 -10.16
CA LYS C 166 19.37 30.80 -9.01
C LYS C 166 19.16 32.29 -8.76
N PHE C 167 20.23 33.09 -8.88
CA PHE C 167 20.12 34.55 -8.76
C PHE C 167 19.28 35.12 -9.89
N ARG C 168 19.42 34.54 -11.10
CA ARG C 168 18.61 34.98 -12.24
C ARG C 168 17.13 34.70 -12.02
N ARG C 169 16.79 33.49 -11.54
CA ARG C 169 15.39 33.15 -11.27
C ARG C 169 14.83 33.95 -10.09
N GLY C 170 15.66 34.27 -9.09
CA GLY C 170 15.20 35.11 -8.01
C GLY C 170 14.93 36.54 -8.44
N LEU C 171 15.72 37.03 -9.40
CA LEU C 171 15.43 38.36 -9.94
C LEU C 171 14.24 38.34 -10.88
N ILE C 172 14.01 37.21 -11.57
CA ILE C 172 12.75 36.95 -12.27
C ILE C 172 11.56 37.07 -11.31
N LYS C 173 11.70 36.47 -10.12
CA LYS C 173 10.61 36.51 -9.13
C LYS C 173 10.39 37.92 -8.59
N VAL C 174 11.46 38.58 -8.16
CA VAL C 174 11.28 39.89 -7.51
C VAL C 174 11.06 41.03 -8.50
N ALA C 175 11.26 40.81 -9.79
CA ALA C 175 10.89 41.80 -10.78
C ALA C 175 9.54 41.52 -11.44
N GLN C 176 9.16 40.25 -11.52
CA GLN C 176 7.94 39.86 -12.21
C GLN C 176 6.69 40.15 -11.39
N THR C 177 6.80 40.17 -10.06
CA THR C 177 5.63 40.22 -9.19
C THR C 177 5.22 41.66 -8.88
N THR C 178 6.11 42.45 -8.31
CA THR C 178 5.75 43.79 -7.88
C THR C 178 5.69 44.80 -9.02
N GLY C 179 6.20 44.45 -10.20
CA GLY C 179 6.45 45.46 -11.22
C GLY C 179 7.53 46.40 -10.77
N ALA C 180 8.57 45.88 -10.14
CA ALA C 180 9.49 46.67 -9.34
C ALA C 180 10.50 47.40 -10.21
N TRP C 181 10.86 48.62 -9.79
CA TRP C 181 11.95 49.33 -10.42
C TRP C 181 13.28 48.70 -10.03
N ILE C 182 14.22 48.67 -10.97
CA ILE C 182 15.51 48.02 -10.81
C ILE C 182 16.59 49.06 -11.08
N LEU C 183 17.42 49.33 -10.08
CA LEU C 183 18.45 50.35 -10.17
C LEU C 183 19.81 49.69 -10.41
N THR C 184 20.50 50.15 -11.45
CA THR C 184 21.68 49.52 -12.01
C THR C 184 22.67 50.64 -12.34
N GLY C 185 23.94 50.28 -12.57
CA GLY C 185 24.83 51.14 -13.30
C GLY C 185 24.52 51.14 -14.79
N GLY C 186 25.22 51.99 -15.52
CA GLY C 186 24.99 52.09 -16.95
C GLY C 186 26.09 51.44 -17.77
N THR C 187 27.25 51.25 -17.16
CA THR C 187 28.41 50.73 -17.87
C THR C 187 28.25 49.22 -18.11
N HIS C 188 28.32 48.82 -19.39
CA HIS C 188 28.05 47.44 -19.80
C HIS C 188 29.06 46.44 -19.25
N ALA C 189 30.25 46.88 -18.82
CA ALA C 189 31.25 46.00 -18.26
C ALA C 189 30.85 45.55 -16.86
N GLY C 190 30.69 44.24 -16.68
CA GLY C 190 30.40 43.71 -15.36
C GLY C 190 28.97 43.25 -15.16
N VAL C 191 28.43 43.49 -13.96
CA VAL C 191 27.14 42.95 -13.55
C VAL C 191 25.98 43.61 -14.29
N MET C 192 26.19 44.82 -14.82
CA MET C 192 25.14 45.54 -15.54
C MET C 192 24.82 44.88 -16.88
N LYS C 193 25.75 44.08 -17.40
CA LYS C 193 25.45 43.19 -18.52
C LYS C 193 24.52 42.06 -18.09
N HIS C 194 24.84 41.39 -16.99
CA HIS C 194 24.15 40.15 -16.62
C HIS C 194 22.71 40.41 -16.14
N VAL C 195 22.52 41.45 -15.31
CA VAL C 195 21.16 41.77 -14.87
C VAL C 195 20.34 42.33 -16.04
N GLY C 196 21.01 42.96 -17.01
CA GLY C 196 20.34 43.33 -18.24
C GLY C 196 19.90 42.12 -19.05
N MET C 197 20.74 41.08 -19.09
CA MET C 197 20.33 39.82 -19.73
C MET C 197 19.20 39.15 -18.97
N ALA C 198 19.17 39.30 -17.65
CA ALA C 198 18.06 38.77 -16.85
C ALA C 198 16.74 39.45 -17.21
N VAL C 199 16.75 40.77 -17.27
CA VAL C 199 15.51 41.46 -17.66
C VAL C 199 15.25 41.30 -19.16
N ARG C 200 16.26 40.97 -19.96
CA ARG C 200 16.04 40.59 -21.36
C ARG C 200 15.25 39.30 -21.47
N ASP C 201 15.65 38.29 -20.70
CA ASP C 201 14.91 37.04 -20.65
C ASP C 201 13.52 37.23 -20.06
N TYR C 202 13.34 38.23 -19.20
CA TYR C 202 12.00 38.59 -18.75
C TYR C 202 11.18 39.17 -19.91
N THR C 203 11.61 40.28 -20.47
CA THR C 203 10.82 41.02 -21.46
C THR C 203 10.84 40.37 -22.84
N LEU C 204 11.51 39.23 -23.02
CA LEU C 204 11.37 38.46 -24.24
C LEU C 204 10.27 37.40 -24.14
N SER C 205 10.27 36.62 -23.05
CA SER C 205 9.25 35.58 -22.90
C SER C 205 7.92 36.15 -22.42
N SER C 206 7.95 37.09 -21.48
CA SER C 206 6.74 37.81 -21.10
C SER C 206 6.39 38.91 -22.09
N GLY C 207 7.34 39.36 -22.88
CA GLY C 207 7.07 40.32 -23.94
C GLY C 207 6.89 41.76 -23.51
N SER C 208 6.96 42.04 -22.20
CA SER C 208 6.51 43.30 -21.58
C SER C 208 5.10 43.65 -22.03
N MET C 209 4.20 42.68 -21.90
CA MET C 209 2.80 42.89 -22.30
C MET C 209 2.13 43.89 -21.36
N GLU C 210 2.34 43.75 -20.07
CA GLU C 210 1.97 44.75 -19.10
C GLU C 210 3.22 45.40 -18.53
N GLY C 211 3.04 46.58 -17.95
CA GLY C 211 4.12 47.24 -17.26
C GLY C 211 5.16 47.90 -18.13
N GLN C 212 5.84 47.11 -18.98
CA GLN C 212 7.07 47.49 -19.67
C GLN C 212 8.10 47.99 -18.66
N ILE C 213 8.63 47.01 -17.91
CA ILE C 213 9.30 47.23 -16.62
C ILE C 213 10.48 48.18 -16.74
N VAL C 214 10.48 49.19 -15.89
CA VAL C 214 11.47 50.27 -15.93
C VAL C 214 12.82 49.74 -15.46
N VAL C 215 13.76 49.63 -16.39
CA VAL C 215 15.15 49.35 -16.08
C VAL C 215 15.92 50.66 -16.22
N ILE C 216 16.30 51.22 -15.08
CA ILE C 216 16.94 52.52 -14.99
C ILE C 216 18.38 52.32 -14.56
N GLY C 217 19.29 52.98 -15.26
CA GLY C 217 20.71 52.89 -14.96
C GLY C 217 21.30 54.25 -14.70
N VAL C 218 22.43 54.31 -14.00
CA VAL C 218 23.18 55.54 -13.78
C VAL C 218 24.57 55.33 -14.35
N ALA C 219 25.00 56.23 -15.24
CA ALA C 219 26.20 56.00 -16.04
C ALA C 219 27.12 57.21 -16.05
N PRO C 220 28.42 57.00 -15.92
CA PRO C 220 29.38 58.11 -16.03
C PRO C 220 29.63 58.50 -17.47
N TRP C 221 29.82 59.80 -17.69
CA TRP C 221 30.13 60.30 -19.03
C TRP C 221 31.62 60.17 -19.34
N GLY C 222 32.47 60.30 -18.33
CA GLY C 222 33.91 60.17 -18.50
C GLY C 222 34.39 58.77 -18.78
N VAL C 223 33.53 57.77 -18.64
CA VAL C 223 33.89 56.39 -18.91
C VAL C 223 33.33 55.91 -20.26
N ILE C 224 32.23 56.50 -20.73
CA ILE C 224 31.55 56.05 -21.93
C ILE C 224 32.39 56.37 -23.16
N HIS C 225 32.17 55.64 -24.25
CA HIS C 225 33.12 55.60 -25.36
C HIS C 225 32.61 56.27 -26.63
N ASN C 226 31.34 56.64 -26.70
CA ASN C 226 30.78 57.29 -27.87
C ASN C 226 30.12 58.61 -27.50
N ARG C 227 30.91 59.48 -26.83
CA ARG C 227 30.41 60.73 -26.25
C ARG C 227 29.80 61.65 -27.29
N SER C 228 30.46 61.83 -28.43
CA SER C 228 30.01 62.79 -29.44
C SER C 228 28.74 62.33 -30.17
N THR C 229 28.47 61.03 -30.20
CA THR C 229 27.24 60.54 -30.80
C THR C 229 26.04 60.81 -29.92
N LEU C 230 26.25 60.92 -28.62
CA LEU C 230 25.17 61.09 -27.66
C LEU C 230 25.00 62.54 -27.21
N ILE C 231 25.96 63.41 -27.50
CA ILE C 231 25.94 64.79 -27.05
C ILE C 231 25.41 65.73 -28.13
N HIS C 232 24.63 65.20 -29.08
CA HIS C 232 24.04 66.01 -30.14
C HIS C 232 23.02 67.00 -29.54
N PRO C 233 23.20 68.31 -29.75
CA PRO C 233 22.34 69.29 -29.06
C PRO C 233 20.92 69.38 -29.60
N GLU C 234 20.05 68.46 -29.16
CA GLU C 234 18.64 68.49 -29.53
C GLU C 234 17.85 67.69 -28.50
N GLY C 235 16.55 67.54 -28.74
CA GLY C 235 15.70 66.75 -27.88
C GLY C 235 14.78 65.83 -28.67
N ARG C 236 14.48 64.68 -28.06
CA ARG C 236 13.58 63.65 -28.58
C ARG C 236 14.02 63.08 -29.93
N PHE C 237 15.31 63.13 -30.23
CA PHE C 237 15.96 62.66 -31.46
C PHE C 237 16.57 61.29 -31.23
N PRO C 238 16.42 60.35 -32.17
CA PRO C 238 17.05 59.02 -31.99
C PRO C 238 18.52 59.03 -32.32
N ALA C 239 19.36 58.98 -31.29
CA ALA C 239 20.80 58.97 -31.49
C ALA C 239 21.29 57.54 -31.70
N TYR C 240 22.18 57.37 -32.67
CA TYR C 240 22.64 56.05 -33.08
C TYR C 240 23.88 55.64 -32.27
N TYR C 241 23.78 54.51 -31.58
CA TYR C 241 24.85 53.94 -30.80
C TYR C 241 25.07 52.49 -31.23
N SER C 242 26.33 52.12 -31.45
CA SER C 242 26.69 50.77 -31.84
C SER C 242 27.47 50.09 -30.72
N LEU C 243 27.40 48.76 -30.68
CA LEU C 243 28.06 48.02 -29.59
C LEU C 243 29.55 47.81 -29.87
N ASP C 244 29.85 47.00 -30.89
CA ASP C 244 31.17 46.79 -31.50
C ASP C 244 32.20 46.11 -30.60
N GLU C 245 31.83 45.81 -29.33
CA GLU C 245 32.69 45.16 -28.32
C GLU C 245 34.01 45.90 -28.10
N GLN C 246 33.98 47.24 -28.18
CA GLN C 246 35.18 48.05 -28.09
C GLN C 246 35.35 48.71 -26.72
N GLY C 247 34.81 48.11 -25.66
CA GLY C 247 35.02 48.63 -24.32
C GLY C 247 36.45 48.40 -23.88
N GLN C 248 37.16 49.49 -23.58
CA GLN C 248 38.59 49.42 -23.26
C GLN C 248 38.78 49.13 -21.77
N GLY C 249 40.01 49.27 -21.28
CA GLY C 249 40.25 49.11 -19.85
C GLY C 249 39.71 50.28 -19.04
N ARG C 250 39.95 51.51 -19.50
CA ARG C 250 39.42 52.70 -18.87
C ARG C 250 38.30 53.35 -19.67
N LEU C 251 37.58 52.56 -20.47
CA LEU C 251 36.53 53.09 -21.33
C LEU C 251 35.49 52.00 -21.54
N SER C 252 34.28 52.22 -21.06
CA SER C 252 33.22 51.21 -21.08
C SER C 252 32.14 51.58 -22.10
N CYS C 253 31.08 50.78 -22.13
CA CYS C 253 30.03 50.85 -23.13
C CYS C 253 28.66 50.92 -22.46
N LEU C 254 27.66 51.31 -23.25
CA LEU C 254 26.27 51.29 -22.77
C LEU C 254 25.74 49.87 -22.76
N ASP C 255 24.85 49.60 -21.81
CA ASP C 255 24.17 48.32 -21.82
C ASP C 255 22.97 48.35 -22.76
N ILE C 256 22.61 47.17 -23.26
CA ILE C 256 21.58 47.09 -24.30
C ILE C 256 20.19 47.20 -23.69
N ASN C 257 19.92 46.43 -22.65
CA ASN C 257 18.56 46.15 -22.23
C ASN C 257 17.93 47.24 -21.36
N HIS C 258 18.65 48.30 -21.01
CA HIS C 258 18.06 49.35 -20.17
C HIS C 258 17.18 50.29 -20.99
N THR C 259 16.18 50.87 -20.31
CA THR C 259 15.29 51.85 -20.93
C THR C 259 15.45 53.26 -20.39
N HIS C 260 16.03 53.44 -19.20
CA HIS C 260 16.29 54.77 -18.67
C HIS C 260 17.77 54.92 -18.38
N PHE C 261 18.33 56.07 -18.77
CA PHE C 261 19.72 56.41 -18.46
C PHE C 261 19.75 57.74 -17.71
N LEU C 262 20.37 57.74 -16.53
CA LEU C 262 20.80 58.96 -15.85
C LEU C 262 22.30 59.06 -16.04
N LEU C 263 22.72 59.91 -16.98
CA LEU C 263 24.13 60.16 -17.19
C LEU C 263 24.59 61.20 -16.18
N VAL C 264 25.81 61.05 -15.67
CA VAL C 264 26.40 62.04 -14.77
C VAL C 264 27.61 62.67 -15.45
N ASP C 265 27.76 63.98 -15.25
CA ASP C 265 28.82 64.76 -15.89
C ASP C 265 29.67 65.43 -14.83
N ASP C 266 30.87 64.89 -14.59
CA ASP C 266 31.83 65.52 -13.71
C ASP C 266 32.90 66.31 -14.46
N GLY C 267 33.21 65.93 -15.70
CA GLY C 267 34.30 66.56 -16.44
C GLY C 267 35.68 66.17 -15.98
N THR C 268 35.80 65.16 -15.12
CA THR C 268 37.07 64.75 -14.55
C THR C 268 37.83 63.79 -15.47
N GLN C 269 37.09 63.01 -16.28
CA GLN C 269 37.54 62.28 -17.47
C GLN C 269 38.39 61.05 -17.11
N GLY C 270 38.74 60.88 -15.84
CA GLY C 270 39.61 59.78 -15.47
C GLY C 270 39.30 59.10 -14.16
N HIS C 271 38.07 59.25 -13.66
CA HIS C 271 37.65 58.65 -12.41
C HIS C 271 36.30 57.95 -12.57
N TYR C 272 35.89 57.27 -11.50
CA TYR C 272 34.69 56.46 -11.48
C TYR C 272 33.75 56.78 -10.32
N GLY C 273 34.13 57.71 -9.44
CA GLY C 273 33.46 57.90 -8.16
C GLY C 273 32.16 58.68 -8.14
N VAL C 274 32.03 59.68 -9.00
CA VAL C 274 30.94 60.65 -8.92
C VAL C 274 29.56 60.08 -9.19
N GLU C 275 29.47 58.92 -9.84
CA GLU C 275 28.17 58.36 -10.22
C GLU C 275 27.36 57.94 -9.00
N ILE C 276 27.99 57.28 -8.04
CA ILE C 276 27.30 56.78 -6.86
C ILE C 276 27.10 57.87 -5.81
N GLU C 277 27.65 59.07 -6.02
CA GLU C 277 27.29 60.22 -5.21
C GLU C 277 25.88 60.73 -5.50
N LEU C 278 25.23 60.23 -6.56
CA LEU C 278 23.83 60.51 -6.86
C LEU C 278 22.93 59.30 -6.64
N ARG C 279 23.49 58.10 -6.61
CA ARG C 279 22.70 56.87 -6.63
C ARG C 279 21.99 56.64 -5.30
N ALA C 280 22.72 56.68 -4.19
CA ALA C 280 22.09 56.53 -2.87
C ALA C 280 21.25 57.75 -2.51
N ARG C 281 21.54 58.92 -3.09
CA ARG C 281 20.65 60.06 -2.89
C ARG C 281 19.35 59.90 -3.65
N LEU C 282 19.38 59.23 -4.81
CA LEU C 282 18.14 58.87 -5.50
C LEU C 282 17.35 57.82 -4.71
N GLU C 283 18.07 56.86 -4.11
CA GLU C 283 17.41 55.93 -3.20
C GLU C 283 16.85 56.63 -1.97
N LYS C 284 17.47 57.73 -1.54
CA LYS C 284 16.92 58.54 -0.45
C LYS C 284 15.67 59.30 -0.90
N LEU C 285 15.67 59.78 -2.14
CA LEU C 285 14.49 60.44 -2.70
C LEU C 285 13.31 59.49 -2.84
N ILE C 286 13.57 58.22 -3.15
CA ILE C 286 12.50 57.24 -3.14
C ILE C 286 12.26 56.68 -1.74
N SER C 287 13.13 57.00 -0.78
CA SER C 287 12.91 56.70 0.63
C SER C 287 12.20 57.82 1.36
N LYS C 288 12.23 59.04 0.81
CA LYS C 288 11.35 60.13 1.21
C LYS C 288 10.10 60.18 0.34
N LEU C 289 9.77 59.07 -0.32
CA LEU C 289 8.59 58.95 -1.16
C LEU C 289 7.66 57.94 -0.50
N SER C 290 6.42 58.35 -0.27
CA SER C 290 5.43 57.49 0.37
C SER C 290 4.59 56.78 -0.68
N LEU C 291 4.19 55.55 -0.37
CA LEU C 291 3.33 54.77 -1.25
C LEU C 291 1.90 54.86 -0.72
N GLY C 292 1.01 55.43 -1.53
CA GLY C 292 -0.37 55.63 -1.12
C GLY C 292 -1.18 54.35 -1.03
N GLY C 297 0.98 56.13 6.50
CA GLY C 297 2.38 56.00 6.86
C GLY C 297 3.09 54.89 6.10
N VAL C 298 2.71 54.71 4.84
CA VAL C 298 3.23 53.65 3.98
C VAL C 298 4.17 54.26 2.95
N THR C 299 5.41 53.77 2.91
CA THR C 299 6.44 54.24 2.02
C THR C 299 6.99 53.08 1.20
N ILE C 300 7.91 53.40 0.30
CA ILE C 300 8.56 52.37 -0.52
C ILE C 300 9.81 51.87 0.22
N PRO C 301 9.95 50.56 0.40
CA PRO C 301 11.21 50.03 0.95
C PRO C 301 12.32 49.98 -0.07
N VAL C 302 13.54 50.23 0.39
CA VAL C 302 14.73 50.35 -0.45
C VAL C 302 15.74 49.28 -0.03
N VAL C 303 16.35 48.62 -1.02
CA VAL C 303 17.34 47.59 -0.74
C VAL C 303 18.39 47.59 -1.86
N CYS C 304 19.59 47.12 -1.53
CA CYS C 304 20.60 46.79 -2.52
C CYS C 304 20.98 45.33 -2.34
N VAL C 305 21.43 44.72 -3.42
CA VAL C 305 21.96 43.36 -3.37
C VAL C 305 23.46 43.42 -3.64
N VAL C 306 24.19 42.47 -3.03
CA VAL C 306 25.65 42.45 -3.04
C VAL C 306 26.12 41.31 -3.94
N LEU C 307 27.05 41.62 -4.83
CA LEU C 307 27.74 40.62 -5.63
C LEU C 307 29.25 40.80 -5.43
N ASP C 308 30.04 40.20 -6.33
CA ASP C 308 31.51 40.16 -6.30
C ASP C 308 32.16 41.51 -6.01
N GLY C 309 31.99 42.46 -6.93
CA GLY C 309 32.26 43.85 -6.64
C GLY C 309 33.72 44.23 -6.39
N GLY C 310 33.91 45.52 -6.16
CA GLY C 310 35.23 46.05 -5.88
C GLY C 310 35.15 47.28 -5.00
N PRO C 311 36.04 48.25 -5.24
CA PRO C 311 36.01 49.49 -4.43
C PRO C 311 34.77 50.34 -4.69
N GLY C 312 34.34 50.44 -5.95
CA GLY C 312 33.11 51.15 -6.24
C GLY C 312 31.89 50.46 -5.67
N THR C 313 31.91 49.14 -5.61
CA THR C 313 30.80 48.40 -5.01
C THR C 313 30.72 48.63 -3.51
N LEU C 314 31.84 48.50 -2.80
CA LEU C 314 31.82 48.75 -1.36
C LEU C 314 31.52 50.22 -1.06
N ASN C 315 31.92 51.12 -1.95
CA ASN C 315 31.61 52.53 -1.77
C ASN C 315 30.11 52.80 -1.96
N THR C 316 29.47 52.17 -2.95
CA THR C 316 28.04 52.40 -3.11
C THR C 316 27.21 51.63 -2.08
N ILE C 317 27.70 50.50 -1.59
CA ILE C 317 27.11 49.83 -0.43
C ILE C 317 27.22 50.72 0.80
N TYR C 318 28.37 51.41 0.94
CA TYR C 318 28.62 52.28 2.08
C TYR C 318 27.71 53.50 2.04
N ASN C 319 27.49 54.06 0.85
CA ASN C 319 26.59 55.19 0.73
C ASN C 319 25.13 54.75 0.88
N SER C 320 24.83 53.50 0.51
CA SER C 320 23.47 52.99 0.67
C SER C 320 23.16 52.76 2.15
N MET C 321 24.03 52.05 2.87
CA MET C 321 23.85 51.82 4.29
C MET C 321 24.03 53.10 5.10
N LEU C 322 24.74 54.07 4.54
CA LEU C 322 24.88 55.38 5.16
C LEU C 322 23.56 56.14 5.16
N ASN C 323 22.86 56.15 4.03
CA ASN C 323 21.71 57.01 3.81
C ASN C 323 20.40 56.27 4.01
N HIS C 324 20.38 55.37 5.01
CA HIS C 324 19.20 54.65 5.49
C HIS C 324 18.55 53.79 4.40
N THR C 325 19.31 52.80 3.95
CA THR C 325 18.84 51.81 3.01
C THR C 325 19.50 50.48 3.35
N PRO C 326 18.73 49.49 3.81
CA PRO C 326 19.31 48.18 4.14
C PRO C 326 19.81 47.46 2.90
N CYS C 327 20.66 46.46 3.13
CA CYS C 327 21.25 45.70 2.03
C CYS C 327 21.40 44.24 2.39
N VAL C 328 21.70 43.44 1.37
CA VAL C 328 21.68 41.99 1.45
C VAL C 328 23.07 41.49 1.09
N VAL C 329 23.84 41.12 2.11
CA VAL C 329 25.13 40.50 1.90
C VAL C 329 24.87 39.09 1.38
N LEU C 330 25.00 38.92 0.07
CA LEU C 330 24.77 37.62 -0.56
C LEU C 330 26.11 36.89 -0.57
N GLU C 331 26.30 36.04 0.44
CA GLU C 331 27.61 35.45 0.69
C GLU C 331 27.95 34.38 -0.34
N GLY C 332 29.22 34.35 -0.75
CA GLY C 332 29.70 33.36 -1.68
C GLY C 332 29.64 33.76 -3.14
N SER C 333 28.96 34.86 -3.47
CA SER C 333 28.88 35.33 -4.86
C SER C 333 30.02 36.31 -5.10
N GLY C 334 31.22 35.76 -5.30
CA GLY C 334 32.37 36.57 -5.65
C GLY C 334 33.42 36.74 -4.57
N ARG C 335 34.10 37.88 -4.59
CA ARG C 335 35.33 38.07 -3.83
C ARG C 335 35.18 38.98 -2.62
N LEU C 336 34.34 40.01 -2.67
CA LEU C 336 34.15 40.92 -1.53
C LEU C 336 32.93 40.56 -0.70
N ALA C 337 32.02 39.72 -1.23
CA ALA C 337 30.85 39.33 -0.47
C ALA C 337 31.22 38.49 0.74
N ASP C 338 32.19 37.58 0.58
CA ASP C 338 32.69 36.84 1.73
C ASP C 338 33.72 37.62 2.54
N VAL C 339 34.23 38.73 2.02
CA VAL C 339 34.98 39.67 2.87
C VAL C 339 34.04 40.29 3.90
N ILE C 340 32.86 40.73 3.46
CA ILE C 340 31.89 41.35 4.35
C ILE C 340 31.20 40.30 5.22
N ALA C 341 30.99 39.10 4.66
CA ALA C 341 30.15 38.10 5.33
C ALA C 341 30.86 37.45 6.51
N HIS C 342 32.10 37.04 6.35
CA HIS C 342 32.78 36.24 7.37
C HIS C 342 33.41 37.08 8.47
N VAL C 343 33.06 38.36 8.56
CA VAL C 343 33.37 39.19 9.72
C VAL C 343 32.02 39.70 10.21
N ALA C 344 31.38 38.94 11.12
CA ALA C 344 30.02 39.27 11.53
C ALA C 344 29.77 39.03 13.01
N SER C 345 30.80 38.99 13.85
CA SER C 345 30.62 38.78 15.28
C SER C 345 31.79 39.42 16.01
N VAL C 346 31.50 39.97 17.20
CA VAL C 346 32.39 40.82 18.00
C VAL C 346 32.88 41.96 17.13
N PRO C 347 32.06 43.00 16.87
CA PRO C 347 32.43 44.02 15.88
C PRO C 347 33.47 45.03 16.35
N VAL C 348 34.03 44.86 17.54
CA VAL C 348 34.98 45.80 18.11
C VAL C 348 36.39 45.21 18.16
N SER C 349 36.52 43.99 18.66
CA SER C 349 37.83 43.39 18.87
C SER C 349 38.36 42.64 17.65
N LYS C 350 37.47 42.15 16.78
CA LYS C 350 37.89 41.30 15.68
C LYS C 350 38.54 42.10 14.55
N VAL C 351 37.99 43.27 14.23
CA VAL C 351 38.41 44.01 13.05
C VAL C 351 39.66 44.83 13.36
N THR C 352 40.59 44.84 12.40
CA THR C 352 41.85 45.58 12.49
C THR C 352 42.34 45.79 11.06
N MET C 353 43.60 46.22 10.91
CA MET C 353 44.20 46.31 9.58
C MET C 353 44.74 44.97 9.10
N ALA C 354 45.27 44.15 10.01
CA ALA C 354 45.95 42.93 9.60
C ALA C 354 44.96 41.86 9.17
N LEU C 355 43.78 41.82 9.82
CA LEU C 355 42.72 40.90 9.43
C LEU C 355 42.25 41.17 8.01
N ILE C 356 42.08 42.44 7.66
CA ILE C 356 41.65 42.80 6.31
C ILE C 356 42.79 42.71 5.31
N ASN C 357 44.04 42.83 5.76
CA ASN C 357 45.18 42.59 4.87
C ASN C 357 45.27 41.10 4.50
N ARG C 358 45.10 40.22 5.48
CA ARG C 358 44.99 38.79 5.19
C ARG C 358 43.76 38.49 4.35
N LEU C 359 42.67 39.22 4.58
CA LEU C 359 41.42 38.94 3.90
C LEU C 359 41.47 39.40 2.44
N LEU C 360 42.29 40.41 2.15
CA LEU C 360 42.57 40.78 0.77
C LEU C 360 43.67 39.92 0.16
N LYS C 361 44.53 39.33 1.00
CA LYS C 361 45.50 38.35 0.48
C LYS C 361 44.84 37.01 0.16
N ARG C 362 43.64 36.75 0.70
CA ARG C 362 43.02 35.45 0.61
C ARG C 362 41.82 35.41 -0.33
N PHE C 363 41.04 36.48 -0.41
CA PHE C 363 39.86 36.53 -1.26
C PHE C 363 40.11 37.32 -2.55
N PHE C 364 40.71 38.50 -2.45
CA PHE C 364 41.19 39.19 -3.64
C PHE C 364 42.37 38.41 -4.20
N MET C 365 42.15 37.69 -5.31
CA MET C 365 43.11 36.66 -5.72
C MET C 365 44.30 37.23 -6.49
N GLN C 366 44.05 37.84 -7.64
CA GLN C 366 45.11 38.33 -8.51
C GLN C 366 45.15 39.84 -8.60
N GLU C 367 44.19 40.53 -8.00
CA GLU C 367 44.19 41.98 -7.90
C GLU C 367 45.13 42.48 -6.80
N TYR C 368 45.75 41.58 -6.03
CA TYR C 368 46.56 41.88 -4.85
C TYR C 368 47.82 42.67 -5.18
N LYS C 369 48.22 42.75 -6.45
CA LYS C 369 49.32 43.61 -6.86
C LYS C 369 48.87 45.02 -7.20
N ASN C 370 47.60 45.35 -6.99
CA ASN C 370 47.06 46.67 -7.30
C ASN C 370 46.57 47.43 -6.06
N PHE C 371 46.82 46.92 -4.86
CA PHE C 371 46.32 47.52 -3.64
C PHE C 371 47.43 48.22 -2.87
N THR C 372 47.19 49.48 -2.52
CA THR C 372 48.13 50.33 -1.80
C THR C 372 47.75 50.40 -0.32
N GLU C 373 48.49 51.19 0.44
CA GLU C 373 48.16 51.40 1.85
C GLU C 373 46.98 52.35 2.02
N LEU C 374 46.85 53.34 1.12
CA LEU C 374 45.72 54.25 1.14
C LEU C 374 44.42 53.51 0.82
N GLN C 375 44.46 52.66 -0.20
CA GLN C 375 43.30 51.83 -0.54
C GLN C 375 42.94 50.90 0.60
N ILE C 376 43.93 50.28 1.26
CA ILE C 376 43.59 49.30 2.28
C ILE C 376 43.13 49.97 3.57
N ILE C 377 43.55 51.22 3.84
CA ILE C 377 42.98 51.92 4.98
C ILE C 377 41.55 52.37 4.64
N GLU C 378 41.28 52.63 3.35
CA GLU C 378 39.91 52.90 2.92
C GLU C 378 39.03 51.67 3.03
N TRP C 379 39.56 50.49 2.66
CA TRP C 379 38.86 49.21 2.86
C TRP C 379 38.55 48.98 4.33
N THR C 380 39.55 49.22 5.19
CA THR C 380 39.43 48.96 6.62
C THR C 380 38.33 49.79 7.26
N LYS C 381 38.39 51.11 7.05
CA LYS C 381 37.37 51.93 7.69
C LYS C 381 36.02 51.80 6.99
N LYS C 382 36.00 51.51 5.68
CA LYS C 382 34.74 51.36 4.97
C LYS C 382 33.96 50.14 5.47
N ILE C 383 34.63 48.97 5.55
CA ILE C 383 33.92 47.80 6.04
C ILE C 383 33.71 47.86 7.55
N GLN C 384 34.53 48.60 8.31
CA GLN C 384 34.28 48.70 9.74
C GLN C 384 33.07 49.58 10.02
N ASP C 385 32.90 50.64 9.24
CA ASP C 385 31.71 51.47 9.40
C ASP C 385 30.48 50.80 8.82
N ILE C 386 30.66 49.89 7.86
CA ILE C 386 29.56 49.04 7.40
C ILE C 386 29.10 48.11 8.52
N LEU C 387 30.05 47.42 9.16
CA LEU C 387 29.72 46.51 10.25
C LEU C 387 29.30 47.24 11.52
N ARG C 388 29.58 48.54 11.63
CA ARG C 388 29.16 49.32 12.79
C ARG C 388 27.65 49.44 12.89
N MET C 389 26.93 49.44 11.76
CA MET C 389 25.48 49.40 11.76
C MET C 389 25.00 48.15 11.04
N PRO C 390 25.12 46.97 11.67
CA PRO C 390 24.96 45.71 10.93
C PRO C 390 23.54 45.17 10.85
N HIS C 391 22.57 45.77 11.55
CA HIS C 391 21.26 45.15 11.67
C HIS C 391 20.46 45.25 10.38
N LEU C 392 20.74 46.27 9.57
CA LEU C 392 20.07 46.38 8.27
C LEU C 392 20.70 45.45 7.24
N LEU C 393 21.92 44.98 7.49
CA LEU C 393 22.55 44.00 6.62
C LEU C 393 21.96 42.64 6.85
N THR C 394 21.68 41.92 5.77
CA THR C 394 21.11 40.58 5.87
C THR C 394 22.05 39.60 5.17
N VAL C 395 22.63 38.68 5.94
CA VAL C 395 23.59 37.72 5.39
C VAL C 395 22.79 36.57 4.79
N PHE C 396 22.50 36.66 3.50
CA PHE C 396 21.77 35.64 2.77
C PHE C 396 22.75 34.76 1.99
N ARG C 397 22.56 33.46 2.09
CA ARG C 397 23.45 32.49 1.46
C ARG C 397 23.16 32.37 -0.04
N ILE C 398 24.10 31.78 -0.75
CA ILE C 398 23.98 31.53 -2.18
C ILE C 398 23.69 30.05 -2.42
N ASP C 399 23.06 29.41 -1.43
CA ASP C 399 22.68 28.00 -1.56
C ASP C 399 21.63 27.84 -2.65
N GLU C 400 21.72 26.73 -3.37
CA GLU C 400 20.87 26.49 -4.53
C GLU C 400 19.44 26.22 -4.07
N ASP C 401 18.54 27.13 -4.42
CA ASP C 401 17.12 27.01 -4.07
C ASP C 401 16.29 27.30 -5.30
N LYS C 402 15.41 26.36 -5.66
CA LYS C 402 14.47 26.59 -6.75
C LYS C 402 13.38 27.54 -6.30
N ASN C 403 13.03 28.50 -7.18
CA ASN C 403 12.12 29.60 -6.90
C ASN C 403 12.55 30.37 -5.65
N TYR C 404 13.84 30.68 -5.60
CA TYR C 404 14.43 31.32 -4.43
C TYR C 404 13.95 32.76 -4.32
N ASP C 405 13.20 33.05 -3.28
CA ASP C 405 12.67 34.38 -3.06
C ASP C 405 13.67 35.20 -2.25
N VAL C 406 13.41 36.51 -2.22
CA VAL C 406 14.17 37.45 -1.39
C VAL C 406 13.41 37.63 -0.09
N ASP C 407 12.53 36.68 0.22
CA ASP C 407 11.53 36.82 1.28
C ASP C 407 12.17 36.91 2.66
N VAL C 408 13.30 36.23 2.89
CA VAL C 408 14.02 36.42 4.14
C VAL C 408 14.58 37.84 4.21
N ALA C 409 15.12 38.31 3.08
CA ALA C 409 15.77 39.61 3.03
C ALA C 409 14.76 40.75 3.15
N ILE C 410 13.72 40.72 2.32
CA ILE C 410 12.71 41.77 2.41
C ILE C 410 11.83 41.57 3.65
N LEU C 411 11.82 40.36 4.22
CA LEU C 411 11.18 40.16 5.51
C LEU C 411 11.94 40.87 6.62
N GLN C 412 13.27 40.80 6.59
CA GLN C 412 14.05 41.58 7.54
C GLN C 412 13.94 43.07 7.27
N ALA C 413 13.79 43.46 6.00
CA ALA C 413 13.56 44.87 5.67
C ALA C 413 12.22 45.35 6.20
N LEU C 414 11.20 44.50 6.17
CA LEU C 414 9.92 44.84 6.77
C LEU C 414 10.00 44.82 8.29
N LEU C 415 10.87 43.98 8.86
CA LEU C 415 11.12 44.01 10.30
C LEU C 415 11.75 45.32 10.71
N LYS C 416 12.63 45.86 9.86
CA LYS C 416 13.19 47.17 10.12
C LYS C 416 12.18 48.29 9.90
N ALA C 417 11.32 48.15 8.88
CA ALA C 417 10.31 49.16 8.62
C ALA C 417 9.23 49.18 9.71
N SER C 418 8.97 48.03 10.33
CA SER C 418 8.02 47.94 11.43
C SER C 418 8.59 48.44 12.74
N ARG C 419 9.92 48.56 12.84
CA ARG C 419 10.56 49.14 14.01
C ARG C 419 10.47 50.66 14.04
N SER C 420 10.00 51.29 12.96
CA SER C 420 9.73 52.72 12.95
C SER C 420 8.55 53.02 13.88
N ASP C 421 8.84 53.68 15.00
CA ASP C 421 7.83 53.94 16.03
C ASP C 421 6.84 55.03 15.64
N GLU C 422 7.10 55.77 14.56
CA GLU C 422 6.13 56.73 14.06
C GLU C 422 4.98 56.05 13.32
N HIS C 423 5.19 54.84 12.82
CA HIS C 423 4.12 54.07 12.20
C HIS C 423 3.52 53.12 13.23
N ALA C 424 2.24 53.32 13.53
CA ALA C 424 1.59 52.66 14.66
C ALA C 424 0.51 51.71 14.18
N GLY C 425 0.41 50.57 14.87
CA GLY C 425 -0.65 49.61 14.59
C GLY C 425 -0.47 48.94 13.24
N ARG C 426 -1.57 48.78 12.53
CA ARG C 426 -1.54 48.25 11.16
C ARG C 426 -1.37 49.42 10.18
N HIS C 427 -0.21 50.06 10.27
CA HIS C 427 0.28 50.96 9.22
C HIS C 427 1.59 50.45 8.64
N CYS C 428 2.63 50.30 9.48
CA CYS C 428 3.80 49.55 9.05
C CYS C 428 3.48 48.07 8.94
N TRP C 429 2.63 47.57 9.86
CA TRP C 429 2.10 46.22 9.73
C TRP C 429 1.25 46.10 8.48
N GLU C 430 0.57 47.18 8.08
CA GLU C 430 -0.22 47.16 6.86
C GLU C 430 0.67 47.05 5.62
N ARG C 431 1.76 47.82 5.57
CA ARG C 431 2.65 47.77 4.43
C ARG C 431 3.37 46.44 4.34
N GLN C 432 3.84 45.93 5.49
CA GLN C 432 4.46 44.61 5.53
C GLN C 432 3.46 43.52 5.17
N LEU C 433 2.19 43.71 5.54
CA LEU C 433 1.16 42.74 5.25
C LEU C 433 0.83 42.70 3.76
N GLU C 434 0.73 43.89 3.14
CA GLU C 434 0.50 43.94 1.71
C GLU C 434 1.66 43.38 0.92
N LEU C 435 2.88 43.63 1.41
CA LEU C 435 4.08 43.05 0.77
C LEU C 435 4.08 41.54 0.89
N ALA C 436 3.68 41.01 2.04
CA ALA C 436 3.65 39.56 2.21
C ALA C 436 2.52 38.93 1.40
N VAL C 437 1.41 39.66 1.24
CA VAL C 437 0.28 39.13 0.50
C VAL C 437 0.61 39.09 -0.99
N ALA C 438 1.24 40.14 -1.51
CA ALA C 438 1.71 40.12 -2.89
C ALA C 438 2.85 39.13 -3.08
N TRP C 439 3.60 38.85 -2.02
CA TRP C 439 4.65 37.82 -2.09
C TRP C 439 4.05 36.43 -2.15
N ASN C 440 2.83 36.27 -1.61
CA ASN C 440 2.07 35.01 -1.66
C ASN C 440 2.80 33.86 -1.00
N ARG C 441 3.48 34.14 0.10
CA ARG C 441 4.12 33.12 0.94
C ARG C 441 3.49 33.19 2.31
N VAL C 442 2.80 32.12 2.70
CA VAL C 442 1.96 32.16 3.89
C VAL C 442 2.80 32.07 5.16
N ASP C 443 3.70 31.09 5.22
CA ASP C 443 4.46 30.83 6.43
C ASP C 443 5.45 31.93 6.75
N ILE C 444 5.89 32.68 5.74
CA ILE C 444 6.74 33.84 6.01
C ILE C 444 5.95 34.94 6.66
N ALA C 445 4.66 35.05 6.34
CA ALA C 445 3.83 36.08 6.94
C ALA C 445 3.27 35.67 8.29
N GLU C 446 3.19 34.36 8.53
CA GLU C 446 2.46 33.85 9.70
C GLU C 446 3.15 34.23 11.00
N SER C 447 4.43 33.89 11.13
CA SER C 447 5.14 34.12 12.40
C SER C 447 5.43 35.60 12.61
N GLU C 448 5.70 36.33 11.55
CA GLU C 448 6.04 37.75 11.69
C GLU C 448 4.79 38.59 11.89
N ILE C 449 3.86 38.55 10.92
CA ILE C 449 2.74 39.48 10.94
C ILE C 449 1.63 39.08 11.89
N PHE C 450 1.62 37.84 12.38
CA PHE C 450 0.59 37.37 13.31
C PHE C 450 1.27 36.71 14.50
N THR C 451 1.61 37.50 15.51
CA THR C 451 2.17 36.94 16.72
C THR C 451 1.07 36.32 17.57
N GLU C 452 1.47 35.51 18.54
CA GLU C 452 0.51 34.94 19.47
C GLU C 452 -0.06 35.98 20.44
N GLU C 453 0.62 37.11 20.60
CA GLU C 453 0.13 38.23 21.39
C GLU C 453 -0.27 39.40 20.52
N SER C 454 -0.98 39.12 19.42
CA SER C 454 -1.25 40.15 18.41
C SER C 454 -2.34 41.12 18.85
N GLN C 455 -3.55 40.58 19.11
CA GLN C 455 -4.76 41.34 19.44
C GLN C 455 -5.08 42.38 18.35
N TRP C 456 -5.47 41.84 17.20
CA TRP C 456 -5.94 42.63 16.07
C TRP C 456 -7.41 43.00 16.27
N THR C 457 -8.05 43.54 15.24
CA THR C 457 -9.50 43.69 15.22
C THR C 457 -9.98 43.35 13.81
N SER C 458 -11.27 43.52 13.57
CA SER C 458 -11.82 43.23 12.25
C SER C 458 -11.70 44.39 11.28
N SER C 459 -11.77 45.63 11.78
CA SER C 459 -11.71 46.78 10.88
C SER C 459 -10.30 47.06 10.39
N ASP C 460 -9.29 46.65 11.15
CA ASP C 460 -7.91 46.96 10.75
C ASP C 460 -7.39 46.02 9.69
N LEU C 461 -8.05 44.91 9.43
CA LEU C 461 -7.47 43.88 8.58
C LEU C 461 -8.13 43.76 7.23
N HIS C 462 -9.43 43.99 7.16
CA HIS C 462 -10.22 43.65 6.00
C HIS C 462 -9.89 44.31 4.65
N PRO C 463 -9.19 45.46 4.55
CA PRO C 463 -8.67 45.82 3.22
C PRO C 463 -7.64 44.85 2.67
N ALA C 464 -6.83 44.24 3.53
CA ALA C 464 -5.90 43.23 3.07
C ALA C 464 -6.64 41.98 2.64
N MET C 465 -7.74 41.65 3.33
CA MET C 465 -8.57 40.55 2.89
C MET C 465 -9.28 40.86 1.58
N PHE C 466 -9.60 42.14 1.35
CA PHE C 466 -10.19 42.56 0.09
C PHE C 466 -9.21 42.35 -1.06
N SER C 467 -7.97 42.79 -0.88
CA SER C 467 -6.98 42.62 -1.93
C SER C 467 -6.58 41.16 -2.10
N ALA C 468 -6.61 40.37 -1.03
CA ALA C 468 -6.32 38.95 -1.15
C ALA C 468 -7.50 38.18 -1.70
N LEU C 469 -8.69 38.76 -1.65
CA LEU C 469 -9.84 38.18 -2.32
C LEU C 469 -9.84 38.53 -3.81
N VAL C 470 -9.24 39.67 -4.17
CA VAL C 470 -9.15 40.05 -5.57
C VAL C 470 -8.30 39.07 -6.36
N GLY C 471 -7.29 38.48 -5.73
CA GLY C 471 -6.52 37.42 -6.33
C GLY C 471 -6.94 36.06 -5.78
N ASP C 472 -6.53 35.01 -6.47
CA ASP C 472 -6.87 33.65 -6.06
C ASP C 472 -5.88 33.20 -4.99
N LYS C 473 -6.13 33.65 -3.76
CA LYS C 473 -5.27 33.35 -2.61
C LYS C 473 -6.08 32.58 -1.58
N PRO C 474 -6.12 31.25 -1.66
CA PRO C 474 -6.89 30.49 -0.68
C PRO C 474 -6.22 30.42 0.69
N GLU C 475 -4.90 30.26 0.73
CA GLU C 475 -4.21 30.12 2.00
C GLU C 475 -4.28 31.40 2.81
N PHE C 476 -4.21 32.54 2.14
CA PHE C 476 -4.33 33.80 2.86
C PHE C 476 -5.75 34.11 3.26
N VAL C 477 -6.76 33.66 2.52
CA VAL C 477 -8.10 33.98 2.98
C VAL C 477 -8.48 33.05 4.13
N ARG C 478 -7.94 31.82 4.16
CA ARG C 478 -8.10 31.01 5.36
C ARG C 478 -7.31 31.56 6.53
N LEU C 479 -6.16 32.19 6.27
CA LEU C 479 -5.38 32.75 7.36
C LEU C 479 -6.05 33.97 7.94
N LEU C 480 -6.62 34.81 7.09
CA LEU C 480 -7.35 35.97 7.59
C LEU C 480 -8.64 35.56 8.28
N LEU C 481 -9.27 34.49 7.82
CA LEU C 481 -10.52 34.08 8.42
C LEU C 481 -10.27 33.41 9.77
N GLU C 482 -9.19 32.64 9.87
CA GLU C 482 -8.86 32.00 11.13
C GLU C 482 -8.23 32.95 12.13
N ASN C 483 -7.69 34.07 11.69
CA ASN C 483 -7.04 35.00 12.63
C ASN C 483 -7.91 36.18 13.00
N GLY C 484 -9.14 36.27 12.50
CA GLY C 484 -9.99 37.32 13.02
C GLY C 484 -10.89 38.12 12.10
N VAL C 485 -10.96 37.81 10.82
CA VAL C 485 -11.89 38.52 9.94
C VAL C 485 -13.28 37.96 10.13
N CYS C 486 -14.23 38.83 10.48
CA CYS C 486 -15.62 38.44 10.61
C CYS C 486 -16.35 38.85 9.33
N VAL C 487 -16.82 37.87 8.56
CA VAL C 487 -17.38 38.14 7.25
C VAL C 487 -18.71 38.85 7.27
N ARG C 488 -19.40 38.86 8.42
CA ARG C 488 -20.61 39.66 8.52
C ARG C 488 -20.30 41.15 8.52
N GLU C 489 -19.26 41.55 9.25
CA GLU C 489 -18.92 42.96 9.30
C GLU C 489 -18.24 43.43 8.04
N PHE C 490 -17.51 42.55 7.35
CA PHE C 490 -16.78 42.94 6.15
C PHE C 490 -17.71 43.31 5.01
N LEU C 491 -18.88 42.70 4.95
CA LEU C 491 -19.91 43.11 4.00
C LEU C 491 -20.83 44.07 4.75
N GLU C 492 -20.54 45.35 4.64
CA GLU C 492 -21.42 46.36 5.20
C GLU C 492 -21.68 47.51 4.24
N ARG C 493 -21.08 47.50 3.06
CA ARG C 493 -21.34 48.49 2.02
C ARG C 493 -21.32 47.80 0.68
N GLU C 494 -22.38 48.02 -0.11
CA GLU C 494 -22.57 47.30 -1.36
C GLU C 494 -21.55 47.66 -2.43
N GLU C 495 -20.84 48.77 -2.26
CA GLU C 495 -19.76 49.11 -3.18
C GLU C 495 -18.61 48.11 -3.11
N THR C 496 -18.42 47.49 -1.94
CA THR C 496 -17.42 46.44 -1.82
C THR C 496 -17.77 45.24 -2.69
N LEU C 497 -19.05 44.83 -2.68
CA LEU C 497 -19.51 43.76 -3.55
C LEU C 497 -19.45 44.19 -5.01
N CYS C 498 -19.74 45.46 -5.29
CA CYS C 498 -19.70 45.97 -6.65
C CYS C 498 -18.28 45.92 -7.21
N GLU C 499 -17.31 46.30 -6.38
CA GLU C 499 -15.91 46.21 -6.80
C GLU C 499 -15.45 44.77 -6.90
N LEU C 500 -15.96 43.88 -6.03
CA LEU C 500 -15.55 42.50 -6.06
C LEU C 500 -16.07 41.78 -7.30
N TYR C 501 -17.24 42.18 -7.80
CA TYR C 501 -17.64 41.71 -9.11
C TYR C 501 -16.95 42.47 -10.23
N SER C 502 -16.51 43.70 -9.95
CA SER C 502 -15.82 44.49 -10.98
C SER C 502 -14.41 44.00 -11.23
N HIS C 503 -13.81 43.29 -10.28
CA HIS C 503 -12.45 42.80 -10.43
C HIS C 503 -12.40 41.32 -10.80
N LEU C 504 -13.50 40.77 -11.29
CA LEU C 504 -13.57 39.36 -11.63
C LEU C 504 -12.67 39.05 -12.81
N PRO C 505 -11.66 38.20 -12.66
CA PRO C 505 -10.65 38.04 -13.72
C PRO C 505 -11.09 37.39 -15.01
N SER C 506 -11.61 36.15 -14.97
CA SER C 506 -11.78 35.39 -16.22
C SER C 506 -12.84 34.33 -16.03
N CYS C 507 -14.03 34.57 -16.59
CA CYS C 507 -15.10 33.58 -16.56
C CYS C 507 -15.84 33.58 -17.88
N PHE C 508 -16.57 32.50 -18.13
CA PHE C 508 -17.60 32.55 -19.16
C PHE C 508 -18.70 33.51 -18.75
N PHE C 509 -18.95 33.61 -17.44
CA PHE C 509 -19.88 34.60 -16.91
C PHE C 509 -19.40 36.01 -17.15
N LEU C 510 -18.09 36.22 -17.28
CA LEU C 510 -17.59 37.53 -17.68
C LEU C 510 -18.04 37.86 -19.09
N ARG C 511 -18.06 36.87 -19.98
CA ARG C 511 -18.56 37.09 -21.33
C ARG C 511 -20.06 37.30 -21.35
N LYS C 512 -20.79 36.56 -20.50
CA LYS C 512 -22.23 36.76 -20.41
C LYS C 512 -22.56 38.12 -19.79
N LEU C 513 -21.72 38.61 -18.88
CA LEU C 513 -21.89 39.94 -18.34
C LEU C 513 -21.55 41.01 -19.37
N ALA C 514 -20.57 40.73 -20.24
CA ALA C 514 -20.26 41.64 -21.34
C ALA C 514 -21.40 41.72 -22.33
N LYS C 515 -22.11 40.61 -22.54
CA LYS C 515 -23.29 40.64 -23.39
C LYS C 515 -24.45 41.35 -22.70
N ARG C 516 -24.60 41.15 -21.39
CA ARG C 516 -25.76 41.70 -20.69
C ARG C 516 -25.64 43.19 -20.46
N VAL C 517 -24.43 43.68 -20.20
CA VAL C 517 -24.25 45.11 -19.95
C VAL C 517 -24.35 45.89 -21.26
N GLN C 518 -23.57 45.48 -22.27
CA GLN C 518 -23.49 46.22 -23.52
C GLN C 518 -24.73 46.01 -24.40
N CYS C 536 -22.85 48.28 -11.93
CA CYS C 536 -24.04 48.27 -11.08
C CYS C 536 -24.51 46.84 -10.84
N LEU C 537 -25.05 46.61 -9.64
CA LEU C 537 -25.35 45.26 -9.19
C LEU C 537 -26.63 44.69 -9.79
N SER C 538 -27.57 45.55 -10.21
CA SER C 538 -28.87 45.05 -10.67
C SER C 538 -28.76 44.35 -12.01
N HIS C 539 -27.85 44.82 -12.88
CA HIS C 539 -27.60 44.12 -14.13
C HIS C 539 -27.01 42.73 -13.88
N VAL C 540 -26.16 42.62 -12.86
CA VAL C 540 -25.59 41.34 -12.48
C VAL C 540 -26.67 40.42 -11.91
N SER C 541 -27.59 40.97 -11.11
CA SER C 541 -28.68 40.17 -10.55
C SER C 541 -29.62 39.67 -11.64
N GLU C 542 -29.86 40.51 -12.66
CA GLU C 542 -30.67 40.07 -13.79
C GLU C 542 -29.94 39.00 -14.60
N GLU C 543 -28.62 39.13 -14.75
CA GLU C 543 -27.86 38.12 -15.48
C GLU C 543 -27.82 36.79 -14.74
N VAL C 544 -27.84 36.82 -13.41
CA VAL C 544 -27.91 35.59 -12.63
C VAL C 544 -29.31 34.98 -12.73
N ARG C 545 -30.34 35.84 -12.67
CA ARG C 545 -31.72 35.38 -12.78
C ARG C 545 -32.01 34.77 -14.14
N HIS C 546 -31.26 35.18 -15.17
CA HIS C 546 -31.26 34.43 -16.42
C HIS C 546 -30.76 33.00 -16.21
N LEU C 547 -29.71 32.83 -15.40
CA LEU C 547 -29.09 31.51 -15.29
C LEU C 547 -29.88 30.57 -14.41
N LEU C 548 -30.42 31.08 -13.30
CA LEU C 548 -31.17 30.22 -12.40
C LEU C 548 -32.59 29.99 -12.86
N GLY C 549 -33.13 30.86 -13.70
CA GLY C 549 -34.50 30.71 -14.16
C GLY C 549 -35.33 31.96 -13.92
N SER C 550 -36.25 32.25 -14.83
CA SER C 550 -37.08 33.44 -14.73
C SER C 550 -38.11 33.35 -13.62
N PHE C 551 -38.32 32.17 -13.05
CA PHE C 551 -39.31 32.03 -11.98
C PHE C 551 -38.81 32.61 -10.66
N THR C 552 -37.50 32.58 -10.43
CA THR C 552 -36.94 33.08 -9.19
C THR C 552 -37.05 34.60 -9.09
N GLN C 553 -37.34 35.09 -7.90
CA GLN C 553 -37.31 36.52 -7.63
C GLN C 553 -35.89 37.04 -7.78
N PRO C 554 -35.70 38.31 -8.14
CA PRO C 554 -34.34 38.84 -8.27
C PRO C 554 -33.68 38.97 -6.92
N LEU C 555 -32.39 38.64 -6.87
CA LEU C 555 -31.69 38.61 -5.60
C LEU C 555 -31.33 40.02 -5.15
N TYR C 556 -30.55 40.73 -5.95
CA TYR C 556 -30.04 42.04 -5.58
C TYR C 556 -30.89 43.11 -6.26
N ILE C 557 -31.41 44.04 -5.47
CA ILE C 557 -32.04 45.24 -5.99
C ILE C 557 -31.15 46.41 -5.61
N ALA C 558 -31.48 47.61 -6.06
CA ALA C 558 -30.70 48.79 -5.68
C ALA C 558 -30.95 49.12 -4.22
N SER C 559 -29.88 49.60 -3.55
CA SER C 559 -29.84 49.93 -2.13
C SER C 559 -30.24 48.75 -1.24
N VAL C 592 -33.25 40.46 1.86
CA VAL C 592 -32.35 39.95 2.89
C VAL C 592 -30.93 39.99 2.38
N TRP C 593 -30.04 40.63 3.13
CA TRP C 593 -28.71 40.88 2.61
C TRP C 593 -27.81 39.64 2.69
N ASP C 594 -27.66 39.06 3.91
CA ASP C 594 -27.06 37.74 4.17
C ASP C 594 -25.67 37.57 3.55
N PRO C 595 -24.62 38.08 4.19
CA PRO C 595 -23.30 38.10 3.53
C PRO C 595 -22.69 36.74 3.27
N GLY C 596 -23.22 35.66 3.85
CA GLY C 596 -22.72 34.33 3.54
C GLY C 596 -22.93 33.95 2.08
N ARG C 597 -24.16 34.15 1.57
CA ARG C 597 -24.39 33.84 0.16
C ARG C 597 -23.71 34.84 -0.75
N ASP C 598 -23.50 36.07 -0.26
CA ASP C 598 -22.82 37.07 -1.05
C ASP C 598 -21.35 36.70 -1.23
N LEU C 599 -20.75 36.06 -0.23
CA LEU C 599 -19.41 35.56 -0.45
C LEU C 599 -19.40 34.22 -1.19
N PHE C 600 -20.49 33.45 -1.12
CA PHE C 600 -20.45 32.14 -1.79
C PHE C 600 -20.63 32.27 -3.29
N LEU C 601 -21.47 33.20 -3.72
CA LEU C 601 -21.90 33.21 -5.12
C LEU C 601 -20.77 33.65 -6.04
N TRP C 602 -19.98 34.63 -5.58
CA TRP C 602 -18.79 35.10 -6.28
C TRP C 602 -17.82 33.97 -6.54
N ALA C 603 -17.66 33.07 -5.58
CA ALA C 603 -16.74 31.97 -5.73
C ALA C 603 -17.31 30.84 -6.56
N VAL C 604 -18.63 30.62 -6.48
CA VAL C 604 -19.19 29.48 -7.21
C VAL C 604 -19.32 29.80 -8.70
N VAL C 605 -19.37 31.08 -9.06
CA VAL C 605 -19.44 31.44 -10.46
C VAL C 605 -18.12 31.17 -11.17
N GLN C 606 -17.01 31.62 -10.60
CA GLN C 606 -15.74 31.68 -11.30
C GLN C 606 -15.04 30.33 -11.46
N ASN C 607 -15.64 29.23 -10.98
CA ASN C 607 -15.08 27.87 -11.02
C ASN C 607 -13.69 27.82 -10.36
N ASN C 608 -13.68 28.12 -9.07
CA ASN C 608 -12.47 28.05 -8.25
C ASN C 608 -12.83 27.28 -7.00
N ARG C 609 -12.31 26.06 -6.87
CA ARG C 609 -12.89 25.08 -5.95
C ARG C 609 -12.59 25.43 -4.50
N GLU C 610 -11.40 25.97 -4.21
CA GLU C 610 -11.02 26.27 -2.83
C GLU C 610 -11.87 27.39 -2.27
N LEU C 611 -12.04 28.48 -3.03
CA LEU C 611 -12.91 29.56 -2.62
C LEU C 611 -14.35 29.10 -2.52
N ALA C 612 -14.74 28.16 -3.37
CA ALA C 612 -16.09 27.60 -3.31
C ALA C 612 -16.32 26.89 -1.99
N GLU C 613 -15.34 26.10 -1.56
CA GLU C 613 -15.50 25.35 -0.31
C GLU C 613 -15.51 26.27 0.90
N ILE C 614 -14.68 27.33 0.88
CA ILE C 614 -14.66 28.27 1.99
C ILE C 614 -15.98 29.04 2.08
N GLY C 615 -16.46 29.51 0.93
CA GLY C 615 -17.74 30.19 0.90
C GLY C 615 -18.89 29.30 1.33
N TRP C 616 -18.80 28.01 1.03
CA TRP C 616 -19.90 27.13 1.42
C TRP C 616 -19.89 26.86 2.92
N GLU C 617 -18.72 26.58 3.49
CA GLU C 617 -18.76 26.24 4.92
C GLU C 617 -18.99 27.47 5.78
N GLN C 618 -18.81 28.68 5.25
CA GLN C 618 -19.12 29.85 6.07
C GLN C 618 -20.62 30.09 6.16
N CYS C 619 -21.33 30.00 5.04
CA CYS C 619 -22.73 30.42 5.04
C CYS C 619 -23.61 29.38 5.72
N ARG C 620 -24.81 29.82 6.11
CA ARG C 620 -25.84 28.94 6.64
C ARG C 620 -26.96 28.81 5.61
N ASP C 621 -28.00 28.05 5.98
CA ASP C 621 -29.13 27.65 5.12
C ASP C 621 -28.61 26.93 3.87
N CYS C 622 -28.00 25.77 4.13
CA CYS C 622 -26.96 25.27 3.26
C CYS C 622 -27.43 24.37 2.13
N ILE C 623 -28.49 23.60 2.34
CA ILE C 623 -28.96 22.66 1.32
C ILE C 623 -29.44 23.40 0.09
N ALA C 624 -30.15 24.51 0.29
CA ALA C 624 -30.56 25.34 -0.82
C ALA C 624 -29.38 25.96 -1.53
N ALA C 625 -28.32 26.29 -0.77
CA ALA C 625 -27.13 26.85 -1.37
C ALA C 625 -26.42 25.84 -2.25
N ALA C 626 -26.33 24.59 -1.79
CA ALA C 626 -25.71 23.54 -2.59
C ALA C 626 -26.51 23.25 -3.85
N LEU C 627 -27.84 23.22 -3.73
CA LEU C 627 -28.62 22.91 -4.91
C LEU C 627 -28.64 24.05 -5.90
N ALA C 628 -28.60 25.29 -5.42
CA ALA C 628 -28.48 26.43 -6.32
C ALA C 628 -27.14 26.39 -7.04
N ALA C 629 -26.09 25.95 -6.35
CA ALA C 629 -24.79 25.79 -6.99
C ALA C 629 -24.85 24.72 -8.08
N SER C 630 -25.54 23.62 -7.82
CA SER C 630 -25.65 22.56 -8.82
C SER C 630 -26.43 23.04 -10.04
N LYS C 631 -27.51 23.79 -9.82
CA LYS C 631 -28.33 24.26 -10.91
C LYS C 631 -27.58 25.26 -11.78
N ILE C 632 -26.92 26.24 -11.16
CA ILE C 632 -26.24 27.20 -12.02
C ILE C 632 -24.96 26.63 -12.61
N LEU C 633 -24.39 25.57 -12.02
CA LEU C 633 -23.24 24.96 -12.68
C LEU C 633 -23.66 24.14 -13.89
N ARG C 634 -24.80 23.46 -13.81
CA ARG C 634 -25.31 22.78 -15.00
C ARG C 634 -25.70 23.78 -16.08
N LYS C 635 -26.28 24.92 -15.68
CA LYS C 635 -26.66 25.91 -16.67
C LYS C 635 -25.44 26.56 -17.33
N LEU C 636 -24.38 26.79 -16.57
CA LEU C 636 -23.17 27.34 -17.20
C LEU C 636 -22.46 26.31 -18.06
N ALA C 637 -22.57 25.01 -17.72
CA ALA C 637 -21.98 23.99 -18.56
C ALA C 637 -22.74 23.87 -19.88
N GLN C 638 -24.06 24.01 -19.85
CA GLN C 638 -24.81 23.98 -21.10
C GLN C 638 -24.59 25.24 -21.92
N GLU C 639 -24.54 26.40 -21.27
CA GLU C 639 -24.40 27.66 -22.00
C GLU C 639 -22.99 27.85 -22.56
N SER C 640 -21.96 27.33 -21.89
CA SER C 640 -20.60 27.55 -22.35
C SER C 640 -20.32 26.77 -23.62
N GLY C 641 -20.41 25.45 -23.56
CA GLY C 641 -20.20 24.61 -24.73
C GLY C 641 -18.78 24.61 -25.24
N GLU C 642 -18.57 25.21 -26.40
CA GLU C 642 -17.25 25.28 -27.01
C GLU C 642 -16.39 26.35 -26.32
N ASP C 643 -15.10 26.30 -26.64
CA ASP C 643 -14.03 27.24 -26.29
C ASP C 643 -13.61 27.20 -24.82
N ASP C 644 -14.31 26.42 -23.99
CA ASP C 644 -13.91 26.23 -22.59
C ASP C 644 -14.15 24.78 -22.16
N SER C 645 -13.75 23.83 -23.02
CA SER C 645 -14.20 22.44 -22.88
C SER C 645 -13.62 21.76 -21.64
N GLU C 646 -12.34 22.01 -21.33
CA GLU C 646 -11.77 21.51 -20.09
C GLU C 646 -12.40 22.19 -18.89
N GLU C 647 -12.64 23.51 -19.00
CA GLU C 647 -13.39 24.20 -17.96
C GLU C 647 -14.81 23.70 -17.87
N ALA C 648 -15.39 23.26 -18.98
CA ALA C 648 -16.74 22.71 -18.96
C ALA C 648 -16.81 21.40 -18.18
N THR C 649 -15.86 20.49 -18.42
CA THR C 649 -15.91 19.27 -17.63
C THR C 649 -15.45 19.49 -16.19
N GLU C 650 -14.66 20.54 -15.93
CA GLU C 650 -14.40 20.91 -14.54
C GLU C 650 -15.65 21.43 -13.85
N MET C 651 -16.48 22.17 -14.58
CA MET C 651 -17.75 22.63 -14.06
C MET C 651 -18.69 21.47 -13.76
N LEU C 652 -18.70 20.47 -14.63
CA LEU C 652 -19.51 19.28 -14.37
C LEU C 652 -19.01 18.50 -13.16
N GLU C 653 -17.69 18.45 -12.99
CA GLU C 653 -17.12 17.82 -11.80
C GLU C 653 -17.53 18.55 -10.53
N LEU C 654 -17.47 19.88 -10.54
CA LEU C 654 -17.85 20.66 -9.36
C LEU C 654 -19.34 20.50 -9.05
N ALA C 655 -20.17 20.43 -10.09
CA ALA C 655 -21.60 20.28 -9.89
C ALA C 655 -21.93 18.95 -9.24
N ASN C 656 -21.29 17.87 -9.71
CA ASN C 656 -21.56 16.59 -9.09
C ASN C 656 -20.98 16.51 -7.69
N HIS C 657 -19.89 17.24 -7.44
CA HIS C 657 -19.37 17.34 -6.07
C HIS C 657 -20.38 17.96 -5.13
N TYR C 658 -20.96 19.09 -5.51
CA TYR C 658 -21.91 19.75 -4.62
C TYR C 658 -23.21 18.97 -4.47
N GLU C 659 -23.60 18.19 -5.49
CA GLU C 659 -24.74 17.31 -5.29
C GLU C 659 -24.45 16.23 -4.26
N LYS C 660 -23.26 15.64 -4.31
CA LYS C 660 -22.84 14.69 -3.27
C LYS C 660 -22.76 15.35 -1.90
N GLN C 661 -22.39 16.63 -1.89
CA GLN C 661 -22.26 17.35 -0.63
C GLN C 661 -23.62 17.58 0.03
N ALA C 662 -24.61 17.95 -0.77
CA ALA C 662 -25.96 18.14 -0.24
C ALA C 662 -26.58 16.83 0.20
N ILE C 663 -26.33 15.74 -0.53
CA ILE C 663 -26.93 14.49 -0.05
C ILE C 663 -26.23 13.97 1.20
N GLY C 664 -24.98 14.33 1.43
CA GLY C 664 -24.37 14.00 2.70
C GLY C 664 -24.96 14.78 3.87
N VAL C 665 -25.18 16.09 3.67
CA VAL C 665 -25.77 16.91 4.73
C VAL C 665 -27.17 16.43 5.06
N PHE C 666 -27.96 16.13 4.04
CA PHE C 666 -29.31 15.64 4.31
C PHE C 666 -29.29 14.23 4.87
N SER C 667 -28.25 13.45 4.57
CA SER C 667 -28.12 12.12 5.16
C SER C 667 -27.97 12.20 6.65
N GLU C 668 -27.08 13.08 7.12
CA GLU C 668 -26.91 13.23 8.57
C GLU C 668 -28.16 13.83 9.22
N CYS C 669 -28.77 14.82 8.55
CA CYS C 669 -29.97 15.48 9.09
C CYS C 669 -31.12 14.50 9.22
N HIS C 670 -31.21 13.55 8.30
CA HIS C 670 -32.30 12.58 8.36
C HIS C 670 -31.95 11.40 9.25
N SER C 671 -30.68 11.11 9.45
CA SER C 671 -30.33 10.08 10.42
C SER C 671 -30.61 10.54 11.84
N TRP C 672 -30.59 11.85 12.08
CA TRP C 672 -30.83 12.31 13.45
C TRP C 672 -32.31 12.23 13.81
N ASP C 673 -33.14 13.00 13.14
CA ASP C 673 -34.58 12.99 13.38
C ASP C 673 -35.28 12.73 12.06
N ALA C 674 -36.58 12.49 12.13
CA ALA C 674 -37.36 12.14 10.95
C ALA C 674 -38.42 13.18 10.63
N GLN C 675 -39.30 13.49 11.57
CA GLN C 675 -40.52 14.24 11.28
C GLN C 675 -40.28 15.73 11.10
N ARG C 676 -39.04 16.19 11.19
CA ARG C 676 -38.73 17.58 10.92
C ARG C 676 -38.06 17.78 9.58
N ALA C 677 -37.49 16.73 8.98
CA ALA C 677 -36.74 16.90 7.73
C ALA C 677 -37.64 17.29 6.58
N GLN C 678 -38.91 16.86 6.65
CA GLN C 678 -39.89 17.30 5.69
C GLN C 678 -40.11 18.81 5.78
N LYS C 679 -39.91 19.40 6.96
CA LYS C 679 -39.99 20.85 7.05
C LYS C 679 -38.78 21.52 6.42
N LEU C 680 -37.66 20.81 6.26
CA LEU C 680 -36.59 21.36 5.44
C LEU C 680 -36.92 21.26 3.97
N LEU C 681 -37.56 20.16 3.56
CA LEU C 681 -37.75 19.93 2.14
C LEU C 681 -38.78 20.87 1.53
N ILE C 682 -39.86 21.16 2.27
CA ILE C 682 -40.96 21.92 1.70
C ILE C 682 -40.85 23.40 1.97
N ARG C 683 -39.91 23.84 2.80
CA ARG C 683 -39.85 25.25 3.14
C ARG C 683 -39.31 26.06 1.99
N ILE C 684 -39.46 27.36 2.07
CA ILE C 684 -38.77 28.24 1.13
C ILE C 684 -37.75 29.05 1.90
N SER C 685 -36.82 29.58 1.18
CA SER C 685 -35.81 30.39 1.78
C SER C 685 -35.97 31.82 1.31
N PRO C 686 -35.84 32.81 2.19
CA PRO C 686 -35.86 34.19 1.72
C PRO C 686 -34.65 34.53 0.88
N SER C 687 -33.53 33.87 1.12
CA SER C 687 -32.45 33.90 0.15
C SER C 687 -32.75 32.93 -0.98
N TRP C 688 -31.99 33.07 -2.07
CA TRP C 688 -32.10 32.26 -3.29
C TRP C 688 -33.50 32.34 -3.90
N GLY C 689 -33.98 33.57 -4.10
CA GLY C 689 -35.36 33.74 -4.50
C GLY C 689 -36.29 33.37 -3.36
N ARG C 690 -37.42 32.76 -3.72
CA ARG C 690 -38.27 32.08 -2.75
C ARG C 690 -38.56 30.73 -3.40
N SER C 691 -37.65 29.79 -3.23
CA SER C 691 -37.68 28.54 -3.97
C SER C 691 -37.40 27.37 -3.05
N THR C 692 -38.31 26.41 -3.02
CA THR C 692 -38.11 25.22 -2.23
C THR C 692 -37.07 24.33 -2.89
N CYS C 693 -36.36 23.55 -2.07
CA CYS C 693 -35.26 22.76 -2.58
C CYS C 693 -35.70 21.62 -3.48
N LEU C 694 -36.97 21.19 -3.41
CA LEU C 694 -37.46 20.21 -4.38
C LEU C 694 -37.44 20.77 -5.79
N TRP C 695 -37.99 21.98 -5.96
CA TRP C 695 -37.98 22.61 -7.26
C TRP C 695 -36.56 22.89 -7.75
N LEU C 696 -35.65 23.22 -6.83
CA LEU C 696 -34.27 23.45 -7.23
C LEU C 696 -33.59 22.15 -7.64
N ALA C 697 -33.96 21.03 -7.01
CA ALA C 697 -33.43 19.76 -7.47
C ALA C 697 -34.00 19.37 -8.82
N LEU C 698 -35.27 19.68 -9.06
CA LEU C 698 -35.92 19.21 -10.27
C LEU C 698 -35.55 20.05 -11.48
N GLU C 699 -35.43 21.36 -11.32
CA GLU C 699 -35.03 22.20 -12.44
C GLU C 699 -33.56 22.02 -12.80
N ALA C 700 -32.77 21.48 -11.88
CA ALA C 700 -31.38 21.15 -12.17
C ALA C 700 -31.21 19.74 -12.70
N HIS C 701 -32.25 18.90 -12.55
CA HIS C 701 -32.20 17.47 -12.87
C HIS C 701 -31.05 16.77 -12.14
N ASP C 702 -30.86 17.12 -10.87
CA ASP C 702 -29.87 16.44 -10.04
C ASP C 702 -30.41 15.07 -9.68
N LYS C 703 -30.08 14.07 -10.48
CA LYS C 703 -30.75 12.79 -10.45
C LYS C 703 -30.34 11.91 -9.29
N SER C 704 -29.39 12.34 -8.45
CA SER C 704 -29.02 11.52 -7.31
C SER C 704 -29.76 11.94 -6.04
N PHE C 705 -29.95 13.24 -5.84
CA PHE C 705 -30.50 13.74 -4.59
C PHE C 705 -31.95 13.33 -4.40
N ILE C 706 -32.71 13.18 -5.48
CA ILE C 706 -34.10 12.82 -5.37
C ILE C 706 -34.27 11.32 -5.27
N ALA C 707 -33.19 10.56 -5.41
CA ALA C 707 -33.25 9.12 -5.19
C ALA C 707 -32.81 8.78 -3.77
N HIS C 708 -33.46 9.43 -2.81
CA HIS C 708 -33.16 9.22 -1.41
C HIS C 708 -34.43 8.72 -0.73
N SER C 709 -34.27 8.08 0.43
CA SER C 709 -35.41 7.44 1.05
C SER C 709 -36.39 8.46 1.62
N GLY C 710 -35.89 9.54 2.21
CA GLY C 710 -36.76 10.52 2.82
C GLY C 710 -37.54 11.33 1.80
N VAL C 711 -36.91 11.68 0.69
CA VAL C 711 -37.61 12.47 -0.32
C VAL C 711 -38.65 11.62 -1.04
N GLN C 712 -38.39 10.32 -1.22
CA GLN C 712 -39.42 9.46 -1.78
C GLN C 712 -40.52 9.21 -0.77
N ALA C 713 -40.21 9.24 0.53
CA ALA C 713 -41.26 9.17 1.54
C ALA C 713 -42.14 10.40 1.52
N LEU C 714 -41.57 11.58 1.23
CA LEU C 714 -42.41 12.77 1.12
C LEU C 714 -43.27 12.72 -0.12
N LEU C 715 -42.71 12.23 -1.24
CA LEU C 715 -43.51 12.07 -2.45
C LEU C 715 -44.64 11.07 -2.24
N THR C 716 -44.36 9.97 -1.54
CA THR C 716 -45.39 9.00 -1.23
C THR C 716 -46.47 9.60 -0.34
N GLN C 717 -46.08 10.39 0.65
CA GLN C 717 -47.08 11.00 1.52
C GLN C 717 -47.81 12.15 0.86
N ILE C 718 -47.37 12.64 -0.29
CA ILE C 718 -48.22 13.51 -1.08
C ILE C 718 -49.13 12.70 -1.99
N TRP C 719 -48.63 11.55 -2.48
CA TRP C 719 -49.42 10.70 -3.38
C TRP C 719 -50.63 10.12 -2.67
N CYS C 720 -50.44 9.60 -1.48
CA CYS C 720 -51.53 9.00 -0.73
C CYS C 720 -52.41 10.02 -0.02
N GLY C 721 -52.32 11.30 -0.36
CA GLY C 721 -53.25 12.38 -0.06
C GLY C 721 -53.53 12.53 1.42
N GLU C 722 -54.80 12.75 1.74
CA GLU C 722 -55.23 12.73 3.13
C GLU C 722 -55.34 11.32 3.69
N LEU C 723 -55.32 10.30 2.84
CA LEU C 723 -55.39 8.92 3.29
C LEU C 723 -54.07 8.48 3.89
N SER C 724 -54.07 7.27 4.45
CA SER C 724 -52.86 6.70 5.01
C SER C 724 -51.98 6.12 3.91
N VAL C 725 -50.88 5.51 4.31
CA VAL C 725 -49.95 4.92 3.36
C VAL C 725 -49.64 3.46 3.72
N ASP C 726 -50.44 2.87 4.61
CA ASP C 726 -50.33 1.46 4.93
C ASP C 726 -51.45 0.62 4.36
N ASN C 727 -52.51 1.24 3.88
CA ASN C 727 -53.65 0.52 3.32
C ASN C 727 -53.37 0.09 1.88
N PRO C 728 -53.73 -1.13 1.49
CA PRO C 728 -53.39 -1.61 0.15
C PRO C 728 -54.27 -1.01 -0.93
N HIS C 729 -53.89 -1.27 -2.18
CA HIS C 729 -54.48 -0.62 -3.33
C HIS C 729 -55.80 -1.24 -3.76
N TRP C 730 -56.01 -2.53 -3.50
CA TRP C 730 -57.30 -3.12 -3.81
C TRP C 730 -58.38 -2.58 -2.88
N LYS C 731 -58.00 -2.24 -1.64
CA LYS C 731 -58.89 -1.49 -0.77
C LYS C 731 -59.20 -0.11 -1.32
N VAL C 732 -58.24 0.49 -2.03
CA VAL C 732 -58.47 1.80 -2.64
C VAL C 732 -59.46 1.69 -3.80
N LEU C 733 -59.33 0.66 -4.63
CA LEU C 733 -60.30 0.49 -5.71
C LEU C 733 -61.67 0.08 -5.19
N LEU C 734 -61.70 -0.72 -4.12
CA LEU C 734 -62.98 -1.07 -3.50
C LEU C 734 -63.63 0.16 -2.86
N CYS C 735 -62.81 1.12 -2.41
CA CYS C 735 -63.34 2.40 -1.99
C CYS C 735 -63.82 3.23 -3.18
N MET C 736 -63.17 3.06 -4.33
CA MET C 736 -63.53 3.84 -5.52
C MET C 736 -64.85 3.37 -6.11
N ILE C 737 -65.14 2.07 -6.01
CA ILE C 737 -66.36 1.53 -6.60
C ILE C 737 -67.58 1.94 -5.78
N PHE C 738 -67.62 1.53 -4.50
CA PHE C 738 -68.70 1.91 -3.59
C PHE C 738 -68.37 3.27 -2.98
N PHE C 739 -69.10 4.30 -3.39
CA PHE C 739 -68.80 5.66 -2.97
C PHE C 739 -69.17 5.98 -1.52
N PRO C 740 -70.39 5.65 -0.99
CA PRO C 740 -70.64 6.02 0.42
C PRO C 740 -70.14 5.01 1.44
N LEU C 741 -69.27 4.09 1.02
CA LEU C 741 -68.69 3.09 1.92
C LEU C 741 -67.45 3.58 2.67
N ILE C 742 -67.15 4.89 2.62
CA ILE C 742 -65.97 5.42 3.32
C ILE C 742 -66.19 5.55 4.82
N TYR C 743 -67.45 5.50 5.27
CA TYR C 743 -67.73 5.64 6.70
C TYR C 743 -67.49 4.35 7.46
N THR C 744 -67.50 3.20 6.79
CA THR C 744 -67.23 1.94 7.43
C THR C 744 -65.76 1.83 7.81
N GLY C 745 -65.42 0.77 8.53
CA GLY C 745 -64.07 0.67 9.03
C GLY C 745 -63.12 0.17 7.96
N PHE C 746 -62.50 1.15 7.28
CA PHE C 746 -61.54 0.99 6.20
C PHE C 746 -61.07 2.38 5.80
N LEU C 747 -59.84 2.49 5.28
CA LEU C 747 -59.28 3.71 4.69
C LEU C 747 -59.30 4.89 5.66
N THR C 748 -58.55 4.74 6.75
CA THR C 748 -58.45 5.81 7.73
C THR C 748 -57.62 6.95 7.16
N PHE C 749 -58.08 8.17 7.41
CA PHE C 749 -57.37 9.36 6.96
C PHE C 749 -56.18 9.63 7.88
N ARG C 750 -55.51 10.76 7.69
CA ARG C 750 -54.32 11.07 8.49
C ARG C 750 -54.59 12.05 9.63
N ARG C 751 -55.59 12.93 9.49
CA ARG C 751 -55.94 13.82 10.60
C ARG C 751 -56.60 13.05 11.73
N ASP C 752 -57.50 12.12 11.41
CA ASP C 752 -58.10 11.28 12.44
C ASP C 752 -57.09 10.31 13.02
N GLU C 753 -56.14 9.84 12.20
CA GLU C 753 -55.04 9.05 12.73
C GLU C 753 -54.11 9.88 13.58
N ASP C 754 -53.98 11.18 13.28
CA ASP C 754 -53.19 12.06 14.14
C ASP C 754 -53.90 12.30 15.47
N ILE C 755 -55.22 12.37 15.46
CA ILE C 755 -55.99 12.45 16.71
C ILE C 755 -55.82 11.17 17.52
N GLN C 756 -55.83 10.02 16.85
CA GLN C 756 -55.65 8.74 17.54
C GLN C 756 -54.24 8.62 18.13
N ARG C 757 -53.24 9.11 17.40
CA ARG C 757 -51.87 9.10 17.93
C ARG C 757 -51.71 10.09 19.08
N GLN C 758 -52.42 11.23 19.03
CA GLN C 758 -52.34 12.19 20.12
C GLN C 758 -53.06 11.70 21.36
N ALA C 759 -54.11 10.90 21.18
CA ALA C 759 -54.77 10.29 22.33
C ALA C 759 -53.94 9.17 22.92
N GLU C 760 -53.26 8.40 22.06
CA GLU C 760 -52.40 7.31 22.52
C GLU C 760 -51.05 7.78 23.05
N ARG C 761 -50.71 9.06 22.88
CA ARG C 761 -49.43 9.56 23.35
C ARG C 761 -49.39 9.78 24.86
N THR C 762 -50.53 9.73 25.53
CA THR C 762 -50.62 9.95 26.97
C THR C 762 -49.93 8.85 27.77
N CYS C 799 -67.21 16.43 8.63
CA CYS C 799 -68.49 16.30 7.94
C CYS C 799 -68.28 15.98 6.46
N SER C 800 -68.75 16.88 5.59
CA SER C 800 -68.54 16.75 4.15
C SER C 800 -67.13 17.14 3.72
N SER C 801 -66.39 17.84 4.58
CA SER C 801 -65.01 18.21 4.25
C SER C 801 -64.11 16.99 4.16
N ARG C 802 -64.41 15.95 4.94
CA ARG C 802 -63.70 14.68 4.78
C ARG C 802 -63.98 14.04 3.43
N LEU C 803 -65.21 14.21 2.91
CA LEU C 803 -65.54 13.67 1.58
C LEU C 803 -64.82 14.45 0.50
N MET C 804 -64.82 15.79 0.61
CA MET C 804 -64.14 16.61 -0.40
C MET C 804 -62.62 16.47 -0.30
N SER C 805 -62.09 16.15 0.88
CA SER C 805 -60.67 15.85 0.98
C SER C 805 -60.34 14.47 0.44
N PHE C 806 -61.29 13.53 0.51
CA PHE C 806 -61.12 12.27 -0.23
C PHE C 806 -61.15 12.52 -1.73
N LEU C 807 -62.02 13.42 -2.18
CA LEU C 807 -62.15 13.71 -3.60
C LEU C 807 -60.88 14.38 -4.14
N LYS C 808 -60.22 15.20 -3.33
CA LYS C 808 -59.04 15.91 -3.78
C LYS C 808 -57.77 15.07 -3.72
N SER C 809 -57.86 13.81 -3.32
CA SER C 809 -56.71 12.92 -3.30
C SER C 809 -56.22 12.67 -4.72
N PRO C 810 -54.95 12.95 -5.03
CA PRO C 810 -54.48 12.76 -6.41
C PRO C 810 -54.43 11.31 -6.84
N GLN C 811 -54.34 10.37 -5.90
CA GLN C 811 -54.37 8.96 -6.26
C GLN C 811 -55.74 8.58 -6.83
N VAL C 812 -56.80 8.92 -6.10
CA VAL C 812 -58.12 8.51 -6.54
C VAL C 812 -58.59 9.38 -7.70
N LYS C 813 -58.07 10.61 -7.82
CA LYS C 813 -58.36 11.40 -9.01
C LYS C 813 -57.66 10.83 -10.23
N PHE C 814 -56.48 10.25 -10.04
CA PHE C 814 -55.81 9.57 -11.15
C PHE C 814 -56.55 8.33 -11.58
N TYR C 815 -56.99 7.51 -10.62
CA TYR C 815 -57.78 6.32 -10.94
C TYR C 815 -59.08 6.69 -11.65
N TRP C 816 -59.72 7.77 -11.19
CA TRP C 816 -60.93 8.28 -11.81
C TRP C 816 -60.69 8.68 -13.26
N ASN C 817 -59.59 9.40 -13.51
CA ASN C 817 -59.29 9.86 -14.85
C ASN C 817 -58.99 8.70 -15.79
N ILE C 818 -58.22 7.70 -15.33
CA ILE C 818 -57.91 6.60 -16.24
C ILE C 818 -59.10 5.70 -16.48
N ALA C 819 -59.98 5.51 -15.48
CA ALA C 819 -61.15 4.67 -15.70
C ALA C 819 -62.13 5.35 -16.66
N SER C 820 -62.32 6.65 -16.51
CA SER C 820 -63.23 7.33 -17.44
C SER C 820 -62.62 7.44 -18.83
N TYR C 821 -61.29 7.51 -18.93
CA TYR C 821 -60.66 7.48 -20.25
C TYR C 821 -60.77 6.12 -20.90
N PHE C 822 -60.69 5.05 -20.11
CA PHE C 822 -60.91 3.69 -20.61
C PHE C 822 -62.34 3.54 -21.15
N GLY C 823 -63.30 4.11 -20.43
CA GLY C 823 -64.68 4.11 -20.92
C GLY C 823 -64.85 4.90 -22.20
N PHE C 824 -64.15 6.03 -22.32
CA PHE C 824 -64.17 6.79 -23.57
C PHE C 824 -63.57 6.01 -24.73
N LEU C 825 -62.48 5.28 -24.47
CA LEU C 825 -61.86 4.44 -25.50
C LEU C 825 -62.83 3.38 -26.02
N TRP C 826 -63.49 2.69 -25.09
CA TRP C 826 -64.44 1.63 -25.45
C TRP C 826 -65.68 2.19 -26.16
N LEU C 827 -66.17 3.34 -25.70
CA LEU C 827 -67.33 3.95 -26.33
C LEU C 827 -67.00 4.46 -27.72
N PHE C 828 -65.78 4.99 -27.90
CA PHE C 828 -65.36 5.43 -29.23
C PHE C 828 -65.25 4.25 -30.18
N ALA C 829 -64.79 3.11 -29.66
CA ALA C 829 -64.69 1.90 -30.49
C ALA C 829 -66.07 1.43 -30.97
N VAL C 830 -67.01 1.26 -30.04
CA VAL C 830 -68.32 0.73 -30.41
C VAL C 830 -69.11 1.74 -31.25
N VAL C 831 -68.95 3.04 -30.98
CA VAL C 831 -69.66 4.02 -31.80
C VAL C 831 -69.05 4.16 -33.19
N LEU C 832 -67.74 3.97 -33.35
CA LEU C 832 -67.21 4.00 -34.71
C LEU C 832 -67.60 2.73 -35.48
N MET C 833 -67.84 1.62 -34.78
CA MET C 833 -68.32 0.43 -35.48
C MET C 833 -69.78 0.54 -35.88
N ILE C 834 -70.66 0.85 -34.92
CA ILE C 834 -72.08 0.59 -35.10
C ILE C 834 -72.72 1.60 -36.06
N ASP C 835 -72.13 2.77 -36.22
CA ASP C 835 -72.63 3.75 -37.17
C ASP C 835 -71.52 4.71 -37.57
N PHE C 836 -71.52 5.09 -38.85
CA PHE C 836 -70.62 6.14 -39.33
C PHE C 836 -71.22 6.66 -40.62
N GLN C 837 -71.73 7.89 -40.59
CA GLN C 837 -72.58 8.39 -41.66
C GLN C 837 -72.13 9.79 -42.07
N THR C 838 -72.89 10.40 -42.98
CA THR C 838 -72.58 11.75 -43.42
C THR C 838 -72.88 12.77 -42.34
N SER C 839 -74.08 12.70 -41.75
CA SER C 839 -74.45 13.53 -40.62
C SER C 839 -74.25 12.73 -39.34
N PRO C 840 -73.53 13.24 -38.36
CA PRO C 840 -73.22 12.46 -37.16
C PRO C 840 -74.41 12.35 -36.23
N SER C 841 -74.48 11.22 -35.52
CA SER C 841 -75.54 10.98 -34.57
C SER C 841 -75.26 11.73 -33.27
N TRP C 842 -76.11 11.47 -32.25
CA TRP C 842 -75.92 12.10 -30.95
C TRP C 842 -74.71 11.53 -30.23
N ARG C 843 -74.46 10.22 -30.38
CA ARG C 843 -73.28 9.60 -29.79
C ARG C 843 -72.01 10.17 -30.41
N GLU C 844 -72.02 10.35 -31.73
CA GLU C 844 -70.86 10.90 -32.42
C GLU C 844 -70.61 12.33 -31.98
N LEU C 845 -71.67 13.14 -31.84
CA LEU C 845 -71.51 14.54 -31.44
C LEU C 845 -71.02 14.66 -30.00
N LEU C 846 -71.48 13.75 -29.14
CA LEU C 846 -70.96 13.72 -27.77
C LEU C 846 -69.48 13.37 -27.75
N LEU C 847 -69.06 12.49 -28.65
CA LEU C 847 -67.63 12.20 -28.76
C LEU C 847 -66.86 13.38 -29.38
N TYR C 848 -67.51 14.14 -30.28
CA TYR C 848 -66.85 15.30 -30.87
C TYR C 848 -66.64 16.41 -29.85
N VAL C 849 -67.55 16.56 -28.88
CA VAL C 849 -67.26 17.53 -27.82
C VAL C 849 -66.35 16.93 -26.74
N TRP C 850 -66.36 15.60 -26.59
CA TRP C 850 -65.47 14.92 -25.65
C TRP C 850 -64.02 15.17 -25.99
N LEU C 851 -63.67 15.01 -27.27
CA LEU C 851 -62.29 15.14 -27.71
C LEU C 851 -61.80 16.58 -27.57
N THR C 852 -62.63 17.55 -27.90
CA THR C 852 -62.20 18.92 -27.74
C THR C 852 -62.20 19.37 -26.28
N SER C 853 -62.99 18.73 -25.41
CA SER C 853 -62.88 19.07 -23.99
C SER C 853 -61.61 18.51 -23.38
N LEU C 854 -61.18 17.32 -23.81
CA LEU C 854 -59.89 16.82 -23.36
C LEU C 854 -58.73 17.62 -23.94
N VAL C 855 -58.89 18.11 -25.18
CA VAL C 855 -57.91 19.04 -25.75
C VAL C 855 -57.87 20.33 -24.94
N CYS C 856 -59.03 20.78 -24.45
CA CYS C 856 -59.09 21.98 -23.63
C CYS C 856 -58.45 21.76 -22.26
N GLU C 857 -58.63 20.58 -21.68
CA GLU C 857 -58.02 20.26 -20.39
C GLU C 857 -56.50 20.18 -20.52
N GLU C 858 -56.02 19.58 -21.61
CA GLU C 858 -54.58 19.51 -21.85
C GLU C 858 -53.99 20.89 -22.10
N ILE C 859 -54.70 21.74 -22.84
CA ILE C 859 -54.11 23.05 -23.12
C ILE C 859 -54.21 23.98 -21.91
N ARG C 860 -55.23 23.82 -21.05
CA ARG C 860 -55.29 24.59 -19.81
C ARG C 860 -54.26 24.09 -18.82
N GLN C 861 -53.94 22.79 -18.87
CA GLN C 861 -52.84 22.26 -18.07
C GLN C 861 -51.50 22.80 -18.52
N LEU C 862 -51.26 22.84 -19.83
CA LEU C 862 -49.98 23.36 -20.33
C LEU C 862 -49.88 24.87 -20.26
N TYR C 863 -51.00 25.57 -20.11
CA TYR C 863 -50.95 27.02 -19.94
C TYR C 863 -50.90 27.43 -18.47
N HIS C 864 -51.55 26.66 -17.59
CA HIS C 864 -51.75 27.04 -16.20
C HIS C 864 -50.78 26.37 -15.23
N ASP C 865 -50.61 25.05 -15.34
CA ASP C 865 -49.93 24.30 -14.28
C ASP C 865 -48.41 24.50 -14.33
N PHE C 866 -47.84 24.59 -15.54
CA PHE C 866 -46.40 24.77 -15.68
C PHE C 866 -45.99 26.18 -15.25
N GLY C 870 -46.50 32.60 -21.19
CA GLY C 870 -46.52 32.65 -22.63
C GLY C 870 -46.62 31.28 -23.27
N PHE C 871 -47.07 31.27 -24.52
CA PHE C 871 -47.25 30.02 -25.25
C PHE C 871 -45.92 29.38 -25.62
N ARG C 872 -44.83 30.16 -25.69
CA ARG C 872 -43.51 29.58 -25.94
C ARG C 872 -43.06 28.73 -24.76
N ARG C 873 -43.19 29.25 -23.54
CA ARG C 873 -42.88 28.44 -22.37
C ARG C 873 -43.90 27.33 -22.15
N LYS C 874 -45.15 27.55 -22.59
CA LYS C 874 -46.17 26.52 -22.50
C LYS C 874 -45.84 25.34 -23.41
N ALA C 875 -45.36 25.61 -24.62
CA ALA C 875 -44.88 24.54 -25.49
C ALA C 875 -43.56 23.97 -25.01
N LYS C 876 -42.75 24.78 -24.32
CA LYS C 876 -41.51 24.28 -23.75
C LYS C 876 -41.77 23.27 -22.63
N MET C 877 -42.85 23.46 -21.88
CA MET C 877 -43.27 22.43 -20.94
C MET C 877 -43.88 21.22 -21.63
N TYR C 878 -44.37 21.38 -22.86
CA TYR C 878 -44.89 20.28 -23.65
C TYR C 878 -43.81 19.61 -24.48
N ILE C 879 -42.54 19.94 -24.26
CA ILE C 879 -41.46 19.28 -24.99
C ILE C 879 -41.32 17.83 -24.55
N LYS C 880 -41.56 17.55 -23.28
CA LYS C 880 -41.51 16.20 -22.77
C LYS C 880 -42.89 15.55 -22.83
N LEU C 882 -40.55 10.46 -27.11
CA LEU C 882 -41.25 9.76 -28.18
C LEU C 882 -42.75 9.75 -27.92
N TRP C 883 -43.15 9.87 -26.66
CA TRP C 883 -44.56 9.73 -26.32
C TRP C 883 -45.36 10.96 -26.73
N ASN C 884 -44.81 12.15 -26.48
CA ASN C 884 -45.61 13.36 -26.59
C ASN C 884 -45.86 13.74 -28.04
N ILE C 885 -44.90 13.50 -28.93
CA ILE C 885 -45.10 13.74 -30.36
C ILE C 885 -46.15 12.79 -30.90
N LEU C 886 -46.20 11.57 -30.37
CA LEU C 886 -47.21 10.58 -30.76
C LEU C 886 -48.60 11.00 -30.29
N ASP C 887 -48.71 11.48 -29.06
CA ASP C 887 -50.04 11.83 -28.54
C ASP C 887 -50.56 13.11 -29.18
N VAL C 888 -49.67 14.07 -29.48
CA VAL C 888 -50.13 15.25 -30.18
C VAL C 888 -50.41 14.94 -31.65
N LEU C 889 -49.78 13.90 -32.21
CA LEU C 889 -50.13 13.46 -33.56
C LEU C 889 -51.52 12.86 -33.60
N SER C 890 -51.88 12.09 -32.56
CA SER C 890 -53.26 11.60 -32.47
C SER C 890 -54.26 12.74 -32.31
N ILE C 891 -53.92 13.71 -31.45
CA ILE C 891 -54.83 14.83 -31.19
C ILE C 891 -55.01 15.74 -32.39
N VAL C 892 -54.01 15.82 -33.27
CA VAL C 892 -54.21 16.60 -34.49
C VAL C 892 -54.83 15.75 -35.60
N LEU C 893 -54.62 14.43 -35.59
CA LEU C 893 -55.16 13.57 -36.62
C LEU C 893 -56.66 13.39 -36.45
N PHE C 894 -57.19 13.58 -35.23
CA PHE C 894 -58.63 13.51 -35.05
C PHE C 894 -59.36 14.62 -35.80
N ILE C 895 -58.90 15.86 -35.63
CA ILE C 895 -59.54 16.96 -36.35
C ILE C 895 -59.13 16.95 -37.82
N ALA C 896 -57.99 16.34 -38.17
CA ALA C 896 -57.69 16.09 -39.58
C ALA C 896 -58.70 15.13 -40.20
N GLY C 897 -59.08 14.09 -39.46
CA GLY C 897 -60.12 13.20 -39.94
C GLY C 897 -61.49 13.83 -39.94
N LEU C 898 -61.73 14.79 -39.05
CA LEU C 898 -63.00 15.51 -39.07
C LEU C 898 -63.10 16.40 -40.29
N ILE C 899 -62.04 17.13 -40.63
CA ILE C 899 -62.09 18.02 -41.79
C ILE C 899 -62.02 17.23 -43.09
N CYS C 900 -61.53 15.99 -43.06
CA CYS C 900 -61.68 15.12 -44.21
C CYS C 900 -63.10 14.54 -44.29
N ARG C 901 -63.72 14.30 -43.15
CA ARG C 901 -64.96 13.53 -43.08
C ARG C 901 -66.18 14.36 -43.47
N LEU C 902 -66.22 15.62 -43.07
CA LEU C 902 -67.45 16.40 -43.06
C LEU C 902 -67.92 16.79 -44.47
N GLN C 903 -67.07 16.69 -45.48
CA GLN C 903 -67.52 16.96 -46.83
C GLN C 903 -68.30 15.76 -47.38
N ALA C 904 -69.04 16.00 -48.46
CA ALA C 904 -70.09 15.09 -48.90
C ALA C 904 -69.70 14.18 -50.06
N SER C 905 -68.47 14.26 -50.56
CA SER C 905 -68.03 13.31 -51.57
C SER C 905 -67.76 11.95 -50.94
N ASP C 906 -68.14 10.89 -51.66
CA ASP C 906 -68.06 9.54 -51.10
C ASP C 906 -66.61 9.06 -51.00
N THR C 907 -65.75 9.54 -51.91
CA THR C 907 -64.35 9.15 -51.89
C THR C 907 -63.65 9.71 -50.65
N VAL C 908 -63.78 11.02 -50.42
CA VAL C 908 -63.19 11.60 -49.23
C VAL C 908 -63.91 11.13 -47.96
N PHE C 909 -65.16 10.67 -48.08
CA PHE C 909 -65.81 10.00 -46.95
C PHE C 909 -65.08 8.72 -46.58
N TYR C 910 -64.71 7.92 -47.57
CA TYR C 910 -64.01 6.68 -47.24
C TYR C 910 -62.58 6.94 -46.78
N ILE C 911 -61.91 7.95 -47.35
CA ILE C 911 -60.58 8.32 -46.87
C ILE C 911 -60.66 8.80 -45.42
N GLY C 912 -61.73 9.54 -45.06
CA GLY C 912 -61.90 9.97 -43.68
C GLY C 912 -62.14 8.80 -42.73
N LYS C 913 -62.89 7.80 -43.19
CA LYS C 913 -63.07 6.59 -42.37
C LYS C 913 -61.75 5.85 -42.14
N VAL C 914 -60.91 5.77 -43.19
CA VAL C 914 -59.60 5.13 -43.05
C VAL C 914 -58.71 5.91 -42.07
N ILE C 915 -58.79 7.24 -42.14
CA ILE C 915 -58.01 8.10 -41.25
C ILE C 915 -58.43 7.92 -39.80
N LEU C 916 -59.73 7.78 -39.55
CA LEU C 916 -60.15 7.52 -38.17
C LEU C 916 -59.82 6.11 -37.71
N CYS C 917 -59.75 5.14 -38.63
CA CYS C 917 -59.28 3.80 -38.25
C CYS C 917 -57.84 3.84 -37.77
N ILE C 918 -56.95 4.46 -38.55
CA ILE C 918 -55.55 4.50 -38.13
C ILE C 918 -55.35 5.49 -36.96
N ASP C 919 -56.25 6.46 -36.79
CA ASP C 919 -56.19 7.30 -35.61
C ASP C 919 -56.55 6.51 -34.37
N PHE C 920 -57.49 5.58 -34.47
CA PHE C 920 -57.73 4.71 -33.33
C PHE C 920 -56.54 3.79 -33.08
N ILE C 921 -55.84 3.38 -34.13
CA ILE C 921 -54.74 2.47 -33.87
C ILE C 921 -53.53 3.21 -33.30
N ILE C 922 -53.45 4.53 -33.45
CA ILE C 922 -52.44 5.30 -32.71
C ILE C 922 -52.92 5.64 -31.30
N PHE C 923 -54.18 6.04 -31.19
CA PHE C 923 -54.75 6.58 -29.95
C PHE C 923 -54.84 5.57 -28.83
N CYS C 924 -54.81 4.28 -29.15
CA CYS C 924 -54.87 3.26 -28.11
C CYS C 924 -53.51 3.06 -27.44
N LEU C 925 -52.42 3.40 -28.14
CA LEU C 925 -51.08 3.22 -27.56
C LEU C 925 -50.83 4.17 -26.40
N ARG C 926 -51.60 5.27 -26.30
CA ARG C 926 -51.56 6.21 -25.18
C ARG C 926 -52.15 5.64 -23.92
N LEU C 927 -52.50 4.37 -23.83
CA LEU C 927 -52.71 3.75 -22.53
C LEU C 927 -51.44 3.06 -22.02
N MET C 928 -50.46 2.86 -22.89
CA MET C 928 -49.21 2.23 -22.46
C MET C 928 -48.44 3.12 -21.51
N ALA C 929 -48.47 4.43 -21.73
CA ALA C 929 -47.91 5.39 -20.80
C ALA C 929 -48.91 5.81 -19.73
N ILE C 930 -50.05 5.13 -19.64
CA ILE C 930 -51.00 5.35 -18.55
C ILE C 930 -50.71 4.38 -17.42
N PHE C 931 -49.54 3.74 -17.46
CA PHE C 931 -49.25 2.64 -16.55
C PHE C 931 -47.97 2.88 -15.77
N SER C 932 -47.39 4.07 -15.84
CA SER C 932 -46.07 4.32 -15.27
C SER C 932 -46.10 4.69 -13.78
N ILE C 933 -47.22 4.53 -13.10
CA ILE C 933 -47.28 4.82 -11.67
C ILE C 933 -47.02 3.55 -10.87
N SER C 934 -46.65 2.48 -11.55
CA SER C 934 -46.52 1.19 -10.90
C SER C 934 -45.24 1.11 -10.09
N ARG C 935 -45.25 0.23 -9.10
CA ARG C 935 -44.10 0.09 -8.21
C ARG C 935 -42.95 -0.62 -8.90
N THR C 936 -43.25 -1.65 -9.69
CA THR C 936 -42.21 -2.49 -10.29
C THR C 936 -42.38 -2.68 -11.79
N LEU C 937 -43.23 -1.88 -12.44
CA LEU C 937 -43.52 -2.10 -13.85
C LEU C 937 -43.22 -0.90 -14.73
N GLY C 938 -43.01 0.28 -14.14
CA GLY C 938 -42.48 1.43 -14.84
C GLY C 938 -41.19 1.22 -15.62
N PRO C 939 -40.17 0.60 -15.02
CA PRO C 939 -38.95 0.31 -15.79
C PRO C 939 -39.14 -0.62 -16.99
N LYS C 940 -40.14 -1.51 -16.94
CA LYS C 940 -40.45 -2.29 -18.13
C LYS C 940 -40.96 -1.40 -19.26
N ILE C 941 -41.78 -0.40 -18.92
CA ILE C 941 -42.24 0.58 -19.90
C ILE C 941 -41.06 1.36 -20.47
N ILE C 942 -40.14 1.77 -19.60
CA ILE C 942 -39.01 2.58 -20.06
C ILE C 942 -38.07 1.76 -20.95
N ILE C 943 -37.89 0.48 -20.63
CA ILE C 943 -37.02 -0.37 -21.43
C ILE C 943 -37.66 -0.69 -22.78
N VAL C 944 -38.97 -0.90 -22.82
CA VAL C 944 -39.69 -1.10 -24.09
C VAL C 944 -39.57 0.14 -24.96
N ARG C 945 -39.79 1.32 -24.37
CA ARG C 945 -39.69 2.56 -25.12
C ARG C 945 -38.26 2.88 -25.54
N ARG C 946 -37.26 2.37 -24.82
CA ARG C 946 -35.89 2.57 -25.24
C ARG C 946 -35.47 1.60 -26.34
N MET C 947 -36.04 0.39 -26.35
CA MET C 947 -35.56 -0.64 -27.27
C MET C 947 -36.32 -0.69 -28.58
N MET C 948 -37.53 -0.12 -28.65
CA MET C 948 -38.34 -0.24 -29.86
C MET C 948 -37.69 0.49 -31.05
N LEU C 949 -37.15 1.67 -30.80
CA LEU C 949 -36.50 2.44 -31.86
C LEU C 949 -35.21 1.80 -32.35
N ASP C 950 -34.59 0.95 -31.53
CA ASP C 950 -33.46 0.17 -32.00
C ASP C 950 -33.91 -1.08 -32.73
N LEU C 951 -35.04 -1.67 -32.34
CA LEU C 951 -35.49 -2.92 -32.92
C LEU C 951 -36.11 -2.72 -34.31
N PHE C 952 -36.58 -1.51 -34.59
CA PHE C 952 -37.12 -1.18 -35.92
C PHE C 952 -36.11 -1.43 -37.05
N PHE C 953 -34.81 -1.26 -36.76
CA PHE C 953 -33.77 -1.49 -37.75
C PHE C 953 -33.67 -2.95 -38.15
N PHE C 954 -33.70 -3.86 -37.16
CA PHE C 954 -33.72 -5.29 -37.45
C PHE C 954 -34.98 -5.69 -38.18
N MET C 955 -36.11 -5.05 -37.84
CA MET C 955 -37.35 -5.28 -38.57
C MET C 955 -37.20 -4.93 -40.05
N PHE C 956 -36.51 -3.82 -40.34
CA PHE C 956 -36.31 -3.41 -41.73
C PHE C 956 -35.40 -4.38 -42.50
N LEU C 957 -34.29 -4.80 -41.88
CA LEU C 957 -33.38 -5.72 -42.57
C LEU C 957 -34.04 -7.07 -42.82
N LEU C 958 -34.85 -7.53 -41.87
CA LEU C 958 -35.66 -8.73 -42.08
C LEU C 958 -36.63 -8.56 -43.24
N SER C 959 -37.23 -7.37 -43.34
CA SER C 959 -38.17 -7.08 -44.43
C SER C 959 -37.52 -7.22 -45.80
N ILE C 960 -36.33 -6.63 -45.97
CA ILE C 960 -35.74 -6.68 -47.31
C ILE C 960 -35.23 -8.07 -47.65
N TRP C 961 -34.72 -8.82 -46.65
CA TRP C 961 -34.30 -10.20 -46.94
C TRP C 961 -35.49 -11.08 -47.34
N VAL C 962 -36.61 -10.94 -46.62
CA VAL C 962 -37.72 -11.83 -46.90
C VAL C 962 -38.40 -11.46 -48.20
N VAL C 963 -38.41 -10.18 -48.59
CA VAL C 963 -39.05 -9.85 -49.85
C VAL C 963 -38.15 -10.26 -51.01
N ALA C 964 -36.84 -10.29 -50.78
CA ALA C 964 -35.91 -10.81 -51.78
C ALA C 964 -36.19 -12.27 -52.09
N TYR C 965 -36.20 -13.13 -51.05
CA TYR C 965 -36.43 -14.55 -51.30
C TYR C 965 -37.83 -14.82 -51.81
N GLY C 966 -38.81 -14.02 -51.39
CA GLY C 966 -40.18 -14.24 -51.82
C GLY C 966 -40.39 -13.99 -53.31
N VAL C 967 -39.93 -12.83 -53.80
CA VAL C 967 -40.13 -12.60 -55.23
C VAL C 967 -39.16 -13.44 -56.06
N ALA C 968 -38.04 -13.90 -55.49
CA ALA C 968 -37.21 -14.87 -56.20
C ALA C 968 -37.95 -16.18 -56.43
N LYS C 969 -38.55 -16.74 -55.37
CA LYS C 969 -39.23 -18.02 -55.51
C LYS C 969 -40.53 -17.89 -56.31
N GLN C 970 -41.21 -16.74 -56.26
CA GLN C 970 -42.40 -16.59 -57.08
C GLN C 970 -42.09 -16.18 -58.51
N GLY C 971 -40.86 -15.78 -58.82
CA GLY C 971 -40.50 -15.51 -60.19
C GLY C 971 -39.85 -16.70 -60.88
N ILE C 972 -39.28 -17.61 -60.09
CA ILE C 972 -38.72 -18.83 -60.68
C ILE C 972 -39.83 -19.78 -61.09
N LEU C 973 -40.79 -20.02 -60.19
CA LEU C 973 -41.74 -21.11 -60.37
C LEU C 973 -42.72 -20.82 -61.50
N ILE C 974 -43.44 -19.71 -61.43
CA ILE C 974 -44.37 -19.36 -62.48
C ILE C 974 -43.60 -18.78 -63.66
N GLU C 975 -44.02 -19.15 -64.88
CA GLU C 975 -43.38 -18.61 -66.07
C GLU C 975 -43.78 -17.16 -66.31
N ASN C 976 -45.03 -16.83 -65.99
CA ASN C 976 -45.54 -15.47 -66.03
C ASN C 976 -46.67 -15.43 -65.02
N GLU C 977 -47.09 -14.21 -64.67
CA GLU C 977 -48.18 -14.04 -63.72
C GLU C 977 -49.13 -12.95 -64.19
N GLU C 978 -50.32 -12.97 -63.60
CA GLU C 978 -51.40 -12.04 -63.87
C GLU C 978 -51.20 -10.73 -63.11
N ARG C 979 -52.27 -9.97 -62.96
CA ARG C 979 -52.34 -8.92 -61.95
C ARG C 979 -51.92 -9.47 -60.59
N LEU C 980 -51.16 -8.67 -59.84
CA LEU C 980 -50.30 -9.17 -58.79
C LEU C 980 -51.01 -9.35 -57.46
N ASN C 981 -52.34 -9.44 -57.45
CA ASN C 981 -53.07 -9.63 -56.21
C ASN C 981 -52.81 -10.99 -55.59
N TRP C 982 -52.48 -12.00 -56.40
CA TRP C 982 -52.02 -13.28 -55.88
C TRP C 982 -50.51 -13.39 -55.84
N ILE C 983 -49.80 -12.53 -56.57
CA ILE C 983 -48.34 -12.53 -56.52
C ILE C 983 -47.87 -11.98 -55.19
N ILE C 984 -48.54 -10.94 -54.69
CA ILE C 984 -48.11 -10.27 -53.47
C ILE C 984 -48.30 -11.19 -52.26
N ARG C 985 -49.32 -12.04 -52.28
CA ARG C 985 -49.55 -12.96 -51.16
C ARG C 985 -48.48 -14.02 -51.09
N GLY C 986 -48.25 -14.74 -52.20
CA GLY C 986 -47.23 -15.76 -52.25
C GLY C 986 -45.81 -15.22 -52.22
N ALA C 987 -45.63 -13.91 -52.44
CA ALA C 987 -44.32 -13.29 -52.39
C ALA C 987 -44.01 -12.64 -51.06
N VAL C 988 -45.01 -12.28 -50.26
CA VAL C 988 -44.75 -11.62 -48.99
C VAL C 988 -45.25 -12.48 -47.84
N TYR C 989 -46.55 -12.77 -47.82
CA TYR C 989 -47.14 -13.38 -46.64
C TYR C 989 -46.82 -14.86 -46.56
N GLU C 990 -46.72 -15.54 -47.69
CA GLU C 990 -46.32 -16.93 -47.69
C GLU C 990 -44.86 -17.11 -47.25
N PRO C 991 -43.89 -16.24 -47.62
CA PRO C 991 -42.62 -16.30 -46.90
C PRO C 991 -42.72 -15.89 -45.45
N TYR C 992 -43.59 -14.92 -45.13
CA TYR C 992 -43.68 -14.43 -43.76
C TYR C 992 -44.29 -15.46 -42.83
N ILE C 993 -45.38 -16.10 -43.26
CA ILE C 993 -45.91 -17.24 -42.53
C ILE C 993 -45.09 -18.50 -42.74
N THR C 994 -44.11 -18.47 -43.66
CA THR C 994 -43.21 -19.60 -43.88
C THR C 994 -41.96 -19.53 -43.00
N ILE C 995 -42.03 -18.84 -41.86
CA ILE C 995 -41.01 -19.00 -40.83
C ILE C 995 -41.03 -20.44 -40.31
N PHE C 996 -42.21 -21.05 -40.25
CA PHE C 996 -42.36 -22.49 -40.12
C PHE C 996 -42.78 -23.02 -41.49
N GLY C 997 -41.91 -23.82 -42.10
CA GLY C 997 -42.09 -24.17 -43.50
C GLY C 997 -42.15 -25.65 -43.81
N ASN C 998 -42.76 -26.44 -42.92
CA ASN C 998 -42.95 -27.85 -43.23
C ASN C 998 -44.02 -28.06 -44.28
N PHE C 999 -45.01 -27.16 -44.35
CA PHE C 999 -46.12 -27.25 -45.30
C PHE C 999 -45.81 -26.81 -46.74
N PRO C 1000 -45.14 -25.67 -47.03
CA PRO C 1000 -44.96 -25.30 -48.45
C PRO C 1000 -43.95 -26.16 -49.19
N THR C 1001 -43.14 -26.97 -48.49
CA THR C 1001 -42.26 -27.90 -49.20
C THR C 1001 -43.05 -29.02 -49.85
N ASN C 1002 -44.19 -29.39 -49.26
CA ASN C 1002 -45.11 -30.32 -49.90
C ASN C 1002 -45.94 -29.66 -50.99
N ILE C 1003 -45.97 -28.33 -51.04
CA ILE C 1003 -46.74 -27.63 -52.06
C ILE C 1003 -46.06 -27.71 -53.42
N ASP C 1004 -44.77 -28.04 -53.45
CA ASP C 1004 -44.02 -28.14 -54.70
C ASP C 1004 -43.56 -29.56 -54.99
N ASN C 1005 -43.96 -30.55 -54.18
CA ASN C 1005 -43.59 -31.94 -54.43
C ASN C 1005 -44.77 -32.84 -54.75
N THR C 1006 -46.00 -32.41 -54.45
CA THR C 1006 -47.16 -33.24 -54.74
C THR C 1006 -47.58 -33.13 -56.20
N LEU C 1007 -47.80 -31.89 -56.66
CA LEU C 1007 -48.10 -31.52 -58.06
C LEU C 1007 -49.34 -32.25 -58.58
N PHE C 1008 -50.46 -31.94 -57.93
CA PHE C 1008 -51.76 -32.44 -58.34
C PHE C 1008 -52.32 -31.54 -59.44
N ASP C 1009 -53.61 -31.70 -59.75
CA ASP C 1009 -54.26 -30.89 -60.77
C ASP C 1009 -54.85 -29.60 -60.21
N ILE C 1010 -54.35 -29.13 -59.06
CA ILE C 1010 -54.85 -27.89 -58.47
C ILE C 1010 -54.32 -26.65 -59.19
N SER C 1011 -53.30 -26.81 -60.03
CA SER C 1011 -52.67 -25.68 -60.72
C SER C 1011 -53.61 -25.14 -61.78
N SER C 1012 -54.32 -24.06 -61.45
CA SER C 1012 -55.34 -23.49 -62.33
C SER C 1012 -54.65 -22.64 -63.39
N CYS C 1013 -54.16 -23.30 -64.44
CA CYS C 1013 -53.65 -22.61 -65.60
C CYS C 1013 -54.82 -22.10 -66.44
N SER C 1014 -54.50 -21.41 -67.53
CA SER C 1014 -55.52 -20.86 -68.42
C SER C 1014 -56.13 -19.60 -67.83
N VAL C 1015 -55.50 -19.09 -66.78
CA VAL C 1015 -55.94 -17.86 -66.10
C VAL C 1015 -57.39 -17.95 -65.64
N ASN C 1016 -57.77 -19.10 -65.08
CA ASN C 1016 -59.13 -19.31 -64.60
C ASN C 1016 -59.19 -19.43 -63.09
N ALA C 1017 -60.11 -18.68 -62.49
CA ALA C 1017 -60.32 -18.66 -61.04
C ALA C 1017 -59.03 -18.34 -60.30
N SER C 1018 -58.26 -17.41 -60.86
CA SER C 1018 -57.00 -16.99 -60.25
C SER C 1018 -57.05 -16.68 -58.76
N ASP C 1019 -58.15 -16.09 -58.30
CA ASP C 1019 -58.25 -15.70 -56.90
C ASP C 1019 -58.14 -16.85 -55.88
N PRO C 1020 -58.83 -17.97 -56.13
CA PRO C 1020 -58.68 -19.03 -55.13
C PRO C 1020 -57.23 -19.54 -55.09
N LEU C 1021 -56.66 -19.77 -56.27
CA LEU C 1021 -55.28 -20.22 -56.41
C LEU C 1021 -54.85 -19.90 -57.83
N LYS C 1022 -53.57 -19.72 -58.09
CA LYS C 1022 -53.19 -19.39 -59.46
C LYS C 1022 -51.70 -19.67 -59.69
N PRO C 1023 -51.33 -20.95 -59.88
CA PRO C 1023 -49.97 -21.19 -60.40
C PRO C 1023 -49.84 -20.80 -61.86
N LYS C 1024 -50.88 -21.03 -62.66
CA LYS C 1024 -51.00 -20.57 -64.05
C LYS C 1024 -49.87 -21.10 -64.93
N CYS C 1025 -49.82 -22.45 -65.05
CA CYS C 1025 -48.81 -23.21 -65.80
C CYS C 1025 -47.40 -22.86 -65.35
N PRO C 1026 -46.93 -23.37 -64.18
CA PRO C 1026 -45.60 -22.99 -63.68
C PRO C 1026 -44.47 -23.27 -64.66
N MET C 1027 -44.26 -24.53 -65.03
CA MET C 1027 -43.49 -24.88 -66.23
C MET C 1027 -44.15 -26.08 -66.87
N LEU C 1028 -43.92 -26.23 -68.17
CA LEU C 1028 -44.50 -27.32 -68.94
C LEU C 1028 -43.38 -27.97 -69.75
N ASN C 1029 -42.90 -29.12 -69.29
CA ASN C 1029 -41.97 -29.94 -70.05
C ASN C 1029 -42.68 -30.97 -70.91
N ALA C 1030 -43.99 -30.77 -71.15
CA ALA C 1030 -44.87 -31.65 -71.92
C ALA C 1030 -44.89 -33.08 -71.36
N ASP C 1031 -44.77 -33.22 -70.04
CA ASP C 1031 -44.83 -34.52 -69.41
C ASP C 1031 -45.62 -34.47 -68.10
N ASN C 1032 -46.57 -33.53 -68.00
CA ASN C 1032 -47.34 -33.22 -66.79
C ASN C 1032 -46.41 -32.92 -65.60
N THR C 1033 -45.28 -32.29 -65.88
CA THR C 1033 -44.27 -31.96 -64.90
C THR C 1033 -43.58 -30.67 -65.28
N PRO C 1034 -43.34 -29.78 -64.32
CA PRO C 1034 -42.56 -28.58 -64.60
C PRO C 1034 -41.07 -28.89 -64.70
N VAL C 1035 -40.39 -28.11 -65.55
CA VAL C 1035 -38.98 -28.37 -65.85
C VAL C 1035 -38.03 -27.99 -64.74
N PHE C 1036 -38.53 -27.36 -63.68
CA PHE C 1036 -37.67 -27.07 -62.54
C PHE C 1036 -37.40 -28.36 -61.76
N PRO C 1037 -36.15 -28.59 -61.33
CA PRO C 1037 -35.87 -29.73 -60.47
C PRO C 1037 -36.54 -29.56 -59.11
N GLU C 1038 -36.91 -30.70 -58.51
CA GLU C 1038 -37.62 -30.66 -57.24
C GLU C 1038 -36.73 -30.27 -56.07
N TRP C 1039 -35.41 -30.38 -56.23
CA TRP C 1039 -34.47 -29.99 -55.19
C TRP C 1039 -34.02 -28.54 -55.29
N LEU C 1040 -34.42 -27.84 -56.37
CA LEU C 1040 -33.92 -26.49 -56.62
C LEU C 1040 -34.39 -25.49 -55.58
N THR C 1041 -35.60 -25.67 -55.05
CA THR C 1041 -36.05 -24.89 -53.92
C THR C 1041 -35.75 -25.57 -52.59
N ILE C 1042 -35.60 -26.90 -52.61
CA ILE C 1042 -35.33 -27.66 -51.41
C ILE C 1042 -33.93 -27.39 -50.86
N MET C 1043 -33.02 -26.91 -51.71
CA MET C 1043 -31.75 -26.40 -51.19
C MET C 1043 -31.83 -24.94 -50.78
N MET C 1044 -32.58 -24.11 -51.51
CA MET C 1044 -32.59 -22.68 -51.24
C MET C 1044 -33.35 -22.33 -49.96
N LEU C 1045 -34.34 -23.14 -49.59
CA LEU C 1045 -35.09 -22.92 -48.36
C LEU C 1045 -34.19 -23.07 -47.15
N CYS C 1046 -33.42 -24.16 -47.08
CA CYS C 1046 -32.44 -24.31 -46.01
C CYS C 1046 -31.27 -23.34 -46.20
N VAL C 1047 -31.03 -22.86 -47.42
CA VAL C 1047 -29.94 -21.92 -47.64
C VAL C 1047 -30.26 -20.55 -47.05
N TYR C 1048 -31.53 -20.13 -47.09
CA TYR C 1048 -31.87 -18.78 -46.66
C TYR C 1048 -32.47 -18.73 -45.26
N LEU C 1049 -33.06 -19.83 -44.77
CA LEU C 1049 -33.53 -19.82 -43.40
C LEU C 1049 -32.39 -19.80 -42.40
N LEU C 1050 -31.17 -20.14 -42.82
CA LEU C 1050 -30.01 -19.94 -41.96
C LEU C 1050 -29.73 -18.45 -41.75
N PHE C 1051 -29.85 -17.63 -42.80
CA PHE C 1051 -29.68 -16.19 -42.63
C PHE C 1051 -30.83 -15.60 -41.83
N ALA C 1052 -32.04 -16.12 -42.01
CA ALA C 1052 -33.16 -15.67 -41.17
C ALA C 1052 -32.94 -16.05 -39.71
N ASN C 1053 -32.34 -17.21 -39.45
CA ASN C 1053 -32.00 -17.60 -38.09
C ASN C 1053 -30.90 -16.70 -37.52
N ILE C 1054 -29.96 -16.29 -38.37
CA ILE C 1054 -28.94 -15.31 -37.99
C ILE C 1054 -29.58 -14.01 -37.55
N LEU C 1055 -30.57 -13.52 -38.30
CA LEU C 1055 -31.22 -12.27 -37.93
C LEU C 1055 -32.10 -12.42 -36.69
N LEU C 1056 -32.75 -13.57 -36.50
CA LEU C 1056 -33.50 -13.81 -35.27
C LEU C 1056 -32.57 -13.84 -34.06
N LEU C 1057 -31.39 -14.44 -34.22
CA LEU C 1057 -30.44 -14.50 -33.12
C LEU C 1057 -29.84 -13.12 -32.83
N ASN C 1058 -29.62 -12.32 -33.88
CA ASN C 1058 -29.16 -10.95 -33.68
C ASN C 1058 -30.20 -10.12 -32.95
N LEU C 1059 -31.48 -10.30 -33.31
CA LEU C 1059 -32.55 -9.59 -32.62
C LEU C 1059 -32.66 -10.04 -31.16
N LEU C 1060 -32.44 -11.32 -30.90
CA LEU C 1060 -32.49 -11.82 -29.53
C LEU C 1060 -31.32 -11.28 -28.70
N ILE C 1061 -30.14 -11.16 -29.31
CA ILE C 1061 -28.99 -10.62 -28.61
C ILE C 1061 -29.17 -9.14 -28.32
N ALA C 1062 -29.67 -8.39 -29.31
CA ALA C 1062 -29.93 -6.97 -29.09
C ALA C 1062 -31.08 -6.75 -28.11
N ILE C 1063 -32.00 -7.70 -28.00
CA ILE C 1063 -33.06 -7.60 -27.01
C ILE C 1063 -32.52 -7.89 -25.62
N PHE C 1064 -31.63 -8.88 -25.50
CA PHE C 1064 -31.09 -9.24 -24.20
C PHE C 1064 -30.08 -8.22 -23.69
N ASN C 1065 -29.50 -7.41 -24.58
CA ASN C 1065 -28.61 -6.35 -24.13
C ASN C 1065 -29.32 -5.26 -23.31
N TYR C 1066 -30.64 -5.12 -23.47
CA TYR C 1066 -31.39 -4.24 -22.59
C TYR C 1066 -31.77 -4.93 -21.28
N THR C 1067 -31.84 -6.27 -21.31
CA THR C 1067 -32.02 -7.05 -20.09
C THR C 1067 -30.73 -7.23 -19.31
N PHE C 1068 -29.60 -6.81 -19.89
CA PHE C 1068 -28.32 -6.78 -19.21
C PHE C 1068 -28.38 -5.85 -18.00
N GLN C 1069 -27.78 -6.28 -16.90
CA GLN C 1069 -28.12 -5.72 -15.59
C GLN C 1069 -27.53 -4.34 -15.35
N GLU C 1070 -26.35 -4.04 -15.92
CA GLU C 1070 -25.73 -2.74 -15.67
C GLU C 1070 -26.47 -1.62 -16.37
N VAL C 1071 -27.17 -1.92 -17.46
CA VAL C 1071 -27.99 -0.94 -18.15
C VAL C 1071 -29.44 -1.13 -17.73
N GLN C 1072 -29.65 -1.95 -16.71
CA GLN C 1072 -30.97 -2.15 -16.12
C GLN C 1072 -31.09 -1.58 -14.72
N ASP C 1073 -30.01 -1.57 -13.96
CA ASP C 1073 -30.03 -1.10 -12.58
C ASP C 1073 -29.98 0.42 -12.47
N ASN C 1074 -29.69 1.13 -13.55
CA ASN C 1074 -29.67 2.59 -13.51
C ASN C 1074 -31.00 3.21 -13.88
N THR C 1075 -31.93 2.45 -14.45
CA THR C 1075 -33.18 3.01 -14.94
C THR C 1075 -34.18 3.28 -13.83
N ASP C 1076 -34.00 2.65 -12.66
CA ASP C 1076 -34.94 2.83 -11.57
C ASP C 1076 -34.87 4.25 -11.00
N THR C 1077 -33.66 4.79 -10.92
CA THR C 1077 -33.48 6.18 -10.52
C THR C 1077 -34.11 7.13 -11.54
N ILE C 1078 -34.03 6.75 -12.82
CA ILE C 1078 -34.65 7.54 -13.89
C ILE C 1078 -36.17 7.54 -13.74
N TRP C 1079 -36.75 6.39 -13.38
CA TRP C 1079 -38.19 6.35 -13.09
C TRP C 1079 -38.54 7.20 -11.88
N LYS C 1080 -37.75 7.10 -10.80
CA LYS C 1080 -38.01 7.89 -9.62
C LYS C 1080 -37.89 9.38 -9.90
N PHE C 1081 -37.06 9.74 -10.88
CA PHE C 1081 -37.02 11.13 -11.29
C PHE C 1081 -38.19 11.52 -12.20
N GLN C 1082 -38.74 10.59 -12.99
CA GLN C 1082 -39.95 10.93 -13.76
C GLN C 1082 -41.20 11.00 -12.89
N ARG C 1083 -41.14 10.46 -11.68
CA ARG C 1083 -42.33 10.34 -10.84
C ARG C 1083 -42.94 11.69 -10.47
N TYR C 1084 -42.11 12.74 -10.39
CA TYR C 1084 -42.56 14.04 -9.90
C TYR C 1084 -43.59 14.67 -10.84
N GLU C 1085 -43.32 14.67 -12.14
CA GLU C 1085 -44.19 15.36 -13.09
C GLU C 1085 -45.55 14.69 -13.15
N LEU C 1086 -45.56 13.36 -13.03
CA LEU C 1086 -46.79 12.60 -12.86
C LEU C 1086 -47.57 13.05 -11.64
N ILE C 1087 -46.89 13.20 -10.51
CA ILE C 1087 -47.61 13.54 -9.28
C ILE C 1087 -48.09 14.99 -9.32
N LYS C 1088 -47.32 15.89 -9.91
CA LYS C 1088 -47.74 17.27 -10.05
C LYS C 1088 -48.94 17.41 -10.99
N GLU C 1089 -48.95 16.64 -12.08
CA GLU C 1089 -50.10 16.64 -12.97
C GLU C 1089 -51.32 16.04 -12.30
N TYR C 1090 -51.14 15.00 -11.49
CA TYR C 1090 -52.24 14.41 -10.73
C TYR C 1090 -52.75 15.33 -9.64
N HIS C 1091 -51.94 16.29 -9.21
CA HIS C 1091 -52.37 17.27 -8.22
C HIS C 1091 -53.04 18.49 -8.84
N SER C 1092 -52.59 18.93 -10.01
CA SER C 1092 -53.08 20.18 -10.58
C SER C 1092 -54.31 20.01 -11.48
N ARG C 1093 -54.61 18.79 -11.89
CA ARG C 1093 -55.82 18.56 -12.67
C ARG C 1093 -57.03 18.73 -11.77
N PRO C 1094 -58.11 19.36 -12.25
CA PRO C 1094 -59.30 19.56 -11.41
C PRO C 1094 -60.01 18.25 -11.10
N ALA C 1095 -60.86 18.31 -10.08
CA ALA C 1095 -61.66 17.15 -9.68
C ALA C 1095 -62.95 17.12 -10.52
N LEU C 1096 -62.78 16.73 -11.77
CA LEU C 1096 -63.91 16.71 -12.66
C LEU C 1096 -63.80 15.55 -13.65
N PRO C 1097 -64.89 14.80 -13.85
CA PRO C 1097 -64.90 13.78 -14.89
C PRO C 1097 -64.79 14.43 -16.26
N PRO C 1098 -64.24 13.74 -17.26
CA PRO C 1098 -64.04 14.34 -18.58
C PRO C 1098 -65.32 14.68 -19.35
N PRO C 1099 -66.52 14.14 -19.00
CA PRO C 1099 -67.73 14.88 -19.40
C PRO C 1099 -67.87 16.21 -18.68
N PHE C 1100 -67.73 16.18 -17.35
CA PHE C 1100 -68.00 17.34 -16.54
C PHE C 1100 -66.86 18.37 -16.54
N ILE C 1101 -65.72 18.04 -17.14
CA ILE C 1101 -64.54 18.89 -16.98
C ILE C 1101 -64.64 20.16 -17.82
N LEU C 1102 -65.51 20.19 -18.83
CA LEU C 1102 -65.68 21.42 -19.60
C LEU C 1102 -66.45 22.44 -18.79
N LEU C 1103 -67.46 21.99 -18.03
CA LEU C 1103 -68.21 22.88 -17.17
C LEU C 1103 -67.37 23.35 -15.98
N SER C 1104 -66.54 22.46 -15.43
CA SER C 1104 -65.64 22.87 -14.35
C SER C 1104 -64.56 23.81 -14.87
N HIS C 1105 -64.14 23.64 -16.12
CA HIS C 1105 -63.21 24.57 -16.76
C HIS C 1105 -63.87 25.94 -16.95
N LEU C 1106 -65.15 25.95 -17.30
CA LEU C 1106 -65.87 27.22 -17.43
C LEU C 1106 -66.04 27.92 -16.09
N ILE C 1107 -66.32 27.16 -15.02
CA ILE C 1107 -66.44 27.74 -13.68
C ILE C 1107 -65.07 28.25 -13.19
N LEU C 1108 -63.99 27.52 -13.49
CA LEU C 1108 -62.66 27.98 -13.11
C LEU C 1108 -62.21 29.18 -13.94
N PHE C 1109 -62.74 29.33 -15.15
CA PHE C 1109 -62.45 30.51 -15.96
C PHE C 1109 -63.25 31.72 -15.48
N ILE C 1110 -64.48 31.51 -15.03
CA ILE C 1110 -65.27 32.60 -14.44
C ILE C 1110 -64.66 33.03 -13.10
N ARG C 1111 -64.18 32.07 -12.31
CA ARG C 1111 -63.45 32.40 -11.09
C ARG C 1111 -62.11 33.04 -11.40
N GLY C 1112 -61.53 32.74 -12.58
CA GLY C 1112 -60.40 33.49 -13.08
C GLY C 1112 -60.78 34.83 -13.70
N VAL C 1113 -62.04 35.01 -14.06
CA VAL C 1113 -62.51 36.28 -14.61
C VAL C 1113 -63.01 37.17 -13.48
N ARG C 1121 -54.48 27.82 -4.69
CA ARG C 1121 -53.40 27.79 -3.70
C ARG C 1121 -53.01 26.36 -3.36
N HIS C 1122 -51.71 26.09 -3.39
CA HIS C 1122 -51.14 24.80 -3.06
C HIS C 1122 -50.42 24.90 -1.73
N LYS C 1123 -50.57 23.89 -0.90
CA LYS C 1123 -50.11 23.94 0.48
C LYS C 1123 -48.95 22.99 0.77
N ASN C 1124 -49.03 21.75 0.31
CA ASN C 1124 -48.05 20.75 0.72
C ASN C 1124 -46.75 20.82 -0.06
N PHE C 1125 -46.61 21.73 -1.02
CA PHE C 1125 -45.37 21.85 -1.77
C PHE C 1125 -44.57 23.08 -1.40
N ARG C 1126 -45.22 24.23 -1.26
CA ARG C 1126 -44.53 25.48 -0.99
C ARG C 1126 -45.15 26.11 0.26
N GLN C 1127 -44.31 26.49 1.20
CA GLN C 1127 -44.76 27.10 2.45
C GLN C 1127 -43.79 28.19 2.87
N GLU C 1128 -44.32 29.19 3.56
CA GLU C 1128 -43.54 30.27 4.16
C GLU C 1128 -43.72 30.20 5.67
N LEU C 1129 -42.64 29.97 6.39
CA LEU C 1129 -42.70 29.67 7.81
C LEU C 1129 -42.57 30.93 8.67
N GLU C 1130 -42.70 30.72 9.98
CA GLU C 1130 -42.56 31.77 10.97
C GLU C 1130 -41.08 32.06 11.24
N GLN C 1131 -40.81 33.24 11.80
CA GLN C 1131 -39.43 33.64 12.04
C GLN C 1131 -38.78 32.81 13.14
N THR C 1132 -39.53 32.52 14.20
CA THR C 1132 -39.00 31.73 15.31
C THR C 1132 -38.65 30.32 14.87
N GLU C 1133 -39.58 29.68 14.15
CA GLU C 1133 -39.36 28.33 13.65
C GLU C 1133 -38.22 28.31 12.63
N GLU C 1134 -38.04 29.38 11.87
CA GLU C 1134 -36.98 29.37 10.88
C GLU C 1134 -35.63 29.58 11.52
N GLU C 1135 -35.56 30.40 12.57
CA GLU C 1135 -34.30 30.57 13.30
C GLU C 1135 -33.91 29.27 13.99
N GLU C 1136 -34.88 28.60 14.62
CA GLU C 1136 -34.63 27.30 15.22
C GLU C 1136 -34.18 26.27 14.19
N LEU C 1137 -34.81 26.27 13.03
CA LEU C 1137 -34.47 25.25 12.05
C LEU C 1137 -33.13 25.52 11.39
N LEU C 1138 -32.75 26.78 11.21
CA LEU C 1138 -31.43 27.03 10.64
C LEU C 1138 -30.33 26.78 11.66
N SER C 1139 -30.61 26.93 12.96
CA SER C 1139 -29.60 26.51 13.92
C SER C 1139 -29.46 24.99 13.96
N TRP C 1140 -30.58 24.27 13.79
CA TRP C 1140 -30.53 22.82 13.59
C TRP C 1140 -29.65 22.47 12.40
N GLU C 1141 -29.87 23.14 11.28
CA GLU C 1141 -29.17 22.80 10.05
C GLU C 1141 -27.69 23.11 10.14
N ALA C 1142 -27.33 24.23 10.78
CA ALA C 1142 -25.93 24.57 10.92
C ALA C 1142 -25.21 23.60 11.84
N TYR C 1143 -25.87 23.18 12.93
CA TYR C 1143 -25.28 22.19 13.81
C TYR C 1143 -25.07 20.86 13.12
N MET C 1144 -26.06 20.39 12.37
CA MET C 1144 -25.91 19.10 11.72
C MET C 1144 -24.89 19.18 10.59
N LYS C 1145 -24.80 20.31 9.90
CA LYS C 1145 -23.78 20.47 8.88
C LYS C 1145 -22.39 20.37 9.49
N ASP C 1146 -22.20 21.00 10.64
CA ASP C 1146 -20.88 21.00 11.26
C ASP C 1146 -20.50 19.60 11.74
N ASN C 1147 -21.49 18.86 12.26
CA ASN C 1147 -21.27 17.48 12.66
C ASN C 1147 -20.89 16.62 11.46
N TYR C 1148 -21.58 16.80 10.34
CA TYR C 1148 -21.27 16.05 9.13
C TYR C 1148 -19.87 16.34 8.62
N LEU C 1149 -19.50 17.61 8.59
CA LEU C 1149 -18.22 17.99 8.02
C LEU C 1149 -17.07 17.49 8.86
N ALA C 1150 -17.24 17.48 10.19
CA ALA C 1150 -16.24 16.87 11.05
C ALA C 1150 -16.15 15.37 10.82
N SER C 1151 -17.30 14.72 10.56
CA SER C 1151 -17.28 13.27 10.32
C SER C 1151 -16.54 12.92 9.04
N THR C 1152 -16.75 13.68 7.97
CA THR C 1152 -16.04 13.38 6.73
C THR C 1152 -14.57 13.73 6.81
N ARG C 1153 -14.22 14.80 7.54
CA ARG C 1153 -12.80 15.10 7.76
C ARG C 1153 -12.11 13.97 8.49
N GLN C 1154 -12.76 13.44 9.53
CA GLN C 1154 -12.16 12.35 10.30
C GLN C 1154 -12.07 11.07 9.49
N ASP C 1155 -13.10 10.73 8.73
CA ASP C 1155 -13.00 9.50 7.96
C ASP C 1155 -12.23 9.66 6.66
N GLU C 1156 -11.82 10.88 6.30
CA GLU C 1156 -10.78 11.00 5.30
C GLU C 1156 -9.41 10.79 5.91
N SER C 1157 -9.20 11.28 7.14
CA SER C 1157 -7.89 11.14 7.76
C SER C 1157 -7.55 9.69 8.11
N GLN C 1158 -8.53 8.81 8.21
CA GLN C 1158 -8.29 7.41 8.55
C GLN C 1158 -8.17 6.49 7.35
N SER C 1159 -8.04 7.03 6.13
CA SER C 1159 -7.88 6.19 4.96
C SER C 1159 -6.42 5.80 4.76
N VAL C 1160 -6.20 4.85 3.85
CA VAL C 1160 -4.84 4.35 3.65
C VAL C 1160 -4.01 5.31 2.81
N GLU C 1161 -4.64 6.11 1.95
CA GLU C 1161 -3.87 6.95 1.06
C GLU C 1161 -3.39 8.21 1.76
N HIS C 1162 -4.24 8.78 2.62
CA HIS C 1162 -3.77 9.86 3.48
C HIS C 1162 -2.71 9.38 4.45
N ARG C 1163 -2.82 8.13 4.92
CA ARG C 1163 -1.83 7.58 5.83
C ARG C 1163 -0.48 7.42 5.15
N ILE C 1164 -0.47 6.91 3.91
CA ILE C 1164 0.80 6.74 3.23
C ILE C 1164 1.40 8.08 2.82
N HIS C 1165 0.55 9.06 2.49
CA HIS C 1165 1.08 10.38 2.18
C HIS C 1165 1.65 11.07 3.41
N ASP C 1166 1.02 10.86 4.56
CA ASP C 1166 1.50 11.44 5.80
C ASP C 1166 2.83 10.83 6.21
N THR C 1167 2.96 9.51 6.08
CA THR C 1167 4.23 8.87 6.39
C THR C 1167 5.33 9.32 5.46
N ALA C 1168 5.00 9.54 4.18
CA ALA C 1168 6.00 10.04 3.24
C ALA C 1168 6.48 11.44 3.61
N GLU C 1169 5.55 12.32 3.98
CA GLU C 1169 5.93 13.67 4.36
C GLU C 1169 6.73 13.68 5.66
N LYS C 1170 6.33 12.86 6.63
CA LYS C 1170 7.03 12.84 7.91
C LYS C 1170 8.42 12.24 7.80
N VAL C 1171 8.60 11.23 6.95
CA VAL C 1171 9.94 10.68 6.75
C VAL C 1171 10.81 11.65 5.97
N GLY C 1172 10.24 12.40 5.01
CA GLY C 1172 11.00 13.43 4.34
C GLY C 1172 11.47 14.53 5.28
N ALA C 1173 10.59 14.97 6.19
CA ALA C 1173 10.97 15.99 7.17
C ALA C 1173 12.00 15.46 8.16
N MET C 1174 11.86 14.20 8.59
CA MET C 1174 12.82 13.65 9.52
C MET C 1174 14.19 13.46 8.89
N SER C 1175 14.23 13.08 7.62
CA SER C 1175 15.51 12.94 6.94
C SER C 1175 16.17 14.29 6.71
N GLU C 1176 15.38 15.33 6.42
CA GLU C 1176 15.93 16.66 6.27
C GLU C 1176 16.50 17.18 7.60
N LEU C 1177 15.78 16.95 8.70
CA LEU C 1177 16.29 17.34 10.01
C LEU C 1177 17.55 16.57 10.38
N LEU C 1178 17.62 15.29 10.01
CA LEU C 1178 18.81 14.51 10.31
C LEU C 1178 20.01 14.97 9.49
N GLU C 1179 19.78 15.32 8.22
CA GLU C 1179 20.86 15.85 7.39
C GLU C 1179 21.36 17.19 7.92
N ARG C 1180 20.43 18.05 8.39
CA ARG C 1180 20.84 19.34 8.93
C ARG C 1180 21.56 19.19 10.27
N GLU C 1181 21.12 18.26 11.11
CA GLU C 1181 21.77 18.06 12.40
C GLU C 1181 23.10 17.33 12.26
N GLN C 1182 23.27 16.56 11.19
CA GLN C 1182 24.57 15.96 10.93
C GLN C 1182 25.53 16.95 10.28
N GLU C 1183 25.01 17.88 9.47
CA GLU C 1183 25.87 18.90 8.87
C GLU C 1183 26.26 19.97 9.89
N MET C 1184 25.42 20.22 10.89
CA MET C 1184 25.78 21.18 11.93
C MET C 1184 26.75 20.56 12.94
N VAL C 1185 26.31 19.51 13.63
CA VAL C 1185 27.13 18.85 14.63
C VAL C 1185 27.34 17.38 14.24
N UNK C 1186 33.35 19.57 21.27
CA UNK C 1186 33.95 18.86 22.39
C UNK C 1186 35.48 18.96 22.35
N UNK C 1187 36.03 18.96 21.14
CA UNK C 1187 37.47 19.06 20.98
C UNK C 1187 38.00 20.37 21.55
N UNK C 1188 37.26 21.45 21.29
CA UNK C 1188 37.66 22.76 21.79
C UNK C 1188 37.66 22.76 23.31
N UNK C 1189 36.64 22.14 23.90
CA UNK C 1189 36.53 22.06 25.35
C UNK C 1189 37.71 21.28 25.92
N UNK C 1190 38.07 20.18 25.23
CA UNK C 1190 39.19 19.36 25.67
C UNK C 1190 40.48 20.16 25.62
N UNK C 1191 40.64 20.96 24.56
CA UNK C 1191 41.83 21.80 24.41
C UNK C 1191 41.89 22.82 25.55
N UNK C 1192 40.73 23.39 25.89
CA UNK C 1192 40.67 24.37 26.97
C UNK C 1192 41.06 23.72 28.29
N UNK C 1193 40.58 22.50 28.50
CA UNK C 1193 40.91 21.76 29.72
C UNK C 1193 42.41 21.50 29.78
N UNK C 1194 43.00 21.15 28.65
CA UNK C 1194 44.44 20.89 28.58
C UNK C 1194 45.21 22.15 28.92
N UNK C 1195 44.73 23.29 28.40
CA UNK C 1195 45.37 24.57 28.66
C UNK C 1195 45.31 24.89 30.15
N UNK C 1196 44.16 24.62 30.76
CA UNK C 1196 43.97 24.86 32.18
C UNK C 1196 44.93 24.00 33.00
N UNK C 1197 45.09 22.75 32.58
CA UNK C 1197 46.00 21.83 33.25
C UNK C 1197 47.43 22.33 33.15
N UNK C 1198 47.80 22.85 31.98
CA UNK C 1198 49.14 23.36 31.74
C UNK C 1198 49.50 24.47 32.73
N UNK C 1199 48.84 25.62 32.59
CA UNK C 1199 49.09 26.75 33.47
C UNK C 1199 49.10 26.31 34.92
N UNK C 1200 48.16 25.44 35.29
CA UNK C 1200 48.07 24.92 36.65
C UNK C 1200 49.34 24.15 37.00
N UNK C 1201 49.81 23.34 36.05
CA UNK C 1201 51.02 22.56 36.25
C UNK C 1201 52.22 23.48 36.45
N UNK C 1202 52.27 24.56 35.67
CA UNK C 1202 53.35 25.53 35.78
C UNK C 1202 53.32 26.18 37.15
N UNK C 1203 52.12 26.50 37.63
CA UNK C 1203 51.96 27.12 38.95
C UNK C 1203 52.45 26.16 40.02
N UNK C 1204 52.12 24.88 39.87
CA UNK C 1204 52.53 23.86 40.83
C UNK C 1204 54.05 23.77 40.86
N UNK C 1205 54.66 23.82 39.67
CA UNK C 1205 56.11 23.75 39.56
C UNK C 1205 56.75 24.95 40.26
N UNK C 1206 56.14 26.13 40.08
CA UNK C 1206 56.63 27.34 40.70
C UNK C 1206 56.55 27.23 42.22
N UNK C 1207 55.45 26.65 42.71
CA UNK C 1207 55.25 26.48 44.14
C UNK C 1207 55.80 25.13 44.62
N MET C 1214 32.12 57.84 18.44
CA MET C 1214 31.63 56.80 17.56
C MET C 1214 30.78 57.37 16.43
N PHE C 1215 29.96 58.37 16.74
CA PHE C 1215 29.22 59.10 15.72
C PHE C 1215 30.05 60.21 15.09
N ALA C 1216 31.26 60.47 15.59
CA ALA C 1216 32.14 61.43 14.96
C ALA C 1216 32.92 60.83 13.79
N ARG C 1217 32.79 59.53 13.55
CA ARG C 1217 33.54 58.81 12.54
C ARG C 1217 32.94 58.90 11.14
N GLN C 1218 31.77 59.53 11.00
CA GLN C 1218 30.98 59.36 9.79
C GLN C 1218 31.56 60.16 8.63
N LEU C 1219 31.65 59.51 7.46
CA LEU C 1219 32.25 60.15 6.29
C LEU C 1219 31.37 61.25 5.72
N GLN C 1220 30.18 60.90 5.24
CA GLN C 1220 29.24 61.94 4.84
C GLN C 1220 28.70 62.61 6.09
N TYR C 1221 29.32 63.72 6.46
CA TYR C 1221 28.85 64.46 7.61
C TYR C 1221 27.43 64.84 7.22
N PRO C 1222 26.49 64.71 8.15
CA PRO C 1222 25.08 64.98 7.84
C PRO C 1222 24.73 66.41 7.41
N ASP C 1223 23.88 66.48 6.39
CA ASP C 1223 23.32 67.74 5.87
C ASP C 1223 24.38 68.57 5.15
N SER C 1224 25.33 67.91 4.50
CA SER C 1224 26.38 68.58 3.73
C SER C 1224 26.95 67.61 2.71
N THR C 1225 27.65 68.17 1.72
CA THR C 1225 28.38 67.39 0.74
C THR C 1225 29.83 67.16 1.15
N VAL C 1226 30.11 67.23 2.45
CA VAL C 1226 31.45 67.05 2.98
C VAL C 1226 31.63 65.58 3.33
N ARG C 1227 32.43 64.88 2.53
CA ARG C 1227 32.89 63.55 2.89
C ARG C 1227 34.26 63.67 3.55
N ARG C 1228 34.44 62.97 4.67
CA ARG C 1228 35.71 63.05 5.37
C ARG C 1228 36.61 61.89 4.95
N PHE C 1229 37.84 61.93 5.43
CA PHE C 1229 38.78 60.86 5.16
C PHE C 1229 38.51 59.69 6.11
N PRO C 1230 38.55 58.46 5.60
CA PRO C 1230 38.26 57.29 6.46
C PRO C 1230 39.40 57.01 7.43
N VAL C 1231 39.10 57.11 8.72
CA VAL C 1231 40.07 56.88 9.79
C VAL C 1231 39.54 55.75 10.66
N PRO C 1232 40.15 54.56 10.63
CA PRO C 1232 39.59 53.41 11.36
C PRO C 1232 39.75 53.50 12.87
N GLU C 1233 39.21 52.52 13.59
CA GLU C 1233 39.46 52.43 15.03
C GLU C 1233 40.85 51.91 15.35
N GLU C 1234 41.53 51.33 14.36
CA GLU C 1234 42.98 51.13 14.49
C GLU C 1234 43.74 52.44 14.41
N LYS C 1235 43.13 53.48 13.85
CA LYS C 1235 43.76 54.78 13.66
C LYS C 1235 43.02 55.91 14.36
N VAL C 1236 41.93 55.62 15.09
CA VAL C 1236 41.12 56.69 15.68
C VAL C 1236 41.82 57.33 16.87
N SER C 1237 42.61 56.57 17.61
CA SER C 1237 43.34 57.13 18.74
C SER C 1237 44.52 57.97 18.26
N TRP C 1238 44.83 59.01 19.03
CA TRP C 1238 45.98 59.86 18.75
C TRP C 1238 47.29 59.25 19.22
N GLU C 1239 47.23 58.12 19.92
CA GLU C 1239 48.46 57.45 20.39
C GLU C 1239 49.26 56.87 19.24
N VAL C 1240 48.59 56.37 18.20
CA VAL C 1240 49.27 55.86 17.01
C VAL C 1240 49.02 56.81 15.86
N ASN C 1241 49.98 56.84 14.92
CA ASN C 1241 49.92 57.71 13.77
C ASN C 1241 50.19 56.89 12.51
N PHE C 1242 49.61 57.32 11.39
CA PHE C 1242 49.74 56.63 10.12
C PHE C 1242 50.12 57.62 9.03
N SER C 1243 50.76 57.09 7.97
CA SER C 1243 51.30 57.95 6.93
C SER C 1243 50.23 58.64 6.08
N PRO C 1244 49.14 57.96 5.60
CA PRO C 1244 48.12 58.82 4.93
C PRO C 1244 47.23 59.56 5.91
N TYR C 1245 47.80 60.57 6.57
CA TYR C 1245 47.07 61.44 7.50
C TYR C 1245 47.40 62.88 7.13
N GLN C 1246 46.67 63.42 6.14
CA GLN C 1246 46.89 64.78 5.63
C GLN C 1246 45.55 65.45 5.41
N PRO C 1247 44.99 66.09 6.43
CA PRO C 1247 43.63 66.62 6.32
C PRO C 1247 43.64 68.04 5.76
N PRO C 1248 42.81 68.33 4.75
CA PRO C 1248 42.67 69.72 4.28
C PRO C 1248 41.75 70.58 5.14
N VAL C 1249 41.47 71.80 4.71
CA VAL C 1249 40.96 72.87 5.57
C VAL C 1249 39.70 73.51 4.97
N TYR C 1250 38.64 73.62 5.79
CA TYR C 1250 37.38 74.30 5.51
C TYR C 1250 36.58 74.41 6.80
N ASN C 1251 36.05 75.60 7.09
CA ASN C 1251 35.58 75.81 8.46
C ASN C 1251 34.28 76.57 8.51
N GLN C 1252 33.55 76.34 9.61
CA GLN C 1252 32.29 77.00 9.91
C GLN C 1252 32.48 78.48 10.21
N GLN C 1253 31.36 79.21 10.24
CA GLN C 1253 31.37 80.63 10.53
C GLN C 1253 30.15 81.07 11.31
N LYS C 1265 45.41 75.83 10.74
CA LYS C 1265 45.83 76.31 12.05
C LYS C 1265 45.85 75.17 13.06
N HIS C 1266 44.68 74.78 13.53
CA HIS C 1266 44.54 73.70 14.50
C HIS C 1266 44.33 72.38 13.75
N ARG C 1267 44.02 71.32 14.49
CA ARG C 1267 43.59 70.05 13.92
C ARG C 1267 42.40 69.54 14.71
N ASN C 1268 41.40 69.06 14.00
CA ASN C 1268 40.15 68.64 14.65
C ASN C 1268 40.24 67.19 15.08
N PRO C 1269 39.85 66.87 16.31
CA PRO C 1269 39.71 65.46 16.70
C PRO C 1269 38.53 64.81 15.98
N GLY C 1270 38.57 63.49 15.92
CA GLY C 1270 37.55 62.70 15.27
C GLY C 1270 37.98 62.09 13.95
N GLY C 1271 39.04 62.63 13.34
CA GLY C 1271 39.59 62.09 12.12
C GLY C 1271 39.84 63.17 11.09
N ARG C 1272 40.42 62.76 9.97
CA ARG C 1272 40.75 63.65 8.87
C ARG C 1272 39.51 63.90 8.01
N THR C 1273 39.57 64.95 7.18
CA THR C 1273 38.35 65.54 6.62
C THR C 1273 38.26 65.65 5.10
N GLY C 1274 39.38 65.59 4.37
CA GLY C 1274 39.35 65.34 2.93
C GLY C 1274 38.70 66.39 2.03
N ILE C 1275 38.53 67.63 2.49
CA ILE C 1275 37.97 68.68 1.64
C ILE C 1275 38.66 70.01 1.96
N ARG C 1276 38.95 70.79 0.92
CA ARG C 1276 39.66 72.05 1.00
C ARG C 1276 38.84 73.17 0.37
N GLY C 1277 39.44 74.36 0.33
CA GLY C 1277 38.90 75.48 -0.40
C GLY C 1277 38.26 76.52 0.51
N LYS C 1278 37.91 77.65 -0.12
CA LYS C 1278 37.13 78.67 0.57
C LYS C 1278 35.69 78.20 0.77
N GLY C 1279 35.11 77.57 -0.25
CA GLY C 1279 33.87 76.83 -0.11
C GLY C 1279 32.63 77.72 0.05
N ALA C 1280 31.63 77.17 0.74
CA ALA C 1280 30.32 77.78 0.85
C ALA C 1280 30.14 78.63 2.10
N LEU C 1281 31.09 78.60 3.04
CA LEU C 1281 31.03 79.43 4.24
C LEU C 1281 32.21 80.38 4.31
N ASN C 1282 32.27 81.14 5.39
CA ASN C 1282 32.95 82.43 5.40
C ASN C 1282 34.38 82.36 5.95
N THR C 1283 34.54 81.97 7.21
CA THR C 1283 35.84 82.08 7.85
C THR C 1283 36.24 80.84 8.64
N LEU C 1284 37.28 80.96 9.47
CA LEU C 1284 37.80 79.86 10.28
C LEU C 1284 37.73 80.26 11.75
N GLY C 1285 36.70 79.80 12.45
CA GLY C 1285 36.55 80.03 13.86
C GLY C 1285 35.87 78.88 14.58
N PRO C 1286 36.46 78.43 15.70
CA PRO C 1286 35.85 77.33 16.46
C PRO C 1286 34.60 77.77 17.21
N ASN C 1287 33.47 77.74 16.52
CA ASN C 1287 32.22 78.26 17.05
C ASN C 1287 31.67 77.36 18.15
N HIS C 1288 31.07 77.98 19.16
CA HIS C 1288 30.42 77.28 20.26
C HIS C 1288 28.91 77.36 20.05
N ILE C 1289 28.31 76.25 19.66
CA ILE C 1289 26.87 76.19 19.45
C ILE C 1289 26.18 76.11 20.80
N LEU C 1290 24.95 76.65 20.86
CA LEU C 1290 24.17 76.65 22.08
C LEU C 1290 22.78 76.08 21.78
N HIS C 1291 22.00 75.88 22.84
CA HIS C 1291 20.67 75.30 22.70
C HIS C 1291 19.82 75.72 23.89
N PRO C 1292 18.75 76.50 23.67
CA PRO C 1292 17.88 76.88 24.79
C PRO C 1292 17.10 75.69 25.33
N ILE C 1293 17.02 75.62 26.66
CA ILE C 1293 16.47 74.46 27.36
C ILE C 1293 14.95 74.49 27.24
N PHE C 1294 14.40 73.54 26.49
CA PHE C 1294 12.96 73.43 26.26
C PHE C 1294 12.50 72.06 26.75
N THR C 1295 12.21 71.96 28.05
CA THR C 1295 11.69 70.72 28.61
C THR C 1295 10.76 71.06 29.77
N ARG C 1296 9.89 70.11 30.07
CA ARG C 1296 8.89 70.24 31.13
C ARG C 1296 8.38 68.85 31.47
N TRP C 1297 7.62 68.77 32.55
CA TRP C 1297 6.99 67.53 32.95
C TRP C 1297 5.77 67.29 32.06
N ARG C 1298 5.71 66.13 31.42
CA ARG C 1298 4.59 65.74 30.57
C ARG C 1298 3.43 65.24 31.43
N ASP C 1299 2.46 64.58 30.79
CA ASP C 1299 1.39 63.92 31.52
C ASP C 1299 1.95 62.74 32.31
N ALA C 1300 1.28 62.43 33.43
CA ALA C 1300 1.67 61.42 34.41
C ALA C 1300 3.08 61.73 34.95
N GLU C 1301 3.15 62.84 35.70
CA GLU C 1301 4.40 63.48 36.08
C GLU C 1301 5.34 62.61 36.92
N HIS C 1302 4.87 61.49 37.46
CA HIS C 1302 5.76 60.51 38.08
C HIS C 1302 6.53 59.80 36.98
N LYS C 1303 7.82 60.14 36.85
CA LYS C 1303 8.80 59.54 35.92
C LYS C 1303 8.34 59.70 34.46
N VAL C 1304 8.29 60.97 34.04
CA VAL C 1304 8.00 61.33 32.66
C VAL C 1304 8.65 62.67 32.35
N LEU C 1305 8.84 62.96 31.08
CA LEU C 1305 9.36 64.25 30.66
C LEU C 1305 8.84 64.59 29.27
N GLU C 1306 8.99 65.86 28.90
CA GLU C 1306 8.55 66.39 27.62
C GLU C 1306 9.65 67.23 27.02
N PHE C 1307 9.42 67.70 25.79
CA PHE C 1307 10.40 68.53 25.10
C PHE C 1307 9.67 69.39 24.07
N LEU C 1308 9.81 70.70 24.20
CA LEU C 1308 9.26 71.62 23.20
C LEU C 1308 10.21 71.65 22.01
N ALA C 1309 9.69 71.32 20.82
CA ALA C 1309 10.54 71.12 19.68
C ALA C 1309 9.80 71.52 18.41
N VAL C 1310 10.53 72.14 17.49
CA VAL C 1310 10.00 72.63 16.23
C VAL C 1310 10.62 71.84 15.10
N TRP C 1311 9.77 71.35 14.19
CA TRP C 1311 10.17 70.48 13.08
C TRP C 1311 10.35 71.31 11.81
N GLU C 1312 10.96 72.49 11.94
CA GLU C 1312 11.24 73.35 10.80
C GLU C 1312 12.53 72.99 10.07
N ASP C 1313 13.01 71.75 10.18
CA ASP C 1313 14.21 71.30 9.50
C ASP C 1313 13.93 70.59 8.17
N ALA C 1314 12.67 70.19 7.93
CA ALA C 1314 12.25 69.33 6.81
C ALA C 1314 13.10 68.05 6.76
N GLU C 1315 13.16 67.38 7.90
CA GLU C 1315 14.13 66.32 8.16
C GLU C 1315 13.49 65.30 9.08
N LYS C 1316 14.32 64.62 9.88
CA LYS C 1316 13.89 63.55 10.76
C LYS C 1316 13.25 64.08 12.03
N ARG C 1317 13.31 63.29 13.10
CA ARG C 1317 12.69 63.67 14.37
C ARG C 1317 13.20 65.03 14.81
N TRP C 1318 12.26 65.85 15.26
CA TRP C 1318 12.56 67.22 15.63
C TRP C 1318 13.55 67.42 16.76
N ALA C 1319 14.40 68.42 16.55
CA ALA C 1319 15.42 68.84 17.49
C ALA C 1319 14.89 70.18 17.95
N LEU C 1320 14.92 70.43 19.25
CA LEU C 1320 14.36 71.67 19.76
C LEU C 1320 15.02 72.90 19.14
N LEU C 1321 14.17 73.84 18.73
CA LEU C 1321 14.58 75.10 18.15
C LEU C 1321 15.79 75.66 18.89
N GLY C 1322 16.75 76.18 18.13
CA GLY C 1322 17.95 76.71 18.73
C GLY C 1322 18.89 77.22 17.65
N GLY C 1323 20.12 77.53 18.07
CA GLY C 1323 21.12 78.00 17.15
C GLY C 1323 22.46 78.23 17.82
N PRO C 1324 23.51 78.36 17.02
CA PRO C 1324 24.82 78.71 17.58
C PRO C 1324 24.83 80.12 18.15
N ALA C 1325 25.61 80.30 19.21
CA ALA C 1325 25.71 81.56 19.93
C ALA C 1325 27.13 82.09 19.88
N GLN C 1326 27.37 83.14 20.66
CA GLN C 1326 28.69 83.74 20.73
C GLN C 1326 29.61 82.90 21.60
N PRO C 1327 30.88 82.76 21.22
CA PRO C 1327 31.82 81.99 22.04
C PRO C 1327 32.22 82.73 23.32
N ASP C 1328 32.42 81.93 24.37
CA ASP C 1328 32.81 82.39 25.71
C ASP C 1328 31.88 83.47 26.29
N LEU C 1331 28.32 83.91 26.25
CA LEU C 1331 28.05 82.48 26.45
C LEU C 1331 26.61 82.25 26.87
N ALA C 1332 26.38 82.24 28.19
CA ALA C 1332 25.03 82.08 28.71
C ALA C 1332 24.18 83.32 28.46
N GLN C 1333 24.81 84.50 28.40
CA GLN C 1333 24.09 85.68 27.98
C GLN C 1333 23.73 85.61 26.51
N VAL C 1334 24.61 85.00 25.71
CA VAL C 1334 24.32 84.83 24.28
C VAL C 1334 23.20 83.83 24.07
N LEU C 1335 23.18 82.75 24.85
CA LEU C 1335 22.07 81.80 24.78
C LEU C 1335 20.78 82.37 25.34
N GLU C 1336 20.86 83.27 26.32
CA GLU C 1336 19.65 83.94 26.82
C GLU C 1336 19.10 84.93 25.79
N ARG C 1337 20.00 85.64 25.08
CA ARG C 1337 19.55 86.53 24.02
C ARG C 1337 19.00 85.75 22.83
N ILE C 1338 19.57 84.57 22.55
CA ILE C 1338 19.02 83.71 21.50
C ILE C 1338 17.67 83.14 21.93
N LEU C 1339 17.49 82.90 23.23
CA LEU C 1339 16.21 82.48 23.76
C LEU C 1339 15.17 83.59 23.64
N GLY C 1340 15.58 84.83 23.89
CA GLY C 1340 14.68 85.95 23.67
C GLY C 1340 14.36 86.18 22.21
N LYS C 1341 15.30 85.86 21.32
CA LYS C 1341 15.05 86.01 19.89
C LYS C 1341 14.17 84.89 19.35
N LYS C 1342 14.53 83.63 19.63
CA LYS C 1342 13.89 82.48 19.01
C LYS C 1342 12.59 82.05 19.70
N LEU C 1343 12.03 82.86 20.59
CA LEU C 1343 10.76 82.53 21.21
C LEU C 1343 9.66 83.47 20.74
N LYS C 1348 10.47 89.19 30.42
CA LYS C 1348 11.78 88.63 30.69
C LYS C 1348 11.68 87.41 31.62
N THR C 1349 12.78 86.69 31.75
CA THR C 1349 12.85 85.55 32.64
C THR C 1349 13.64 85.93 33.89
N LEU C 1350 13.12 85.52 35.05
CA LEU C 1350 13.77 85.84 36.32
C LEU C 1350 14.82 84.80 36.69
N LEU C 1351 14.39 83.54 36.81
CA LEU C 1351 15.28 82.45 37.21
C LEU C 1351 15.55 81.57 36.01
N LYS C 1352 16.82 81.52 35.58
CA LYS C 1352 17.22 80.68 34.46
C LYS C 1352 18.70 80.37 34.58
N ALA C 1353 19.06 79.14 34.22
CA ALA C 1353 20.43 78.67 34.25
C ALA C 1353 20.54 77.49 33.28
N GLY C 1354 21.65 76.75 33.36
CA GLY C 1354 21.84 75.61 32.48
C GLY C 1354 22.44 74.40 33.15
N GLU C 1355 21.77 73.26 33.04
CA GLU C 1355 22.28 71.97 33.50
C GLU C 1355 22.12 70.97 32.37
N GLU C 1356 22.58 69.74 32.62
CA GLU C 1356 22.86 68.73 31.61
C GLU C 1356 23.72 69.32 30.50
N VAL C 1357 24.84 69.89 30.92
CA VAL C 1357 25.71 70.70 30.07
C VAL C 1357 26.57 69.75 29.25
N TYR C 1358 26.21 69.57 27.98
CA TYR C 1358 27.04 68.83 27.03
C TYR C 1358 27.69 69.85 26.09
N LYS C 1359 28.99 70.06 26.28
CA LYS C 1359 29.78 70.97 25.46
C LYS C 1359 30.92 70.18 24.83
N GLY C 1360 30.92 70.12 23.51
CA GLY C 1360 31.96 69.38 22.82
C GLY C 1360 31.61 69.15 21.35
N TYR C 1361 32.45 68.35 20.71
CA TYR C 1361 32.40 68.11 19.26
C TYR C 1361 31.12 67.35 18.90
N VAL C 1362 30.21 68.03 18.21
CA VAL C 1362 28.92 67.47 17.85
C VAL C 1362 28.90 67.21 16.35
N ASP C 1363 27.96 66.34 15.94
CA ASP C 1363 27.86 65.88 14.56
C ASP C 1363 27.21 66.98 13.72
N ASP C 1364 28.01 67.99 13.40
CA ASP C 1364 27.59 69.13 12.56
C ASP C 1364 27.74 68.74 11.10
N SER C 1365 27.81 69.72 10.19
CA SER C 1365 27.80 69.45 8.77
C SER C 1365 29.15 69.57 8.08
N ARG C 1366 29.97 70.58 8.39
CA ARG C 1366 31.07 70.98 7.52
C ARG C 1366 32.37 71.21 8.29
N ASN C 1367 32.80 70.23 9.08
CA ASN C 1367 34.03 70.39 9.85
C ASN C 1367 35.27 69.93 9.10
N THR C 1368 36.37 70.64 9.34
CA THR C 1368 37.74 70.20 9.02
C THR C 1368 38.61 70.57 10.21
N ASP C 1369 39.92 70.61 10.00
CA ASP C 1369 40.95 70.72 11.05
C ASP C 1369 40.85 71.92 11.97
N ASN C 1370 41.05 73.12 11.43
CA ASN C 1370 41.40 74.27 12.26
C ASN C 1370 40.26 74.82 13.09
N ALA C 1371 39.03 74.41 12.83
CA ALA C 1371 37.89 74.93 13.58
C ALA C 1371 36.86 73.81 13.70
N TRP C 1372 36.98 73.00 14.74
CA TRP C 1372 35.96 72.02 15.05
C TRP C 1372 34.88 72.70 15.87
N VAL C 1373 33.64 72.35 15.59
CA VAL C 1373 32.53 72.93 16.34
C VAL C 1373 32.47 72.29 17.72
N GLU C 1374 31.87 73.01 18.65
CA GLU C 1374 31.38 72.44 19.88
C GLU C 1374 29.95 72.94 20.06
N THR C 1375 29.06 72.04 20.46
CA THR C 1375 27.77 72.48 20.94
C THR C 1375 27.85 72.60 22.45
N SER C 1376 26.97 73.44 23.00
CA SER C 1376 26.74 73.53 24.43
C SER C 1376 25.24 73.38 24.60
N ILE C 1377 24.77 72.13 24.62
CA ILE C 1377 23.36 71.84 24.74
C ILE C 1377 23.03 71.58 26.20
N ILE C 1378 21.96 72.21 26.67
CA ILE C 1378 21.48 72.11 28.04
C ILE C 1378 20.02 71.66 28.02
N THR C 1379 19.62 70.95 29.07
CA THR C 1379 18.23 70.52 29.24
C THR C 1379 18.00 70.30 30.72
N LEU C 1380 17.19 71.16 31.34
CA LEU C 1380 17.03 71.11 32.79
C LEU C 1380 15.66 71.66 33.19
N HIS C 1381 15.22 71.25 34.37
CA HIS C 1381 14.04 71.83 35.02
C HIS C 1381 14.13 71.64 36.52
N THR C 1386 5.73 70.96 39.74
CA THR C 1386 4.60 71.12 38.84
C THR C 1386 5.04 70.97 37.38
N PRO C 1387 4.08 70.69 36.49
CA PRO C 1387 4.42 70.53 35.07
C PRO C 1387 4.30 71.81 34.27
N LEU C 1388 4.30 72.95 34.97
CA LEU C 1388 3.91 74.21 34.33
C LEU C 1388 5.01 74.77 33.45
N MET C 1389 6.16 75.13 34.06
CA MET C 1389 7.23 75.92 33.43
C MET C 1389 6.66 77.19 32.78
N ALA C 1390 6.16 78.07 33.66
CA ALA C 1390 5.32 79.19 33.22
C ALA C 1390 6.09 80.19 32.35
N ASP C 1391 7.40 80.32 32.57
CA ASP C 1391 8.22 81.14 31.68
C ASP C 1391 8.39 80.49 30.31
N LEU C 1392 8.17 79.18 30.20
CA LEU C 1392 8.36 78.45 28.95
C LEU C 1392 7.06 78.33 28.16
N ASN C 1393 5.91 78.16 28.83
CA ASN C 1393 4.64 78.05 28.11
C ASN C 1393 4.12 79.40 27.65
N HIS C 1394 4.39 80.47 28.38
CA HIS C 1394 3.89 81.79 27.98
C HIS C 1394 4.68 82.39 26.83
N MET C 1395 5.93 81.98 26.65
CA MET C 1395 6.71 82.39 25.49
C MET C 1395 6.29 81.55 24.30
N VAL C 1396 5.70 82.20 23.30
CA VAL C 1396 5.17 81.51 22.12
C VAL C 1396 6.25 81.48 21.06
N GLU C 1397 6.74 80.28 20.76
CA GLU C 1397 7.80 80.11 19.77
C GLU C 1397 7.16 80.00 18.41
N SER C 1398 7.08 81.12 17.70
CA SER C 1398 6.63 81.14 16.32
C SER C 1398 7.79 80.73 15.42
N SER C 1399 7.48 79.93 14.40
CA SER C 1399 8.52 79.35 13.58
C SER C 1399 9.07 80.38 12.60
N LEU C 1400 10.19 80.02 11.97
CA LEU C 1400 10.80 80.87 10.96
C LEU C 1400 9.96 80.85 9.69
N SER C 1401 9.75 82.05 9.11
CA SER C 1401 8.95 82.28 7.91
C SER C 1401 7.52 81.78 8.04
N SER C 1402 6.99 81.84 9.28
CA SER C 1402 5.64 81.40 9.65
C SER C 1402 5.38 79.95 9.21
N HIS C 1403 6.36 79.09 9.46
CA HIS C 1403 6.22 77.68 9.12
C HIS C 1403 5.21 77.02 10.06
N GLN C 1404 4.29 76.26 9.48
CA GLN C 1404 3.16 75.72 10.23
C GLN C 1404 3.56 74.52 11.08
N LEU C 1406 4.73 71.28 12.45
CA LEU C 1406 5.28 71.33 13.80
C LEU C 1406 4.31 70.59 14.72
N GLN C 1407 4.85 69.72 15.56
CA GLN C 1407 4.03 68.90 16.43
C GLN C 1407 4.77 68.68 17.73
N TRP C 1408 4.19 67.86 18.60
CA TRP C 1408 4.77 67.52 19.89
C TRP C 1408 4.77 66.00 20.02
N ARG C 1409 5.97 65.43 20.16
CA ARG C 1409 6.13 63.98 20.16
C ARG C 1409 5.59 63.37 21.45
N GLU C 1410 5.24 62.08 21.36
CA GLU C 1410 4.68 61.35 22.50
C GLU C 1410 5.65 60.38 23.13
N VAL C 1411 6.38 59.61 22.32
CA VAL C 1411 7.31 58.62 22.84
C VAL C 1411 8.73 59.13 22.61
N SER C 1412 9.64 58.70 23.50
CA SER C 1412 11.02 59.17 23.50
C SER C 1412 12.02 58.02 23.32
N SER C 1413 11.75 57.13 22.37
CA SER C 1413 12.66 56.01 22.10
C SER C 1413 13.68 56.41 21.03
N ASP C 1414 14.52 57.39 21.41
CA ASP C 1414 15.72 57.88 20.73
C ASP C 1414 15.46 58.60 19.40
N ALA C 1415 14.21 58.64 18.91
CA ALA C 1415 13.74 59.52 17.84
C ALA C 1415 14.35 59.30 16.46
N CYS C 1416 15.27 58.31 16.31
CA CYS C 1416 15.96 58.00 15.05
C CYS C 1416 16.66 59.21 14.45
N ARG C 1417 17.44 59.91 15.27
CA ARG C 1417 17.99 61.21 14.91
C ARG C 1417 19.44 61.26 15.38
N CYS C 1418 20.01 62.47 15.41
CA CYS C 1418 21.41 62.67 15.70
C CYS C 1418 21.72 62.44 17.18
N SER C 1419 22.96 62.77 17.56
CA SER C 1419 23.48 62.39 18.88
C SER C 1419 22.78 63.15 20.01
N TYR C 1420 22.60 64.47 19.84
CA TYR C 1420 22.02 65.28 20.90
C TYR C 1420 20.52 65.00 21.06
N GLN C 1421 19.82 64.82 19.94
CA GLN C 1421 18.38 64.56 20.00
C GLN C 1421 18.07 63.20 20.63
N ARG C 1422 18.81 62.17 20.21
CA ARG C 1422 18.63 60.84 20.78
C ARG C 1422 19.07 60.78 22.23
N GLU C 1423 20.14 61.51 22.57
CA GLU C 1423 20.64 61.53 23.95
C GLU C 1423 19.64 62.21 24.87
N ALA C 1424 19.06 63.34 24.44
CA ALA C 1424 18.04 64.01 25.25
C ALA C 1424 16.74 63.23 25.30
N LEU C 1425 16.42 62.45 24.25
CA LEU C 1425 15.22 61.61 24.29
C LEU C 1425 15.39 60.45 25.26
N ARG C 1426 16.58 59.84 25.30
CA ARG C 1426 16.83 58.78 26.27
C ARG C 1426 16.93 59.34 27.69
N GLN C 1427 17.48 60.55 27.84
CA GLN C 1427 17.59 61.16 29.16
C GLN C 1427 16.26 61.70 29.67
N ILE C 1428 15.31 61.96 28.78
CA ILE C 1428 13.99 62.39 29.23
C ILE C 1428 13.24 61.25 29.91
N ALA C 1429 13.45 60.01 29.45
CA ALA C 1429 12.83 58.85 30.08
C ALA C 1429 13.70 58.22 31.15
N HIS C 1430 15.02 58.45 31.10
CA HIS C 1430 15.92 57.87 32.08
C HIS C 1430 16.01 58.72 33.34
N HIS C 1431 16.31 60.01 33.19
CA HIS C 1431 16.40 60.90 34.34
C HIS C 1431 15.02 61.21 34.90
N HIS C 1432 14.04 61.40 34.03
CA HIS C 1432 12.68 61.70 34.46
C HIS C 1432 11.70 60.64 33.97
N LEU D 41 -45.36 32.58 49.85
CA LEU D 41 -44.18 32.02 49.18
C LEU D 41 -43.04 33.02 49.21
N ALA D 42 -43.15 34.07 48.38
CA ALA D 42 -42.10 35.07 48.29
C ALA D 42 -42.05 35.99 49.50
N SER D 43 -43.08 35.97 50.36
CA SER D 43 -42.98 36.67 51.64
C SER D 43 -41.93 36.03 52.55
N TRP D 44 -41.73 34.72 52.42
CA TRP D 44 -40.61 34.07 53.10
C TRP D 44 -39.29 34.61 52.58
N ILE D 45 -39.20 34.86 51.28
CA ILE D 45 -37.99 35.42 50.71
C ILE D 45 -37.79 36.85 51.20
N LYS D 46 -38.86 37.63 51.29
CA LYS D 46 -38.77 39.00 51.80
C LYS D 46 -38.44 39.04 53.28
N GLU D 47 -38.77 37.99 54.02
CA GLU D 47 -38.35 37.88 55.41
C GLU D 47 -36.89 37.49 55.52
N ASN D 48 -36.48 36.42 54.83
CA ASN D 48 -35.14 35.87 55.05
C ASN D 48 -34.07 36.70 54.35
N ILE D 49 -34.29 37.04 53.08
CA ILE D 49 -33.30 37.83 52.35
C ILE D 49 -33.34 39.27 52.84
N LYS D 50 -32.22 39.96 52.71
CA LYS D 50 -32.03 41.26 53.34
C LYS D 50 -31.32 42.21 52.39
N LYS D 51 -31.64 43.50 52.49
CA LYS D 51 -30.93 44.52 51.74
C LYS D 51 -29.76 45.06 52.56
N LYS D 52 -28.59 45.12 51.94
CA LYS D 52 -27.42 45.68 52.59
C LYS D 52 -26.48 46.31 51.60
N VAL D 96 -24.43 50.91 55.16
CA VAL D 96 -24.17 49.67 55.87
C VAL D 96 -25.20 49.48 56.97
N ARG D 97 -26.45 49.26 56.58
CA ARG D 97 -27.53 49.01 57.51
C ARG D 97 -28.32 47.81 56.98
N GLU D 98 -28.32 46.72 57.73
CA GLU D 98 -28.98 45.49 57.30
C GLU D 98 -30.49 45.70 57.34
N THR D 99 -31.06 46.00 56.18
CA THR D 99 -32.48 46.23 55.96
C THR D 99 -33.06 45.01 55.25
N PRO D 100 -34.38 44.82 55.25
CA PRO D 100 -34.95 43.75 54.43
C PRO D 100 -34.89 44.08 52.95
N THR D 101 -34.85 43.03 52.13
CA THR D 101 -34.61 43.14 50.70
C THR D 101 -35.85 43.55 49.92
N ASP D 102 -35.79 43.48 48.59
CA ASP D 102 -36.90 43.88 47.74
C ASP D 102 -37.71 42.72 47.21
N ALA D 103 -37.22 41.48 47.35
CA ALA D 103 -37.94 40.24 47.02
C ALA D 103 -38.38 40.18 45.55
N PHE D 104 -37.37 40.06 44.69
CA PHE D 104 -37.57 40.08 43.25
C PHE D 104 -38.23 38.80 42.75
N GLY D 105 -38.54 38.77 41.45
CA GLY D 105 -39.33 37.71 40.83
C GLY D 105 -38.71 36.98 39.65
N ASP D 106 -39.38 37.04 38.49
CA ASP D 106 -38.88 36.44 37.26
C ASP D 106 -38.81 37.49 36.17
N ILE D 107 -38.01 37.23 35.14
CA ILE D 107 -37.89 38.13 34.01
C ILE D 107 -38.20 37.41 32.72
N SER D 108 -38.35 38.20 31.65
CA SER D 108 -38.17 37.75 30.28
C SER D 108 -37.91 39.00 29.44
N PHE D 109 -37.14 38.81 28.37
CA PHE D 109 -36.82 39.93 27.50
C PHE D 109 -36.56 39.48 26.07
N LYS D 115 -38.10 32.11 26.32
CA LYS D 115 -38.41 31.55 27.63
C LYS D 115 -38.16 32.57 28.72
N THR D 116 -38.00 32.10 29.96
CA THR D 116 -38.01 32.97 31.11
C THR D 116 -36.80 32.71 32.00
N GLY D 117 -36.61 33.61 32.95
CA GLY D 117 -35.54 33.47 33.93
C GLY D 117 -35.91 34.15 35.22
N LYS D 118 -35.41 33.61 36.33
CA LYS D 118 -35.75 34.06 37.67
C LYS D 118 -34.58 34.80 38.30
N TYR D 119 -34.87 35.67 39.27
CA TYR D 119 -33.82 36.52 39.81
C TYR D 119 -34.20 36.96 41.21
N VAL D 120 -33.20 36.99 42.08
CA VAL D 120 -33.39 37.34 43.49
C VAL D 120 -32.24 38.22 43.95
N ARG D 121 -32.58 39.34 44.59
CA ARG D 121 -31.61 40.27 45.12
C ARG D 121 -31.27 39.87 46.56
N VAL D 122 -30.06 39.35 46.76
CA VAL D 122 -29.55 39.01 48.08
C VAL D 122 -28.47 40.00 48.48
N SER D 123 -28.08 39.95 49.74
CA SER D 123 -26.96 40.74 50.24
C SER D 123 -25.74 39.84 50.43
N SER D 124 -24.58 40.49 50.56
CA SER D 124 -23.34 39.73 50.71
C SER D 124 -23.24 39.04 52.06
N ASP D 125 -23.97 39.53 53.05
CA ASP D 125 -23.95 38.93 54.39
C ASP D 125 -25.23 38.13 54.57
N THR D 126 -25.25 36.92 54.01
CA THR D 126 -26.34 35.99 54.22
C THR D 126 -25.78 34.67 54.71
N SER D 127 -26.61 33.93 55.44
CA SER D 127 -26.17 32.68 56.02
C SER D 127 -26.13 31.58 54.97
N CYS D 128 -25.27 30.60 55.21
CA CYS D 128 -25.00 29.57 54.22
C CYS D 128 -26.15 28.57 54.13
N GLU D 129 -26.57 28.01 55.27
CA GLU D 129 -27.66 27.05 55.25
C GLU D 129 -28.99 27.73 54.94
N ASN D 130 -29.14 28.99 55.32
CA ASN D 130 -30.28 29.79 54.87
C ASN D 130 -30.31 29.88 53.36
N LEU D 131 -29.14 30.10 52.76
CA LEU D 131 -29.05 30.19 51.30
C LEU D 131 -29.38 28.84 50.66
N TYR D 132 -28.95 27.75 51.29
CA TYR D 132 -29.30 26.43 50.77
C TYR D 132 -30.79 26.17 50.83
N GLN D 133 -31.42 26.54 51.95
CA GLN D 133 -32.86 26.33 52.10
C GLN D 133 -33.63 27.15 51.08
N LEU D 134 -33.19 28.40 50.84
CA LEU D 134 -33.80 29.25 49.82
C LEU D 134 -33.67 28.63 48.44
N MET D 135 -32.48 28.16 48.10
CA MET D 135 -32.22 27.62 46.78
C MET D 135 -33.00 26.33 46.53
N THR D 136 -32.89 25.37 47.44
CA THR D 136 -33.56 24.11 47.20
C THR D 136 -35.05 24.15 47.50
N GLU D 137 -35.57 25.23 48.09
CA GLU D 137 -37.01 25.32 48.33
C GLU D 137 -37.71 26.12 47.24
N GLN D 138 -37.31 27.38 47.04
CA GLN D 138 -38.04 28.24 46.12
C GLN D 138 -37.78 27.84 44.68
N TRP D 139 -36.50 27.79 44.27
CA TRP D 139 -36.17 27.32 42.93
C TRP D 139 -36.45 25.84 42.79
N LYS D 140 -36.12 25.06 43.83
CA LYS D 140 -36.42 23.62 43.93
C LYS D 140 -35.79 22.82 42.78
N LEU D 141 -34.46 22.79 42.78
CA LEU D 141 -33.71 22.05 41.79
C LEU D 141 -33.35 20.66 42.28
N ARG D 142 -33.11 19.75 41.34
CA ARG D 142 -32.65 18.42 41.67
C ARG D 142 -31.17 18.45 42.05
N SER D 143 -30.67 17.32 42.50
CA SER D 143 -29.26 17.24 42.87
C SER D 143 -28.40 17.20 41.62
N PRO D 144 -27.49 18.14 41.42
CA PRO D 144 -26.64 18.13 40.23
C PRO D 144 -25.54 17.08 40.34
N ASN D 145 -25.00 16.71 39.18
CA ASN D 145 -24.00 15.67 39.14
C ASN D 145 -22.57 16.21 39.08
N LEU D 146 -22.41 17.50 38.78
CA LEU D 146 -21.12 18.11 38.49
C LEU D 146 -21.30 19.62 38.46
N LEU D 147 -20.40 20.35 39.11
CA LEU D 147 -20.40 21.80 39.01
C LEU D 147 -19.19 22.24 38.21
N ILE D 148 -19.43 22.94 37.12
CA ILE D 148 -18.36 23.59 36.39
C ILE D 148 -18.64 25.08 36.43
N SER D 149 -17.69 25.87 36.90
CA SER D 149 -17.85 27.31 36.85
C SER D 149 -16.80 27.89 35.92
N VAL D 150 -17.24 28.77 35.02
CA VAL D 150 -16.34 29.41 34.06
C VAL D 150 -16.13 30.86 34.44
N THR D 151 -14.91 31.17 34.84
CA THR D 151 -14.54 32.49 35.29
C THR D 151 -13.41 33.09 34.47
N GLY D 152 -13.51 33.01 33.14
CA GLY D 152 -12.60 33.75 32.28
C GLY D 152 -12.70 35.25 32.49
N LYS D 155 -13.84 41.43 30.18
CA LYS D 155 -14.57 42.44 29.41
C LYS D 155 -13.94 42.66 28.03
N ASN D 156 -12.63 42.42 27.90
CA ASN D 156 -11.89 42.63 26.66
C ASN D 156 -10.94 41.45 26.39
N PHE D 157 -11.39 40.43 25.64
CA PHE D 157 -10.50 39.33 25.26
C PHE D 157 -10.59 39.03 23.77
N TYR D 158 -9.42 38.86 23.14
CA TYR D 158 -9.30 38.66 21.68
C TYR D 158 -8.86 37.26 21.25
N ILE D 159 -9.50 36.19 21.72
CA ILE D 159 -9.26 34.83 21.21
C ILE D 159 -9.50 34.71 19.70
N LYS D 160 -8.64 33.97 19.01
CA LYS D 160 -8.79 33.71 17.59
C LYS D 160 -9.77 32.58 17.39
N THR D 161 -10.29 32.48 16.16
CA THR D 161 -11.52 31.72 15.91
C THR D 161 -11.36 30.22 16.09
N HIS D 162 -10.16 29.68 15.89
CA HIS D 162 -9.95 28.25 16.02
C HIS D 162 -10.14 27.76 17.46
N LEU D 163 -9.55 28.48 18.42
CA LEU D 163 -9.71 28.11 19.83
C LEU D 163 -11.12 28.36 20.31
N LYS D 164 -11.78 29.41 19.80
CA LYS D 164 -13.15 29.69 20.21
C LYS D 164 -14.09 28.61 19.72
N ASP D 165 -13.87 28.11 18.50
CA ASP D 165 -14.73 27.04 17.99
C ASP D 165 -14.51 25.74 18.73
N LYS D 166 -13.24 25.40 19.00
CA LYS D 166 -12.95 24.18 19.76
C LYS D 166 -13.50 24.26 21.18
N PHE D 167 -13.43 25.43 21.81
CA PHE D 167 -13.95 25.58 23.16
C PHE D 167 -15.47 25.54 23.19
N ARG D 168 -16.14 26.12 22.18
CA ARG D 168 -17.60 26.05 22.12
C ARG D 168 -18.07 24.61 21.98
N ARG D 169 -17.46 23.86 21.05
CA ARG D 169 -17.89 22.48 20.83
C ARG D 169 -17.58 21.61 22.03
N GLY D 170 -16.44 21.82 22.68
CA GLY D 170 -16.10 21.01 23.83
C GLY D 170 -16.96 21.30 25.04
N LEU D 171 -17.28 22.57 25.28
CA LEU D 171 -18.11 22.89 26.42
C LEU D 171 -19.55 22.46 26.19
N ILE D 172 -20.00 22.40 24.94
CA ILE D 172 -21.32 21.83 24.70
C ILE D 172 -21.30 20.33 24.91
N LYS D 173 -20.26 19.64 24.43
CA LYS D 173 -20.17 18.19 24.60
C LYS D 173 -19.95 17.78 26.05
N VAL D 174 -19.54 18.70 26.91
CA VAL D 174 -19.54 18.44 28.35
C VAL D 174 -20.78 19.02 29.02
N ALA D 175 -21.57 19.79 28.30
CA ALA D 175 -22.86 20.17 28.84
C ALA D 175 -23.89 19.06 28.66
N GLN D 176 -23.94 18.47 27.47
CA GLN D 176 -24.99 17.51 27.12
C GLN D 176 -24.79 16.15 27.77
N THR D 177 -23.65 15.91 28.40
CA THR D 177 -23.33 14.55 28.85
C THR D 177 -23.99 14.23 30.18
N THR D 178 -23.69 15.02 31.20
CA THR D 178 -23.92 14.55 32.56
C THR D 178 -25.18 15.11 33.21
N GLY D 179 -25.69 16.25 32.75
CA GLY D 179 -26.71 16.93 33.52
C GLY D 179 -26.09 17.72 34.64
N ALA D 180 -25.30 18.73 34.28
CA ALA D 180 -24.37 19.39 35.17
C ALA D 180 -24.57 20.90 35.15
N TRP D 181 -24.36 21.54 36.29
CA TRP D 181 -24.59 22.96 36.40
C TRP D 181 -23.37 23.75 35.98
N ILE D 182 -23.63 24.94 35.44
CA ILE D 182 -22.59 25.82 34.94
C ILE D 182 -22.79 27.19 35.57
N LEU D 183 -21.75 27.67 36.24
CA LEU D 183 -21.84 28.88 37.05
C LEU D 183 -20.95 29.97 36.47
N THR D 184 -21.50 31.17 36.35
CA THR D 184 -20.81 32.26 35.65
C THR D 184 -21.21 33.57 36.29
N GLY D 185 -20.32 34.55 36.26
CA GLY D 185 -20.71 35.93 36.47
C GLY D 185 -21.67 36.36 35.37
N GLY D 186 -22.69 37.14 35.71
CA GLY D 186 -23.82 37.37 34.84
C GLY D 186 -23.73 38.48 33.81
N THR D 187 -22.61 39.19 33.70
CA THR D 187 -22.56 40.35 32.83
C THR D 187 -22.40 39.94 31.36
N HIS D 188 -23.15 40.62 30.48
CA HIS D 188 -23.15 40.30 29.04
C HIS D 188 -21.85 40.71 28.34
N ALA D 189 -20.91 41.33 29.01
CA ALA D 189 -19.65 41.60 28.33
C ALA D 189 -18.81 40.34 28.25
N GLY D 190 -18.44 39.98 27.03
CA GLY D 190 -17.37 39.00 26.86
C GLY D 190 -17.79 37.56 27.07
N VAL D 191 -16.99 36.83 27.86
CA VAL D 191 -17.00 35.38 27.78
C VAL D 191 -18.23 34.79 28.45
N MET D 192 -18.87 35.54 29.34
CA MET D 192 -20.15 35.10 29.88
C MET D 192 -21.23 35.11 28.82
N LYS D 193 -21.26 36.14 27.97
CA LYS D 193 -22.17 36.11 26.83
C LYS D 193 -21.76 35.07 25.82
N HIS D 194 -20.47 34.78 25.72
CA HIS D 194 -20.03 33.72 24.82
C HIS D 194 -20.56 32.36 25.22
N VAL D 195 -20.48 32.02 26.51
CA VAL D 195 -21.03 30.74 26.92
C VAL D 195 -22.57 30.80 26.93
N GLY D 196 -23.15 32.00 27.06
CA GLY D 196 -24.59 32.12 26.93
C GLY D 196 -25.07 31.79 25.53
N MET D 197 -24.36 32.29 24.53
CA MET D 197 -24.71 31.95 23.15
C MET D 197 -24.45 30.48 22.84
N ALA D 198 -23.41 29.90 23.45
CA ALA D 198 -23.14 28.48 23.23
C ALA D 198 -24.25 27.60 23.80
N VAL D 199 -24.70 27.90 25.02
CA VAL D 199 -25.77 27.08 25.58
C VAL D 199 -27.11 27.38 24.93
N ARG D 200 -27.30 28.58 24.35
CA ARG D 200 -28.51 28.81 23.55
C ARG D 200 -28.50 27.99 22.28
N ASP D 201 -27.35 27.87 21.63
CA ASP D 201 -27.28 27.07 20.41
C ASP D 201 -27.51 25.59 20.71
N TYR D 202 -27.02 25.11 21.85
CA TYR D 202 -27.35 23.73 22.19
C TYR D 202 -28.81 23.56 22.52
N THR D 203 -29.40 24.50 23.27
CA THR D 203 -30.77 24.25 23.68
C THR D 203 -31.76 24.47 22.55
N LEU D 204 -31.35 25.14 21.46
CA LEU D 204 -32.12 25.01 20.23
C LEU D 204 -31.85 23.69 19.53
N SER D 205 -30.63 23.17 19.63
CA SER D 205 -30.30 21.95 18.90
C SER D 205 -30.94 20.69 19.46
N SER D 206 -31.33 20.67 20.73
CA SER D 206 -32.03 19.51 21.26
C SER D 206 -33.53 19.67 21.29
N GLY D 207 -34.04 20.87 21.03
CA GLY D 207 -35.47 21.10 20.98
C GLY D 207 -36.16 21.06 22.33
N SER D 208 -35.42 21.24 23.42
CA SER D 208 -35.91 21.19 24.81
C SER D 208 -36.59 19.85 25.12
N MET D 209 -36.04 18.78 24.56
CA MET D 209 -36.57 17.45 24.81
C MET D 209 -36.02 16.83 26.09
N GLU D 210 -34.84 17.23 26.53
CA GLU D 210 -34.20 16.60 27.67
C GLU D 210 -33.16 17.54 28.26
N GLY D 211 -33.13 17.59 29.60
CA GLY D 211 -32.08 18.30 30.32
C GLY D 211 -32.39 19.72 30.75
N GLN D 212 -32.37 20.66 29.80
CA GLN D 212 -32.50 22.10 30.04
C GLN D 212 -31.43 22.56 31.04
N ILE D 213 -30.19 22.57 30.54
CA ILE D 213 -28.99 22.81 31.34
C ILE D 213 -29.07 24.13 32.08
N VAL D 214 -28.89 24.07 33.39
CA VAL D 214 -29.08 25.23 34.26
C VAL D 214 -27.83 26.09 34.20
N VAL D 215 -28.00 27.36 33.92
CA VAL D 215 -26.94 28.34 34.06
C VAL D 215 -27.41 29.33 35.13
N ILE D 216 -27.00 29.04 36.34
CA ILE D 216 -27.16 29.97 37.45
C ILE D 216 -26.08 31.02 37.34
N GLY D 217 -26.43 32.27 37.54
CA GLY D 217 -25.49 33.36 37.44
C GLY D 217 -25.47 34.17 38.71
N VAL D 218 -24.31 34.69 39.05
CA VAL D 218 -24.17 35.57 40.21
C VAL D 218 -23.58 36.88 39.71
N ALA D 219 -24.29 37.97 39.97
CA ALA D 219 -23.89 39.29 39.49
C ALA D 219 -24.05 40.34 40.57
N PRO D 220 -23.22 41.38 40.55
CA PRO D 220 -23.33 42.43 41.58
C PRO D 220 -24.50 43.37 41.30
N TRP D 221 -25.23 43.73 42.36
CA TRP D 221 -26.45 44.54 42.22
C TRP D 221 -26.17 45.92 41.67
N GLY D 222 -25.22 46.63 42.26
CA GLY D 222 -25.02 48.01 41.88
C GLY D 222 -24.35 48.24 40.54
N VAL D 223 -23.86 47.19 39.88
CA VAL D 223 -23.20 47.34 38.59
C VAL D 223 -24.16 47.08 37.43
N ILE D 224 -25.40 46.69 37.72
CA ILE D 224 -26.34 46.36 36.66
C ILE D 224 -27.08 47.64 36.23
N HIS D 225 -27.64 47.60 35.01
CA HIS D 225 -28.06 48.83 34.32
C HIS D 225 -29.42 49.34 34.77
N ASN D 226 -30.47 48.57 34.56
CA ASN D 226 -31.83 49.09 34.65
C ASN D 226 -32.59 48.47 35.80
N ARG D 227 -31.94 48.41 36.97
CA ARG D 227 -32.48 47.68 38.11
C ARG D 227 -33.74 48.31 38.67
N SER D 228 -33.94 49.61 38.43
CA SER D 228 -35.15 50.26 38.93
C SER D 228 -36.40 49.83 38.17
N THR D 229 -36.24 49.18 37.03
CA THR D 229 -37.32 48.45 36.38
C THR D 229 -37.57 47.09 36.99
N LEU D 230 -36.83 46.75 38.05
CA LEU D 230 -36.89 45.44 38.67
C LEU D 230 -36.99 45.54 40.19
N ILE D 231 -37.27 46.72 40.73
CA ILE D 231 -37.13 46.96 42.15
C ILE D 231 -38.49 47.02 42.85
N HIS D 232 -39.49 46.35 42.31
CA HIS D 232 -40.80 46.37 42.93
C HIS D 232 -40.82 45.49 44.17
N PRO D 233 -41.50 45.90 45.24
CA PRO D 233 -41.66 45.02 46.41
C PRO D 233 -42.68 43.93 46.19
N GLU D 234 -43.51 44.03 45.16
CA GLU D 234 -44.35 42.92 44.75
C GLU D 234 -43.50 41.86 44.08
N GLY D 235 -43.94 40.61 44.21
CA GLY D 235 -43.21 39.47 43.70
C GLY D 235 -43.95 38.77 42.56
N ARG D 236 -43.25 37.77 42.02
CA ARG D 236 -43.74 36.84 40.99
C ARG D 236 -44.16 37.53 39.70
N PHE D 237 -43.67 38.73 39.46
CA PHE D 237 -44.12 39.42 38.26
C PHE D 237 -43.07 39.30 37.18
N PRO D 238 -43.45 38.99 35.94
CA PRO D 238 -42.43 38.91 34.88
C PRO D 238 -42.01 40.28 34.39
N ALA D 239 -40.81 40.69 34.78
CA ALA D 239 -40.28 41.99 34.38
C ALA D 239 -39.54 41.89 33.05
N TYR D 240 -39.52 42.99 32.32
CA TYR D 240 -38.83 43.06 31.04
C TYR D 240 -37.53 43.83 31.20
N TYR D 241 -36.50 43.38 30.49
CA TYR D 241 -35.19 44.01 30.54
C TYR D 241 -34.84 44.57 29.17
N SER D 242 -34.13 45.70 29.18
CA SER D 242 -33.76 46.40 27.96
C SER D 242 -32.26 46.35 27.80
N LEU D 243 -31.78 45.50 26.90
CA LEU D 243 -30.35 45.28 26.75
C LEU D 243 -29.70 46.46 26.04
N ASP D 244 -30.09 46.68 24.77
CA ASP D 244 -29.86 47.89 23.98
C ASP D 244 -28.41 48.12 23.57
N GLU D 245 -27.47 47.32 24.10
CA GLU D 245 -26.05 47.29 23.75
C GLU D 245 -25.35 48.63 23.89
N GLN D 246 -25.91 49.58 24.63
CA GLN D 246 -25.36 50.93 24.67
C GLN D 246 -25.39 51.50 26.07
N GLY D 247 -25.08 50.70 27.08
CA GLY D 247 -25.03 51.16 28.44
C GLY D 247 -23.84 52.08 28.70
N GLN D 248 -23.81 52.61 29.92
CA GLN D 248 -22.72 53.48 30.32
C GLN D 248 -21.42 52.69 30.49
N GLY D 249 -20.33 53.43 30.68
CA GLY D 249 -19.02 52.81 30.74
C GLY D 249 -18.82 51.93 31.96
N ARG D 250 -19.52 52.24 33.05
CA ARG D 250 -19.48 51.38 34.22
C ARG D 250 -20.53 50.28 34.14
N LEU D 251 -21.80 50.66 34.03
CA LEU D 251 -22.91 49.74 34.23
C LEU D 251 -23.12 48.89 32.99
N SER D 252 -22.63 47.65 33.04
CA SER D 252 -22.95 46.67 32.01
C SER D 252 -24.22 45.93 32.39
N CYS D 253 -24.74 45.15 31.44
CA CYS D 253 -26.07 44.55 31.56
C CYS D 253 -25.99 43.03 31.63
N LEU D 254 -27.12 42.42 31.95
CA LEU D 254 -27.19 40.97 32.03
C LEU D 254 -27.11 40.34 30.65
N ASP D 255 -26.66 39.09 30.61
CA ASP D 255 -26.80 38.28 29.42
C ASP D 255 -28.08 37.47 29.57
N ILE D 256 -29.00 37.62 28.61
CA ILE D 256 -30.34 37.07 28.78
C ILE D 256 -30.38 35.61 28.32
N ASN D 257 -29.27 35.08 27.81
CA ASN D 257 -29.19 33.66 27.49
C ASN D 257 -28.98 32.78 28.72
N HIS D 258 -28.88 33.36 29.92
CA HIS D 258 -28.79 32.60 31.15
C HIS D 258 -30.16 32.11 31.58
N THR D 259 -30.25 31.48 32.75
CA THR D 259 -31.57 31.18 33.27
C THR D 259 -31.80 31.54 34.73
N HIS D 260 -30.80 31.57 35.61
CA HIS D 260 -31.08 31.90 37.00
C HIS D 260 -30.19 33.07 37.42
N PHE D 261 -30.67 33.90 38.33
CA PHE D 261 -29.90 35.08 38.71
C PHE D 261 -29.93 35.30 40.21
N LEU D 262 -28.74 35.34 40.80
CA LEU D 262 -28.50 35.90 42.11
C LEU D 262 -27.88 37.26 41.90
N LEU D 263 -28.40 38.28 42.57
CA LEU D 263 -27.83 39.60 42.52
C LEU D 263 -27.38 39.98 43.91
N VAL D 264 -26.09 40.17 44.10
CA VAL D 264 -25.53 40.38 45.42
C VAL D 264 -25.41 41.88 45.67
N ASP D 265 -25.86 42.32 46.85
CA ASP D 265 -26.08 43.74 47.12
C ASP D 265 -25.33 44.15 48.38
N ASP D 266 -24.22 44.85 48.20
CA ASP D 266 -23.44 45.40 49.29
C ASP D 266 -23.57 46.91 49.42
N GLY D 267 -24.26 47.57 48.50
CA GLY D 267 -24.44 49.00 48.57
C GLY D 267 -23.25 49.82 48.14
N THR D 268 -22.25 49.21 47.51
CA THR D 268 -21.10 49.96 47.05
C THR D 268 -21.41 50.72 45.76
N GLN D 269 -22.16 50.07 44.85
CA GLN D 269 -22.86 50.66 43.70
C GLN D 269 -21.90 51.13 42.60
N GLY D 270 -20.60 51.03 42.82
CA GLY D 270 -19.65 51.52 41.83
C GLY D 270 -18.51 50.58 41.50
N HIS D 271 -18.36 49.52 42.28
CA HIS D 271 -17.27 48.55 42.10
C HIS D 271 -17.65 47.07 41.93
N TYR D 272 -17.04 46.45 40.93
CA TYR D 272 -17.23 45.04 40.58
C TYR D 272 -16.75 43.99 41.61
N GLY D 273 -15.64 44.29 42.28
CA GLY D 273 -14.98 43.38 43.21
C GLY D 273 -15.65 42.82 44.45
N VAL D 274 -16.53 43.58 45.09
CA VAL D 274 -17.19 43.14 46.32
C VAL D 274 -18.00 41.84 46.23
N GLU D 275 -18.63 41.61 45.08
CA GLU D 275 -19.48 40.44 44.87
C GLU D 275 -18.87 39.03 44.99
N ILE D 276 -17.61 38.86 44.56
CA ILE D 276 -16.99 37.53 44.55
C ILE D 276 -16.82 36.80 45.89
N GLU D 277 -16.41 37.50 46.95
CA GLU D 277 -16.23 36.86 48.25
C GLU D 277 -17.40 35.97 48.60
N LEU D 278 -18.59 36.27 48.07
CA LEU D 278 -19.69 35.35 48.28
C LEU D 278 -19.56 34.13 47.37
N ARG D 279 -19.28 34.38 46.10
CA ARG D 279 -19.46 33.34 45.08
C ARG D 279 -18.74 32.04 45.23
N ALA D 280 -17.48 32.06 45.57
CA ALA D 280 -16.79 30.80 45.80
C ALA D 280 -17.34 30.07 47.02
N ARG D 281 -17.86 30.82 48.01
CA ARG D 281 -18.52 30.19 49.16
C ARG D 281 -19.69 29.32 48.71
N LEU D 282 -20.44 29.82 47.72
CA LEU D 282 -21.54 29.05 47.13
C LEU D 282 -21.05 27.72 46.59
N GLU D 283 -19.87 27.72 45.98
CA GLU D 283 -19.30 26.50 45.42
C GLU D 283 -19.10 25.45 46.50
N LYS D 284 -18.57 25.89 47.66
CA LYS D 284 -18.32 24.95 48.75
C LYS D 284 -19.61 24.36 49.26
N LEU D 285 -20.69 25.14 49.23
CA LEU D 285 -21.97 24.63 49.71
C LEU D 285 -22.46 23.51 48.83
N ILE D 286 -22.33 23.65 47.51
CA ILE D 286 -22.86 22.59 46.67
C ILE D 286 -21.73 21.61 46.41
N SER D 287 -20.59 21.81 47.06
CA SER D 287 -19.66 20.71 47.21
C SER D 287 -19.95 19.92 48.46
N LYS D 288 -20.50 20.59 49.49
CA LYS D 288 -20.80 19.91 50.74
C LYS D 288 -22.05 19.04 50.62
N LEU D 289 -22.89 19.34 49.65
CA LEU D 289 -24.06 18.52 49.38
C LEU D 289 -23.59 17.18 48.83
N SER D 290 -24.30 16.12 49.20
CA SER D 290 -23.99 14.79 48.69
C SER D 290 -24.91 14.40 47.55
N VAL D 298 -20.15 10.35 49.46
CA VAL D 298 -19.61 10.91 48.24
C VAL D 298 -19.94 12.40 48.14
N THR D 299 -19.10 13.13 47.42
CA THR D 299 -19.26 14.56 47.22
C THR D 299 -19.35 14.86 45.73
N ILE D 300 -20.01 15.96 45.40
CA ILE D 300 -20.09 16.38 44.00
C ILE D 300 -18.74 16.94 43.57
N PRO D 301 -18.18 16.47 42.45
CA PRO D 301 -16.96 17.09 41.92
C PRO D 301 -17.20 18.53 41.50
N VAL D 302 -16.20 19.39 41.73
CA VAL D 302 -16.30 20.81 41.47
C VAL D 302 -15.07 21.25 40.69
N VAL D 303 -15.25 22.02 39.62
CA VAL D 303 -14.10 22.50 38.86
C VAL D 303 -14.40 23.81 38.14
N CYS D 304 -13.46 24.76 38.21
CA CYS D 304 -13.57 26.00 37.46
C CYS D 304 -12.60 25.95 36.28
N VAL D 305 -13.02 26.54 35.17
CA VAL D 305 -12.15 26.71 34.01
C VAL D 305 -11.80 28.17 33.89
N VAL D 306 -10.63 28.46 33.34
CA VAL D 306 -10.10 29.82 33.33
C VAL D 306 -9.56 30.15 31.95
N LEU D 307 -10.01 31.30 31.42
CA LEU D 307 -9.54 31.88 30.17
C LEU D 307 -9.05 33.29 30.45
N ASP D 308 -8.86 34.10 29.40
CA ASP D 308 -7.97 35.27 29.31
C ASP D 308 -7.82 36.16 30.53
N GLY D 309 -8.91 36.72 31.02
CA GLY D 309 -8.81 37.30 32.34
C GLY D 309 -8.14 38.67 32.46
N GLY D 310 -7.80 38.98 33.71
CA GLY D 310 -7.37 40.29 34.11
C GLY D 310 -7.05 40.32 35.60
N PRO D 311 -7.54 41.32 36.30
CA PRO D 311 -7.52 41.29 37.77
C PRO D 311 -8.65 40.47 38.40
N GLY D 312 -9.82 40.43 37.78
CA GLY D 312 -10.91 39.67 38.35
C GLY D 312 -10.70 38.18 38.32
N THR D 313 -10.09 37.67 37.25
CA THR D 313 -9.76 36.26 37.13
C THR D 313 -8.81 35.83 38.21
N LEU D 314 -7.83 36.67 38.55
CA LEU D 314 -6.83 36.29 39.52
C LEU D 314 -7.40 36.21 40.92
N ASN D 315 -8.29 37.14 41.26
CA ASN D 315 -8.95 37.11 42.56
C ASN D 315 -9.91 35.93 42.66
N THR D 316 -10.63 35.59 41.58
CA THR D 316 -11.53 34.44 41.75
C THR D 316 -10.79 33.11 41.74
N ILE D 317 -9.65 33.02 41.05
CA ILE D 317 -8.81 31.83 41.17
C ILE D 317 -8.31 31.70 42.60
N TYR D 318 -7.82 32.79 43.18
CA TYR D 318 -7.27 32.72 44.53
C TYR D 318 -8.34 32.45 45.57
N ASN D 319 -9.52 32.99 45.39
CA ASN D 319 -10.53 32.71 46.38
C ASN D 319 -11.23 31.38 46.13
N SER D 320 -10.97 30.75 44.98
CA SER D 320 -11.43 29.38 44.81
C SER D 320 -10.43 28.39 45.38
N MET D 321 -9.17 28.46 44.96
CA MET D 321 -8.18 27.45 45.33
C MET D 321 -7.79 27.47 46.80
N LEU D 322 -8.19 28.49 47.56
CA LEU D 322 -8.07 28.43 49.01
C LEU D 322 -9.22 27.68 49.65
N ASN D 323 -10.08 27.06 48.84
CA ASN D 323 -11.24 26.35 49.34
C ASN D 323 -11.31 24.94 48.73
N HIS D 324 -10.18 24.45 48.22
CA HIS D 324 -9.94 23.09 47.74
C HIS D 324 -10.81 22.68 46.56
N THR D 325 -11.38 23.63 45.83
CA THR D 325 -12.12 23.32 44.61
C THR D 325 -11.24 23.64 43.42
N PRO D 326 -10.61 22.65 42.80
CA PRO D 326 -9.45 22.91 41.93
C PRO D 326 -9.78 23.61 40.63
N CYS D 327 -8.79 24.05 39.85
CA CYS D 327 -9.12 24.80 38.65
C CYS D 327 -8.18 24.49 37.50
N VAL D 328 -8.70 24.68 36.29
CA VAL D 328 -8.04 24.36 35.03
C VAL D 328 -7.77 25.66 34.31
N VAL D 329 -6.59 25.80 33.70
CA VAL D 329 -6.26 27.01 32.97
C VAL D 329 -5.98 26.68 31.51
N LEU D 330 -6.76 27.29 30.62
CA LEU D 330 -6.62 27.03 29.19
C LEU D 330 -5.41 27.74 28.61
N GLU D 331 -4.62 27.03 27.81
CA GLU D 331 -3.49 27.63 27.14
C GLU D 331 -3.93 28.48 25.95
N GLY D 332 -3.03 29.38 25.54
CA GLY D 332 -3.25 30.19 24.37
C GLY D 332 -4.37 31.19 24.48
N SER D 333 -4.68 31.64 25.68
CA SER D 333 -5.86 32.45 25.89
C SER D 333 -5.59 33.93 26.00
N GLY D 334 -4.33 34.35 26.18
CA GLY D 334 -4.04 35.78 26.25
C GLY D 334 -3.52 36.29 27.58
N ARG D 335 -4.32 37.10 28.26
CA ARG D 335 -3.86 37.97 29.36
C ARG D 335 -3.29 37.28 30.58
N LEU D 336 -4.09 36.51 31.32
CA LEU D 336 -3.60 35.91 32.56
C LEU D 336 -3.30 34.43 32.42
N ALA D 337 -4.01 33.78 31.52
CA ALA D 337 -3.86 32.34 31.36
C ALA D 337 -2.49 31.98 30.81
N ASP D 338 -2.00 32.75 29.85
CA ASP D 338 -0.67 32.48 29.35
C ASP D 338 0.42 32.86 30.36
N VAL D 339 0.11 33.77 31.28
CA VAL D 339 1.03 34.07 32.37
C VAL D 339 1.21 32.84 33.27
N ILE D 340 0.09 32.25 33.70
CA ILE D 340 0.21 31.09 34.57
C ILE D 340 0.73 29.89 33.78
N ALA D 341 0.50 29.86 32.47
CA ALA D 341 1.08 28.81 31.65
C ALA D 341 2.59 28.97 31.46
N HIS D 342 3.10 30.20 31.53
CA HIS D 342 4.54 30.37 31.43
C HIS D 342 5.26 29.98 32.71
N VAL D 343 4.59 30.10 33.85
CA VAL D 343 5.21 29.77 35.14
C VAL D 343 4.92 28.30 35.39
N ALA D 344 5.79 27.44 34.85
CA ALA D 344 5.66 26.01 35.02
C ALA D 344 6.91 25.39 35.66
N SER D 345 7.78 26.22 36.24
CA SER D 345 8.99 25.74 36.89
C SER D 345 9.47 26.79 37.88
N VAL D 346 10.50 26.43 38.63
CA VAL D 346 11.19 27.28 39.61
C VAL D 346 10.23 27.87 40.63
N PRO D 347 9.76 27.09 41.61
CA PRO D 347 8.81 27.62 42.60
C PRO D 347 9.41 28.70 43.48
N VAL D 348 10.71 28.65 43.75
CA VAL D 348 11.36 29.69 44.53
C VAL D 348 11.94 30.78 43.63
N SER D 349 12.51 30.40 42.50
CA SER D 349 13.29 31.35 41.71
C SER D 349 12.42 32.26 40.87
N LYS D 350 11.32 31.74 40.31
CA LYS D 350 10.51 32.53 39.39
C LYS D 350 9.72 33.62 40.08
N VAL D 351 9.38 33.43 41.36
CA VAL D 351 8.53 34.42 42.01
C VAL D 351 9.39 35.59 42.46
N THR D 352 9.63 36.52 41.54
CA THR D 352 10.21 37.81 41.80
C THR D 352 9.31 38.88 41.17
N MET D 353 9.38 40.09 41.70
CA MET D 353 8.63 41.18 41.09
C MET D 353 9.19 41.53 39.71
N ALA D 354 10.47 41.24 39.48
CA ALA D 354 11.08 41.56 38.19
C ALA D 354 10.61 40.62 37.08
N LEU D 355 10.55 39.32 37.36
CA LEU D 355 10.13 38.36 36.33
C LEU D 355 8.64 38.50 36.03
N ILE D 356 7.85 38.73 37.07
CA ILE D 356 6.42 38.98 36.88
C ILE D 356 6.20 40.28 36.13
N ASN D 357 7.03 41.28 36.39
CA ASN D 357 6.92 42.54 35.66
C ASN D 357 7.37 42.37 34.21
N ARG D 358 8.35 41.51 33.97
CA ARG D 358 8.76 41.19 32.59
C ARG D 358 7.64 40.49 31.84
N LEU D 359 6.98 39.54 32.49
CA LEU D 359 5.90 38.81 31.84
C LEU D 359 4.68 39.71 31.60
N LEU D 360 4.33 40.54 32.59
CA LEU D 360 3.18 41.42 32.44
C LEU D 360 3.46 42.55 31.46
N LYS D 361 4.73 42.85 31.20
CA LYS D 361 5.04 43.68 30.06
C LYS D 361 5.00 42.89 28.76
N ARG D 362 5.27 41.59 28.83
CA ARG D 362 5.28 40.79 27.60
C ARG D 362 3.89 40.47 27.09
N PHE D 363 2.88 40.40 27.96
CA PHE D 363 1.55 39.96 27.52
C PHE D 363 0.50 41.06 27.59
N PHE D 364 0.35 41.73 28.72
CA PHE D 364 -0.64 42.82 28.85
C PHE D 364 -0.15 44.02 28.06
N MET D 365 -0.45 44.01 26.75
CA MET D 365 0.13 45.00 25.86
C MET D 365 -0.50 46.37 26.07
N GLN D 366 -1.81 46.48 25.89
CA GLN D 366 -2.43 47.79 25.83
C GLN D 366 -2.65 48.40 27.22
N GLU D 367 -2.89 47.58 28.24
CA GLU D 367 -3.29 48.10 29.54
C GLU D 367 -2.13 48.31 30.49
N TYR D 368 -0.89 48.18 30.01
CA TYR D 368 0.27 48.09 30.89
C TYR D 368 0.57 49.41 31.60
N LYS D 369 0.12 50.53 31.07
CA LYS D 369 0.31 51.79 31.75
C LYS D 369 -0.69 52.02 32.88
N ASN D 370 -1.64 51.11 33.08
CA ASN D 370 -2.59 51.25 34.17
C ASN D 370 -2.08 50.68 35.49
N PHE D 371 -0.85 50.15 35.51
CA PHE D 371 -0.35 49.46 36.68
C PHE D 371 0.23 50.43 37.71
N THR D 372 0.04 50.10 38.99
CA THR D 372 0.69 50.80 40.09
C THR D 372 1.39 49.79 40.98
N GLU D 373 2.25 50.30 41.87
CA GLU D 373 3.16 49.44 42.62
C GLU D 373 2.45 48.61 43.68
N LEU D 374 1.41 49.17 44.29
CA LEU D 374 0.63 48.39 45.25
C LEU D 374 -0.11 47.25 44.55
N GLN D 375 -0.66 47.51 43.36
CA GLN D 375 -1.37 46.48 42.63
C GLN D 375 -0.42 45.42 42.09
N ILE D 376 0.78 45.81 41.65
CA ILE D 376 1.70 44.79 41.18
C ILE D 376 2.22 43.95 42.34
N ILE D 377 2.29 44.53 43.54
CA ILE D 377 2.81 43.66 44.60
C ILE D 377 1.68 42.77 45.16
N GLU D 378 0.43 43.23 45.11
CA GLU D 378 -0.67 42.37 45.53
C GLU D 378 -0.84 41.22 44.55
N TRP D 379 -0.66 41.51 43.27
CA TRP D 379 -0.61 40.50 42.22
C TRP D 379 0.51 39.49 42.43
N THR D 380 1.71 39.96 42.74
CA THR D 380 2.83 39.05 42.90
C THR D 380 2.64 38.14 44.12
N LYS D 381 2.08 38.67 45.20
CA LYS D 381 1.81 37.82 46.34
C LYS D 381 0.70 36.82 46.04
N LYS D 382 -0.32 37.23 45.27
CA LYS D 382 -1.41 36.29 44.96
C LYS D 382 -0.93 35.16 44.07
N ILE D 383 -0.09 35.46 43.08
CA ILE D 383 0.37 34.40 42.19
C ILE D 383 1.41 33.52 42.89
N GLN D 384 2.15 34.07 43.87
CA GLN D 384 3.03 33.20 44.65
C GLN D 384 2.24 32.28 45.56
N ASP D 385 1.10 32.75 46.09
CA ASP D 385 0.27 31.89 46.92
C ASP D 385 -0.44 30.84 46.07
N ILE D 386 -0.77 31.18 44.84
CA ILE D 386 -1.42 30.21 43.95
C ILE D 386 -0.46 29.13 43.53
N LEU D 387 0.71 29.52 43.03
CA LEU D 387 1.64 28.55 42.46
C LEU D 387 2.28 27.66 43.52
N ARG D 388 2.18 28.03 44.80
CA ARG D 388 2.68 27.20 45.89
C ARG D 388 1.79 26.01 46.18
N MET D 389 0.64 25.87 45.51
CA MET D 389 -0.25 24.72 45.65
C MET D 389 -0.33 23.97 44.32
N PRO D 390 0.70 23.21 43.97
CA PRO D 390 0.78 22.66 42.62
C PRO D 390 -0.06 21.41 42.40
N HIS D 391 -0.77 20.92 43.41
CA HIS D 391 -1.57 19.73 43.25
C HIS D 391 -3.05 20.02 43.07
N LEU D 392 -3.45 21.30 43.07
CA LEU D 392 -4.80 21.65 42.68
C LEU D 392 -4.87 22.36 41.34
N LEU D 393 -3.82 23.06 40.95
CA LEU D 393 -3.79 23.73 39.66
C LEU D 393 -3.36 22.77 38.56
N THR D 394 -3.83 23.04 37.35
CA THR D 394 -3.25 22.46 36.15
C THR D 394 -3.34 23.43 34.99
N VAL D 395 -2.17 23.79 34.46
CA VAL D 395 -2.13 24.41 33.14
C VAL D 395 -2.48 23.33 32.15
N PHE D 396 -3.07 23.73 31.03
CA PHE D 396 -3.64 22.76 30.14
C PHE D 396 -3.41 23.18 28.70
N ARG D 397 -2.70 22.35 27.95
CA ARG D 397 -2.34 22.64 26.58
C ARG D 397 -3.58 22.72 25.71
N ILE D 398 -3.40 23.30 24.52
CA ILE D 398 -4.52 23.76 23.72
C ILE D 398 -5.28 22.58 23.15
N ASP D 399 -6.56 22.81 22.87
CA ASP D 399 -7.41 21.79 22.27
C ASP D 399 -6.91 21.47 20.87
N GLU D 400 -6.35 20.28 20.70
CA GLU D 400 -5.73 19.87 19.46
C GLU D 400 -6.43 18.63 18.90
N ASP D 401 -6.07 18.27 17.69
CA ASP D 401 -6.59 17.06 17.06
C ASP D 401 -5.89 15.79 17.53
N LYS D 402 -4.87 15.91 18.37
CA LYS D 402 -4.14 14.74 18.88
C LYS D 402 -4.75 14.25 20.19
N ASN D 403 -6.07 14.03 20.17
CA ASN D 403 -6.87 13.46 21.27
C ASN D 403 -6.73 14.27 22.56
N TYR D 404 -7.16 15.53 22.47
CA TYR D 404 -7.18 16.40 23.64
C TYR D 404 -8.27 17.44 23.47
N ASP D 405 -9.27 17.41 24.35
CA ASP D 405 -10.28 18.45 24.45
C ASP D 405 -10.53 18.65 25.94
N VAL D 406 -11.57 19.41 26.28
CA VAL D 406 -11.74 19.83 27.67
C VAL D 406 -12.16 18.69 28.57
N ASP D 407 -12.64 17.57 28.02
CA ASP D 407 -12.99 16.43 28.85
C ASP D 407 -11.74 15.82 29.51
N VAL D 408 -10.64 15.79 28.78
CA VAL D 408 -9.38 15.28 29.33
C VAL D 408 -8.88 16.19 30.43
N ALA D 409 -9.02 17.49 30.24
CA ALA D 409 -8.58 18.44 31.25
C ALA D 409 -9.42 18.33 32.52
N ILE D 410 -10.74 18.19 32.37
CA ILE D 410 -11.61 18.07 33.54
C ILE D 410 -11.31 16.78 34.30
N LEU D 411 -11.06 15.69 33.57
CA LEU D 411 -10.71 14.44 34.26
C LEU D 411 -9.37 14.53 34.98
N GLN D 412 -8.36 15.08 34.31
CA GLN D 412 -7.05 15.10 34.94
C GLN D 412 -7.00 16.06 36.12
N ALA D 413 -7.78 17.13 36.09
CA ALA D 413 -7.84 17.98 37.27
C ALA D 413 -8.58 17.29 38.41
N LEU D 414 -9.63 16.53 38.09
CA LEU D 414 -10.30 15.74 39.13
C LEU D 414 -9.36 14.70 39.73
N LEU D 415 -8.46 14.13 38.94
CA LEU D 415 -7.60 13.11 39.52
C LEU D 415 -6.37 13.65 40.24
N LYS D 416 -5.73 14.69 39.71
CA LYS D 416 -4.65 15.34 40.46
C LYS D 416 -5.16 16.04 41.70
N ALA D 417 -6.46 16.34 41.78
CA ALA D 417 -7.02 16.72 43.06
C ALA D 417 -7.20 15.51 43.95
N SER D 418 -7.82 14.45 43.45
CA SER D 418 -8.23 13.35 44.32
C SER D 418 -7.10 12.37 44.62
N ARG D 419 -5.93 12.51 43.98
CA ARG D 419 -4.82 11.61 44.25
C ARG D 419 -4.22 11.89 45.63
N SER D 420 -3.70 13.10 45.82
CA SER D 420 -3.08 13.52 47.06
C SER D 420 -4.07 13.98 48.11
N ASP D 421 -5.36 13.66 47.94
CA ASP D 421 -6.39 14.04 48.88
C ASP D 421 -6.25 13.20 50.15
N GLU D 422 -6.91 13.65 51.21
CA GLU D 422 -6.90 12.91 52.47
C GLU D 422 -7.66 11.60 52.35
N HIS D 423 -8.94 11.66 51.99
CA HIS D 423 -9.82 10.49 52.04
C HIS D 423 -10.64 10.39 50.75
N ALA D 424 -9.98 10.42 49.60
CA ALA D 424 -10.69 10.23 48.34
C ALA D 424 -10.67 8.79 47.84
N GLY D 425 -9.74 7.96 48.33
CA GLY D 425 -9.62 6.61 47.82
C GLY D 425 -10.71 5.67 48.26
N ARG D 426 -11.51 6.05 49.27
CA ARG D 426 -12.55 5.17 49.77
C ARG D 426 -13.84 5.31 48.98
N HIS D 427 -14.19 6.53 48.56
CA HIS D 427 -15.47 6.73 47.92
C HIS D 427 -15.48 7.62 46.68
N CYS D 428 -14.43 8.40 46.39
CA CYS D 428 -14.52 9.32 45.26
C CYS D 428 -14.30 8.63 43.92
N TRP D 429 -13.60 7.50 43.89
CA TRP D 429 -13.27 6.85 42.63
C TRP D 429 -14.49 6.25 41.96
N GLU D 430 -15.56 6.03 42.73
CA GLU D 430 -16.82 5.56 42.16
C GLU D 430 -17.40 6.58 41.19
N ARG D 431 -17.64 7.80 41.67
CA ARG D 431 -18.23 8.80 40.79
C ARG D 431 -17.21 9.31 39.78
N GLN D 432 -15.93 9.17 40.10
CA GLN D 432 -14.87 9.36 39.11
C GLN D 432 -15.06 8.46 37.89
N LEU D 433 -15.22 7.16 38.10
CA LEU D 433 -15.41 6.26 36.97
C LEU D 433 -16.76 6.48 36.31
N GLU D 434 -17.81 6.69 37.13
CA GLU D 434 -19.16 6.86 36.60
C GLU D 434 -19.27 8.10 35.73
N LEU D 435 -18.43 9.09 35.98
CA LEU D 435 -18.29 10.19 35.02
C LEU D 435 -17.40 9.80 33.86
N ALA D 436 -16.38 8.97 34.10
CA ALA D 436 -15.39 8.68 33.05
C ALA D 436 -15.99 7.87 31.92
N VAL D 437 -17.04 7.10 32.21
CA VAL D 437 -17.69 6.33 31.16
C VAL D 437 -18.52 7.22 30.25
N ALA D 438 -18.94 8.39 30.71
CA ALA D 438 -19.92 9.14 29.95
C ALA D 438 -19.29 9.90 28.80
N TRP D 439 -17.98 10.02 28.77
CA TRP D 439 -17.33 10.83 27.75
C TRP D 439 -16.53 9.99 26.78
N ASN D 440 -16.41 8.69 27.05
CA ASN D 440 -15.71 7.69 26.24
C ASN D 440 -14.25 8.08 26.02
N ARG D 441 -13.54 8.22 27.12
CA ARG D 441 -12.09 8.37 27.11
C ARG D 441 -11.53 7.09 27.71
N VAL D 442 -11.18 6.15 26.84
CA VAL D 442 -10.77 4.83 27.31
C VAL D 442 -9.34 4.86 27.83
N ASP D 443 -8.44 5.60 27.17
CA ASP D 443 -7.03 5.55 27.50
C ASP D 443 -6.74 6.22 28.84
N ILE D 444 -7.50 7.25 29.18
CA ILE D 444 -7.26 7.99 30.41
C ILE D 444 -7.64 7.15 31.61
N ALA D 445 -8.79 6.49 31.55
CA ALA D 445 -9.17 5.60 32.63
C ALA D 445 -8.28 4.37 32.68
N GLU D 446 -7.82 3.91 31.51
CA GLU D 446 -6.97 2.72 31.46
C GLU D 446 -5.59 3.00 32.04
N SER D 447 -5.10 4.23 31.90
CA SER D 447 -3.78 4.58 32.38
C SER D 447 -3.78 5.27 33.73
N GLU D 448 -4.95 5.61 34.28
CA GLU D 448 -4.97 6.37 35.52
C GLU D 448 -5.54 5.60 36.70
N ILE D 449 -6.72 5.00 36.56
CA ILE D 449 -7.35 4.35 37.70
C ILE D 449 -7.30 2.84 37.66
N PHE D 450 -7.08 2.22 36.50
CA PHE D 450 -6.85 0.79 36.46
C PHE D 450 -5.36 0.52 36.45
N THR D 451 -4.74 0.86 37.56
CA THR D 451 -3.34 0.60 37.81
C THR D 451 -3.23 -0.60 38.73
N GLU D 452 -1.99 -1.01 39.00
CA GLU D 452 -1.77 -2.26 39.71
C GLU D 452 -2.08 -2.17 41.20
N GLU D 453 -2.11 -0.97 41.75
CA GLU D 453 -2.15 -0.80 43.19
C GLU D 453 -3.57 -0.76 43.77
N SER D 454 -4.61 -0.71 42.94
CA SER D 454 -5.94 -0.39 43.46
C SER D 454 -6.60 -1.59 44.13
N GLN D 455 -6.64 -2.75 43.45
CA GLN D 455 -7.07 -4.05 43.97
C GLN D 455 -8.52 -4.03 44.48
N TRP D 456 -9.42 -3.78 43.53
CA TRP D 456 -10.85 -3.69 43.80
C TRP D 456 -11.49 -5.08 43.88
N THR D 457 -12.83 -5.11 43.94
CA THR D 457 -13.61 -6.32 43.77
C THR D 457 -14.42 -6.21 42.48
N SER D 458 -14.96 -7.34 42.05
CA SER D 458 -15.58 -7.39 40.74
C SER D 458 -17.06 -7.01 40.77
N SER D 459 -17.73 -7.18 41.91
CA SER D 459 -19.14 -6.86 41.97
C SER D 459 -19.41 -5.38 42.07
N ASP D 460 -18.42 -4.59 42.49
CA ASP D 460 -18.62 -3.16 42.62
C ASP D 460 -18.60 -2.43 41.29
N LEU D 461 -18.01 -3.02 40.25
CA LEU D 461 -17.97 -2.38 38.95
C LEU D 461 -19.30 -2.46 38.22
N HIS D 462 -20.17 -3.38 38.64
CA HIS D 462 -21.42 -3.72 37.98
C HIS D 462 -22.41 -2.58 37.71
N PRO D 463 -22.46 -1.47 38.49
CA PRO D 463 -23.18 -0.30 37.98
C PRO D 463 -22.54 0.29 36.74
N ALA D 464 -21.25 0.60 36.85
CA ALA D 464 -20.58 1.46 35.88
C ALA D 464 -20.55 0.83 34.50
N MET D 465 -20.12 -0.44 34.44
CA MET D 465 -20.06 -1.15 33.16
C MET D 465 -21.43 -1.29 32.51
N PHE D 466 -22.49 -1.33 33.34
CA PHE D 466 -23.85 -1.33 32.81
C PHE D 466 -24.11 -0.14 31.91
N SER D 467 -23.69 1.04 32.36
CA SER D 467 -23.88 2.21 31.53
C SER D 467 -23.02 2.14 30.29
N ALA D 468 -21.83 1.54 30.40
CA ALA D 468 -20.99 1.35 29.23
C ALA D 468 -21.59 0.36 28.26
N LEU D 469 -22.48 -0.51 28.75
CA LEU D 469 -23.18 -1.39 27.84
C LEU D 469 -24.52 -0.83 27.41
N VAL D 470 -25.04 0.19 28.10
CA VAL D 470 -26.35 0.69 27.68
C VAL D 470 -26.23 1.72 26.58
N GLY D 471 -25.01 2.12 26.21
CA GLY D 471 -24.85 3.17 25.23
C GLY D 471 -23.77 2.91 24.21
N ASP D 472 -23.51 1.64 23.92
CA ASP D 472 -22.64 1.18 22.82
C ASP D 472 -21.21 1.70 22.95
N LYS D 473 -20.54 1.30 24.03
CA LYS D 473 -19.14 1.63 24.28
C LYS D 473 -18.31 0.36 24.19
N PRO D 474 -17.88 -0.03 22.99
CA PRO D 474 -17.22 -1.33 22.83
C PRO D 474 -15.82 -1.46 23.44
N GLU D 475 -14.95 -0.48 23.19
CA GLU D 475 -13.58 -0.59 23.67
C GLU D 475 -13.54 -0.51 25.18
N PHE D 476 -14.49 0.22 25.75
CA PHE D 476 -14.50 0.37 27.19
C PHE D 476 -15.02 -0.88 27.87
N VAL D 477 -15.95 -1.60 27.25
CA VAL D 477 -16.44 -2.81 27.90
C VAL D 477 -15.45 -3.95 27.71
N ARG D 478 -14.64 -3.92 26.65
CA ARG D 478 -13.48 -4.81 26.59
C ARG D 478 -12.51 -4.51 27.72
N LEU D 479 -12.29 -3.22 28.02
CA LEU D 479 -11.41 -2.86 29.12
C LEU D 479 -11.95 -3.35 30.46
N LEU D 480 -13.26 -3.27 30.64
CA LEU D 480 -13.88 -3.75 31.87
C LEU D 480 -13.74 -5.26 32.02
N LEU D 481 -14.07 -6.02 30.98
CA LEU D 481 -14.00 -7.48 31.10
C LEU D 481 -12.55 -7.96 31.19
N GLU D 482 -11.61 -7.19 30.68
CA GLU D 482 -10.21 -7.54 30.93
C GLU D 482 -9.79 -7.18 32.35
N ASN D 483 -10.34 -6.13 32.92
CA ASN D 483 -9.88 -5.70 34.23
C ASN D 483 -10.53 -6.46 35.37
N GLY D 484 -11.59 -7.23 35.12
CA GLY D 484 -12.13 -8.03 36.19
C GLY D 484 -13.63 -8.19 36.27
N VAL D 485 -14.39 -7.57 35.36
CA VAL D 485 -15.83 -7.77 35.36
C VAL D 485 -16.12 -9.15 34.76
N CYS D 486 -16.89 -9.96 35.49
CA CYS D 486 -17.20 -11.32 35.09
C CYS D 486 -18.68 -11.41 34.76
N VAL D 487 -19.00 -11.96 33.59
CA VAL D 487 -20.38 -11.92 33.09
C VAL D 487 -21.27 -12.88 33.88
N ARG D 488 -20.68 -13.86 34.54
CA ARG D 488 -21.48 -14.80 35.32
C ARG D 488 -22.05 -14.15 36.57
N GLU D 489 -21.28 -13.30 37.24
CA GLU D 489 -21.79 -12.59 38.40
C GLU D 489 -22.71 -11.45 37.99
N PHE D 490 -22.62 -11.01 36.73
CA PHE D 490 -23.28 -9.79 36.29
C PHE D 490 -24.79 -9.96 36.23
N LEU D 491 -25.27 -11.10 35.73
CA LEU D 491 -26.67 -11.28 35.41
C LEU D 491 -27.42 -12.04 36.50
N GLU D 492 -27.07 -11.80 37.78
CA GLU D 492 -27.66 -12.58 38.87
C GLU D 492 -29.13 -12.25 39.06
N ARG D 493 -29.43 -10.98 39.34
CA ARG D 493 -30.82 -10.56 39.42
C ARG D 493 -31.40 -10.44 38.02
N GLU D 494 -32.58 -11.02 37.82
CA GLU D 494 -33.25 -10.92 36.53
C GLU D 494 -33.80 -9.52 36.28
N GLU D 495 -33.91 -8.72 37.33
CA GLU D 495 -34.32 -7.33 37.18
C GLU D 495 -33.32 -6.52 36.38
N THR D 496 -32.04 -6.89 36.41
CA THR D 496 -31.05 -6.26 35.55
C THR D 496 -31.34 -6.53 34.09
N LEU D 497 -31.75 -7.76 33.77
CA LEU D 497 -32.09 -8.08 32.39
C LEU D 497 -33.36 -7.37 31.95
N CYS D 498 -34.32 -7.24 32.86
CA CYS D 498 -35.52 -6.47 32.57
C CYS D 498 -35.19 -5.01 32.35
N GLU D 499 -34.21 -4.48 33.08
CA GLU D 499 -33.77 -3.11 32.89
C GLU D 499 -33.06 -2.96 31.56
N LEU D 500 -32.30 -3.98 31.16
CA LEU D 500 -31.58 -3.94 29.90
C LEU D 500 -32.54 -3.91 28.72
N TYR D 501 -33.57 -4.74 28.77
CA TYR D 501 -34.57 -4.67 27.71
C TYR D 501 -35.46 -3.45 27.82
N SER D 502 -35.54 -2.83 29.00
CA SER D 502 -36.24 -1.56 29.12
C SER D 502 -35.48 -0.45 28.40
N HIS D 503 -34.18 -0.34 28.65
CA HIS D 503 -33.34 0.71 28.07
C HIS D 503 -32.84 0.38 26.69
N LEU D 504 -33.50 -0.50 25.97
CA LEU D 504 -33.05 -0.86 24.63
C LEU D 504 -33.27 0.32 23.70
N PRO D 505 -32.28 0.72 22.93
CA PRO D 505 -32.45 1.87 22.03
C PRO D 505 -33.25 1.55 20.80
N SER D 506 -33.33 2.51 19.89
CA SER D 506 -34.23 2.42 18.75
C SER D 506 -33.65 1.53 17.66
N CYS D 507 -34.49 0.65 17.13
CA CYS D 507 -34.13 -0.26 16.06
C CYS D 507 -35.40 -0.76 15.39
N PHE D 508 -35.25 -1.72 14.49
CA PHE D 508 -36.42 -2.36 13.89
C PHE D 508 -37.11 -3.28 14.87
N PHE D 509 -36.35 -3.83 15.81
CA PHE D 509 -36.86 -4.88 16.69
C PHE D 509 -37.89 -4.32 17.66
N LEU D 510 -37.54 -3.28 18.41
CA LEU D 510 -38.46 -2.80 19.45
C LEU D 510 -39.67 -2.12 18.82
N ARG D 511 -39.49 -1.56 17.62
CA ARG D 511 -40.61 -1.11 16.82
C ARG D 511 -41.54 -2.28 16.47
N LYS D 512 -40.97 -3.44 16.17
CA LYS D 512 -41.82 -4.61 15.93
C LYS D 512 -42.31 -5.26 17.21
N LEU D 513 -41.72 -4.92 18.36
CA LEU D 513 -41.99 -5.56 19.64
C LEU D 513 -43.11 -4.87 20.40
N ALA D 514 -43.18 -3.54 20.31
CA ALA D 514 -44.21 -2.80 21.04
C ALA D 514 -45.60 -3.05 20.48
N LYS D 515 -45.69 -3.48 19.22
CA LYS D 515 -46.97 -3.93 18.68
C LYS D 515 -47.47 -5.15 19.44
N ARG D 516 -46.57 -6.10 19.72
CA ARG D 516 -46.94 -7.25 20.52
C ARG D 516 -47.10 -6.90 21.99
N VAL D 517 -46.50 -5.80 22.46
CA VAL D 517 -46.74 -5.36 23.83
C VAL D 517 -48.15 -4.82 23.98
N GLN D 518 -48.55 -3.94 23.08
CA GLN D 518 -49.91 -3.40 23.10
C GLN D 518 -50.91 -4.44 22.62
N CYS D 536 -41.18 -6.99 30.62
CA CYS D 536 -41.48 -8.41 30.67
C CYS D 536 -40.54 -9.22 29.79
N LEU D 537 -39.57 -9.90 30.41
CA LEU D 537 -38.66 -10.76 29.67
C LEU D 537 -39.39 -11.95 29.07
N SER D 538 -40.46 -12.42 29.74
CA SER D 538 -41.28 -13.48 29.20
C SER D 538 -42.07 -13.04 27.97
N HIS D 539 -42.24 -11.74 27.77
CA HIS D 539 -42.87 -11.24 26.55
C HIS D 539 -41.93 -11.31 25.35
N VAL D 540 -40.61 -11.36 25.59
CA VAL D 540 -39.65 -11.29 24.50
C VAL D 540 -39.65 -12.58 23.69
N SER D 541 -39.90 -13.72 24.35
CA SER D 541 -39.78 -15.03 23.73
C SER D 541 -40.78 -15.25 22.61
N GLU D 542 -41.91 -14.55 22.63
CA GLU D 542 -42.87 -14.65 21.54
C GLU D 542 -42.30 -14.05 20.26
N GLU D 543 -41.70 -12.86 20.36
CA GLU D 543 -41.07 -12.25 19.20
C GLU D 543 -39.82 -13.01 18.77
N VAL D 544 -39.14 -13.66 19.73
CA VAL D 544 -37.99 -14.51 19.39
C VAL D 544 -38.44 -15.70 18.56
N ARG D 545 -39.37 -16.50 19.10
CA ARG D 545 -39.80 -17.72 18.43
C ARG D 545 -40.62 -17.45 17.19
N HIS D 546 -41.19 -16.25 17.06
CA HIS D 546 -41.72 -15.87 15.76
C HIS D 546 -40.61 -15.51 14.79
N LEU D 547 -39.60 -14.77 15.26
CA LEU D 547 -38.48 -14.44 14.39
C LEU D 547 -37.63 -15.67 14.11
N LEU D 548 -37.62 -16.63 15.02
CA LEU D 548 -36.93 -17.88 14.78
C LEU D 548 -37.95 -18.85 14.20
N GLY D 549 -37.53 -20.09 13.93
CA GLY D 549 -38.50 -21.11 13.56
C GLY D 549 -39.31 -21.55 14.77
N SER D 550 -40.61 -21.73 14.56
CA SER D 550 -41.48 -22.00 15.69
C SER D 550 -41.41 -23.44 16.17
N PHE D 551 -40.65 -24.30 15.49
CA PHE D 551 -40.52 -25.69 15.88
C PHE D 551 -39.68 -25.87 17.13
N THR D 552 -38.98 -24.83 17.58
CA THR D 552 -38.17 -24.93 18.78
C THR D 552 -39.07 -24.86 20.02
N GLN D 553 -38.45 -25.00 21.17
CA GLN D 553 -39.12 -24.69 22.42
C GLN D 553 -39.07 -23.19 22.63
N PRO D 554 -39.91 -22.66 23.52
CA PRO D 554 -39.69 -21.29 23.98
C PRO D 554 -38.73 -21.27 25.15
N LEU D 555 -38.06 -20.13 25.29
CA LEU D 555 -37.02 -19.90 26.28
C LEU D 555 -37.36 -18.66 27.10
N TYR D 556 -36.45 -18.31 28.01
CA TYR D 556 -36.57 -17.17 28.92
C TYR D 556 -37.86 -17.26 29.75
N ILE D 557 -37.88 -18.29 30.59
CA ILE D 557 -39.05 -18.61 31.42
C ILE D 557 -39.27 -17.53 32.47
N ALA D 558 -40.47 -17.56 33.09
CA ALA D 558 -40.91 -16.46 33.95
C ALA D 558 -40.10 -16.38 35.23
N SER D 559 -39.67 -17.51 35.77
CA SER D 559 -38.89 -17.50 36.99
C SER D 559 -37.91 -18.67 36.99
N ARG D 560 -36.65 -18.36 37.26
CA ARG D 560 -35.62 -19.39 37.32
C ARG D 560 -35.77 -20.20 38.61
N THR D 591 -34.95 -24.54 30.19
CA THR D 591 -34.95 -23.16 30.69
C THR D 591 -33.71 -22.89 31.52
N VAL D 592 -32.55 -23.28 31.00
CA VAL D 592 -31.30 -23.11 31.71
C VAL D 592 -30.90 -21.64 31.62
N TRP D 593 -30.21 -21.14 32.66
CA TRP D 593 -30.08 -19.70 32.81
C TRP D 593 -29.08 -19.11 31.82
N ASP D 594 -27.81 -19.61 31.82
CA ASP D 594 -26.81 -19.42 30.76
C ASP D 594 -26.59 -17.96 30.37
N PRO D 595 -25.82 -17.20 31.14
CA PRO D 595 -25.81 -15.74 30.95
C PRO D 595 -25.26 -15.28 29.61
N GLY D 596 -24.26 -16.00 29.08
CA GLY D 596 -23.64 -15.59 27.83
C GLY D 596 -24.58 -15.63 26.65
N ARG D 597 -25.47 -16.63 26.63
CA ARG D 597 -26.48 -16.70 25.57
C ARG D 597 -27.44 -15.53 25.65
N ASP D 598 -27.79 -15.11 26.87
CA ASP D 598 -28.68 -13.97 27.05
C ASP D 598 -28.03 -12.68 26.57
N LEU D 599 -26.76 -12.49 26.95
CA LEU D 599 -26.04 -11.27 26.58
C LEU D 599 -25.85 -11.18 25.08
N PHE D 600 -25.43 -12.29 24.45
CA PHE D 600 -25.24 -12.29 23.01
C PHE D 600 -26.55 -12.15 22.27
N LEU D 601 -27.64 -12.68 22.83
CA LEU D 601 -28.94 -12.53 22.21
C LEU D 601 -29.37 -11.08 22.18
N TRP D 602 -29.24 -10.40 23.34
CA TRP D 602 -29.51 -8.97 23.41
C TRP D 602 -28.68 -8.17 22.42
N ALA D 603 -27.39 -8.49 22.35
CA ALA D 603 -26.47 -7.75 21.49
C ALA D 603 -26.85 -7.89 20.03
N VAL D 604 -27.02 -9.12 19.55
CA VAL D 604 -27.26 -9.33 18.12
C VAL D 604 -28.67 -8.96 17.74
N VAL D 605 -29.60 -8.85 18.70
CA VAL D 605 -30.87 -8.23 18.38
C VAL D 605 -30.70 -6.73 18.19
N GLN D 606 -30.03 -6.05 19.12
CA GLN D 606 -29.88 -4.60 19.03
C GLN D 606 -28.86 -4.17 17.97
N ASN D 607 -28.22 -5.11 17.29
CA ASN D 607 -27.40 -4.92 16.09
C ASN D 607 -26.13 -4.10 16.37
N ASN D 608 -25.70 -3.99 17.61
CA ASN D 608 -24.44 -3.32 17.91
C ASN D 608 -23.31 -4.28 17.59
N ARG D 609 -22.70 -4.11 16.42
CA ARG D 609 -21.84 -5.13 15.81
C ARG D 609 -20.58 -5.38 16.61
N GLU D 610 -19.79 -4.33 16.84
CA GLU D 610 -18.57 -4.49 17.62
C GLU D 610 -18.85 -4.78 19.08
N LEU D 611 -20.07 -4.53 19.54
CA LEU D 611 -20.50 -5.07 20.82
C LEU D 611 -20.88 -6.54 20.68
N ALA D 612 -21.38 -6.93 19.51
CA ALA D 612 -21.86 -8.31 19.34
C ALA D 612 -20.72 -9.30 19.27
N GLU D 613 -19.56 -8.88 18.76
CA GLU D 613 -18.40 -9.77 18.79
C GLU D 613 -17.97 -10.08 20.23
N ILE D 614 -18.05 -9.08 21.10
CA ILE D 614 -17.79 -9.27 22.52
C ILE D 614 -18.85 -10.16 23.13
N GLY D 615 -20.09 -10.04 22.65
CA GLY D 615 -21.12 -10.95 23.09
C GLY D 615 -20.86 -12.39 22.71
N TRP D 616 -20.26 -12.62 21.55
CA TRP D 616 -20.03 -14.00 21.11
C TRP D 616 -18.80 -14.63 21.72
N GLU D 617 -17.71 -13.86 21.86
CA GLU D 617 -16.46 -14.44 22.33
C GLU D 617 -16.53 -14.89 23.77
N GLN D 618 -17.47 -14.36 24.55
CA GLN D 618 -17.70 -14.83 25.91
C GLN D 618 -18.66 -16.00 25.98
N CYS D 619 -19.36 -16.31 24.91
CA CYS D 619 -20.41 -17.32 24.98
C CYS D 619 -19.83 -18.71 24.96
N ARG D 620 -20.57 -19.65 25.55
CA ARG D 620 -20.32 -21.07 25.41
C ARG D 620 -21.27 -21.59 24.33
N ASP D 621 -21.03 -22.84 23.87
CA ASP D 621 -21.85 -23.54 22.88
C ASP D 621 -21.86 -22.76 21.55
N CYS D 622 -20.69 -22.74 20.93
CA CYS D 622 -20.35 -21.68 19.98
C CYS D 622 -21.15 -21.78 18.68
N ILE D 623 -21.16 -22.97 18.07
CA ILE D 623 -21.71 -23.12 16.73
C ILE D 623 -23.22 -22.95 16.74
N ALA D 624 -23.87 -23.41 17.80
CA ALA D 624 -25.31 -23.22 17.98
C ALA D 624 -25.68 -21.75 17.97
N ALA D 625 -25.01 -20.96 18.79
CA ALA D 625 -25.35 -19.55 18.90
C ALA D 625 -24.98 -18.79 17.65
N ALA D 626 -23.89 -19.17 16.99
CA ALA D 626 -23.50 -18.51 15.75
C ALA D 626 -24.56 -18.71 14.68
N LEU D 627 -25.04 -19.94 14.53
CA LEU D 627 -26.03 -20.15 13.49
C LEU D 627 -27.39 -19.61 13.87
N ALA D 628 -27.72 -19.58 15.17
CA ALA D 628 -28.98 -18.98 15.57
C ALA D 628 -28.99 -17.48 15.31
N ALA D 629 -27.82 -16.84 15.50
CA ALA D 629 -27.70 -15.44 15.15
C ALA D 629 -27.85 -15.23 13.65
N SER D 630 -27.28 -16.15 12.86
CA SER D 630 -27.46 -16.09 11.42
C SER D 630 -28.93 -16.24 11.02
N LYS D 631 -29.65 -17.12 11.69
CA LYS D 631 -31.06 -17.34 11.35
C LYS D 631 -31.90 -16.14 11.71
N ILE D 632 -31.70 -15.56 12.90
CA ILE D 632 -32.54 -14.44 13.29
C ILE D 632 -32.19 -13.19 12.49
N LEU D 633 -30.92 -13.08 12.04
CA LEU D 633 -30.55 -11.98 11.16
C LEU D 633 -31.20 -12.10 9.80
N ARG D 634 -31.16 -13.29 9.19
CA ARG D 634 -31.76 -13.40 7.87
C ARG D 634 -33.28 -13.32 7.93
N LYS D 635 -33.86 -13.71 9.07
CA LYS D 635 -35.30 -13.59 9.22
C LYS D 635 -35.73 -12.13 9.31
N LEU D 636 -35.03 -11.32 10.11
CA LEU D 636 -35.39 -9.91 10.12
C LEU D 636 -34.94 -9.18 8.87
N ALA D 637 -33.98 -9.74 8.13
CA ALA D 637 -33.61 -9.18 6.85
C ALA D 637 -34.74 -9.32 5.85
N GLN D 638 -35.33 -10.52 5.78
CA GLN D 638 -36.45 -10.72 4.87
C GLN D 638 -37.70 -9.97 5.34
N GLU D 639 -37.99 -10.00 6.64
CA GLU D 639 -39.21 -9.43 7.16
C GLU D 639 -39.16 -7.91 7.32
N SER D 640 -38.07 -7.25 6.92
CA SER D 640 -37.98 -5.79 7.03
C SER D 640 -38.75 -5.16 5.88
N GLY D 641 -39.94 -4.65 6.17
CA GLY D 641 -40.80 -4.08 5.14
C GLY D 641 -40.56 -2.61 4.87
N GLU D 642 -40.44 -1.80 5.93
CA GLU D 642 -39.99 -0.43 5.79
C GLU D 642 -38.53 -0.44 5.34
N ASP D 643 -38.26 0.22 4.20
CA ASP D 643 -37.16 -0.06 3.28
C ASP D 643 -35.78 -0.20 3.94
N ASP D 644 -35.25 0.90 4.46
CA ASP D 644 -34.02 0.99 5.26
C ASP D 644 -32.86 0.17 4.66
N SER D 645 -32.52 0.52 3.42
CA SER D 645 -31.70 -0.37 2.58
C SER D 645 -30.28 -0.50 3.12
N GLU D 646 -29.71 0.56 3.68
CA GLU D 646 -28.40 0.46 4.30
C GLU D 646 -28.45 -0.40 5.57
N GLU D 647 -29.52 -0.24 6.35
CA GLU D 647 -29.73 -1.08 7.52
C GLU D 647 -29.86 -2.55 7.12
N ALA D 648 -30.63 -2.83 6.08
CA ALA D 648 -30.85 -4.21 5.65
C ALA D 648 -29.58 -4.83 5.08
N THR D 649 -28.78 -4.05 4.33
CA THR D 649 -27.56 -4.65 3.80
C THR D 649 -26.50 -4.82 4.90
N GLU D 650 -26.56 -4.00 5.96
CA GLU D 650 -25.70 -4.27 7.12
C GLU D 650 -26.15 -5.53 7.85
N MET D 651 -27.47 -5.77 7.91
CA MET D 651 -28.00 -7.00 8.49
C MET D 651 -27.47 -8.22 7.75
N LEU D 652 -27.53 -8.17 6.41
CA LEU D 652 -27.09 -9.31 5.62
C LEU D 652 -25.58 -9.51 5.71
N GLU D 653 -24.82 -8.42 5.78
CA GLU D 653 -23.37 -8.54 5.95
C GLU D 653 -23.01 -9.16 7.28
N LEU D 654 -23.75 -8.81 8.33
CA LEU D 654 -23.51 -9.39 9.65
C LEU D 654 -23.81 -10.88 9.68
N ALA D 655 -24.91 -11.28 9.04
CA ALA D 655 -25.27 -12.69 8.97
C ALA D 655 -24.22 -13.49 8.20
N ASN D 656 -23.69 -12.89 7.12
CA ASN D 656 -22.62 -13.53 6.37
C ASN D 656 -21.37 -13.69 7.22
N HIS D 657 -21.07 -12.68 8.06
CA HIS D 657 -19.93 -12.76 8.96
C HIS D 657 -20.06 -13.92 9.93
N TYR D 658 -21.22 -14.09 10.53
CA TYR D 658 -21.35 -15.17 11.51
C TYR D 658 -21.40 -16.54 10.86
N GLU D 659 -21.91 -16.65 9.63
CA GLU D 659 -21.83 -17.92 8.93
C GLU D 659 -20.39 -18.30 8.64
N LYS D 660 -19.56 -17.31 8.27
CA LYS D 660 -18.13 -17.58 8.09
C LYS D 660 -17.47 -17.99 9.40
N GLN D 661 -17.89 -17.39 10.51
CA GLN D 661 -17.33 -17.77 11.80
C GLN D 661 -17.67 -19.21 12.16
N ALA D 662 -18.92 -19.61 11.92
CA ALA D 662 -19.34 -20.96 12.27
C ALA D 662 -18.63 -22.00 11.43
N ILE D 663 -18.49 -21.75 10.13
CA ILE D 663 -17.79 -22.76 9.34
C ILE D 663 -16.30 -22.75 9.62
N GLY D 664 -15.74 -21.64 10.12
CA GLY D 664 -14.33 -21.66 10.51
C GLY D 664 -14.09 -22.54 11.73
N VAL D 665 -14.92 -22.36 12.76
CA VAL D 665 -14.79 -23.16 13.98
C VAL D 665 -15.03 -24.63 13.67
N PHE D 666 -16.02 -24.91 12.85
CA PHE D 666 -16.32 -26.31 12.57
C PHE D 666 -15.28 -26.93 11.65
N SER D 667 -14.67 -26.14 10.76
CA SER D 667 -13.61 -26.68 9.93
C SER D 667 -12.39 -27.04 10.75
N GLU D 668 -12.08 -26.23 11.75
CA GLU D 668 -10.93 -26.58 12.59
C GLU D 668 -11.25 -27.76 13.49
N CYS D 669 -12.51 -27.88 13.96
CA CYS D 669 -12.88 -29.06 14.74
C CYS D 669 -12.82 -30.32 13.90
N HIS D 670 -13.21 -30.24 12.64
CA HIS D 670 -13.19 -31.40 11.77
C HIS D 670 -11.78 -31.77 11.35
N SER D 671 -10.89 -30.79 11.24
CA SER D 671 -9.50 -31.15 11.00
C SER D 671 -8.83 -31.67 12.25
N TRP D 672 -9.40 -31.40 13.43
CA TRP D 672 -8.78 -31.93 14.64
C TRP D 672 -9.12 -33.41 14.85
N ASP D 673 -10.39 -33.72 15.03
CA ASP D 673 -10.88 -35.09 15.03
C ASP D 673 -11.97 -35.25 13.99
N ALA D 674 -12.36 -36.49 13.74
CA ALA D 674 -13.42 -36.76 12.78
C ALA D 674 -14.72 -37.14 13.49
N GLN D 675 -14.71 -38.25 14.24
CA GLN D 675 -15.95 -38.80 14.80
C GLN D 675 -16.50 -37.94 15.93
N ARG D 676 -15.66 -37.17 16.61
CA ARG D 676 -16.19 -36.22 17.58
C ARG D 676 -16.98 -35.12 16.89
N ALA D 677 -16.57 -34.70 15.70
CA ALA D 677 -17.32 -33.67 15.00
C ALA D 677 -18.68 -34.19 14.57
N GLN D 678 -18.72 -35.45 14.14
CA GLN D 678 -20.00 -36.09 13.84
C GLN D 678 -20.85 -36.25 15.10
N LYS D 679 -20.21 -36.39 16.27
CA LYS D 679 -20.97 -36.33 17.50
C LYS D 679 -21.47 -34.93 17.79
N LEU D 680 -20.74 -33.93 17.31
CA LEU D 680 -21.06 -32.54 17.64
C LEU D 680 -22.21 -32.02 16.81
N LEU D 681 -22.33 -32.45 15.56
CA LEU D 681 -23.38 -31.91 14.69
C LEU D 681 -24.77 -32.33 15.14
N ILE D 682 -24.92 -33.57 15.58
CA ILE D 682 -26.24 -34.11 15.85
C ILE D 682 -26.62 -33.87 17.31
N ARG D 683 -25.87 -33.02 18.00
CA ARG D 683 -26.12 -32.79 19.41
C ARG D 683 -27.39 -31.99 19.61
N ILE D 684 -28.10 -32.28 20.70
CA ILE D 684 -29.22 -31.44 21.13
C ILE D 684 -28.67 -30.35 22.06
N SER D 685 -29.26 -29.17 22.07
CA SER D 685 -28.68 -28.15 22.93
C SER D 685 -29.53 -27.82 24.14
N PRO D 686 -28.93 -27.89 25.34
CA PRO D 686 -29.65 -27.52 26.58
C PRO D 686 -30.01 -26.05 26.52
N SER D 687 -29.04 -25.26 26.05
CA SER D 687 -29.19 -23.82 25.84
C SER D 687 -29.86 -23.61 24.48
N TRP D 688 -30.33 -22.40 24.23
CA TRP D 688 -30.99 -22.06 22.96
C TRP D 688 -32.13 -23.03 22.64
N GLY D 689 -32.98 -23.27 23.64
CA GLY D 689 -34.12 -24.15 23.48
C GLY D 689 -33.98 -25.64 23.28
N ARG D 690 -34.49 -26.11 22.15
CA ARG D 690 -34.56 -27.51 21.75
C ARG D 690 -34.13 -27.76 20.32
N SER D 691 -33.31 -26.90 19.73
CA SER D 691 -32.89 -27.13 18.36
C SER D 691 -31.55 -27.89 18.33
N THR D 692 -31.17 -28.31 17.12
CA THR D 692 -29.87 -28.90 16.83
C THR D 692 -29.22 -28.11 15.72
N CYS D 693 -27.91 -28.28 15.57
CA CYS D 693 -27.13 -27.46 14.66
C CYS D 693 -27.51 -27.69 13.21
N LEU D 694 -27.62 -28.95 12.82
CA LEU D 694 -27.83 -29.30 11.42
C LEU D 694 -29.23 -28.89 10.97
N TRP D 695 -30.23 -29.11 11.82
CA TRP D 695 -31.58 -28.65 11.53
C TRP D 695 -31.63 -27.14 11.39
N LEU D 696 -30.94 -26.44 12.28
CA LEU D 696 -31.05 -25.00 12.34
C LEU D 696 -30.36 -24.35 11.16
N ALA D 697 -29.27 -24.95 10.69
CA ALA D 697 -28.65 -24.48 9.47
C ALA D 697 -29.46 -24.85 8.25
N LEU D 698 -30.16 -25.99 8.29
CA LEU D 698 -30.99 -26.40 7.16
C LEU D 698 -32.19 -25.49 6.99
N GLU D 699 -32.89 -25.20 8.08
CA GLU D 699 -34.00 -24.27 8.04
C GLU D 699 -33.54 -22.86 7.77
N ALA D 700 -32.35 -22.49 8.24
CA ALA D 700 -31.83 -21.15 8.01
C ALA D 700 -31.29 -20.94 6.60
N HIS D 701 -31.14 -22.04 5.84
CA HIS D 701 -30.67 -22.04 4.44
C HIS D 701 -29.26 -21.45 4.30
N ASP D 702 -28.40 -21.75 5.27
CA ASP D 702 -27.03 -21.28 5.25
C ASP D 702 -26.23 -22.04 4.20
N LYS D 703 -26.19 -21.49 2.98
CA LYS D 703 -25.78 -22.24 1.81
C LYS D 703 -24.31 -22.60 1.82
N SER D 704 -23.48 -21.88 2.57
CA SER D 704 -22.06 -22.17 2.56
C SER D 704 -21.61 -23.03 3.73
N PHE D 705 -22.53 -23.48 4.58
CA PHE D 705 -22.18 -24.38 5.67
C PHE D 705 -22.50 -25.83 5.38
N ILE D 706 -23.67 -26.11 4.81
CA ILE D 706 -24.06 -27.48 4.51
C ILE D 706 -23.22 -28.03 3.35
N ALA D 707 -22.63 -27.16 2.54
CA ALA D 707 -21.65 -27.61 1.57
C ALA D 707 -20.23 -27.52 2.13
N HIS D 708 -20.06 -28.09 3.30
CA HIS D 708 -18.76 -28.38 3.87
C HIS D 708 -18.50 -29.87 3.74
N SER D 709 -17.23 -30.25 3.72
CA SER D 709 -16.84 -31.63 3.46
C SER D 709 -17.34 -32.58 4.53
N GLY D 710 -17.21 -32.20 5.79
CA GLY D 710 -17.57 -33.12 6.87
C GLY D 710 -19.07 -33.33 6.97
N VAL D 711 -19.84 -32.27 6.78
CA VAL D 711 -21.28 -32.42 6.89
C VAL D 711 -21.84 -33.16 5.67
N GLN D 712 -21.22 -32.99 4.50
CA GLN D 712 -21.59 -33.83 3.36
C GLN D 712 -21.23 -35.29 3.59
N ALA D 713 -20.11 -35.55 4.26
CA ALA D 713 -19.75 -36.92 4.59
C ALA D 713 -20.74 -37.54 5.56
N LEU D 714 -21.25 -36.74 6.50
CA LEU D 714 -22.24 -37.29 7.42
C LEU D 714 -23.58 -37.51 6.73
N LEU D 715 -23.93 -36.62 5.79
CA LEU D 715 -25.16 -36.78 5.04
C LEU D 715 -25.12 -38.04 4.18
N THR D 716 -24.00 -38.27 3.51
CA THR D 716 -23.84 -39.48 2.70
C THR D 716 -23.83 -40.72 3.60
N GLN D 717 -23.24 -40.62 4.79
CA GLN D 717 -23.18 -41.76 5.67
C GLN D 717 -24.52 -42.07 6.30
N ILE D 718 -25.43 -41.11 6.36
CA ILE D 718 -26.81 -41.49 6.68
C ILE D 718 -27.50 -42.08 5.47
N TRP D 719 -27.30 -41.48 4.30
CA TRP D 719 -28.05 -41.87 3.11
C TRP D 719 -27.66 -43.23 2.57
N CYS D 720 -26.49 -43.75 2.92
CA CYS D 720 -26.24 -45.14 2.59
C CYS D 720 -26.78 -46.09 3.65
N GLY D 721 -26.77 -45.67 4.91
CA GLY D 721 -27.32 -46.48 5.97
C GLY D 721 -26.41 -47.62 6.39
N GLU D 722 -26.99 -48.80 6.62
CA GLU D 722 -26.24 -49.95 7.11
C GLU D 722 -25.30 -50.54 6.06
N LEU D 723 -25.50 -50.23 4.79
CA LEU D 723 -24.56 -50.64 3.76
C LEU D 723 -23.30 -49.77 3.83
N SER D 724 -22.35 -50.04 2.95
CA SER D 724 -21.12 -49.28 2.95
C SER D 724 -21.35 -47.91 2.34
N VAL D 725 -20.36 -47.03 2.51
CA VAL D 725 -20.39 -45.72 1.88
C VAL D 725 -19.50 -45.65 0.66
N ASP D 726 -18.81 -46.73 0.31
CA ASP D 726 -17.83 -46.68 -0.76
C ASP D 726 -18.31 -47.31 -2.07
N ASN D 727 -19.30 -48.19 -2.02
CA ASN D 727 -19.73 -48.87 -3.24
C ASN D 727 -20.50 -47.92 -4.15
N PRO D 728 -20.43 -48.13 -5.46
CA PRO D 728 -21.18 -47.28 -6.39
C PRO D 728 -22.66 -47.64 -6.39
N HIS D 729 -23.43 -46.79 -7.07
CA HIS D 729 -24.87 -46.90 -7.08
C HIS D 729 -25.38 -47.90 -8.12
N TRP D 730 -24.60 -48.18 -9.16
CA TRP D 730 -25.09 -49.13 -10.15
C TRP D 730 -25.09 -50.54 -9.60
N LYS D 731 -24.14 -50.85 -8.72
CA LYS D 731 -24.19 -52.12 -8.00
C LYS D 731 -25.39 -52.15 -7.06
N VAL D 732 -25.86 -51.00 -6.60
CA VAL D 732 -27.06 -50.97 -5.78
C VAL D 732 -28.29 -51.26 -6.63
N LEU D 733 -28.32 -50.73 -7.86
CA LEU D 733 -29.43 -51.05 -8.75
C LEU D 733 -29.41 -52.53 -9.16
N LEU D 734 -28.20 -53.08 -9.38
CA LEU D 734 -28.10 -54.49 -9.71
C LEU D 734 -28.46 -55.39 -8.53
N CYS D 735 -28.18 -54.93 -7.30
CA CYS D 735 -28.67 -55.65 -6.13
C CYS D 735 -30.17 -55.50 -5.97
N MET D 736 -30.72 -54.37 -6.44
CA MET D 736 -32.16 -54.20 -6.45
C MET D 736 -32.82 -55.07 -7.51
N ILE D 737 -32.07 -55.53 -8.51
CA ILE D 737 -32.62 -56.44 -9.51
C ILE D 737 -32.91 -57.80 -8.88
N PHE D 738 -31.86 -58.48 -8.42
CA PHE D 738 -31.98 -59.84 -7.91
C PHE D 738 -31.95 -59.85 -6.39
N PHE D 739 -32.93 -60.49 -5.78
CA PHE D 739 -33.05 -60.51 -4.33
C PHE D 739 -32.01 -61.37 -3.59
N PRO D 740 -31.65 -62.58 -3.99
CA PRO D 740 -30.57 -63.28 -3.26
C PRO D 740 -29.16 -62.92 -3.70
N LEU D 741 -28.99 -62.06 -4.70
CA LEU D 741 -27.66 -61.65 -5.14
C LEU D 741 -26.94 -60.80 -4.11
N ILE D 742 -27.67 -60.28 -3.11
CA ILE D 742 -27.07 -59.62 -1.97
C ILE D 742 -26.20 -60.60 -1.18
N TYR D 743 -26.59 -61.87 -1.13
CA TYR D 743 -25.71 -62.88 -0.55
C TYR D 743 -24.49 -63.10 -1.43
N THR D 744 -24.64 -62.90 -2.74
CA THR D 744 -23.58 -63.21 -3.68
C THR D 744 -22.74 -62.00 -4.08
N GLY D 745 -23.32 -60.80 -4.06
CA GLY D 745 -22.59 -59.62 -4.49
C GLY D 745 -21.48 -59.23 -3.52
N PHE D 746 -20.64 -58.30 -3.98
CA PHE D 746 -19.57 -57.78 -3.13
C PHE D 746 -20.15 -57.05 -1.94
N LEU D 747 -20.80 -55.90 -2.18
CA LEU D 747 -21.76 -55.20 -1.32
C LEU D 747 -21.37 -55.12 0.16
N THR D 748 -20.28 -54.41 0.45
CA THR D 748 -19.74 -54.33 1.79
C THR D 748 -20.71 -53.64 2.75
N PHE D 749 -20.55 -53.93 4.03
CA PHE D 749 -21.43 -53.42 5.07
C PHE D 749 -20.65 -52.57 6.06
N ARG D 750 -21.40 -51.83 6.88
CA ARG D 750 -20.80 -51.07 7.96
C ARG D 750 -20.15 -51.97 9.00
N ARG D 751 -20.80 -53.10 9.30
CA ARG D 751 -20.30 -53.98 10.35
C ARG D 751 -18.99 -54.64 9.96
N ASP D 752 -18.93 -55.21 8.74
CA ASP D 752 -17.72 -55.91 8.32
C ASP D 752 -16.56 -54.96 8.11
N GLU D 753 -16.85 -53.80 7.52
CA GLU D 753 -15.82 -52.80 7.25
C GLU D 753 -15.15 -52.35 8.54
N ASP D 754 -15.97 -51.98 9.52
CA ASP D 754 -15.45 -51.51 10.79
C ASP D 754 -14.65 -52.58 11.52
N ILE D 755 -15.13 -53.82 11.47
CA ILE D 755 -14.43 -54.90 12.16
C ILE D 755 -13.03 -55.09 11.61
N GLN D 756 -12.90 -55.05 10.29
CA GLN D 756 -11.58 -55.19 9.67
C GLN D 756 -10.72 -53.99 10.07
N ARG D 757 -11.34 -52.81 10.04
CA ARG D 757 -10.65 -51.58 10.41
C ARG D 757 -10.24 -51.55 11.89
N GLN D 758 -11.14 -52.00 12.76
CA GLN D 758 -10.88 -52.02 14.19
C GLN D 758 -9.74 -52.96 14.57
N ALA D 759 -9.72 -54.13 13.94
CA ALA D 759 -8.68 -55.12 14.20
C ALA D 759 -7.29 -54.62 13.79
N GLU D 760 -7.24 -53.97 12.64
CA GLU D 760 -5.98 -53.46 12.09
C GLU D 760 -5.32 -52.40 12.96
N ARG D 761 -6.11 -51.50 13.52
CA ARG D 761 -5.56 -50.43 14.35
C ARG D 761 -4.86 -51.01 15.59
N THR D 762 -5.46 -52.04 16.18
CA THR D 762 -4.88 -52.67 17.35
C THR D 762 -3.53 -53.29 17.05
N GLU D 763 -3.41 -53.96 15.90
CA GLU D 763 -2.14 -54.59 15.54
C GLU D 763 -1.05 -53.55 15.35
N GLN D 764 -1.40 -52.45 14.69
CA GLN D 764 -0.46 -51.37 14.45
C GLN D 764 -0.01 -50.74 15.77
N GLN D 765 -0.97 -50.56 16.67
CA GLN D 765 -0.72 -49.97 17.98
C GLN D 765 0.23 -50.82 18.81
N LYS D 766 0.03 -52.14 18.76
CA LYS D 766 0.86 -53.07 19.51
C LYS D 766 1.65 -53.99 18.60
N CYS D 799 -28.55 -64.28 7.52
CA CYS D 799 -29.69 -64.87 6.82
C CYS D 799 -30.87 -63.92 6.77
N SER D 800 -31.58 -63.78 7.89
CA SER D 800 -32.76 -62.95 7.97
C SER D 800 -32.49 -61.55 8.50
N SER D 801 -31.60 -61.42 9.49
CA SER D 801 -31.26 -60.11 10.03
C SER D 801 -30.46 -59.29 9.04
N ARG D 802 -29.57 -59.94 8.29
CA ARG D 802 -28.69 -59.23 7.36
C ARG D 802 -29.47 -58.67 6.17
N LEU D 803 -30.42 -59.45 5.66
CA LEU D 803 -31.23 -58.97 4.54
C LEU D 803 -32.24 -57.91 4.99
N MET D 804 -32.76 -58.03 6.21
CA MET D 804 -33.62 -56.98 6.75
C MET D 804 -32.84 -55.69 6.99
N SER D 805 -31.56 -55.81 7.38
CA SER D 805 -30.73 -54.63 7.56
C SER D 805 -30.39 -54.00 6.22
N PHE D 806 -30.25 -54.82 5.17
CA PHE D 806 -30.24 -54.28 3.81
C PHE D 806 -31.54 -53.54 3.51
N LEU D 807 -32.66 -54.10 3.96
CA LEU D 807 -33.97 -53.59 3.59
C LEU D 807 -34.29 -52.26 4.24
N LYS D 808 -33.67 -51.96 5.39
CA LYS D 808 -33.95 -50.73 6.10
C LYS D 808 -33.04 -49.58 5.68
N SER D 809 -32.38 -49.69 4.53
CA SER D 809 -31.65 -48.58 3.98
C SER D 809 -32.61 -47.50 3.49
N PRO D 810 -32.17 -46.25 3.37
CA PRO D 810 -33.03 -45.24 2.76
C PRO D 810 -32.90 -45.24 1.24
N GLN D 811 -31.75 -45.65 0.73
CA GLN D 811 -31.53 -45.62 -0.71
C GLN D 811 -32.36 -46.69 -1.42
N VAL D 812 -32.35 -47.90 -0.88
CA VAL D 812 -33.16 -48.99 -1.43
C VAL D 812 -34.63 -48.67 -1.27
N LYS D 813 -34.99 -48.05 -0.16
CA LYS D 813 -36.37 -47.63 0.07
C LYS D 813 -36.80 -46.61 -0.97
N PHE D 814 -35.87 -45.71 -1.35
CA PHE D 814 -36.17 -44.69 -2.34
C PHE D 814 -36.38 -45.29 -3.73
N TYR D 815 -35.43 -46.14 -4.17
CA TYR D 815 -35.56 -46.75 -5.50
C TYR D 815 -36.78 -47.65 -5.59
N TRP D 816 -37.03 -48.40 -4.53
CA TRP D 816 -38.15 -49.33 -4.49
C TRP D 816 -39.47 -48.59 -4.48
N ASN D 817 -39.51 -47.44 -3.80
CA ASN D 817 -40.71 -46.62 -3.77
C ASN D 817 -40.95 -45.94 -5.11
N ILE D 818 -39.90 -45.49 -5.80
CA ILE D 818 -40.17 -44.81 -7.05
C ILE D 818 -40.52 -45.80 -8.16
N ALA D 819 -40.02 -47.03 -8.08
CA ALA D 819 -40.47 -48.05 -9.04
C ALA D 819 -41.93 -48.42 -8.79
N SER D 820 -42.33 -48.50 -7.51
CA SER D 820 -43.74 -48.69 -7.20
C SER D 820 -44.59 -47.50 -7.69
N TYR D 821 -44.03 -46.30 -7.65
CA TYR D 821 -44.77 -45.14 -8.10
C TYR D 821 -44.91 -45.13 -9.62
N PHE D 822 -43.91 -45.64 -10.33
CA PHE D 822 -44.01 -45.78 -11.78
C PHE D 822 -45.06 -46.82 -12.15
N GLY D 823 -45.13 -47.92 -11.41
CA GLY D 823 -46.19 -48.89 -11.62
C GLY D 823 -47.57 -48.32 -11.33
N PHE D 824 -47.65 -47.43 -10.33
CA PHE D 824 -48.90 -46.74 -10.06
C PHE D 824 -49.33 -45.86 -11.22
N LEU D 825 -48.39 -45.10 -11.78
CA LEU D 825 -48.71 -44.29 -12.96
C LEU D 825 -49.15 -45.16 -14.12
N TRP D 826 -48.54 -46.34 -14.28
CA TRP D 826 -48.86 -47.19 -15.41
C TRP D 826 -50.27 -47.77 -15.31
N LEU D 827 -50.61 -48.34 -14.14
CA LEU D 827 -51.96 -48.90 -14.00
C LEU D 827 -53.04 -47.82 -13.94
N PHE D 828 -52.73 -46.64 -13.38
CA PHE D 828 -53.75 -45.60 -13.38
C PHE D 828 -53.96 -45.03 -14.77
N ALA D 829 -52.90 -44.95 -15.59
CA ALA D 829 -53.07 -44.51 -16.96
C ALA D 829 -53.75 -45.58 -17.81
N VAL D 830 -53.60 -46.85 -17.44
CA VAL D 830 -54.33 -47.91 -18.13
C VAL D 830 -55.82 -47.81 -17.85
N VAL D 831 -56.21 -47.74 -16.58
CA VAL D 831 -57.64 -47.76 -16.28
C VAL D 831 -58.29 -46.39 -16.35
N LEU D 832 -57.54 -45.33 -16.67
CA LEU D 832 -58.22 -44.11 -17.04
C LEU D 832 -58.88 -44.25 -18.40
N MET D 833 -58.30 -45.06 -19.28
CA MET D 833 -58.72 -45.12 -20.67
C MET D 833 -59.53 -46.36 -20.99
N ILE D 834 -58.99 -47.55 -20.71
CA ILE D 834 -59.55 -48.76 -21.30
C ILE D 834 -60.63 -49.38 -20.43
N ASP D 835 -60.28 -49.82 -19.21
CA ASP D 835 -61.22 -50.57 -18.38
C ASP D 835 -62.04 -49.60 -17.55
N PHE D 836 -62.95 -48.91 -18.22
CA PHE D 836 -63.66 -47.77 -17.65
C PHE D 836 -65.16 -47.88 -17.90
N GLN D 837 -65.75 -49.01 -17.48
CA GLN D 837 -67.17 -49.26 -17.65
C GLN D 837 -67.99 -48.40 -16.68
N THR D 838 -69.30 -48.66 -16.63
CA THR D 838 -70.17 -47.93 -15.71
C THR D 838 -69.87 -48.31 -14.27
N SER D 839 -70.04 -49.58 -13.93
CA SER D 839 -69.52 -50.09 -12.68
C SER D 839 -68.00 -50.18 -12.77
N PRO D 840 -67.29 -50.00 -11.66
CA PRO D 840 -65.84 -50.10 -11.69
C PRO D 840 -65.37 -51.53 -11.92
N SER D 841 -64.19 -51.64 -12.52
CA SER D 841 -63.64 -52.93 -12.92
C SER D 841 -62.68 -53.46 -11.86
N TRP D 842 -62.03 -54.57 -12.21
CA TRP D 842 -61.09 -55.26 -11.32
C TRP D 842 -59.87 -54.39 -11.01
N ARG D 843 -59.18 -53.96 -12.08
CA ARG D 843 -58.02 -53.10 -11.89
C ARG D 843 -58.40 -51.73 -11.35
N GLU D 844 -59.65 -51.30 -11.57
CA GLU D 844 -60.12 -50.06 -10.96
C GLU D 844 -60.20 -50.18 -9.45
N LEU D 845 -60.59 -51.36 -8.95
CA LEU D 845 -60.52 -51.62 -7.52
C LEU D 845 -59.08 -51.66 -7.02
N LEU D 846 -58.15 -52.16 -7.85
CA LEU D 846 -56.74 -52.09 -7.46
C LEU D 846 -56.24 -50.65 -7.36
N LEU D 847 -56.71 -49.78 -8.25
CA LEU D 847 -56.32 -48.37 -8.16
C LEU D 847 -56.94 -47.70 -6.93
N TYR D 848 -58.16 -48.11 -6.57
CA TYR D 848 -58.79 -47.62 -5.35
C TYR D 848 -57.99 -48.02 -4.12
N VAL D 849 -57.48 -49.26 -4.10
CA VAL D 849 -56.78 -49.67 -2.90
C VAL D 849 -55.37 -49.10 -2.84
N TRP D 850 -54.72 -48.80 -3.99
CA TRP D 850 -53.46 -48.08 -3.88
C TRP D 850 -53.66 -46.65 -3.45
N LEU D 851 -54.80 -46.03 -3.78
CA LEU D 851 -54.98 -44.68 -3.25
C LEU D 851 -55.39 -44.66 -1.78
N THR D 852 -56.09 -45.70 -1.30
CA THR D 852 -56.25 -45.82 0.15
C THR D 852 -54.93 -46.10 0.83
N SER D 853 -54.04 -46.83 0.16
CA SER D 853 -52.70 -47.05 0.70
C SER D 853 -51.90 -45.76 0.79
N LEU D 854 -52.00 -44.90 -0.23
CA LEU D 854 -51.28 -43.63 -0.17
C LEU D 854 -51.84 -42.70 0.90
N VAL D 855 -53.17 -42.67 1.07
CA VAL D 855 -53.68 -41.78 2.10
C VAL D 855 -53.38 -42.36 3.50
N CYS D 856 -53.22 -43.69 3.61
CA CYS D 856 -52.80 -44.25 4.89
C CYS D 856 -51.33 -43.95 5.18
N GLU D 857 -50.48 -43.99 4.15
CA GLU D 857 -49.07 -43.63 4.35
C GLU D 857 -48.92 -42.16 4.69
N GLU D 858 -49.76 -41.32 4.08
CA GLU D 858 -49.77 -39.91 4.40
C GLU D 858 -50.24 -39.65 5.82
N ILE D 859 -51.22 -40.43 6.31
CA ILE D 859 -51.66 -40.17 7.66
C ILE D 859 -50.67 -40.71 8.67
N ARG D 860 -49.85 -41.71 8.30
CA ARG D 860 -48.76 -42.11 9.18
C ARG D 860 -47.67 -41.04 9.24
N GLN D 861 -47.36 -40.44 8.08
CA GLN D 861 -46.46 -39.29 8.01
C GLN D 861 -46.92 -38.14 8.90
N LEU D 862 -48.22 -37.87 8.90
CA LEU D 862 -48.73 -36.83 9.78
C LEU D 862 -48.74 -37.30 11.23
N TYR D 863 -48.87 -38.60 11.47
CA TYR D 863 -48.98 -39.09 12.84
C TYR D 863 -47.64 -39.10 13.55
N HIS D 864 -46.52 -39.21 12.83
CA HIS D 864 -45.24 -39.15 13.51
C HIS D 864 -44.49 -37.84 13.34
N ASP D 865 -44.80 -37.03 12.34
CA ASP D 865 -44.10 -35.76 12.19
C ASP D 865 -44.95 -34.69 11.52
N GLY D 870 -50.10 -27.75 19.52
CA GLY D 870 -51.27 -28.60 19.53
C GLY D 870 -51.41 -29.43 18.27
N PHE D 871 -52.57 -30.09 18.12
CA PHE D 871 -52.78 -30.95 16.96
C PHE D 871 -53.02 -30.14 15.69
N ARG D 872 -53.83 -29.08 15.80
CA ARG D 872 -54.00 -28.19 14.64
C ARG D 872 -52.73 -27.40 14.36
N ARG D 873 -51.90 -27.18 15.37
CA ARG D 873 -50.58 -26.62 15.13
C ARG D 873 -49.70 -27.59 14.35
N LYS D 874 -49.84 -28.89 14.63
CA LYS D 874 -49.12 -29.89 13.84
C LYS D 874 -49.64 -29.95 12.41
N ALA D 875 -50.94 -29.75 12.21
CA ALA D 875 -51.46 -29.67 10.86
C ALA D 875 -50.97 -28.42 10.14
N LYS D 876 -50.87 -27.30 10.86
CA LYS D 876 -50.37 -26.06 10.25
C LYS D 876 -48.90 -26.17 9.89
N MET D 877 -48.12 -26.87 10.71
CA MET D 877 -46.73 -27.15 10.35
C MET D 877 -46.64 -28.20 9.24
N TYR D 878 -47.67 -29.03 9.09
CA TYR D 878 -47.66 -30.04 8.04
C TYR D 878 -47.91 -29.41 6.67
N ILE D 879 -48.93 -28.55 6.57
CA ILE D 879 -49.31 -27.96 5.29
C ILE D 879 -48.29 -26.95 4.78
N LYS D 880 -47.38 -26.48 5.64
CA LYS D 880 -46.33 -25.55 5.25
C LYS D 880 -45.25 -26.17 4.32
N ASP D 881 -45.41 -27.37 3.76
CA ASP D 881 -44.47 -27.94 2.82
C ASP D 881 -44.96 -27.75 1.39
N LEU D 882 -44.22 -28.30 0.44
CA LEU D 882 -44.56 -28.22 -0.97
C LEU D 882 -44.99 -29.55 -1.56
N TRP D 883 -44.48 -30.66 -1.04
CA TRP D 883 -44.90 -31.97 -1.54
C TRP D 883 -46.24 -32.37 -0.97
N ASN D 884 -46.45 -32.10 0.31
CA ASN D 884 -47.65 -32.57 0.97
C ASN D 884 -48.89 -31.78 0.58
N ILE D 885 -48.74 -30.51 0.20
CA ILE D 885 -49.88 -29.78 -0.34
C ILE D 885 -50.30 -30.37 -1.68
N LEU D 886 -49.34 -30.87 -2.47
CA LEU D 886 -49.68 -31.54 -3.72
C LEU D 886 -50.37 -32.86 -3.47
N ASP D 887 -49.93 -33.61 -2.45
CA ASP D 887 -50.61 -34.87 -2.18
C ASP D 887 -52.00 -34.67 -1.57
N VAL D 888 -52.20 -33.61 -0.78
CA VAL D 888 -53.54 -33.31 -0.26
C VAL D 888 -54.47 -32.92 -1.40
N LEU D 889 -54.00 -32.05 -2.30
CA LEU D 889 -54.79 -31.63 -3.46
C LEU D 889 -55.12 -32.83 -4.36
N SER D 890 -54.16 -33.74 -4.49
CA SER D 890 -54.38 -34.93 -5.31
C SER D 890 -55.41 -35.86 -4.69
N ILE D 891 -55.34 -36.09 -3.37
CA ILE D 891 -56.31 -37.03 -2.81
C ILE D 891 -57.69 -36.40 -2.70
N VAL D 892 -57.79 -35.08 -2.51
CA VAL D 892 -59.13 -34.50 -2.45
C VAL D 892 -59.74 -34.46 -3.85
N LEU D 893 -58.92 -34.28 -4.88
CA LEU D 893 -59.45 -34.30 -6.22
C LEU D 893 -59.83 -35.72 -6.63
N PHE D 894 -59.06 -36.72 -6.19
CA PHE D 894 -59.44 -38.10 -6.47
C PHE D 894 -60.72 -38.49 -5.77
N ILE D 895 -60.90 -38.05 -4.53
CA ILE D 895 -62.10 -38.49 -3.83
C ILE D 895 -63.32 -37.73 -4.35
N ALA D 896 -63.13 -36.51 -4.89
CA ALA D 896 -64.23 -35.82 -5.55
C ALA D 896 -64.61 -36.51 -6.86
N GLY D 897 -63.61 -36.88 -7.66
CA GLY D 897 -63.90 -37.61 -8.89
C GLY D 897 -64.50 -38.98 -8.66
N LEU D 898 -64.08 -39.65 -7.59
CA LEU D 898 -64.65 -40.96 -7.27
C LEU D 898 -66.08 -40.83 -6.77
N ILE D 899 -66.36 -39.86 -5.91
CA ILE D 899 -67.73 -39.72 -5.41
C ILE D 899 -68.65 -39.17 -6.49
N CYS D 900 -68.11 -38.55 -7.54
CA CYS D 900 -68.92 -38.29 -8.73
C CYS D 900 -68.94 -39.47 -9.69
N ARG D 901 -68.10 -40.49 -9.47
CA ARG D 901 -68.19 -41.71 -10.26
C ARG D 901 -69.18 -42.71 -9.70
N LEU D 902 -69.86 -42.39 -8.60
CA LEU D 902 -70.93 -43.26 -8.12
C LEU D 902 -72.24 -43.00 -8.85
N GLN D 903 -72.35 -41.85 -9.52
CA GLN D 903 -73.61 -41.32 -10.01
C GLN D 903 -74.12 -42.10 -11.22
N ALA D 904 -75.26 -41.64 -11.75
CA ALA D 904 -75.98 -42.30 -12.84
C ALA D 904 -76.13 -41.43 -14.08
N SER D 905 -76.09 -40.12 -13.96
CA SER D 905 -76.23 -39.25 -15.13
C SER D 905 -74.96 -39.28 -15.96
N ASP D 906 -75.13 -39.14 -17.28
CA ASP D 906 -73.97 -39.22 -18.18
C ASP D 906 -73.10 -37.97 -18.10
N THR D 907 -73.70 -36.82 -17.77
CA THR D 907 -72.94 -35.57 -17.67
C THR D 907 -71.95 -35.61 -16.51
N VAL D 908 -72.40 -36.07 -15.34
CA VAL D 908 -71.48 -36.20 -14.21
C VAL D 908 -70.54 -37.39 -14.37
N PHE D 909 -70.90 -38.38 -15.19
CA PHE D 909 -69.99 -39.46 -15.56
C PHE D 909 -68.80 -38.89 -16.34
N TYR D 910 -69.11 -38.06 -17.34
CA TYR D 910 -68.06 -37.37 -18.09
C TYR D 910 -67.27 -36.40 -17.21
N ILE D 911 -67.96 -35.73 -16.28
CA ILE D 911 -67.28 -34.82 -15.36
C ILE D 911 -66.30 -35.58 -14.47
N GLY D 912 -66.68 -36.79 -14.05
CA GLY D 912 -65.77 -37.62 -13.28
C GLY D 912 -64.57 -38.05 -14.09
N LYS D 913 -64.76 -38.37 -15.37
CA LYS D 913 -63.62 -38.70 -16.22
C LYS D 913 -62.69 -37.51 -16.39
N VAL D 914 -63.25 -36.30 -16.50
CA VAL D 914 -62.45 -35.08 -16.60
C VAL D 914 -61.61 -34.86 -15.34
N ILE D 915 -62.25 -35.03 -14.17
CA ILE D 915 -61.57 -34.82 -12.89
C ILE D 915 -60.46 -35.84 -12.70
N LEU D 916 -60.70 -37.10 -13.05
CA LEU D 916 -59.66 -38.11 -12.95
C LEU D 916 -58.48 -37.84 -13.89
N CYS D 917 -58.75 -37.30 -15.08
CA CYS D 917 -57.62 -37.02 -16.00
C CYS D 917 -56.76 -35.86 -15.52
N ILE D 918 -57.41 -34.77 -15.06
CA ILE D 918 -56.61 -33.67 -14.52
C ILE D 918 -55.90 -34.07 -13.23
N ASP D 919 -56.46 -35.03 -12.48
CA ASP D 919 -55.77 -35.56 -11.32
C ASP D 919 -54.55 -36.37 -11.71
N PHE D 920 -54.65 -37.11 -12.82
CA PHE D 920 -53.50 -37.83 -13.36
C PHE D 920 -52.35 -36.89 -13.66
N ILE D 921 -52.65 -35.75 -14.31
CA ILE D 921 -51.52 -34.90 -14.63
C ILE D 921 -51.01 -34.15 -13.39
N ILE D 922 -51.84 -33.98 -12.36
CA ILE D 922 -51.32 -33.45 -11.10
C ILE D 922 -50.35 -34.43 -10.45
N PHE D 923 -50.66 -35.72 -10.48
CA PHE D 923 -49.72 -36.72 -9.97
C PHE D 923 -48.42 -36.76 -10.77
N CYS D 924 -48.52 -36.62 -12.10
CA CYS D 924 -47.28 -36.65 -12.87
C CYS D 924 -46.47 -35.39 -12.66
N LEU D 925 -47.12 -34.26 -12.40
CA LEU D 925 -46.38 -33.06 -12.05
C LEU D 925 -45.74 -33.19 -10.68
N ARG D 926 -46.36 -33.95 -9.77
CA ARG D 926 -45.71 -34.22 -8.49
C ARG D 926 -44.48 -35.10 -8.65
N LEU D 927 -44.54 -36.09 -9.55
CA LEU D 927 -43.36 -36.88 -9.81
C LEU D 927 -42.26 -36.07 -10.47
N MET D 928 -42.65 -35.13 -11.34
CA MET D 928 -41.67 -34.23 -11.94
C MET D 928 -41.03 -33.33 -10.89
N ALA D 929 -41.81 -32.85 -9.93
CA ALA D 929 -41.29 -32.02 -8.85
C ALA D 929 -40.72 -32.83 -7.70
N ILE D 930 -40.64 -34.16 -7.83
CA ILE D 930 -39.91 -34.95 -6.85
C ILE D 930 -38.39 -34.80 -7.00
N PHE D 931 -37.93 -34.18 -8.08
CA PHE D 931 -36.50 -34.00 -8.33
C PHE D 931 -36.07 -32.55 -8.29
N SER D 932 -36.73 -31.68 -9.07
CA SER D 932 -36.23 -30.32 -9.27
C SER D 932 -36.60 -29.41 -8.10
N ILE D 933 -37.87 -29.41 -7.69
CA ILE D 933 -38.35 -28.49 -6.67
C ILE D 933 -37.88 -28.96 -5.30
N SER D 934 -37.97 -28.08 -4.30
CA SER D 934 -37.64 -28.40 -2.93
C SER D 934 -38.88 -28.28 -2.07
N ARG D 935 -38.70 -28.40 -0.75
CA ARG D 935 -39.84 -28.33 0.16
C ARG D 935 -40.20 -26.89 0.54
N THR D 936 -39.41 -25.92 0.11
CA THR D 936 -39.65 -24.53 0.49
C THR D 936 -40.84 -23.94 -0.26
N LEU D 937 -41.57 -23.07 0.41
CA LEU D 937 -42.71 -22.38 -0.19
C LEU D 937 -42.49 -20.89 -0.39
N GLY D 938 -41.57 -20.28 0.34
CA GLY D 938 -41.40 -18.84 0.35
C GLY D 938 -40.99 -18.24 -0.98
N PRO D 939 -39.78 -18.55 -1.44
CA PRO D 939 -39.36 -18.10 -2.78
C PRO D 939 -40.22 -18.63 -3.91
N LYS D 940 -40.95 -19.75 -3.70
CA LYS D 940 -41.92 -20.19 -4.68
C LYS D 940 -43.10 -19.22 -4.77
N ILE D 941 -43.61 -18.75 -3.63
CA ILE D 941 -44.67 -17.74 -3.61
C ILE D 941 -44.18 -16.43 -4.25
N ILE D 942 -42.95 -16.02 -3.93
CA ILE D 942 -42.42 -14.78 -4.49
C ILE D 942 -42.21 -14.91 -6.01
N ILE D 943 -41.72 -16.06 -6.47
CA ILE D 943 -41.54 -16.28 -7.90
C ILE D 943 -42.89 -16.36 -8.61
N VAL D 944 -43.90 -16.91 -7.93
CA VAL D 944 -45.24 -16.98 -8.49
C VAL D 944 -45.82 -15.57 -8.67
N ARG D 945 -45.64 -14.72 -7.67
CA ARG D 945 -46.12 -13.34 -7.76
C ARG D 945 -45.39 -12.58 -8.85
N ARG D 946 -44.07 -12.63 -8.86
CA ARG D 946 -43.33 -11.82 -9.82
C ARG D 946 -43.42 -12.34 -11.24
N MET D 947 -43.76 -13.61 -11.45
CA MET D 947 -43.93 -14.04 -12.83
C MET D 947 -45.38 -13.94 -13.30
N MET D 948 -46.36 -14.07 -12.38
CA MET D 948 -47.73 -13.77 -12.74
C MET D 948 -47.89 -12.30 -13.08
N LEU D 949 -47.11 -11.43 -12.42
CA LEU D 949 -47.06 -10.02 -12.78
C LEU D 949 -46.64 -9.80 -14.23
N ASP D 950 -45.53 -10.40 -14.63
CA ASP D 950 -44.99 -10.17 -15.97
C ASP D 950 -45.87 -10.80 -17.05
N LEU D 951 -46.40 -11.99 -16.78
CA LEU D 951 -47.31 -12.63 -17.72
C LEU D 951 -48.59 -11.84 -17.87
N PHE D 952 -49.16 -11.36 -16.75
CA PHE D 952 -50.33 -10.49 -16.76
C PHE D 952 -50.09 -9.21 -17.53
N PHE D 953 -48.91 -8.60 -17.36
CA PHE D 953 -48.62 -7.33 -18.00
C PHE D 953 -48.46 -7.49 -19.52
N PHE D 954 -47.68 -8.48 -19.94
CA PHE D 954 -47.49 -8.70 -21.37
C PHE D 954 -48.78 -9.16 -22.03
N MET D 955 -49.61 -9.93 -21.32
CA MET D 955 -50.92 -10.27 -21.83
C MET D 955 -51.83 -9.05 -21.91
N PHE D 956 -51.64 -8.08 -21.02
CA PHE D 956 -52.46 -6.87 -21.07
C PHE D 956 -52.13 -6.02 -22.29
N LEU D 957 -50.84 -5.79 -22.55
CA LEU D 957 -50.49 -5.01 -23.73
C LEU D 957 -50.76 -5.79 -25.02
N LEU D 958 -50.59 -7.11 -24.98
CA LEU D 958 -51.02 -7.94 -26.10
C LEU D 958 -52.52 -7.82 -26.32
N SER D 959 -53.29 -7.72 -25.23
CA SER D 959 -54.73 -7.62 -25.35
C SER D 959 -55.14 -6.28 -25.95
N ILE D 960 -54.46 -5.20 -25.58
CA ILE D 960 -54.87 -3.92 -26.16
C ILE D 960 -54.45 -3.83 -27.63
N TRP D 961 -53.32 -4.45 -28.00
CA TRP D 961 -52.94 -4.45 -29.40
C TRP D 961 -53.87 -5.34 -30.24
N VAL D 962 -54.27 -6.49 -29.69
CA VAL D 962 -55.21 -7.39 -30.35
C VAL D 962 -56.55 -6.70 -30.57
N VAL D 963 -57.11 -6.10 -29.51
CA VAL D 963 -58.45 -5.54 -29.58
C VAL D 963 -58.47 -4.33 -30.50
N ALA D 964 -57.45 -3.49 -30.45
CA ALA D 964 -57.48 -2.32 -31.30
C ALA D 964 -57.21 -2.66 -32.77
N TYR D 965 -56.35 -3.64 -33.05
CA TYR D 965 -56.17 -4.03 -34.45
C TYR D 965 -57.43 -4.67 -35.02
N GLY D 966 -58.07 -5.52 -34.22
CA GLY D 966 -59.29 -6.16 -34.68
C GLY D 966 -60.40 -5.17 -34.95
N VAL D 967 -60.55 -4.18 -34.09
CA VAL D 967 -61.61 -3.21 -34.33
C VAL D 967 -61.25 -2.23 -35.44
N ALA D 968 -59.96 -2.02 -35.73
CA ALA D 968 -59.64 -1.22 -36.91
C ALA D 968 -59.93 -1.98 -38.20
N LYS D 969 -59.64 -3.29 -38.22
CA LYS D 969 -59.96 -4.11 -39.38
C LYS D 969 -61.47 -4.21 -39.58
N GLN D 970 -62.24 -4.24 -38.49
CA GLN D 970 -63.68 -4.18 -38.62
C GLN D 970 -64.14 -2.82 -39.13
N GLY D 971 -63.45 -1.74 -38.77
CA GLY D 971 -63.85 -0.46 -39.29
C GLY D 971 -63.48 -0.20 -40.72
N ILE D 972 -62.59 -1.02 -41.28
CA ILE D 972 -62.26 -0.89 -42.70
C ILE D 972 -63.11 -1.81 -43.57
N LEU D 973 -63.18 -3.09 -43.21
CA LEU D 973 -63.74 -4.13 -44.08
C LEU D 973 -65.19 -4.46 -43.75
N ILE D 974 -65.97 -3.46 -43.35
CA ILE D 974 -67.42 -3.57 -43.25
C ILE D 974 -67.97 -2.15 -43.34
N GLU D 975 -69.26 -2.04 -43.65
CA GLU D 975 -69.89 -0.73 -43.73
C GLU D 975 -70.34 -0.25 -42.36
N ASN D 976 -71.18 0.79 -42.34
CA ASN D 976 -71.63 1.38 -41.07
C ASN D 976 -72.46 0.41 -40.26
N GLU D 977 -73.33 -0.35 -40.91
CA GLU D 977 -74.17 -1.29 -40.20
C GLU D 977 -73.36 -2.50 -39.73
N GLU D 978 -73.79 -3.06 -38.60
CA GLU D 978 -73.27 -4.32 -38.09
C GLU D 978 -74.28 -4.91 -37.12
N ARG D 979 -74.32 -6.24 -37.07
CA ARG D 979 -75.19 -6.94 -36.14
C ARG D 979 -74.59 -6.95 -34.74
N LEU D 980 -75.41 -7.38 -33.77
CA LEU D 980 -74.98 -7.35 -32.38
C LEU D 980 -73.94 -8.42 -32.08
N ASN D 981 -74.25 -9.68 -32.42
CA ASN D 981 -73.29 -10.75 -32.19
C ASN D 981 -72.19 -10.75 -33.24
N TRP D 982 -72.48 -10.28 -34.45
CA TRP D 982 -71.45 -10.25 -35.50
C TRP D 982 -70.36 -9.25 -35.18
N ILE D 983 -70.67 -8.18 -34.43
CA ILE D 983 -69.67 -7.19 -34.08
C ILE D 983 -68.65 -7.77 -33.11
N ILE D 984 -69.13 -8.47 -32.09
CA ILE D 984 -68.20 -9.11 -31.15
C ILE D 984 -67.54 -10.35 -31.73
N ARG D 985 -68.14 -10.94 -32.77
CA ARG D 985 -67.45 -12.03 -33.46
C ARG D 985 -66.28 -11.48 -34.27
N GLY D 986 -66.53 -10.45 -35.08
CA GLY D 986 -65.49 -9.92 -35.94
C GLY D 986 -64.44 -9.11 -35.21
N ALA D 987 -64.81 -8.51 -34.08
CA ALA D 987 -63.91 -7.60 -33.39
C ALA D 987 -62.97 -8.32 -32.44
N VAL D 988 -63.49 -9.26 -31.64
CA VAL D 988 -62.71 -9.92 -30.60
C VAL D 988 -62.57 -11.41 -30.86
N TYR D 989 -63.62 -12.06 -31.39
CA TYR D 989 -63.55 -13.50 -31.59
C TYR D 989 -62.71 -13.90 -32.80
N GLU D 990 -62.47 -12.97 -33.72
CA GLU D 990 -61.60 -13.22 -34.86
C GLU D 990 -60.09 -13.08 -34.63
N PRO D 991 -59.54 -11.98 -34.07
CA PRO D 991 -58.12 -11.69 -34.31
C PRO D 991 -57.13 -12.54 -33.54
N TYR D 992 -57.51 -13.13 -32.40
CA TYR D 992 -56.53 -13.87 -31.61
C TYR D 992 -56.11 -15.16 -32.31
N ILE D 993 -57.03 -15.77 -33.07
CA ILE D 993 -56.70 -16.95 -33.85
C ILE D 993 -55.71 -16.60 -34.94
N THR D 994 -55.87 -15.41 -35.54
CA THR D 994 -54.87 -14.93 -36.49
C THR D 994 -53.56 -14.61 -35.81
N ILE D 995 -53.62 -14.16 -34.55
CA ILE D 995 -52.40 -13.79 -33.83
C ILE D 995 -51.67 -15.01 -33.32
N PHE D 996 -52.34 -16.15 -33.23
CA PHE D 996 -51.68 -17.37 -32.80
C PHE D 996 -50.76 -17.93 -33.88
N GLY D 997 -51.11 -17.71 -35.15
CA GLY D 997 -50.25 -18.09 -36.25
C GLY D 997 -50.63 -19.35 -37.00
N ASN D 998 -51.75 -19.98 -36.66
CA ASN D 998 -52.27 -21.06 -37.50
C ASN D 998 -52.81 -20.45 -38.80
N PHE D 999 -52.33 -20.99 -39.93
CA PHE D 999 -52.45 -20.31 -41.22
C PHE D 999 -53.88 -20.25 -41.73
N PRO D 1000 -54.45 -19.07 -41.95
CA PRO D 1000 -55.80 -18.98 -42.51
C PRO D 1000 -55.78 -18.80 -44.02
N THR D 1001 -56.90 -19.16 -44.63
CA THR D 1001 -57.18 -18.81 -46.01
C THR D 1001 -58.03 -17.56 -46.12
N ASN D 1002 -58.16 -16.80 -45.04
CA ASN D 1002 -59.11 -15.70 -44.99
C ASN D 1002 -58.61 -14.46 -45.74
N ILE D 1003 -57.31 -14.37 -46.01
CA ILE D 1003 -56.78 -13.28 -46.82
C ILE D 1003 -56.83 -13.57 -48.31
N ASP D 1004 -57.35 -14.73 -48.71
CA ASP D 1004 -57.27 -15.15 -50.10
C ASP D 1004 -58.40 -14.55 -50.94
N ASN D 1005 -59.65 -14.78 -50.55
CA ASN D 1005 -60.78 -14.49 -51.41
C ASN D 1005 -61.60 -13.33 -50.88
N THR D 1006 -62.16 -12.57 -51.82
CA THR D 1006 -63.17 -11.57 -51.53
C THR D 1006 -64.34 -11.81 -52.47
N LEU D 1007 -65.55 -11.51 -51.98
CA LEU D 1007 -66.84 -11.77 -52.68
C LEU D 1007 -67.01 -13.23 -53.05
N PHE D 1008 -66.55 -14.14 -52.19
CA PHE D 1008 -66.67 -15.57 -52.42
C PHE D 1008 -68.01 -16.12 -51.92
N ASP D 1009 -68.93 -15.24 -51.52
CA ASP D 1009 -70.29 -15.56 -51.04
C ASP D 1009 -70.24 -16.47 -49.81
N ILE D 1010 -69.53 -15.99 -48.79
CA ILE D 1010 -69.61 -16.62 -47.47
C ILE D 1010 -70.59 -15.89 -46.56
N SER D 1011 -71.01 -14.68 -46.92
CA SER D 1011 -72.05 -13.92 -46.25
C SER D 1011 -73.30 -13.75 -47.09
N SER D 1012 -73.08 -13.45 -48.37
CA SER D 1012 -74.01 -13.40 -49.48
C SER D 1012 -74.98 -12.22 -49.46
N CYS D 1013 -75.12 -11.53 -48.31
CA CYS D 1013 -74.96 -10.08 -48.13
C CYS D 1013 -75.51 -9.52 -46.82
N SER D 1014 -75.54 -8.19 -46.77
CA SER D 1014 -76.00 -7.43 -45.61
C SER D 1014 -77.46 -7.70 -45.23
N VAL D 1015 -78.25 -8.31 -46.10
CA VAL D 1015 -79.61 -8.68 -45.77
C VAL D 1015 -79.70 -10.13 -45.30
N ASN D 1016 -78.59 -10.67 -44.76
CA ASN D 1016 -78.53 -12.05 -44.31
C ASN D 1016 -79.47 -12.34 -43.15
N ALA D 1017 -79.17 -11.75 -42.00
CA ALA D 1017 -79.79 -12.06 -40.71
C ALA D 1017 -79.84 -13.56 -40.45
N SER D 1018 -78.70 -14.22 -40.71
CA SER D 1018 -78.59 -15.66 -40.65
C SER D 1018 -77.37 -16.06 -39.85
N ASP D 1019 -77.52 -17.08 -39.01
CA ASP D 1019 -76.44 -17.65 -38.23
C ASP D 1019 -75.32 -18.30 -39.07
N PRO D 1020 -75.59 -18.97 -40.20
CA PRO D 1020 -74.45 -19.30 -41.07
C PRO D 1020 -73.90 -18.09 -41.81
N LEU D 1021 -74.77 -17.20 -42.27
CA LEU D 1021 -74.34 -16.06 -43.09
C LEU D 1021 -73.97 -14.89 -42.17
N LYS D 1022 -72.84 -15.04 -41.51
CA LYS D 1022 -72.33 -14.07 -40.54
C LYS D 1022 -71.67 -12.81 -41.12
N PRO D 1023 -70.58 -12.87 -41.91
CA PRO D 1023 -69.65 -11.73 -41.96
C PRO D 1023 -70.13 -10.48 -42.69
N LYS D 1024 -71.30 -10.51 -43.33
CA LYS D 1024 -72.03 -9.33 -43.84
C LYS D 1024 -71.20 -8.52 -44.86
N CYS D 1025 -70.95 -9.17 -46.04
CA CYS D 1025 -70.60 -8.58 -47.35
C CYS D 1025 -69.71 -7.34 -47.29
N PRO D 1026 -68.39 -7.50 -47.06
CA PRO D 1026 -67.51 -6.39 -46.63
C PRO D 1026 -67.60 -5.08 -47.39
N MET D 1027 -67.78 -5.12 -48.71
CA MET D 1027 -67.91 -3.90 -49.49
C MET D 1027 -68.52 -4.27 -50.83
N LEU D 1028 -69.19 -3.31 -51.45
CA LEU D 1028 -69.81 -3.51 -52.76
C LEU D 1028 -69.10 -2.64 -53.79
N ASN D 1029 -68.82 -3.23 -54.94
CA ASN D 1029 -68.19 -2.52 -56.05
C ASN D 1029 -68.54 -3.30 -57.33
N ALA D 1030 -67.87 -2.97 -58.44
CA ALA D 1030 -68.13 -3.59 -59.74
C ALA D 1030 -67.55 -5.00 -59.73
N ASP D 1031 -68.41 -5.96 -59.32
CA ASP D 1031 -68.21 -7.41 -59.40
C ASP D 1031 -67.14 -7.95 -58.46
N ASN D 1032 -66.43 -7.07 -57.77
CA ASN D 1032 -65.47 -7.45 -56.74
C ASN D 1032 -65.94 -6.84 -55.43
N THR D 1033 -65.57 -7.49 -54.33
CA THR D 1033 -65.92 -6.95 -53.02
C THR D 1033 -65.21 -5.64 -52.70
N PRO D 1034 -63.87 -5.54 -52.64
CA PRO D 1034 -63.27 -4.40 -51.94
C PRO D 1034 -63.34 -3.10 -52.75
N VAL D 1035 -63.69 -2.01 -52.07
CA VAL D 1035 -63.51 -0.70 -52.67
C VAL D 1035 -62.06 -0.29 -52.57
N PHE D 1036 -61.32 -0.85 -51.61
CA PHE D 1036 -59.89 -0.69 -51.57
C PHE D 1036 -59.30 -2.06 -51.25
N PRO D 1037 -58.32 -2.53 -52.02
CA PRO D 1037 -58.13 -3.98 -52.17
C PRO D 1037 -57.39 -4.66 -51.03
N GLU D 1038 -57.16 -5.96 -51.21
CA GLU D 1038 -56.65 -6.83 -50.16
C GLU D 1038 -55.14 -6.74 -49.96
N TRP D 1039 -54.41 -5.99 -50.79
CA TRP D 1039 -52.97 -5.87 -50.60
C TRP D 1039 -52.65 -5.05 -49.35
N LEU D 1040 -53.45 -4.03 -49.06
CA LEU D 1040 -53.38 -3.37 -47.75
C LEU D 1040 -53.76 -4.33 -46.64
N THR D 1041 -54.71 -5.23 -46.90
CA THR D 1041 -55.17 -6.16 -45.88
C THR D 1041 -54.13 -7.22 -45.56
N ILE D 1042 -53.21 -7.52 -46.49
CA ILE D 1042 -52.17 -8.48 -46.16
C ILE D 1042 -50.92 -7.75 -45.68
N MET D 1043 -50.74 -6.49 -46.10
CA MET D 1043 -49.62 -5.70 -45.59
C MET D 1043 -49.79 -5.39 -44.10
N MET D 1044 -50.98 -4.92 -43.73
CA MET D 1044 -51.28 -4.66 -42.32
C MET D 1044 -51.27 -5.95 -41.52
N LEU D 1045 -51.66 -7.07 -42.14
CA LEU D 1045 -51.57 -8.37 -41.47
C LEU D 1045 -50.13 -8.75 -41.15
N CYS D 1046 -49.22 -8.52 -42.10
CA CYS D 1046 -47.82 -8.84 -41.86
C CYS D 1046 -47.21 -7.94 -40.80
N VAL D 1047 -47.58 -6.65 -40.80
CA VAL D 1047 -47.09 -5.72 -39.78
C VAL D 1047 -47.61 -6.12 -38.40
N TYR D 1048 -48.88 -6.51 -38.32
CA TYR D 1048 -49.49 -6.96 -37.08
C TYR D 1048 -48.80 -8.21 -36.55
N LEU D 1049 -48.50 -9.17 -37.44
CA LEU D 1049 -47.81 -10.38 -37.01
C LEU D 1049 -46.39 -10.07 -36.55
N LEU D 1050 -45.74 -9.10 -37.20
CA LEU D 1050 -44.39 -8.71 -36.83
C LEU D 1050 -44.34 -8.14 -35.41
N PHE D 1051 -45.20 -7.16 -35.12
CA PHE D 1051 -45.19 -6.56 -33.78
C PHE D 1051 -45.71 -7.51 -32.71
N ALA D 1052 -46.64 -8.41 -33.06
CA ALA D 1052 -47.08 -9.41 -32.10
C ALA D 1052 -45.95 -10.37 -31.74
N ASN D 1053 -45.14 -10.76 -32.72
CA ASN D 1053 -44.00 -11.62 -32.40
C ASN D 1053 -42.93 -10.85 -31.63
N ILE D 1054 -42.81 -9.54 -31.87
CA ILE D 1054 -41.92 -8.69 -31.08
C ILE D 1054 -42.30 -8.73 -29.60
N LEU D 1055 -43.57 -8.50 -29.30
CA LEU D 1055 -43.99 -8.49 -27.89
C LEU D 1055 -43.96 -9.89 -27.29
N LEU D 1056 -44.17 -10.93 -28.10
CA LEU D 1056 -44.06 -12.30 -27.60
C LEU D 1056 -42.61 -12.63 -27.23
N LEU D 1057 -41.66 -12.25 -28.07
CA LEU D 1057 -40.25 -12.49 -27.74
C LEU D 1057 -39.79 -11.57 -26.60
N ASN D 1058 -40.42 -10.41 -26.44
CA ASN D 1058 -40.18 -9.58 -25.26
C ASN D 1058 -40.60 -10.31 -23.99
N LEU D 1059 -41.75 -10.98 -24.03
CA LEU D 1059 -42.17 -11.80 -22.89
C LEU D 1059 -41.24 -12.99 -22.70
N LEU D 1060 -40.69 -13.53 -23.79
CA LEU D 1060 -39.74 -14.63 -23.69
C LEU D 1060 -38.46 -14.20 -22.98
N ILE D 1061 -37.94 -13.03 -23.33
CA ILE D 1061 -36.75 -12.50 -22.63
C ILE D 1061 -37.11 -12.09 -21.21
N ALA D 1062 -38.37 -11.68 -20.97
CA ALA D 1062 -38.80 -11.34 -19.63
C ALA D 1062 -38.83 -12.56 -18.71
N ILE D 1063 -39.16 -13.73 -19.26
CA ILE D 1063 -39.08 -14.95 -18.45
C ILE D 1063 -37.63 -15.43 -18.35
N PHE D 1064 -36.86 -15.27 -19.44
CA PHE D 1064 -35.48 -15.73 -19.48
C PHE D 1064 -34.59 -14.97 -18.51
N ASN D 1065 -34.89 -13.69 -18.26
CA ASN D 1065 -34.06 -12.91 -17.35
C ASN D 1065 -34.21 -13.42 -15.92
N TYR D 1066 -35.43 -13.74 -15.51
CA TYR D 1066 -35.62 -14.32 -14.18
C TYR D 1066 -35.03 -15.71 -14.08
N THR D 1067 -35.21 -16.54 -15.12
CA THR D 1067 -34.67 -17.89 -15.06
C THR D 1067 -33.14 -17.88 -15.04
N PHE D 1068 -32.53 -16.96 -15.78
CA PHE D 1068 -31.08 -16.85 -15.75
C PHE D 1068 -30.58 -16.23 -14.46
N GLN D 1069 -31.35 -15.30 -13.86
CA GLN D 1069 -30.98 -14.77 -12.55
C GLN D 1069 -31.09 -15.84 -11.47
N GLU D 1070 -31.97 -16.82 -11.67
CA GLU D 1070 -31.98 -17.98 -10.81
C GLU D 1070 -30.74 -18.84 -11.05
N VAL D 1071 -30.41 -19.08 -12.32
CA VAL D 1071 -29.25 -19.92 -12.64
C VAL D 1071 -27.93 -19.17 -12.57
N GLN D 1072 -27.93 -17.83 -12.47
CA GLN D 1072 -26.67 -17.11 -12.26
C GLN D 1072 -26.15 -17.30 -10.85
N ASP D 1073 -27.01 -17.71 -9.91
CA ASP D 1073 -26.56 -18.15 -8.61
C ASP D 1073 -25.78 -19.45 -8.74
N ASN D 1074 -25.06 -19.79 -7.67
CA ASN D 1074 -24.10 -20.89 -7.69
C ASN D 1074 -24.82 -22.23 -7.88
N THR D 1075 -24.49 -22.90 -8.98
CA THR D 1075 -25.16 -24.14 -9.35
C THR D 1075 -24.76 -25.32 -8.47
N ASP D 1076 -23.62 -25.24 -7.78
CA ASP D 1076 -23.25 -26.31 -6.85
C ASP D 1076 -23.71 -25.99 -5.43
N THR D 1077 -24.94 -25.50 -5.33
CA THR D 1077 -25.58 -25.27 -4.06
C THR D 1077 -26.84 -26.09 -3.89
N ILE D 1078 -27.77 -26.02 -4.85
CA ILE D 1078 -29.10 -26.60 -4.69
C ILE D 1078 -29.08 -28.12 -4.71
N TRP D 1079 -28.02 -28.73 -5.25
CA TRP D 1079 -27.93 -30.18 -5.27
C TRP D 1079 -27.78 -30.73 -3.87
N LYS D 1080 -27.02 -30.04 -3.01
CA LYS D 1080 -26.86 -30.48 -1.63
C LYS D 1080 -28.15 -30.32 -0.84
N PHE D 1081 -28.91 -29.26 -1.12
CA PHE D 1081 -30.18 -29.07 -0.42
C PHE D 1081 -31.23 -30.08 -0.85
N GLN D 1082 -31.28 -30.38 -2.15
CA GLN D 1082 -32.16 -31.44 -2.64
C GLN D 1082 -31.78 -32.77 -2.04
N ARG D 1083 -30.47 -33.03 -1.91
CA ARG D 1083 -30.00 -34.26 -1.28
C ARG D 1083 -30.38 -34.30 0.19
N TYR D 1084 -30.32 -33.15 0.87
CA TYR D 1084 -30.70 -33.13 2.28
C TYR D 1084 -32.18 -33.40 2.46
N GLU D 1085 -33.03 -32.75 1.68
CA GLU D 1085 -34.46 -32.95 1.87
C GLU D 1085 -34.87 -34.36 1.50
N LEU D 1086 -34.21 -34.92 0.48
CA LEU D 1086 -34.42 -36.31 0.12
C LEU D 1086 -33.99 -37.24 1.24
N ILE D 1087 -32.88 -36.92 1.91
CA ILE D 1087 -32.43 -37.72 3.05
C ILE D 1087 -33.36 -37.52 4.24
N LYS D 1088 -34.00 -36.37 4.30
CA LYS D 1088 -34.86 -36.04 5.43
C LYS D 1088 -36.18 -36.79 5.37
N GLU D 1089 -36.72 -36.98 4.16
CA GLU D 1089 -38.05 -37.58 4.12
C GLU D 1089 -37.99 -39.09 4.30
N TYR D 1090 -37.22 -39.78 3.45
CA TYR D 1090 -37.29 -41.22 3.33
C TYR D 1090 -36.61 -41.96 4.47
N HIS D 1091 -35.93 -41.26 5.36
CA HIS D 1091 -35.38 -41.92 6.54
C HIS D 1091 -36.50 -42.29 7.51
N SER D 1092 -37.62 -41.58 7.46
CA SER D 1092 -38.69 -41.81 8.41
C SER D 1092 -39.55 -43.02 8.02
N ARG D 1093 -39.95 -43.09 6.75
CA ARG D 1093 -40.94 -44.09 6.35
C ARG D 1093 -40.35 -45.49 6.33
N PRO D 1094 -41.17 -46.51 6.63
CA PRO D 1094 -40.65 -47.88 6.62
C PRO D 1094 -40.46 -48.41 5.21
N ALA D 1095 -40.14 -49.70 5.13
CA ALA D 1095 -40.08 -50.41 3.86
C ALA D 1095 -41.50 -50.75 3.42
N LEU D 1096 -41.63 -51.69 2.45
CA LEU D 1096 -42.90 -52.19 1.93
C LEU D 1096 -43.78 -51.09 1.34
N PRO D 1097 -43.54 -50.71 0.09
CA PRO D 1097 -44.29 -49.60 -0.60
C PRO D 1097 -45.80 -49.79 -0.59
N PRO D 1098 -46.61 -48.76 -0.95
CA PRO D 1098 -48.12 -48.78 -0.74
C PRO D 1098 -48.87 -50.07 -1.06
N PRO D 1099 -48.52 -50.84 -2.14
CA PRO D 1099 -49.01 -52.24 -2.26
C PRO D 1099 -48.86 -53.10 -1.01
N PHE D 1100 -47.86 -52.82 -0.19
CA PHE D 1100 -47.77 -53.50 1.09
C PHE D 1100 -47.62 -52.51 2.23
N ILE D 1101 -47.69 -51.20 1.99
CA ILE D 1101 -47.78 -50.32 3.14
C ILE D 1101 -49.19 -50.34 3.69
N LEU D 1102 -50.19 -50.74 2.87
CA LEU D 1102 -51.50 -51.03 3.45
C LEU D 1102 -51.43 -52.15 4.48
N LEU D 1103 -50.52 -53.11 4.30
CA LEU D 1103 -50.21 -54.07 5.34
C LEU D 1103 -49.40 -53.45 6.47
N SER D 1104 -48.30 -52.78 6.13
CA SER D 1104 -47.28 -52.43 7.12
C SER D 1104 -47.74 -51.33 8.06
N HIS D 1105 -48.46 -50.33 7.56
CA HIS D 1105 -49.02 -49.31 8.44
C HIS D 1105 -50.13 -49.88 9.30
N LEU D 1106 -50.86 -50.88 8.79
CA LEU D 1106 -51.89 -51.53 9.59
C LEU D 1106 -51.28 -52.31 10.75
N ILE D 1107 -50.20 -53.05 10.49
CA ILE D 1107 -49.60 -53.83 11.57
C ILE D 1107 -48.78 -52.96 12.50
N LEU D 1108 -48.29 -51.80 12.02
CA LEU D 1108 -47.66 -50.85 12.94
C LEU D 1108 -48.71 -50.17 13.82
N PHE D 1109 -49.88 -49.87 13.24
CA PHE D 1109 -50.96 -49.22 13.98
C PHE D 1109 -51.54 -50.16 15.03
N ILE D 1110 -51.74 -51.43 14.67
CA ILE D 1110 -52.17 -52.44 15.63
C ILE D 1110 -51.03 -52.95 16.49
N ARG D 1111 -49.79 -52.60 16.17
CA ARG D 1111 -48.66 -53.00 17.00
C ARG D 1111 -48.60 -52.15 18.26
N GLY D 1112 -48.45 -50.84 18.10
CA GLY D 1112 -48.34 -49.93 19.23
C GLY D 1112 -47.47 -48.72 18.93
N ARG D 1121 -38.51 -42.34 19.67
CA ARG D 1121 -37.79 -41.32 18.91
C ARG D 1121 -36.91 -41.95 17.84
N HIS D 1122 -36.00 -41.15 17.28
CA HIS D 1122 -34.98 -41.65 16.37
C HIS D 1122 -33.62 -41.12 16.80
N LYS D 1123 -32.63 -41.99 16.82
CA LYS D 1123 -31.33 -41.67 17.39
C LYS D 1123 -30.31 -41.23 16.34
N ASN D 1124 -30.76 -40.80 15.16
CA ASN D 1124 -29.83 -40.39 14.12
C ASN D 1124 -29.73 -38.89 13.93
N PHE D 1125 -30.86 -38.19 13.78
CA PHE D 1125 -30.80 -36.74 13.62
C PHE D 1125 -30.66 -36.05 14.98
N ARG D 1126 -31.66 -36.23 15.83
CA ARG D 1126 -31.73 -35.55 17.11
C ARG D 1126 -31.54 -36.57 18.22
N GLN D 1127 -30.40 -36.49 18.90
CA GLN D 1127 -30.09 -37.42 19.97
C GLN D 1127 -29.82 -36.63 21.24
N GLU D 1128 -30.24 -37.19 22.36
CA GLU D 1128 -30.03 -36.56 23.66
C GLU D 1128 -28.77 -37.13 24.28
N LEU D 1129 -27.76 -36.29 24.48
CA LEU D 1129 -26.54 -36.73 25.12
C LEU D 1129 -26.69 -36.74 26.63
N GLU D 1130 -25.96 -37.66 27.26
CA GLU D 1130 -25.90 -37.69 28.72
C GLU D 1130 -24.95 -36.61 29.22
N GLN D 1131 -25.24 -36.10 30.41
CA GLN D 1131 -24.48 -34.98 30.96
C GLN D 1131 -23.05 -35.33 31.33
N THR D 1132 -22.71 -36.62 31.35
CA THR D 1132 -21.35 -37.04 31.67
C THR D 1132 -20.38 -36.61 30.58
N GLU D 1133 -20.85 -36.54 29.34
CA GLU D 1133 -19.97 -36.31 28.22
C GLU D 1133 -20.09 -34.90 27.64
N GLU D 1134 -21.21 -34.22 27.89
CA GLU D 1134 -21.42 -32.89 27.35
C GLU D 1134 -20.45 -31.88 27.92
N GLU D 1135 -19.99 -32.09 29.15
CA GLU D 1135 -19.03 -31.16 29.76
C GLU D 1135 -17.69 -31.20 29.05
N GLU D 1136 -17.15 -32.41 28.86
CA GLU D 1136 -15.90 -32.57 28.11
C GLU D 1136 -16.07 -32.10 26.68
N LEU D 1137 -17.22 -32.37 26.07
CA LEU D 1137 -17.44 -31.97 24.69
C LEU D 1137 -17.44 -30.45 24.54
N LEU D 1138 -18.14 -29.76 25.43
CA LEU D 1138 -18.19 -28.30 25.36
C LEU D 1138 -16.84 -27.69 25.69
N SER D 1139 -16.07 -28.30 26.59
CA SER D 1139 -14.75 -27.76 26.89
C SER D 1139 -13.81 -27.92 25.71
N TRP D 1140 -13.89 -29.06 25.01
CA TRP D 1140 -13.08 -29.24 23.81
C TRP D 1140 -13.50 -28.27 22.71
N GLU D 1141 -14.81 -28.02 22.60
CA GLU D 1141 -15.30 -27.05 21.61
C GLU D 1141 -14.78 -25.66 21.90
N ALA D 1142 -14.76 -25.27 23.17
CA ALA D 1142 -14.29 -23.94 23.54
C ALA D 1142 -12.79 -23.81 23.30
N TYR D 1143 -12.04 -24.89 23.53
CA TYR D 1143 -10.61 -24.82 23.24
C TYR D 1143 -10.35 -24.71 21.74
N MET D 1144 -11.15 -25.40 20.92
CA MET D 1144 -11.02 -25.26 19.48
C MET D 1144 -11.37 -23.85 19.01
N LYS D 1145 -12.39 -23.26 19.62
CA LYS D 1145 -12.77 -21.88 19.29
C LYS D 1145 -11.65 -20.92 19.63
N ASP D 1146 -11.02 -21.13 20.78
CA ASP D 1146 -9.88 -20.31 21.20
C ASP D 1146 -8.74 -20.41 20.19
N ASN D 1147 -8.49 -21.61 19.68
CA ASN D 1147 -7.40 -21.81 18.72
C ASN D 1147 -7.69 -21.08 17.42
N TYR D 1148 -8.90 -21.24 16.87
CA TYR D 1148 -9.30 -20.53 15.67
C TYR D 1148 -9.20 -19.03 15.83
N LEU D 1149 -9.65 -18.52 16.97
CA LEU D 1149 -9.68 -17.07 17.17
C LEU D 1149 -8.28 -16.49 17.27
N ALA D 1150 -7.35 -17.22 17.90
CA ALA D 1150 -5.96 -16.77 17.93
C ALA D 1150 -5.36 -16.78 16.53
N SER D 1151 -5.69 -17.80 15.73
CA SER D 1151 -5.16 -17.87 14.37
C SER D 1151 -5.66 -16.71 13.52
N THR D 1152 -6.92 -16.34 13.67
CA THR D 1152 -7.46 -15.24 12.89
C THR D 1152 -6.90 -13.90 13.32
N ARG D 1153 -6.67 -13.70 14.62
CA ARG D 1153 -6.03 -12.46 15.07
C ARG D 1153 -4.62 -12.35 14.52
N GLN D 1154 -3.85 -13.43 14.54
CA GLN D 1154 -2.49 -13.38 14.05
C GLN D 1154 -2.44 -13.13 12.55
N ASP D 1155 -3.26 -13.82 11.77
CA ASP D 1155 -3.23 -13.57 10.34
C ASP D 1155 -4.02 -12.34 9.92
N GLU D 1156 -4.75 -11.71 10.85
CA GLU D 1156 -5.22 -10.36 10.61
C GLU D 1156 -4.13 -9.34 10.86
N SER D 1157 -3.14 -9.71 11.70
CA SER D 1157 -2.00 -8.83 11.90
C SER D 1157 -0.97 -8.86 10.78
N GLN D 1158 -1.18 -9.67 9.73
CA GLN D 1158 -0.17 -9.79 8.70
C GLN D 1158 -0.48 -8.98 7.45
N SER D 1159 -1.73 -8.59 7.22
CA SER D 1159 -2.10 -7.92 5.99
C SER D 1159 -1.56 -6.50 5.95
N VAL D 1160 -1.38 -5.99 4.73
CA VAL D 1160 -0.67 -4.73 4.54
C VAL D 1160 -1.51 -3.56 4.99
N GLU D 1161 -2.84 -3.73 5.00
CA GLU D 1161 -3.74 -2.70 5.49
C GLU D 1161 -3.64 -2.52 7.01
N HIS D 1162 -2.95 -3.41 7.71
CA HIS D 1162 -2.59 -3.18 9.09
C HIS D 1162 -1.16 -2.70 9.27
N ARG D 1163 -0.24 -3.20 8.44
CA ARG D 1163 1.16 -2.82 8.55
C ARG D 1163 1.34 -1.35 8.23
N ILE D 1164 0.48 -0.80 7.38
CA ILE D 1164 0.57 0.62 7.06
C ILE D 1164 0.20 1.47 8.28
N HIS D 1165 -0.80 1.06 9.06
CA HIS D 1165 -1.15 1.81 10.27
C HIS D 1165 -0.10 1.67 11.35
N ASP D 1166 0.51 0.48 11.44
CA ASP D 1166 1.56 0.27 12.42
C ASP D 1166 2.77 1.15 12.14
N THR D 1167 3.22 1.17 10.88
CA THR D 1167 4.35 2.03 10.54
C THR D 1167 4.00 3.49 10.66
N ALA D 1168 2.73 3.86 10.43
CA ALA D 1168 2.33 5.25 10.59
C ALA D 1168 2.42 5.69 12.05
N GLU D 1169 1.89 4.88 12.97
CA GLU D 1169 1.95 5.24 14.38
C GLU D 1169 3.38 5.23 14.90
N LYS D 1170 4.21 4.30 14.41
CA LYS D 1170 5.59 4.24 14.88
C LYS D 1170 6.40 5.42 14.37
N VAL D 1171 6.17 5.86 13.13
CA VAL D 1171 6.88 7.03 12.63
C VAL D 1171 6.40 8.29 13.32
N GLY D 1172 5.11 8.35 13.68
CA GLY D 1172 4.63 9.48 14.47
C GLY D 1172 5.29 9.57 15.84
N ALA D 1173 5.40 8.43 16.53
CA ALA D 1173 6.10 8.41 17.81
C ALA D 1173 7.58 8.74 17.65
N MET D 1174 8.19 8.28 16.55
CA MET D 1174 9.61 8.54 16.33
C MET D 1174 9.88 10.01 16.07
N SER D 1175 9.02 10.67 15.29
CA SER D 1175 9.22 12.09 15.03
C SER D 1175 8.95 12.93 16.27
N GLU D 1176 7.94 12.56 17.06
CA GLU D 1176 7.67 13.28 18.29
C GLU D 1176 8.81 13.13 19.29
N LEU D 1177 9.33 11.92 19.44
CA LEU D 1177 10.45 11.70 20.35
C LEU D 1177 11.74 12.35 19.84
N LEU D 1178 11.91 12.44 18.52
CA LEU D 1178 13.10 13.08 17.99
C LEU D 1178 13.06 14.58 18.22
N GLU D 1179 11.89 15.20 18.04
CA GLU D 1179 11.77 16.62 18.35
C GLU D 1179 11.94 16.88 19.84
N ARG D 1180 11.43 15.97 20.68
CA ARG D 1180 11.57 16.14 22.13
C ARG D 1180 13.02 15.95 22.58
N GLU D 1181 13.75 15.02 21.97
CA GLU D 1181 15.14 14.78 22.36
C GLU D 1181 16.08 15.84 21.77
N GLN D 1182 15.81 16.34 20.57
CA GLN D 1182 16.60 17.44 20.04
C GLN D 1182 16.32 18.73 20.79
N GLU D 1183 15.12 18.86 21.37
CA GLU D 1183 14.85 19.98 22.26
C GLU D 1183 15.62 19.88 23.56
N MET D 1184 16.06 18.67 23.96
CA MET D 1184 16.88 18.48 25.13
C MET D 1184 18.36 18.73 24.88
N VAL D 1185 18.76 18.92 23.63
CA VAL D 1185 20.17 19.14 23.29
C VAL D 1185 20.60 20.57 23.65
N UNK D 1186 26.48 23.22 26.29
CA UNK D 1186 27.93 23.09 26.17
C UNK D 1186 28.62 24.44 26.35
N UNK D 1187 27.84 25.52 26.22
CA UNK D 1187 28.38 26.87 26.38
C UNK D 1187 28.91 27.07 27.80
N UNK D 1188 28.18 26.56 28.78
CA UNK D 1188 28.60 26.69 30.18
C UNK D 1188 29.91 25.96 30.39
N UNK D 1189 30.02 24.76 29.80
CA UNK D 1189 31.23 23.97 29.92
C UNK D 1189 32.40 24.71 29.28
N UNK D 1190 32.17 25.34 28.14
CA UNK D 1190 33.20 26.09 27.45
C UNK D 1190 33.65 27.26 28.33
N UNK D 1191 32.70 27.93 28.97
CA UNK D 1191 33.01 29.04 29.85
C UNK D 1191 33.87 28.57 31.02
N UNK D 1192 33.52 27.40 31.57
CA UNK D 1192 34.26 26.83 32.68
C UNK D 1192 35.69 26.53 32.25
N UNK D 1193 35.84 26.00 31.04
CA UNK D 1193 37.16 25.68 30.51
C UNK D 1193 37.98 26.95 30.35
N UNK D 1194 37.33 28.01 29.88
CA UNK D 1194 38.01 29.30 29.70
C UNK D 1194 38.47 29.82 31.05
N UNK D 1195 37.63 29.68 32.07
CA UNK D 1195 37.96 30.14 33.41
C UNK D 1195 39.16 29.36 33.94
N UNK D 1196 39.17 28.06 33.67
CA UNK D 1196 40.28 27.20 34.11
C UNK D 1196 41.58 27.64 33.43
N UNK D 1197 41.48 27.97 32.15
CA UNK D 1197 42.64 28.42 31.38
C UNK D 1197 43.17 29.73 31.95
N UNK D 1198 42.25 30.61 32.32
CA UNK D 1198 42.62 31.91 32.88
C UNK D 1198 43.08 31.80 34.32
N UNK D 1199 42.14 31.50 35.22
CA UNK D 1199 42.44 31.36 36.64
C UNK D 1199 43.82 30.73 36.83
N UNK D 1200 44.12 29.72 36.01
CA UNK D 1200 45.41 29.05 36.09
C UNK D 1200 46.53 30.02 35.76
N UNK D 1201 46.31 30.85 34.74
CA UNK D 1201 47.29 31.84 34.33
C UNK D 1201 47.52 32.85 35.46
N UNK D 1202 46.43 33.25 36.12
CA UNK D 1202 46.53 34.18 37.23
C UNK D 1202 47.34 33.57 38.37
N UNK D 1203 47.10 32.29 38.63
CA UNK D 1203 47.83 31.58 39.67
C UNK D 1203 49.31 31.53 39.35
N UNK D 1204 49.63 31.28 38.07
CA UNK D 1204 51.01 31.23 37.62
C UNK D 1204 51.67 32.59 37.82
N UNK D 1205 50.94 33.66 37.50
CA UNK D 1205 51.45 35.01 37.66
C UNK D 1205 51.73 35.29 39.14
N UNK D 1206 50.84 34.84 40.00
CA UNK D 1206 50.99 35.02 41.44
C UNK D 1206 52.22 34.28 41.95
N UNK D 1207 52.45 33.06 41.45
CA UNK D 1207 53.58 32.26 41.89
C UNK D 1207 53.94 31.17 40.88
N GLU D 1210 14.05 27.67 50.44
CA GLU D 1210 13.52 27.60 51.79
C GLU D 1210 12.19 28.34 51.92
N ALA D 1211 11.23 27.71 52.55
CA ALA D 1211 9.93 28.32 52.69
C ALA D 1211 9.86 29.13 53.97
N PRO D 1212 9.40 30.37 53.92
CA PRO D 1212 9.18 31.14 55.14
C PRO D 1212 7.93 30.72 55.89
N HIS D 1213 7.57 31.49 56.91
CA HIS D 1213 6.34 31.24 57.65
C HIS D 1213 5.14 31.69 56.81
N MET D 1214 4.61 30.79 55.99
CA MET D 1214 3.58 31.19 55.04
C MET D 1214 2.23 31.41 55.68
N PHE D 1215 1.92 30.72 56.79
CA PHE D 1215 0.68 30.97 57.51
C PHE D 1215 0.61 32.38 58.10
N ALA D 1216 1.75 33.00 58.38
CA ALA D 1216 1.74 34.39 58.83
C ALA D 1216 1.42 35.35 57.70
N ARG D 1217 1.53 34.92 56.45
CA ARG D 1217 1.34 35.79 55.30
C ARG D 1217 -0.08 35.70 54.74
N GLN D 1218 -0.96 34.93 55.39
CA GLN D 1218 -2.30 34.66 54.86
C GLN D 1218 -3.15 35.91 55.01
N LEU D 1219 -3.80 36.33 53.91
CA LEU D 1219 -4.28 37.69 53.78
C LEU D 1219 -5.39 38.04 54.75
N GLN D 1220 -6.27 37.11 55.07
CA GLN D 1220 -7.37 37.39 55.98
C GLN D 1220 -6.98 36.91 57.37
N TYR D 1221 -6.74 37.87 58.26
CA TYR D 1221 -6.44 37.56 59.64
C TYR D 1221 -7.69 37.01 60.30
N PRO D 1222 -7.60 35.93 61.09
CA PRO D 1222 -8.79 35.21 61.51
C PRO D 1222 -9.63 35.99 62.50
N ASP D 1223 -10.96 35.85 62.33
CA ASP D 1223 -11.98 36.48 63.18
C ASP D 1223 -11.82 37.99 63.23
N SER D 1224 -11.49 38.58 62.10
CA SER D 1224 -11.18 40.01 62.07
C SER D 1224 -11.51 40.56 60.71
N THR D 1225 -11.86 41.84 60.69
CA THR D 1225 -12.16 42.56 59.46
C THR D 1225 -10.91 43.16 58.81
N VAL D 1226 -9.73 42.67 59.15
CA VAL D 1226 -8.47 43.29 58.75
C VAL D 1226 -7.77 42.39 57.76
N ARG D 1227 -7.46 42.95 56.59
CA ARG D 1227 -6.61 42.30 55.62
C ARG D 1227 -5.19 42.82 55.82
N ARG D 1228 -4.22 41.92 55.77
CA ARG D 1228 -2.84 42.32 55.95
C ARG D 1228 -2.28 42.84 54.63
N PHE D 1229 -1.04 43.25 54.66
CA PHE D 1229 -0.38 43.75 53.48
C PHE D 1229 0.18 42.58 52.67
N PRO D 1230 0.24 42.71 51.36
CA PRO D 1230 0.87 41.66 50.55
C PRO D 1230 2.39 41.61 50.71
N VAL D 1231 2.88 40.55 51.33
CA VAL D 1231 4.29 40.40 51.66
C VAL D 1231 4.92 39.29 50.82
N PRO D 1232 5.72 39.60 49.82
CA PRO D 1232 6.29 38.55 48.97
C PRO D 1232 7.37 37.71 49.64
N GLU D 1233 7.86 36.72 48.91
CA GLU D 1233 8.78 35.75 49.49
C GLU D 1233 10.19 36.31 49.62
N GLU D 1234 10.58 37.19 48.69
CA GLU D 1234 11.85 37.90 48.86
C GLU D 1234 11.78 38.91 49.99
N LYS D 1235 10.59 39.34 50.38
CA LYS D 1235 10.39 40.29 51.45
C LYS D 1235 10.23 39.63 52.80
N VAL D 1236 10.71 38.39 52.96
CA VAL D 1236 10.37 37.62 54.15
C VAL D 1236 11.12 38.14 55.37
N SER D 1237 12.45 38.01 55.37
CA SER D 1237 13.21 38.35 56.55
C SER D 1237 13.40 39.86 56.65
N TRP D 1238 13.90 40.30 57.81
CA TRP D 1238 14.20 41.71 57.98
C TRP D 1238 15.53 42.12 57.36
N GLU D 1239 16.28 41.15 56.80
CA GLU D 1239 17.62 41.42 56.31
C GLU D 1239 17.61 42.27 55.04
N VAL D 1240 16.53 42.25 54.28
CA VAL D 1240 16.42 43.05 53.06
C VAL D 1240 15.23 43.99 53.19
N ASN D 1241 15.28 45.07 52.41
CA ASN D 1241 14.37 46.20 52.59
C ASN D 1241 13.55 46.43 51.33
N PHE D 1242 12.23 46.33 51.48
CA PHE D 1242 11.28 46.71 50.44
C PHE D 1242 10.65 48.03 50.85
N SER D 1243 10.61 48.97 49.91
CA SER D 1243 10.38 50.37 50.24
C SER D 1243 8.98 50.69 50.76
N PRO D 1244 7.83 50.48 49.98
CA PRO D 1244 6.55 51.05 50.42
C PRO D 1244 5.83 50.21 51.47
N TYR D 1245 6.57 49.71 52.44
CA TYR D 1245 6.12 48.62 53.30
C TYR D 1245 5.56 49.21 54.58
N GLN D 1246 4.23 49.43 54.58
CA GLN D 1246 3.55 50.10 55.68
C GLN D 1246 2.49 49.17 56.26
N PRO D 1247 2.86 48.27 57.16
CA PRO D 1247 1.88 47.36 57.75
C PRO D 1247 0.98 48.09 58.72
N PRO D 1248 -0.34 48.01 58.53
CA PRO D 1248 -1.26 48.67 59.47
C PRO D 1248 -1.29 47.95 60.79
N VAL D 1249 -0.99 48.69 61.87
CA VAL D 1249 -0.99 48.11 63.21
C VAL D 1249 -2.42 47.87 63.66
N TYR D 1250 -2.67 46.71 64.25
CA TYR D 1250 -4.02 46.33 64.66
C TYR D 1250 -3.92 45.33 65.80
N ASN D 1251 -4.10 45.82 67.02
CA ASN D 1251 -4.32 44.95 68.15
C ASN D 1251 -5.81 44.88 68.47
N GLN D 1252 -6.23 43.74 69.01
CA GLN D 1252 -7.57 43.64 69.58
C GLN D 1252 -7.58 44.31 70.95
N GLN D 1253 -8.51 45.25 71.14
CA GLN D 1253 -8.63 45.96 72.41
C GLN D 1253 -9.34 45.05 73.40
N ASP D 1254 -8.56 44.18 74.04
CA ASP D 1254 -9.08 43.26 75.04
C ASP D 1254 -8.95 43.84 76.43
N LYS D 1265 9.79 47.93 69.45
CA LYS D 1265 10.22 46.91 70.40
C LYS D 1265 10.78 45.68 69.68
N HIS D 1266 9.87 44.88 69.13
CA HIS D 1266 10.24 43.59 68.56
C HIS D 1266 10.10 43.62 67.05
N ARG D 1267 10.71 42.64 66.40
CA ARG D 1267 10.55 42.37 64.98
C ARG D 1267 10.36 40.87 64.81
N ASN D 1268 9.47 40.49 63.90
CA ASN D 1268 9.09 39.09 63.72
C ASN D 1268 10.24 38.29 63.12
N PRO D 1269 10.79 37.30 63.82
CA PRO D 1269 11.93 36.55 63.27
C PRO D 1269 11.47 35.57 62.20
N GLY D 1270 12.25 35.51 61.12
CA GLY D 1270 12.01 34.54 60.08
C GLY D 1270 10.92 34.87 59.09
N GLY D 1271 10.31 36.05 59.19
CA GLY D 1271 9.29 36.40 58.21
C GLY D 1271 8.56 37.69 58.50
N ARG D 1272 8.42 38.54 57.48
CA ARG D 1272 7.62 39.76 57.63
C ARG D 1272 6.15 39.40 57.65
N THR D 1273 5.45 39.79 58.69
CA THR D 1273 4.10 39.30 58.95
C THR D 1273 3.00 40.25 58.52
N GLY D 1274 3.34 41.44 58.01
CA GLY D 1274 2.36 42.31 57.39
C GLY D 1274 1.40 43.02 58.31
N ILE D 1275 1.41 42.73 59.61
CA ILE D 1275 0.54 43.40 60.58
C ILE D 1275 1.35 43.61 61.86
N ARG D 1276 1.12 44.74 62.52
CA ARG D 1276 1.76 45.05 63.78
C ARG D 1276 0.74 45.03 64.90
N GLY D 1277 1.23 45.02 66.14
CA GLY D 1277 0.39 44.92 67.31
C GLY D 1277 0.28 43.51 67.84
N LYS D 1278 -0.34 43.39 69.01
CA LYS D 1278 -0.50 42.07 69.60
C LYS D 1278 -1.60 41.28 68.88
N GLY D 1279 -2.68 41.95 68.50
CA GLY D 1279 -3.76 41.26 67.81
C GLY D 1279 -4.57 40.40 68.76
N ALA D 1280 -4.77 39.15 68.37
CA ALA D 1280 -5.43 38.18 69.23
C ALA D 1280 -4.46 37.57 70.24
N LEU D 1281 -3.16 37.81 70.10
CA LEU D 1281 -2.22 37.42 71.13
C LEU D 1281 -2.37 38.34 72.35
N ASN D 1282 -2.03 37.81 73.52
CA ASN D 1282 -2.24 38.54 74.75
C ASN D 1282 -1.20 39.65 74.92
N THR D 1283 0.06 39.27 75.03
CA THR D 1283 1.12 40.25 75.21
C THR D 1283 1.68 40.68 73.86
N LEU D 1284 2.48 41.75 73.88
CA LEU D 1284 3.20 42.20 72.70
C LEU D 1284 4.61 41.59 72.69
N GLY D 1285 4.64 40.27 72.77
CA GLY D 1285 5.87 39.53 72.85
C GLY D 1285 5.68 38.06 72.54
N PRO D 1286 6.79 37.30 72.54
CA PRO D 1286 6.71 35.88 72.16
C PRO D 1286 6.03 35.01 73.20
N ASN D 1287 4.70 34.95 73.13
CA ASN D 1287 3.91 34.04 73.96
C ASN D 1287 4.34 32.60 73.78
N HIS D 1288 4.66 31.94 74.90
CA HIS D 1288 5.16 30.58 74.90
C HIS D 1288 4.03 29.61 75.17
N ILE D 1289 3.87 28.65 74.28
CA ILE D 1289 3.05 27.49 74.53
C ILE D 1289 3.93 26.39 75.11
N LEU D 1290 3.33 25.55 75.94
CA LEU D 1290 4.02 24.39 76.49
C LEU D 1290 3.23 23.16 76.11
N HIS D 1291 3.90 22.02 76.09
CA HIS D 1291 3.14 20.83 75.71
C HIS D 1291 3.59 19.61 76.50
N PRO D 1292 2.69 19.02 77.30
CA PRO D 1292 3.04 17.80 78.03
C PRO D 1292 3.20 16.60 77.11
N ILE D 1293 4.11 15.72 77.48
CA ILE D 1293 4.40 14.53 76.67
C ILE D 1293 3.25 13.55 76.84
N PHE D 1294 2.46 13.38 75.78
CA PHE D 1294 1.38 12.40 75.74
C PHE D 1294 1.77 11.31 74.75
N THR D 1295 2.14 10.14 75.26
CA THR D 1295 2.37 8.99 74.42
C THR D 1295 2.16 7.73 75.25
N ARG D 1296 2.11 6.60 74.55
CA ARG D 1296 2.02 5.29 75.17
C ARG D 1296 2.53 4.28 74.16
N TRP D 1297 2.97 3.13 74.66
CA TRP D 1297 3.36 2.04 73.77
C TRP D 1297 2.10 1.45 73.13
N ARG D 1298 2.03 1.49 71.81
CA ARG D 1298 0.85 1.08 71.09
C ARG D 1298 0.72 -0.44 71.06
N ASP D 1299 -0.34 -0.92 70.42
CA ASP D 1299 -0.46 -2.35 70.13
C ASP D 1299 0.64 -2.78 69.19
N ALA D 1300 1.19 -3.96 69.45
CA ALA D 1300 2.47 -4.44 68.89
C ALA D 1300 3.57 -3.41 69.15
N GLU D 1301 3.88 -3.27 70.45
CA GLU D 1301 4.70 -2.18 70.98
C GLU D 1301 6.15 -2.22 70.52
N HIS D 1302 6.59 -3.27 69.82
CA HIS D 1302 7.86 -3.22 69.12
C HIS D 1302 7.75 -2.23 67.97
N LYS D 1303 8.40 -1.07 68.12
CA LYS D 1303 8.44 0.03 67.15
C LYS D 1303 7.04 0.54 66.82
N VAL D 1304 6.37 1.07 67.85
CA VAL D 1304 5.05 1.67 67.72
C VAL D 1304 4.91 2.74 68.81
N LEU D 1305 3.84 3.54 68.69
CA LEU D 1305 3.55 4.61 69.66
C LEU D 1305 2.09 5.02 69.53
N GLU D 1306 1.34 4.91 70.62
CA GLU D 1306 -0.01 5.43 70.72
C GLU D 1306 -0.03 6.62 71.68
N PHE D 1307 -1.13 7.37 71.65
CA PHE D 1307 -1.24 8.55 72.47
C PHE D 1307 -2.71 8.91 72.65
N LEU D 1308 -3.09 9.18 73.90
CA LEU D 1308 -4.45 9.65 74.17
C LEU D 1308 -4.57 11.09 73.71
N ALA D 1309 -5.24 11.32 72.59
CA ALA D 1309 -5.30 12.62 71.95
C ALA D 1309 -6.74 13.05 71.72
N VAL D 1310 -6.93 14.35 71.63
CA VAL D 1310 -8.24 14.99 71.75
C VAL D 1310 -8.68 15.50 70.38
N TRP D 1311 -9.97 15.32 70.06
CA TRP D 1311 -10.53 15.84 68.83
C TRP D 1311 -11.65 16.85 69.13
N GLU D 1312 -11.54 17.58 70.24
CA GLU D 1312 -12.56 18.54 70.63
C GLU D 1312 -12.44 19.87 69.90
N ASP D 1313 -11.46 20.02 69.01
CA ASP D 1313 -11.25 21.29 68.32
C ASP D 1313 -12.19 21.49 67.13
N ALA D 1314 -12.92 20.45 66.71
CA ALA D 1314 -13.79 20.44 65.52
C ALA D 1314 -13.02 20.89 64.28
N GLU D 1315 -11.98 20.11 63.99
CA GLU D 1315 -10.94 20.46 63.04
C GLU D 1315 -10.42 19.17 62.43
N LYS D 1316 -9.18 19.21 61.95
CA LYS D 1316 -8.49 18.01 61.46
C LYS D 1316 -8.16 17.05 62.62
N ARG D 1317 -7.36 16.03 62.30
CA ARG D 1317 -7.21 14.84 63.14
C ARG D 1317 -6.51 15.14 64.47
N TRP D 1318 -6.38 14.09 65.27
CA TRP D 1318 -6.07 14.19 66.70
C TRP D 1318 -4.69 14.76 66.97
N ALA D 1319 -4.64 15.76 67.84
CA ALA D 1319 -3.41 16.24 68.43
C ALA D 1319 -3.48 16.01 69.94
N LEU D 1320 -2.30 15.88 70.56
CA LEU D 1320 -2.25 15.71 72.00
C LEU D 1320 -2.62 17.00 72.71
N LEU D 1321 -3.19 16.86 73.90
CA LEU D 1321 -3.68 18.03 74.61
C LEU D 1321 -2.52 18.77 75.29
N GLY D 1322 -2.75 20.05 75.55
CA GLY D 1322 -1.74 20.87 76.17
C GLY D 1322 -2.28 22.26 76.41
N GLY D 1323 -1.38 23.18 76.71
CA GLY D 1323 -1.77 24.55 76.93
C GLY D 1323 -0.60 25.51 76.97
N PRO D 1324 -0.84 26.75 76.54
CA PRO D 1324 0.16 27.79 76.78
C PRO D 1324 0.25 28.16 78.25
N ALA D 1325 1.32 27.74 78.89
CA ALA D 1325 1.50 27.91 80.32
C ALA D 1325 2.39 29.10 80.60
N GLN D 1326 2.71 29.28 81.88
CA GLN D 1326 3.62 30.34 82.29
C GLN D 1326 5.04 29.99 81.88
N PRO D 1327 5.72 30.86 81.14
CA PRO D 1327 7.08 30.55 80.68
C PRO D 1327 8.10 30.61 81.81
N ASP D 1328 9.25 30.00 81.54
CA ASP D 1328 10.40 29.90 82.46
C ASP D 1328 10.03 29.29 83.81
N LEU D 1331 8.69 26.33 87.07
CA LEU D 1331 9.19 26.01 85.73
C LEU D 1331 8.47 24.79 85.17
N ALA D 1332 9.12 23.63 85.25
CA ALA D 1332 8.47 22.39 84.84
C ALA D 1332 7.39 21.94 85.83
N GLN D 1333 7.48 22.41 87.08
CA GLN D 1333 6.39 22.16 88.01
C GLN D 1333 5.15 22.96 87.65
N VAL D 1334 5.32 24.09 86.97
CA VAL D 1334 4.17 24.79 86.41
C VAL D 1334 3.55 23.98 85.29
N LEU D 1335 4.35 23.23 84.54
CA LEU D 1335 3.81 22.30 83.56
C LEU D 1335 3.12 21.11 84.23
N GLU D 1336 3.64 20.68 85.38
CA GLU D 1336 2.95 19.64 86.15
C GLU D 1336 1.61 20.15 86.69
N ARG D 1337 1.58 21.40 87.13
CA ARG D 1337 0.32 22.00 87.57
C ARG D 1337 -0.63 22.21 86.40
N ILE D 1338 -0.11 22.47 85.20
CA ILE D 1338 -0.96 22.58 84.02
C ILE D 1338 -1.52 21.21 83.64
N LEU D 1339 -0.73 20.15 83.85
CA LEU D 1339 -1.25 18.80 83.65
C LEU D 1339 -2.31 18.46 84.69
N GLY D 1340 -2.13 18.94 85.92
CA GLY D 1340 -3.15 18.74 86.95
C GLY D 1340 -4.40 19.56 86.72
N LYS D 1341 -4.26 20.72 86.08
CA LYS D 1341 -5.35 21.66 85.87
C LYS D 1341 -6.16 21.34 84.62
N LYS D 1342 -5.50 21.29 83.46
CA LYS D 1342 -6.21 21.00 82.21
C LYS D 1342 -6.58 19.54 82.08
N LEU D 1343 -5.89 18.64 82.77
CA LEU D 1343 -6.18 17.22 82.70
C LEU D 1343 -6.34 16.61 84.09
N LYS D 1348 -0.70 12.17 93.31
CA LYS D 1348 0.25 12.88 92.46
C LYS D 1348 1.12 11.91 91.67
N THR D 1349 2.05 12.45 90.91
CA THR D 1349 3.02 11.67 90.15
C THR D 1349 4.42 12.15 90.49
N LEU D 1350 5.32 11.20 90.75
CA LEU D 1350 6.69 11.50 91.14
C LEU D 1350 7.71 11.11 90.08
N LEU D 1351 7.62 9.90 89.54
CA LEU D 1351 8.66 9.34 88.67
C LEU D 1351 8.34 9.70 87.22
N LYS D 1352 9.01 10.73 86.71
CA LYS D 1352 8.88 11.14 85.32
C LYS D 1352 10.08 11.98 84.94
N ALA D 1353 10.20 12.25 83.64
CA ALA D 1353 11.21 13.16 83.12
C ALA D 1353 10.69 13.78 81.83
N GLY D 1354 11.44 14.74 81.31
CA GLY D 1354 11.03 15.43 80.09
C GLY D 1354 12.16 15.66 79.11
N GLU D 1355 12.00 15.16 77.89
CA GLU D 1355 13.06 15.22 76.89
C GLU D 1355 12.42 15.35 75.51
N GLU D 1356 13.29 15.45 74.49
CA GLU D 1356 12.93 15.74 73.10
C GLU D 1356 12.10 17.02 73.01
N VAL D 1357 12.74 18.12 73.41
CA VAL D 1357 12.05 19.41 73.58
C VAL D 1357 12.28 20.21 72.30
N TYR D 1358 11.29 20.16 71.39
CA TYR D 1358 11.24 21.12 70.30
C TYR D 1358 10.80 22.47 70.87
N LYS D 1359 11.68 23.45 70.87
CA LYS D 1359 11.37 24.74 71.47
C LYS D 1359 11.80 25.84 70.51
N GLY D 1360 10.95 26.86 70.41
CA GLY D 1360 11.25 28.02 69.59
C GLY D 1360 10.09 28.51 68.75
N TYR D 1361 10.43 29.16 67.64
CA TYR D 1361 9.46 29.86 66.80
C TYR D 1361 8.58 28.87 66.05
N VAL D 1362 7.27 28.93 66.32
CA VAL D 1362 6.30 28.05 65.68
C VAL D 1362 5.35 28.91 64.84
N ASP D 1363 4.99 28.41 63.66
CA ASP D 1363 4.25 29.19 62.68
C ASP D 1363 2.77 29.24 63.04
N ASP D 1364 2.13 30.33 62.65
CA ASP D 1364 0.72 30.55 62.96
C ASP D 1364 0.16 31.52 61.93
N SER D 1365 -1.17 31.54 61.84
CA SER D 1365 -1.90 32.59 61.18
C SER D 1365 -2.19 33.76 62.09
N ARG D 1366 -1.51 33.85 63.22
CA ARG D 1366 -1.66 34.96 64.13
C ARG D 1366 -0.37 35.73 64.37
N ASN D 1367 0.71 35.38 63.68
CA ASN D 1367 1.99 36.06 63.86
C ASN D 1367 1.91 37.49 63.33
N THR D 1368 2.39 38.44 64.11
CA THR D 1368 2.40 39.84 63.72
C THR D 1368 3.85 40.33 63.65
N ASP D 1369 4.02 41.64 63.46
CA ASP D 1369 5.36 42.24 63.41
C ASP D 1369 6.09 42.09 64.73
N ASN D 1370 5.44 42.43 65.83
CA ASN D 1370 6.08 42.44 67.13
C ASN D 1370 5.64 41.31 68.05
N ALA D 1371 4.46 40.76 67.83
CA ALA D 1371 3.98 39.62 68.60
C ALA D 1371 4.01 38.37 67.75
N TRP D 1372 4.45 37.26 68.32
CA TRP D 1372 4.43 35.98 67.66
C TRP D 1372 4.33 34.89 68.72
N VAL D 1373 4.18 33.66 68.26
CA VAL D 1373 4.06 32.53 69.18
C VAL D 1373 5.31 31.66 69.07
N GLU D 1374 5.73 31.16 70.23
CA GLU D 1374 6.83 30.21 70.35
C GLU D 1374 6.33 29.11 71.27
N THR D 1375 6.99 27.97 71.25
CA THR D 1375 6.48 26.84 72.03
C THR D 1375 7.60 25.93 72.47
N SER D 1376 7.23 25.00 73.37
CA SER D 1376 8.13 23.98 73.92
C SER D 1376 7.31 22.70 74.02
N ILE D 1377 7.47 21.84 73.02
CA ILE D 1377 6.75 20.57 72.95
C ILE D 1377 7.72 19.43 73.17
N ILE D 1378 7.39 18.56 74.13
CA ILE D 1378 8.21 17.40 74.46
C ILE D 1378 7.40 16.15 74.14
N THR D 1379 8.11 15.04 73.93
CA THR D 1379 7.46 13.76 73.67
C THR D 1379 8.37 12.64 74.13
N LEU D 1380 7.93 11.89 75.14
CA LEU D 1380 8.60 10.70 75.65
C LEU D 1380 7.64 9.96 76.57
N HIS D 1381 7.92 8.68 76.80
CA HIS D 1381 7.15 7.87 77.73
C HIS D 1381 7.90 7.68 79.05
N THR D 1386 6.56 -1.57 79.47
CA THR D 1386 5.13 -1.81 79.53
C THR D 1386 4.35 -0.61 78.97
N PRO D 1387 3.15 -0.86 78.46
CA PRO D 1387 2.31 0.22 77.94
C PRO D 1387 1.30 0.78 78.94
N LEU D 1388 1.41 0.44 80.23
CA LEU D 1388 0.33 0.73 81.18
C LEU D 1388 0.25 2.21 81.49
N MET D 1389 1.29 2.77 82.11
CA MET D 1389 1.33 4.14 82.64
C MET D 1389 0.15 4.38 83.60
N ALA D 1390 0.24 3.71 84.76
CA ALA D 1390 -0.90 3.58 85.66
C ALA D 1390 -1.39 4.91 86.20
N ASP D 1391 -0.48 5.87 86.44
CA ASP D 1391 -0.92 7.20 86.86
C ASP D 1391 -1.61 7.94 85.72
N LEU D 1392 -1.30 7.59 84.47
CA LEU D 1392 -1.94 8.20 83.32
C LEU D 1392 -3.27 7.55 83.00
N ASN D 1393 -3.40 6.23 83.25
CA ASN D 1393 -4.68 5.55 83.15
C ASN D 1393 -5.55 5.72 84.38
N HIS D 1394 -5.04 6.39 85.43
CA HIS D 1394 -5.85 6.67 86.61
C HIS D 1394 -6.97 7.66 86.29
N MET D 1395 -6.63 8.80 85.70
CA MET D 1395 -7.64 9.80 85.35
C MET D 1395 -8.35 9.43 84.07
N VAL D 1396 -9.66 9.66 84.05
CA VAL D 1396 -10.49 9.50 82.86
C VAL D 1396 -10.68 10.88 82.23
N GLU D 1397 -10.29 11.02 80.97
CA GLU D 1397 -10.27 12.32 80.31
C GLU D 1397 -11.64 12.66 79.73
N SER D 1398 -12.14 13.84 80.06
CA SER D 1398 -13.33 14.40 79.47
C SER D 1398 -12.98 15.64 78.67
N SER D 1399 -13.75 15.90 77.61
CA SER D 1399 -13.49 17.04 76.74
C SER D 1399 -14.25 18.28 77.20
N GLN D 1404 -16.29 14.45 74.48
CA GLN D 1404 -16.49 13.14 73.86
C GLN D 1404 -15.49 12.76 72.73
N PRO D 1405 -15.11 13.67 71.77
CA PRO D 1405 -14.07 13.26 70.82
C PRO D 1405 -12.66 13.30 71.40
N LEU D 1406 -12.18 12.13 71.78
CA LEU D 1406 -10.83 11.90 72.28
C LEU D 1406 -10.60 10.40 72.30
N GLN D 1407 -9.46 9.94 71.78
CA GLN D 1407 -9.24 8.51 71.61
C GLN D 1407 -7.76 8.22 71.82
N TRP D 1408 -7.34 7.03 71.39
CA TRP D 1408 -5.96 6.58 71.48
C TRP D 1408 -5.41 6.44 70.07
N ARG D 1409 -4.78 7.51 69.58
CA ARG D 1409 -4.17 7.54 68.25
C ARG D 1409 -2.93 6.65 68.26
N GLU D 1410 -3.04 5.50 67.60
CA GLU D 1410 -1.98 4.50 67.60
C GLU D 1410 -1.05 4.63 66.40
N VAL D 1411 -1.30 5.59 65.51
CA VAL D 1411 -0.51 5.76 64.30
C VAL D 1411 0.33 7.02 64.42
N SER D 1412 1.28 7.16 63.50
CA SER D 1412 2.19 8.31 63.46
C SER D 1412 2.25 8.88 62.04
N SER D 1413 1.08 9.05 61.42
CA SER D 1413 0.99 9.50 60.02
C SER D 1413 1.00 11.03 59.93
N ASP D 1414 2.10 11.61 60.44
CA ASP D 1414 2.43 13.04 60.38
C ASP D 1414 1.43 13.95 61.10
N ALA D 1415 0.55 13.38 61.92
CA ALA D 1415 -0.37 14.03 62.86
C ALA D 1415 -1.42 14.95 62.23
N CYS D 1416 -1.42 15.12 60.89
CA CYS D 1416 -2.45 15.84 60.12
C CYS D 1416 -2.62 17.29 60.60
N ARG D 1417 -1.52 17.91 61.00
CA ARG D 1417 -1.54 19.28 61.52
C ARG D 1417 -0.30 19.98 61.00
N CYS D 1418 0.08 21.10 61.62
CA CYS D 1418 1.17 21.93 61.15
C CYS D 1418 2.51 21.26 61.45
N SER D 1419 3.60 21.99 61.15
CA SER D 1419 4.96 21.44 61.21
C SER D 1419 5.41 21.10 62.61
N TYR D 1420 4.81 21.73 63.63
CA TYR D 1420 5.05 21.34 65.01
C TYR D 1420 4.61 19.90 65.27
N GLN D 1421 3.37 19.58 64.88
CA GLN D 1421 2.85 18.24 65.11
C GLN D 1421 3.52 17.21 64.20
N ARG D 1422 3.91 17.60 62.99
CA ARG D 1422 4.60 16.67 62.10
C ARG D 1422 6.00 16.35 62.61
N GLU D 1423 6.71 17.36 63.14
CA GLU D 1423 7.99 17.09 63.77
C GLU D 1423 7.84 16.29 65.05
N ALA D 1424 6.74 16.49 65.78
CA ALA D 1424 6.47 15.71 66.98
C ALA D 1424 6.22 14.25 66.64
N LEU D 1425 5.52 13.98 65.54
CA LEU D 1425 5.33 12.59 65.13
C LEU D 1425 6.62 12.00 64.58
N ARG D 1426 7.45 12.82 63.93
CA ARG D 1426 8.74 12.33 63.41
C ARG D 1426 9.69 11.97 64.54
N GLN D 1427 9.68 12.72 65.65
CA GLN D 1427 10.55 12.41 66.78
C GLN D 1427 10.18 11.09 67.44
N ILE D 1428 8.87 10.83 67.58
CA ILE D 1428 8.44 9.55 68.14
C ILE D 1428 8.57 8.41 67.14
N ALA D 1429 8.61 8.71 65.84
CA ALA D 1429 8.88 7.66 64.85
C ALA D 1429 10.37 7.35 64.75
N HIS D 1430 11.24 8.29 65.09
CA HIS D 1430 12.68 8.08 65.00
C HIS D 1430 13.26 7.52 66.30
N HIS D 1431 12.81 8.06 67.44
CA HIS D 1431 13.36 7.65 68.74
C HIS D 1431 12.88 6.26 69.16
N HIS D 1432 11.73 5.83 68.65
CA HIS D 1432 11.20 4.50 68.97
C HIS D 1432 10.60 3.82 67.75
#